data_6MWX
#
_entry.id   6MWX
#
loop_
_entity.id
_entity.type
_entity.pdbx_description
1 polymer E1
2 polymer E2
3 polymer 'EEEV-69 antibody heavy chain'
4 polymer 'EEEV-69 antibody light chain'
#
loop_
_entity_poly.entity_id
_entity_poly.type
_entity_poly.pdbx_seq_one_letter_code
_entity_poly.pdbx_strand_id
1 'polypeptide(L)'
;YEHTAVMPNKVGIPYKALVERPGYAPVHLQIQLVNTRIIPSTNLEYITCKYKTKVPSPVVKCCGATQCTSKPHPDYQCQV
FTGVYPFMWGGAYCFCDTENTQMSEAYVERSEECSIDHAKAYKVHTGTVQAMVNITYGSVSWRSADVYVNGETPAKIGDA
KLIIGPLSSAWSPFDNKVVVYGHEVYNYDFPEYGTGKAGSFGDLQSRTSTSNDLYANTNLKLQRPQAGIVHTPFTQAPSG
FERWKRDKGAPLNDVAPFGCSIALEPLRAENCAVGSIPISIDIPDAAFTRISETPTVSDLECKITECTYASDFGGIATVA
YKSSKAGNCPIHSPSGVAVIKENDVTLAESGSFTFHFSTANIHPAFKLQVCTSAVTCKGDCKPPKDHIVDYPAQHTESFT
SAISATAWSWLKVLVGGTSAFIVLGLIATAVVALVLFFHRH
;
A,E,I,M
2 'polypeptide(L)'
;DLDTHFTQYKLARPYIADCPNCGHSRCDSPIAIEEVRGDAHAGVIRIQTSAMFGLKTDGVDLAYMSFMNGKTQKSIKIDN
LHVRTSAPCSLVSHHGYYILAQCPPGDTVTVGFHDGPNRHTCTVAHKVEFRPVGREKYRHPPEHGVELPCNRYTHKRADQ
GHYVEMHQPGLVADHSLLSIHSAKVKITVPSGAQVKYYCKCPDVREGITSSDHTTTCTDVKQCRAYLIDNKKWVYNSGRL
PRGEGDTFKGKLHVPFVPVKAKCIATLAPEPLVEHKHRTLILHLHPDHPTLLTTRSLGSDANPTRQWIERPTTVNFTVTG
EGLEYTWGNHPPKRVWAQESGEGNPHGWPHEVVVYYYNRYPLTTIIGLCTCVAIIMVSCVTSVWLLCRTRNLCITPYKLA
PNAQVPILLALLCCIKPTRA
;
B,F,J,N
3 'polypeptide(L)'
;QIQLVQSGREVKNPGETVKISCKASGYTFTEYPMLWVKQAPGKGFRWMGLIYTNTGEPTYAEEFKGRFVFSLEISASTAY
LQINNLTNEDTATYFCVRDYFISLDYWGQGTTLTVSSAKTTAPSVYPLAPVCGGTTGSSVTLGCLVKGYFPEPVTLTWNS
GSLSSGVHTFPALLQSGLYTLSSSVTVTSNTWPSQTITCNVAHPASSTKVDKKIESRR
;
C,G,K,O
4 'polypeptide(L)'
;QAVVTQESALTTSPGETVTLTCRSNIGAVTSSNCANWVQEKPDHFFTGLIGDTNNRRSGVPARFSGSLIGDKAALTITGA
QTEDEAIYFCALWYNNLWVFGGGTKLTVLGQPKSSPSVTLFPPSSEELETNKATLVCTITDFYPGVVTVDWKVDGTPVTQ
GMETTQPSKQSNNKYMASSYLTLTARAWERHSSYSCQVTHEGHTVEKSLSRADC
;
D,H,L,P
#
# COMPACT_ATOMS: atom_id res chain seq x y z
N TYR A 1 -4.73 -54.95 15.63
CA TYR A 1 -3.49 -55.70 15.35
C TYR A 1 -2.23 -54.85 15.57
N GLU A 2 -2.37 -53.72 16.25
CA GLU A 2 -1.24 -52.83 16.42
C GLU A 2 -0.25 -53.51 17.36
N HIS A 3 0.73 -54.17 16.78
CA HIS A 3 1.52 -55.18 17.50
C HIS A 3 2.52 -54.52 18.42
N THR A 4 2.06 -54.20 19.62
CA THR A 4 2.96 -53.82 20.69
C THR A 4 3.97 -54.93 20.93
N ALA A 5 5.20 -54.54 21.30
CA ALA A 5 6.22 -55.52 21.62
C ALA A 5 7.34 -54.85 22.39
N VAL A 6 7.56 -55.29 23.63
CA VAL A 6 8.81 -54.99 24.28
C VAL A 6 9.91 -55.66 23.49
N MET A 7 11.07 -55.03 23.47
CA MET A 7 12.09 -55.40 22.50
C MET A 7 13.49 -55.02 22.99
N PRO A 8 14.43 -55.97 23.06
CA PRO A 8 15.75 -55.64 23.61
C PRO A 8 16.51 -54.67 22.71
N ASN A 9 17.13 -53.69 23.33
CA ASN A 9 18.01 -52.78 22.62
C ASN A 9 19.31 -53.49 22.33
N LYS A 10 19.49 -53.90 21.10
CA LYS A 10 20.71 -54.54 20.65
C LYS A 10 20.72 -54.47 19.13
N VAL A 11 21.87 -54.15 18.56
CA VAL A 11 21.87 -53.50 17.27
C VAL A 11 21.73 -54.50 16.14
N GLY A 12 22.60 -55.49 16.09
CA GLY A 12 22.91 -56.13 14.82
C GLY A 12 22.24 -57.46 14.62
N ILE A 13 20.97 -57.56 14.96
CA ILE A 13 20.30 -58.85 14.97
C ILE A 13 18.80 -58.65 14.86
N PRO A 14 18.08 -59.35 13.99
CA PRO A 14 16.64 -59.16 13.90
C PRO A 14 15.90 -59.79 15.07
N TYR A 15 14.62 -59.45 15.15
CA TYR A 15 13.78 -59.70 16.32
C TYR A 15 12.43 -60.25 15.88
N LYS A 16 12.47 -61.36 15.14
CA LYS A 16 11.39 -61.74 14.25
C LYS A 16 10.11 -62.10 15.01
N ALA A 17 9.44 -61.08 15.57
CA ALA A 17 8.17 -61.29 16.23
C ALA A 17 7.10 -61.75 15.25
N LEU A 18 5.90 -62.02 15.75
CA LEU A 18 4.82 -62.62 14.97
C LEU A 18 3.53 -61.87 15.25
N VAL A 19 2.85 -61.45 14.19
CA VAL A 19 1.59 -60.75 14.30
C VAL A 19 0.48 -61.77 14.47
N GLU A 20 -0.11 -61.83 15.66
CA GLU A 20 -1.25 -62.70 15.93
C GLU A 20 -2.54 -61.90 15.86
N ARG A 21 -2.87 -61.44 14.66
CA ARG A 21 -4.16 -60.79 14.44
C ARG A 21 -5.26 -61.85 14.46
N PRO A 22 -6.26 -61.77 15.34
CA PRO A 22 -7.37 -62.72 15.25
C PRO A 22 -8.19 -62.47 13.99
N GLY A 23 -8.19 -63.46 13.09
CA GLY A 23 -9.09 -63.47 11.96
C GLY A 23 -8.42 -63.75 10.63
N TYR A 24 -7.23 -63.21 10.42
CA TYR A 24 -6.48 -63.43 9.19
C TYR A 24 -5.17 -64.12 9.52
N ALA A 25 -4.43 -64.47 8.47
CA ALA A 25 -3.22 -65.22 8.65
C ALA A 25 -2.19 -64.38 9.40
N PRO A 26 -1.43 -64.95 10.33
CA PRO A 26 -0.40 -64.17 10.99
C PRO A 26 0.73 -63.83 10.03
N VAL A 27 1.51 -62.84 10.44
CA VAL A 27 2.67 -62.41 9.66
C VAL A 27 3.83 -62.21 10.62
N HIS A 28 5.00 -62.64 10.18
CA HIS A 28 6.22 -62.49 10.93
C HIS A 28 6.72 -61.06 10.84
N LEU A 29 7.51 -60.68 11.84
CA LEU A 29 8.32 -59.48 11.77
C LEU A 29 9.75 -59.88 11.44
N GLN A 30 10.54 -58.87 11.10
CA GLN A 30 11.99 -58.98 11.15
C GLN A 30 12.49 -57.58 11.49
N ILE A 31 12.64 -57.30 12.78
CA ILE A 31 12.98 -55.97 13.24
C ILE A 31 14.44 -56.01 13.68
N GLN A 32 15.29 -55.41 12.87
CA GLN A 32 16.71 -55.32 13.12
C GLN A 32 17.05 -53.85 13.37
N LEU A 33 17.33 -53.53 14.63
CA LEU A 33 17.73 -52.18 15.01
C LEU A 33 19.16 -51.93 14.57
N VAL A 34 19.32 -51.69 13.27
CA VAL A 34 20.64 -51.58 12.65
C VAL A 34 21.51 -50.52 13.32
N ASN A 35 20.91 -49.53 13.96
CA ASN A 35 21.68 -48.50 14.63
C ASN A 35 20.90 -47.97 15.83
N THR A 36 21.65 -47.43 16.78
CA THR A 36 21.13 -46.80 17.99
C THR A 36 21.86 -45.48 18.21
N ARG A 37 21.91 -44.65 17.18
CA ARG A 37 22.63 -43.39 17.31
C ARG A 37 21.77 -42.41 18.08
N ILE A 38 22.42 -41.64 18.96
CA ILE A 38 21.79 -41.06 20.13
C ILE A 38 21.55 -39.57 19.95
N ILE A 39 22.63 -38.80 19.83
CA ILE A 39 22.55 -37.36 19.58
C ILE A 39 21.85 -36.73 20.78
N PRO A 40 22.53 -36.64 21.91
CA PRO A 40 21.96 -35.92 23.03
C PRO A 40 21.90 -34.43 22.77
N SER A 41 21.17 -33.75 23.64
CA SER A 41 21.14 -32.30 23.63
C SER A 41 22.43 -31.77 24.24
N THR A 42 23.04 -30.81 23.57
CA THR A 42 24.36 -30.35 23.92
C THR A 42 24.47 -28.84 23.72
N ASN A 43 25.63 -28.30 24.08
CA ASN A 43 25.92 -26.89 23.91
C ASN A 43 27.42 -26.73 23.71
N LEU A 44 27.82 -26.05 22.65
CA LEU A 44 29.20 -25.69 22.48
C LEU A 44 29.56 -24.62 23.49
N GLU A 45 30.40 -24.98 24.45
CA GLU A 45 30.73 -24.09 25.56
C GLU A 45 31.96 -23.27 25.25
N TYR A 46 33.02 -23.94 24.81
CA TYR A 46 34.20 -23.23 24.35
C TYR A 46 35.09 -24.22 23.62
N ILE A 47 35.62 -23.79 22.51
CA ILE A 47 36.74 -24.48 21.92
C ILE A 47 37.96 -24.14 22.75
N THR A 48 38.87 -25.09 22.89
CA THR A 48 40.22 -24.79 23.30
C THR A 48 41.17 -25.41 22.28
N CYS A 49 42.42 -25.04 22.46
CA CYS A 49 43.49 -25.34 21.52
C CYS A 49 44.74 -24.81 22.19
N LYS A 50 45.88 -25.09 21.57
CA LYS A 50 47.12 -24.55 22.11
C LYS A 50 47.27 -23.11 21.66
N TYR A 51 47.79 -22.30 22.57
CA TYR A 51 48.01 -20.89 22.32
C TYR A 51 48.99 -20.71 21.18
N LYS A 52 49.20 -19.45 20.79
CA LYS A 52 50.43 -19.04 20.13
C LYS A 52 50.79 -17.67 20.65
N THR A 53 51.93 -17.58 21.33
CA THR A 53 52.41 -16.32 21.86
C THR A 53 52.91 -15.49 20.68
N LYS A 54 51.96 -14.94 19.93
CA LYS A 54 52.27 -14.15 18.75
C LYS A 54 52.64 -12.76 19.22
N VAL A 55 53.88 -12.64 19.64
CA VAL A 55 54.45 -11.44 20.26
C VAL A 55 54.34 -10.25 19.32
N PRO A 56 53.71 -9.15 19.72
CA PRO A 56 53.93 -7.90 19.00
C PRO A 56 55.32 -7.37 19.30
N SER A 57 55.88 -6.76 18.28
CA SER A 57 57.28 -6.42 18.30
C SER A 57 57.57 -5.33 19.33
N PRO A 58 58.48 -5.56 20.28
CA PRO A 58 58.62 -4.63 21.40
C PRO A 58 59.09 -3.25 20.98
N VAL A 59 58.76 -2.29 21.81
CA VAL A 59 59.27 -0.93 21.67
C VAL A 59 60.63 -0.85 22.33
N VAL A 60 61.48 -0.01 21.75
CA VAL A 60 62.78 0.29 22.32
C VAL A 60 62.96 1.79 22.24
N LYS A 61 62.66 2.49 23.33
CA LYS A 61 63.00 3.89 23.44
C LYS A 61 64.44 3.99 23.94
N CYS A 62 65.19 4.89 23.31
CA CYS A 62 66.64 4.88 23.50
C CYS A 62 67.09 5.63 24.73
N CYS A 63 66.40 6.68 25.13
CA CYS A 63 66.81 7.46 26.29
C CYS A 63 65.55 7.89 27.03
N GLY A 64 65.13 7.08 27.98
CA GLY A 64 64.01 7.35 28.85
C GLY A 64 62.92 6.31 28.71
N ALA A 65 61.91 6.48 29.57
CA ALA A 65 60.93 5.43 29.77
C ALA A 65 59.82 5.48 28.73
N THR A 66 59.19 4.33 28.55
CA THR A 66 57.98 4.18 27.73
C THR A 66 56.99 3.40 28.56
N GLN A 67 56.08 4.10 29.23
CA GLN A 67 55.06 3.43 30.02
C GLN A 67 54.17 2.59 29.13
N CYS A 68 53.92 1.36 29.54
CA CYS A 68 53.00 0.49 28.84
C CYS A 68 51.59 0.67 29.37
N THR A 69 50.61 0.31 28.54
CA THR A 69 49.21 0.27 28.92
C THR A 69 48.67 -1.12 28.70
N SER A 70 47.59 -1.43 29.41
CA SER A 70 46.99 -2.76 29.37
C SER A 70 46.03 -2.81 28.20
N LYS A 71 46.57 -3.15 27.03
CA LYS A 71 45.74 -3.28 25.85
C LYS A 71 44.76 -4.43 26.03
N PRO A 72 43.62 -4.40 25.33
CA PRO A 72 42.58 -5.41 25.58
C PRO A 72 42.80 -6.74 24.90
N HIS A 73 44.01 -7.01 24.38
CA HIS A 73 44.24 -8.31 23.78
C HIS A 73 44.09 -9.40 24.84
N PRO A 74 43.74 -10.62 24.45
CA PRO A 74 43.59 -11.70 25.45
C PRO A 74 44.90 -12.00 26.13
N ASP A 75 44.89 -11.88 27.45
CA ASP A 75 46.08 -12.09 28.28
C ASP A 75 47.21 -11.19 27.82
N TYR A 76 46.89 -9.92 27.65
CA TYR A 76 47.86 -8.97 27.15
C TYR A 76 48.90 -8.72 28.22
N GLN A 77 49.97 -9.49 28.20
CA GLN A 77 51.06 -9.30 29.12
C GLN A 77 52.04 -8.30 28.52
N CYS A 78 52.33 -7.25 29.29
CA CYS A 78 53.26 -6.21 28.85
C CYS A 78 53.96 -5.67 30.08
N GLN A 79 55.28 -5.54 29.97
CA GLN A 79 56.10 -5.06 31.08
C GLN A 79 57.22 -4.22 30.50
N VAL A 80 57.29 -2.97 30.97
CA VAL A 80 58.38 -2.10 30.59
C VAL A 80 59.67 -2.66 31.16
N PHE A 81 60.77 -2.41 30.46
CA PHE A 81 62.08 -2.79 30.95
C PHE A 81 63.09 -1.72 30.57
N THR A 82 64.01 -1.45 31.48
CA THR A 82 65.11 -0.55 31.26
C THR A 82 66.42 -1.33 31.34
N GLY A 83 67.52 -0.60 31.30
CA GLY A 83 68.82 -1.20 31.48
C GLY A 83 69.16 -2.18 30.38
N VAL A 84 69.11 -1.71 29.14
CA VAL A 84 69.49 -2.49 27.99
C VAL A 84 70.50 -1.71 27.16
N TYR A 85 70.92 -2.31 26.07
CA TYR A 85 71.95 -1.77 25.20
C TYR A 85 71.85 -2.61 23.92
N PRO A 86 70.74 -2.50 23.23
CA PRO A 86 70.31 -3.58 22.31
C PRO A 86 71.14 -3.76 21.07
N PHE A 87 71.96 -4.80 21.04
CA PHE A 87 72.72 -5.14 19.84
C PHE A 87 71.78 -5.46 18.70
N MET A 88 71.75 -4.61 17.69
CA MET A 88 70.90 -4.82 16.52
C MET A 88 71.70 -4.43 15.28
N TRP A 89 72.48 -5.37 14.77
CA TRP A 89 73.09 -5.31 13.44
C TRP A 89 74.24 -4.31 13.30
N GLY A 90 74.45 -3.45 14.30
CA GLY A 90 75.51 -2.47 14.26
C GLY A 90 76.14 -2.35 15.62
N GLY A 91 76.15 -3.47 16.35
CA GLY A 91 76.30 -3.38 17.77
C GLY A 91 75.01 -2.80 18.32
N ALA A 92 75.11 -2.16 19.48
CA ALA A 92 73.95 -1.43 19.99
C ALA A 92 73.62 -0.28 19.05
N TYR A 93 72.46 0.34 19.30
CA TYR A 93 72.08 1.51 18.51
C TYR A 93 71.59 2.67 19.36
N CYS A 94 71.02 2.39 20.53
CA CYS A 94 70.61 3.46 21.43
C CYS A 94 71.82 3.93 22.22
N PHE A 95 72.09 5.24 22.16
CA PHE A 95 73.36 5.77 22.63
C PHE A 95 73.45 5.89 24.14
N CYS A 96 72.32 5.97 24.84
CA CYS A 96 72.35 5.92 26.29
C CYS A 96 72.77 4.51 26.72
N ASP A 97 72.84 4.30 28.04
CA ASP A 97 73.29 3.03 28.59
C ASP A 97 72.42 2.47 29.71
N THR A 98 71.63 3.29 30.39
CA THR A 98 70.63 2.83 31.33
C THR A 98 69.25 3.37 30.99
N GLU A 99 69.20 4.57 30.43
CA GLU A 99 67.97 5.13 29.92
C GLU A 99 67.48 4.41 28.68
N ASN A 100 68.31 3.55 28.09
CA ASN A 100 67.86 2.61 27.08
C ASN A 100 66.70 1.80 27.65
N THR A 101 65.52 1.98 27.07
CA THR A 101 64.30 1.36 27.56
C THR A 101 63.78 0.39 26.52
N GLN A 102 63.20 -0.70 27.01
CA GLN A 102 62.66 -1.76 26.18
C GLN A 102 61.32 -2.16 26.78
N MET A 103 60.26 -2.04 25.99
CA MET A 103 58.92 -2.38 26.43
C MET A 103 58.50 -3.62 25.68
N SER A 104 58.44 -4.74 26.39
CA SER A 104 58.00 -6.00 25.83
C SER A 104 56.51 -6.15 26.05
N GLU A 105 55.83 -6.64 25.02
CA GLU A 105 54.40 -6.90 25.08
C GLU A 105 54.12 -8.20 24.34
N ALA A 106 53.25 -9.01 24.92
CA ALA A 106 52.87 -10.27 24.31
C ALA A 106 51.46 -10.61 24.76
N TYR A 107 50.63 -11.01 23.80
CA TYR A 107 49.30 -11.48 24.10
C TYR A 107 49.13 -12.89 23.53
N VAL A 108 48.13 -13.54 24.03
CA VAL A 108 47.78 -14.89 23.63
C VAL A 108 46.82 -14.82 22.46
N GLU A 109 46.97 -15.76 21.54
CA GLU A 109 46.08 -15.82 20.38
C GLU A 109 45.89 -17.27 19.99
N ARG A 110 44.71 -17.55 19.45
CA ARG A 110 44.41 -18.86 18.90
C ARG A 110 45.45 -19.25 17.87
N SER A 111 45.90 -20.49 17.93
CA SER A 111 46.74 -21.01 16.88
C SER A 111 45.96 -21.09 15.58
N GLU A 112 46.70 -21.29 14.49
CA GLU A 112 46.03 -21.64 13.25
C GLU A 112 45.44 -23.03 13.34
N GLU A 113 46.03 -23.88 14.18
CA GLU A 113 45.47 -25.20 14.42
C GLU A 113 44.20 -25.15 15.24
N CYS A 114 43.96 -24.05 15.95
CA CYS A 114 42.74 -23.92 16.74
C CYS A 114 41.51 -24.08 15.88
N SER A 115 41.58 -23.65 14.62
CA SER A 115 40.44 -23.78 13.73
C SER A 115 40.11 -25.23 13.48
N ILE A 116 41.12 -26.09 13.46
CA ILE A 116 41.02 -27.42 12.87
C ILE A 116 41.38 -28.52 13.84
N ASP A 117 42.46 -28.35 14.59
CA ASP A 117 42.91 -29.30 15.59
C ASP A 117 42.66 -28.65 16.94
N HIS A 118 41.55 -29.04 17.56
CA HIS A 118 41.08 -28.31 18.71
C HIS A 118 40.20 -29.21 19.54
N ALA A 119 40.43 -29.22 20.83
CA ALA A 119 39.48 -29.85 21.72
C ALA A 119 38.22 -29.00 21.76
N LYS A 120 37.17 -29.57 22.34
CA LYS A 120 35.87 -28.94 22.26
C LYS A 120 35.02 -29.41 23.42
N ALA A 121 34.70 -28.49 24.32
CA ALA A 121 33.92 -28.84 25.49
C ALA A 121 32.44 -28.81 25.16
N TYR A 122 31.66 -29.40 26.06
CA TYR A 122 30.21 -29.40 25.91
C TYR A 122 29.56 -29.61 27.26
N LYS A 123 28.44 -28.93 27.48
CA LYS A 123 27.49 -29.33 28.49
C LYS A 123 26.45 -30.20 27.82
N VAL A 124 26.37 -31.46 28.23
CA VAL A 124 25.63 -32.49 27.50
C VAL A 124 24.42 -32.89 28.32
N HIS A 125 23.26 -32.70 27.73
CA HIS A 125 21.98 -33.17 28.23
C HIS A 125 21.62 -34.47 27.51
N THR A 126 20.35 -34.89 27.60
CA THR A 126 19.99 -36.25 27.21
C THR A 126 19.57 -36.41 25.74
N GLY A 127 18.81 -35.47 25.18
CA GLY A 127 18.32 -35.56 23.81
C GLY A 127 17.51 -36.81 23.52
N THR A 128 17.63 -37.30 22.29
CA THR A 128 16.64 -38.22 21.71
C THR A 128 17.32 -39.18 20.73
N VAL A 129 17.16 -40.50 20.96
CA VAL A 129 17.93 -41.49 20.22
C VAL A 129 17.19 -41.93 18.96
N GLN A 130 17.95 -42.46 18.00
CA GLN A 130 17.51 -42.72 16.62
C GLN A 130 17.96 -44.12 16.17
N ALA A 131 17.56 -44.48 14.93
CA ALA A 131 17.87 -45.80 14.37
C ALA A 131 17.43 -45.86 12.91
N MET A 132 18.21 -46.55 12.06
CA MET A 132 17.83 -46.79 10.65
C MET A 132 17.15 -48.12 10.48
N VAL A 133 16.10 -48.38 11.25
CA VAL A 133 15.53 -49.71 11.41
C VAL A 133 15.21 -50.32 10.06
N ASN A 134 15.88 -51.43 9.72
CA ASN A 134 15.40 -52.24 8.62
C ASN A 134 14.31 -53.14 9.14
N ILE A 135 13.24 -53.24 8.38
CA ILE A 135 12.36 -54.39 8.45
C ILE A 135 12.19 -54.91 7.05
N THR A 136 12.65 -56.14 6.82
CA THR A 136 12.31 -56.88 5.62
C THR A 136 11.00 -57.61 5.90
N TYR A 137 9.93 -56.83 5.92
CA TYR A 137 8.68 -57.27 6.53
C TYR A 137 7.97 -58.32 5.69
N GLY A 138 7.41 -59.31 6.38
CA GLY A 138 6.35 -60.15 5.87
C GLY A 138 6.60 -60.71 4.49
N SER A 139 5.82 -60.22 3.53
CA SER A 139 6.12 -60.31 2.13
C SER A 139 6.52 -58.98 1.52
N VAL A 140 6.43 -57.88 2.28
CA VAL A 140 6.93 -56.59 1.82
C VAL A 140 8.40 -56.70 1.50
N SER A 141 9.15 -57.33 2.40
CA SER A 141 10.55 -57.69 2.25
C SER A 141 11.50 -56.51 2.35
N TRP A 142 11.01 -55.29 2.56
CA TRP A 142 11.94 -54.17 2.69
C TRP A 142 11.36 -52.87 3.23
N ARG A 143 12.07 -52.30 4.19
CA ARG A 143 12.03 -50.87 4.47
C ARG A 143 13.26 -50.61 5.33
N SER A 144 14.06 -49.62 4.98
CA SER A 144 15.21 -49.23 5.79
C SER A 144 15.06 -47.76 6.11
N ALA A 145 14.41 -47.48 7.23
CA ALA A 145 13.96 -46.14 7.57
C ALA A 145 14.61 -45.63 8.84
N ASP A 146 14.83 -44.33 8.88
CA ASP A 146 15.36 -43.66 10.05
C ASP A 146 14.20 -43.24 10.95
N VAL A 147 14.29 -43.57 12.23
CA VAL A 147 13.20 -43.39 13.16
C VAL A 147 13.70 -42.69 14.41
N TYR A 148 12.81 -42.55 15.37
CA TYR A 148 13.07 -42.00 16.68
C TYR A 148 12.74 -43.04 17.75
N VAL A 149 12.78 -42.59 18.99
CA VAL A 149 12.54 -43.41 20.16
C VAL A 149 11.36 -42.94 20.96
N ASN A 150 11.00 -41.68 20.84
CA ASN A 150 9.94 -41.11 21.66
C ASN A 150 8.61 -41.75 21.31
N GLY A 151 7.93 -42.26 22.33
CA GLY A 151 6.87 -43.23 22.10
C GLY A 151 5.55 -42.67 21.59
N GLU A 152 5.62 -41.73 20.67
CA GLU A 152 4.46 -41.42 19.84
C GLU A 152 4.86 -41.08 18.40
N THR A 153 6.12 -41.23 18.02
CA THR A 153 6.57 -40.87 16.69
C THR A 153 6.36 -42.04 15.75
N PRO A 154 5.56 -41.92 14.71
CA PRO A 154 5.61 -42.88 13.61
C PRO A 154 6.68 -42.50 12.59
N ALA A 155 6.92 -43.43 11.67
CA ALA A 155 7.73 -43.14 10.49
C ALA A 155 7.18 -43.99 9.35
N LYS A 156 6.28 -43.40 8.58
CA LYS A 156 5.63 -44.10 7.47
C LYS A 156 6.56 -44.07 6.26
N ILE A 157 7.61 -44.87 6.35
CA ILE A 157 8.54 -45.09 5.26
C ILE A 157 8.47 -46.57 4.93
N GLY A 158 8.10 -46.87 3.69
CA GLY A 158 7.67 -48.20 3.31
C GLY A 158 6.17 -48.22 3.20
N ASP A 159 5.53 -49.05 4.01
CA ASP A 159 4.08 -49.03 4.18
C ASP A 159 3.63 -49.11 5.62
N ALA A 160 4.49 -49.52 6.54
CA ALA A 160 4.11 -49.75 7.91
C ALA A 160 4.36 -48.50 8.75
N LYS A 161 3.49 -48.32 9.73
CA LYS A 161 3.61 -47.25 10.71
C LYS A 161 4.07 -47.84 12.02
N LEU A 162 5.15 -47.30 12.57
CA LEU A 162 5.87 -47.94 13.67
C LEU A 162 6.20 -46.92 14.73
N ILE A 163 5.91 -47.25 15.98
CA ILE A 163 6.15 -46.39 17.11
C ILE A 163 7.10 -47.10 18.04
N ILE A 164 8.11 -46.38 18.49
CA ILE A 164 9.26 -46.95 19.17
C ILE A 164 9.38 -46.26 20.51
N GLY A 165 9.82 -47.02 21.50
CA GLY A 165 10.22 -46.48 22.77
C GLY A 165 9.09 -45.73 23.47
N PRO A 166 9.43 -44.88 24.45
CA PRO A 166 10.76 -44.53 24.92
C PRO A 166 11.45 -45.68 25.62
N LEU A 167 12.74 -45.81 25.37
CA LEU A 167 13.50 -46.87 26.01
C LEU A 167 13.60 -46.63 27.51
N SER A 168 13.74 -47.71 28.25
CA SER A 168 13.86 -47.64 29.69
C SER A 168 15.29 -47.41 30.15
N SER A 169 16.27 -47.61 29.27
CA SER A 169 17.68 -47.65 29.65
C SER A 169 18.30 -46.30 29.35
N ALA A 170 18.05 -45.34 30.23
CA ALA A 170 18.40 -43.95 30.00
C ALA A 170 19.86 -43.64 30.24
N TRP A 171 20.74 -44.64 30.28
CA TRP A 171 22.16 -44.36 30.47
C TRP A 171 22.67 -43.66 29.23
N SER A 172 22.80 -42.35 29.32
CA SER A 172 23.57 -41.63 28.33
C SER A 172 25.03 -41.90 28.63
N PRO A 173 25.77 -42.60 27.76
CA PRO A 173 27.18 -42.85 28.08
C PRO A 173 27.98 -41.58 28.17
N PHE A 174 27.58 -40.54 27.46
CA PHE A 174 28.12 -39.22 27.73
C PHE A 174 27.80 -38.81 29.15
N ASP A 175 28.78 -38.24 29.83
CA ASP A 175 28.53 -37.58 31.09
C ASP A 175 27.91 -36.22 30.83
N ASN A 176 27.67 -35.46 31.90
CA ASN A 176 27.16 -34.11 31.75
C ASN A 176 28.17 -33.24 31.01
N LYS A 177 29.40 -33.24 31.47
CA LYS A 177 30.47 -32.46 30.87
C LYS A 177 31.33 -33.36 30.01
N VAL A 178 31.62 -32.90 28.79
CA VAL A 178 32.34 -33.68 27.81
C VAL A 178 33.32 -32.79 27.10
N VAL A 179 34.50 -33.32 26.81
CA VAL A 179 35.42 -32.73 25.87
C VAL A 179 35.46 -33.63 24.65
N VAL A 180 35.71 -33.02 23.51
CA VAL A 180 35.66 -33.69 22.23
C VAL A 180 36.87 -33.25 21.42
N TYR A 181 37.46 -34.21 20.70
CA TYR A 181 38.70 -33.95 19.97
C TYR A 181 38.71 -34.79 18.71
N GLY A 182 38.30 -34.19 17.60
CA GLY A 182 38.50 -34.79 16.30
C GLY A 182 37.63 -35.99 16.06
N HIS A 183 37.95 -37.09 16.75
CA HIS A 183 37.05 -38.22 16.89
C HIS A 183 37.04 -38.81 18.28
N GLU A 184 38.08 -38.62 19.07
CA GLU A 184 38.17 -39.19 20.40
C GLU A 184 37.42 -38.29 21.36
N VAL A 185 36.38 -38.84 21.98
CA VAL A 185 35.47 -38.09 22.83
C VAL A 185 35.77 -38.46 24.27
N TYR A 186 35.91 -37.43 25.10
CA TYR A 186 36.35 -37.59 26.48
C TYR A 186 35.27 -37.01 27.39
N ASN A 187 34.72 -37.85 28.26
CA ASN A 187 33.69 -37.43 29.20
C ASN A 187 34.32 -36.74 30.40
N TYR A 188 34.99 -35.64 30.09
CA TYR A 188 35.89 -34.97 31.01
C TYR A 188 35.20 -33.81 31.69
N ASP A 189 35.47 -33.67 32.99
CA ASP A 189 35.01 -32.51 33.74
C ASP A 189 35.93 -31.35 33.38
N PHE A 190 35.71 -30.81 32.18
CA PHE A 190 36.44 -29.61 31.80
C PHE A 190 36.15 -28.51 32.80
N PRO A 191 37.14 -27.68 33.18
CA PRO A 191 36.92 -26.76 34.29
C PRO A 191 35.77 -25.81 34.02
N GLU A 192 35.92 -24.93 33.03
CA GLU A 192 34.85 -24.10 32.48
C GLU A 192 35.48 -23.16 31.47
N TYR A 193 34.67 -22.52 30.64
CA TYR A 193 35.09 -21.29 30.00
C TYR A 193 35.48 -20.29 31.08
N GLY A 194 36.48 -19.48 30.78
CA GLY A 194 36.77 -18.33 31.61
C GLY A 194 37.62 -18.59 32.83
N THR A 195 38.04 -19.82 33.09
CA THR A 195 38.68 -20.17 34.36
C THR A 195 39.95 -20.99 34.26
N GLY A 196 40.16 -21.73 33.18
CA GLY A 196 41.09 -22.83 33.18
C GLY A 196 42.50 -22.49 33.57
N LYS A 197 43.02 -23.17 34.58
CA LYS A 197 44.34 -22.86 35.11
C LYS A 197 45.39 -23.11 34.04
N ALA A 198 46.40 -22.24 34.02
CA ALA A 198 47.42 -22.33 32.99
C ALA A 198 48.18 -23.64 33.12
N GLY A 199 48.46 -24.24 31.98
CA GLY A 199 49.02 -25.57 31.91
C GLY A 199 47.95 -26.62 31.92
N SER A 200 46.98 -26.47 32.81
CA SER A 200 45.87 -27.39 32.83
C SER A 200 45.05 -27.23 31.56
N PHE A 201 44.18 -28.20 31.34
CA PHE A 201 43.32 -28.18 30.17
C PHE A 201 42.50 -26.90 30.13
N GLY A 202 42.36 -26.35 28.94
CA GLY A 202 41.64 -25.11 28.80
C GLY A 202 42.41 -23.91 29.31
N ASP A 203 43.72 -23.86 29.07
CA ASP A 203 44.42 -22.62 29.34
C ASP A 203 43.95 -21.54 28.38
N LEU A 204 43.78 -21.90 27.11
CA LEU A 204 43.07 -21.08 26.15
C LEU A 204 41.64 -21.56 26.13
N GLN A 205 40.70 -20.62 26.14
CA GLN A 205 39.28 -20.94 26.14
C GLN A 205 38.59 -19.91 25.28
N SER A 206 38.36 -20.27 24.03
CA SER A 206 37.59 -19.46 23.10
C SER A 206 36.22 -20.07 22.92
N ARG A 207 35.20 -19.21 22.91
CA ARG A 207 33.83 -19.67 22.72
C ARG A 207 33.71 -20.50 21.46
N THR A 208 34.16 -19.95 20.34
CA THR A 208 34.27 -20.69 19.10
C THR A 208 35.56 -20.29 18.43
N SER A 209 35.71 -20.71 17.17
CA SER A 209 36.91 -20.40 16.44
C SER A 209 36.92 -18.94 15.99
N THR A 210 35.76 -18.45 15.57
CA THR A 210 35.64 -17.07 15.15
C THR A 210 35.81 -16.10 16.31
N SER A 211 35.47 -16.52 17.52
CA SER A 211 35.39 -15.61 18.65
C SER A 211 36.74 -14.97 18.95
N ASN A 212 36.84 -13.68 18.68
CA ASN A 212 38.09 -12.97 18.93
C ASN A 212 38.39 -12.89 20.42
N ASP A 213 37.36 -12.78 21.24
CA ASP A 213 37.54 -12.81 22.67
C ASP A 213 37.75 -14.23 23.15
N LEU A 214 38.43 -14.38 24.28
CA LEU A 214 38.68 -15.68 24.85
C LEU A 214 39.10 -15.50 26.30
N TYR A 215 39.55 -16.59 26.91
CA TYR A 215 40.18 -16.57 28.22
C TYR A 215 41.49 -17.32 28.12
N ALA A 216 42.58 -16.60 28.37
CA ALA A 216 43.93 -17.15 28.25
C ALA A 216 44.63 -16.98 29.58
N ASN A 217 44.38 -17.91 30.49
CA ASN A 217 45.25 -18.07 31.66
C ASN A 217 46.34 -19.01 31.20
N THR A 218 47.44 -18.41 30.75
CA THR A 218 48.64 -19.15 30.41
C THR A 218 49.80 -18.85 31.33
N ASN A 219 49.62 -17.96 32.30
CA ASN A 219 50.70 -17.53 33.17
C ASN A 219 51.85 -16.96 32.35
N LEU A 220 51.49 -16.28 31.27
CA LEU A 220 52.47 -15.63 30.42
C LEU A 220 53.16 -14.53 31.19
N LYS A 221 54.46 -14.69 31.42
CA LYS A 221 55.26 -13.73 32.17
C LYS A 221 56.47 -13.36 31.34
N LEU A 222 56.51 -12.13 30.86
CA LEU A 222 57.67 -11.65 30.13
C LEU A 222 58.82 -11.41 31.08
N GLN A 223 60.03 -11.68 30.60
CA GLN A 223 61.25 -11.36 31.32
C GLN A 223 62.11 -10.46 30.46
N ARG A 224 63.05 -9.78 31.10
CA ARG A 224 63.82 -8.80 30.37
C ARG A 224 64.79 -9.50 29.43
N PRO A 225 65.01 -8.98 28.23
CA PRO A 225 66.02 -9.59 27.37
C PRO A 225 67.41 -9.39 27.94
N GLN A 226 68.29 -10.30 27.55
CA GLN A 226 69.60 -10.43 28.17
C GLN A 226 70.64 -9.55 27.48
N ALA A 227 71.52 -8.99 28.30
CA ALA A 227 72.82 -8.45 27.89
C ALA A 227 72.72 -7.53 26.67
N GLY A 228 71.72 -6.66 26.67
CA GLY A 228 71.60 -5.66 25.63
C GLY A 228 71.44 -6.28 24.26
N ILE A 229 70.44 -7.14 24.10
CA ILE A 229 70.11 -7.70 22.79
C ILE A 229 68.59 -7.66 22.63
N VAL A 230 68.16 -7.44 21.39
CA VAL A 230 66.74 -7.41 21.06
C VAL A 230 66.21 -8.84 21.04
N HIS A 231 65.30 -9.13 21.95
CA HIS A 231 64.43 -10.29 21.85
C HIS A 231 63.40 -10.16 22.97
N THR A 232 62.54 -11.17 23.08
CA THR A 232 61.38 -11.11 23.96
C THR A 232 61.31 -12.41 24.73
N PRO A 233 61.88 -12.47 25.92
CA PRO A 233 61.61 -13.61 26.78
C PRO A 233 60.15 -13.67 27.11
N PHE A 234 59.46 -14.68 26.59
CA PHE A 234 58.12 -15.01 27.03
C PHE A 234 58.22 -16.34 27.76
N THR A 235 57.94 -16.31 29.05
CA THR A 235 57.98 -17.47 29.90
C THR A 235 56.55 -17.91 30.13
N GLN A 236 56.23 -19.13 29.73
CA GLN A 236 54.86 -19.52 29.57
C GLN A 236 54.75 -21.02 29.70
N ALA A 237 53.62 -21.45 30.21
CA ALA A 237 53.29 -22.85 30.22
C ALA A 237 52.94 -23.30 28.81
N PRO A 238 53.60 -24.31 28.24
CA PRO A 238 53.03 -24.94 27.06
C PRO A 238 51.64 -25.45 27.38
N SER A 239 50.82 -25.55 26.35
CA SER A 239 49.39 -25.52 26.60
C SER A 239 48.90 -26.79 27.28
N GLY A 240 47.79 -26.62 27.99
CA GLY A 240 46.95 -27.72 28.37
C GLY A 240 46.20 -28.36 27.23
N PHE A 241 46.41 -27.88 26.02
CA PHE A 241 46.08 -28.62 24.81
C PHE A 241 47.26 -29.41 24.28
N GLU A 242 48.48 -29.02 24.66
CA GLU A 242 49.65 -29.83 24.30
C GLU A 242 49.66 -31.11 25.11
N ARG A 243 49.77 -31.00 26.43
CA ARG A 243 49.23 -32.05 27.26
C ARG A 243 47.74 -32.03 27.07
N TRP A 244 47.08 -33.14 27.41
CA TRP A 244 45.75 -33.55 26.97
C TRP A 244 45.84 -34.19 25.58
N LYS A 245 47.03 -34.22 24.96
CA LYS A 245 47.27 -35.04 23.80
C LYS A 245 48.31 -36.12 24.04
N ARG A 246 49.06 -36.05 25.15
CA ARG A 246 49.99 -37.12 25.49
C ARG A 246 50.08 -37.42 26.99
N ASP A 247 49.28 -36.77 27.83
CA ASP A 247 49.07 -37.19 29.21
C ASP A 247 47.58 -37.20 29.52
N LYS A 248 46.79 -37.52 28.51
CA LYS A 248 45.34 -37.43 28.55
C LYS A 248 44.74 -38.63 29.26
N GLY A 249 43.42 -38.76 29.12
CA GLY A 249 42.70 -39.98 29.42
C GLY A 249 42.21 -40.64 28.14
N ALA A 250 41.66 -41.83 28.32
CA ALA A 250 41.29 -42.65 27.18
C ALA A 250 39.90 -42.28 26.67
N PRO A 251 39.58 -42.64 25.43
CA PRO A 251 38.31 -42.20 24.86
C PRO A 251 37.12 -43.07 25.18
N LEU A 252 35.99 -42.39 25.20
CA LEU A 252 34.73 -43.00 25.57
C LEU A 252 34.34 -44.08 24.60
N ASN A 253 34.80 -44.02 23.35
CA ASN A 253 34.68 -45.17 22.47
C ASN A 253 35.70 -46.26 22.77
N ASP A 254 36.47 -46.10 23.85
CA ASP A 254 37.34 -47.13 24.37
C ASP A 254 37.17 -47.34 25.87
N VAL A 255 36.32 -46.57 26.57
CA VAL A 255 36.10 -46.78 28.00
C VAL A 255 34.62 -46.74 28.40
N ALA A 256 33.72 -46.50 27.45
CA ALA A 256 32.32 -46.41 27.82
C ALA A 256 31.81 -47.72 28.39
N PRO A 257 30.69 -47.69 29.11
CA PRO A 257 29.94 -48.93 29.35
C PRO A 257 28.86 -49.22 28.33
N PHE A 258 28.21 -50.37 28.53
CA PHE A 258 27.04 -50.87 27.81
C PHE A 258 27.06 -50.65 26.30
N GLY A 259 28.25 -50.72 25.73
CA GLY A 259 28.43 -51.00 24.32
C GLY A 259 28.10 -49.97 23.26
N CYS A 260 28.91 -48.92 23.18
CA CYS A 260 28.64 -47.76 22.37
C CYS A 260 29.85 -47.48 21.48
N SER A 261 29.57 -46.81 20.37
CA SER A 261 30.59 -46.25 19.50
C SER A 261 30.23 -44.79 19.26
N ILE A 262 31.20 -44.02 18.77
CA ILE A 262 31.17 -42.57 18.85
C ILE A 262 31.57 -41.97 17.50
N ALA A 263 31.15 -40.72 17.28
CA ALA A 263 31.57 -39.97 16.10
C ALA A 263 31.58 -38.47 16.37
N LEU A 264 32.53 -37.77 15.75
CA LEU A 264 32.49 -36.31 15.62
C LEU A 264 31.74 -36.00 14.33
N GLU A 265 30.46 -35.92 14.46
CA GLU A 265 29.41 -36.03 13.48
C GLU A 265 28.32 -35.50 14.41
N PRO A 266 27.03 -35.70 14.21
CA PRO A 266 26.06 -35.12 15.17
C PRO A 266 26.22 -35.43 16.66
N LEU A 267 27.32 -36.05 17.10
CA LEU A 267 27.68 -36.32 18.50
C LEU A 267 26.83 -37.46 19.00
N ARG A 268 26.60 -38.40 18.10
CA ARG A 268 25.88 -39.59 18.46
C ARG A 268 26.79 -40.53 19.23
N ALA A 269 26.15 -41.50 19.87
CA ALA A 269 26.84 -42.62 20.49
C ALA A 269 26.16 -43.87 19.98
N GLU A 270 26.68 -44.41 18.89
CA GLU A 270 25.98 -45.45 18.15
C GLU A 270 25.85 -46.72 18.96
N ASN A 271 24.78 -47.47 18.68
CA ASN A 271 24.72 -48.91 18.87
C ASN A 271 24.81 -49.29 20.34
N CYS A 272 24.33 -48.42 21.21
CA CYS A 272 24.37 -48.65 22.66
C CYS A 272 23.36 -49.74 23.01
N ALA A 273 23.86 -50.96 23.13
CA ALA A 273 23.02 -52.12 23.45
C ALA A 273 22.77 -52.15 24.93
N VAL A 274 21.60 -51.68 25.36
CA VAL A 274 21.23 -51.80 26.76
C VAL A 274 19.73 -51.66 26.93
N GLY A 275 19.15 -52.56 27.71
CA GLY A 275 17.74 -52.49 28.04
C GLY A 275 16.85 -52.87 26.87
N SER A 276 15.59 -52.48 27.02
CA SER A 276 14.54 -52.85 26.10
C SER A 276 13.85 -51.60 25.57
N ILE A 277 13.07 -51.79 24.50
CA ILE A 277 12.36 -50.71 23.85
C ILE A 277 10.93 -51.18 23.59
N PRO A 278 9.90 -50.52 24.15
CA PRO A 278 8.52 -50.93 23.89
C PRO A 278 7.99 -50.51 22.53
N ILE A 279 8.15 -51.37 21.54
CA ILE A 279 7.90 -51.00 20.15
C ILE A 279 6.56 -51.57 19.71
N SER A 280 5.87 -50.78 18.89
CA SER A 280 4.51 -51.07 18.47
C SER A 280 4.33 -50.60 17.04
N ILE A 281 3.73 -51.45 16.22
CA ILE A 281 3.61 -51.18 14.79
C ILE A 281 2.15 -51.31 14.39
N ASP A 282 1.75 -50.49 13.43
CA ASP A 282 0.48 -50.61 12.73
C ASP A 282 0.81 -51.05 11.30
N ILE A 283 0.62 -52.34 11.03
CA ILE A 283 0.89 -52.96 9.74
C ILE A 283 -0.14 -52.46 8.74
N PRO A 284 0.16 -52.44 7.44
CA PRO A 284 -0.93 -52.26 6.45
C PRO A 284 -1.74 -53.54 6.36
N ASP A 285 -3.05 -53.41 6.57
CA ASP A 285 -3.93 -54.57 6.51
C ASP A 285 -3.89 -55.24 5.15
N ALA A 286 -3.59 -54.48 4.10
CA ALA A 286 -3.43 -55.08 2.78
C ALA A 286 -2.33 -56.12 2.76
N ALA A 287 -1.27 -55.90 3.54
CA ALA A 287 -0.18 -56.85 3.57
C ALA A 287 -0.58 -58.17 4.23
N PHE A 288 -1.63 -58.16 5.05
CA PHE A 288 -2.09 -59.40 5.62
C PHE A 288 -2.62 -60.33 4.54
N THR A 289 -2.46 -61.62 4.78
CA THR A 289 -3.15 -62.66 4.05
C THR A 289 -4.27 -63.16 4.93
N ARG A 290 -5.44 -63.35 4.34
CA ARG A 290 -6.56 -63.87 5.10
C ARG A 290 -6.27 -65.31 5.50
N ILE A 291 -6.92 -65.73 6.59
CA ILE A 291 -6.55 -66.98 7.23
C ILE A 291 -6.90 -68.18 6.35
N SER A 292 -7.90 -68.05 5.50
CA SER A 292 -8.41 -69.18 4.73
C SER A 292 -7.60 -69.48 3.48
N GLU A 293 -6.40 -68.91 3.37
CA GLU A 293 -5.57 -69.06 2.19
C GLU A 293 -4.21 -69.65 2.50
N THR A 294 -3.73 -69.54 3.73
CA THR A 294 -2.52 -70.21 4.12
C THR A 294 -2.85 -71.65 4.54
N PRO A 295 -1.97 -72.61 4.27
CA PRO A 295 -2.26 -73.98 4.70
C PRO A 295 -2.32 -74.09 6.21
N THR A 296 -3.30 -74.85 6.68
CA THR A 296 -3.34 -75.27 8.07
C THR A 296 -2.43 -76.47 8.25
N VAL A 297 -1.55 -76.39 9.25
CA VAL A 297 -0.37 -77.24 9.34
C VAL A 297 -0.48 -78.26 10.46
N SER A 298 -1.55 -78.23 11.25
CA SER A 298 -1.66 -79.06 12.44
C SER A 298 -1.62 -80.55 12.13
N ASP A 299 -1.63 -81.38 13.17
CA ASP A 299 -1.36 -82.81 13.08
C ASP A 299 0.06 -83.04 12.54
N LEU A 300 0.98 -82.22 13.02
CA LEU A 300 2.38 -82.23 12.63
C LEU A 300 3.22 -82.93 13.69
N GLU A 301 4.54 -82.84 13.54
CA GLU A 301 5.46 -83.22 14.60
C GLU A 301 6.75 -82.45 14.42
N CYS A 302 7.37 -82.08 15.54
CA CYS A 302 8.64 -81.38 15.55
C CYS A 302 9.65 -82.10 16.41
N LYS A 303 10.91 -82.08 15.98
CA LYS A 303 11.98 -82.61 16.81
C LYS A 303 13.29 -82.01 16.35
N ILE A 304 14.15 -81.70 17.32
CA ILE A 304 15.53 -81.40 17.01
C ILE A 304 16.17 -82.61 16.36
N THR A 305 17.25 -82.37 15.68
CA THR A 305 18.10 -83.42 15.13
C THR A 305 19.55 -83.23 15.50
N GLU A 306 20.02 -81.99 15.53
CA GLU A 306 21.35 -81.67 16.05
C GLU A 306 21.25 -80.27 16.64
N CYS A 307 20.90 -80.20 17.91
CA CYS A 307 20.79 -78.92 18.58
C CYS A 307 22.15 -78.50 19.10
N THR A 308 22.54 -77.29 18.75
CA THR A 308 23.81 -76.72 19.15
C THR A 308 23.54 -75.66 20.21
N TYR A 309 24.10 -75.88 21.40
CA TYR A 309 23.78 -75.11 22.60
C TYR A 309 24.58 -73.80 22.57
N ALA A 310 24.19 -72.91 21.65
CA ALA A 310 25.14 -71.93 21.16
C ALA A 310 24.44 -70.65 20.67
N SER A 311 25.25 -69.79 20.04
CA SER A 311 24.90 -68.45 19.62
C SER A 311 24.55 -68.40 18.14
N ASP A 312 25.50 -68.79 17.30
CA ASP A 312 25.21 -68.96 15.90
C ASP A 312 24.07 -69.95 15.74
N PHE A 313 23.34 -69.82 14.65
CA PHE A 313 22.15 -70.63 14.47
C PHE A 313 22.54 -72.07 14.20
N GLY A 314 23.01 -72.75 15.23
CA GLY A 314 23.46 -74.12 15.09
C GLY A 314 22.35 -75.10 15.39
N GLY A 315 21.35 -74.66 16.16
CA GLY A 315 20.23 -75.53 16.47
C GLY A 315 19.38 -75.76 15.24
N ILE A 316 19.04 -77.03 15.01
CA ILE A 316 18.19 -77.42 13.89
C ILE A 316 17.10 -78.35 14.37
N ALA A 317 16.04 -78.45 13.58
CA ALA A 317 14.94 -79.33 13.93
C ALA A 317 14.11 -79.57 12.69
N THR A 318 13.98 -80.83 12.32
CA THR A 318 12.98 -81.20 11.33
C THR A 318 11.60 -81.01 11.92
N VAL A 319 10.63 -80.81 11.04
CA VAL A 319 9.24 -80.69 11.43
C VAL A 319 8.42 -81.48 10.44
N ALA A 320 7.69 -82.48 10.94
CA ALA A 320 6.82 -83.27 10.09
C ALA A 320 5.58 -82.44 9.78
N TYR A 321 5.73 -81.58 8.78
CA TYR A 321 4.64 -80.69 8.41
C TYR A 321 3.47 -81.49 7.87
N LYS A 322 2.28 -81.15 8.35
CA LYS A 322 1.04 -81.82 7.97
C LYS A 322 0.09 -80.71 7.51
N SER A 323 0.21 -80.34 6.25
CA SER A 323 -0.50 -79.20 5.71
C SER A 323 -1.85 -79.60 5.14
N SER A 324 -2.62 -78.57 4.78
CA SER A 324 -3.89 -78.74 4.09
C SER A 324 -3.77 -78.26 2.65
N LYS A 325 -3.39 -77.01 2.46
CA LYS A 325 -2.97 -76.49 1.18
C LYS A 325 -1.45 -76.64 1.09
N ALA A 326 -0.84 -76.00 0.10
CA ALA A 326 0.60 -75.95 -0.02
C ALA A 326 1.02 -74.51 -0.28
N GLY A 327 2.04 -74.07 0.43
CA GLY A 327 2.51 -72.70 0.26
C GLY A 327 3.45 -72.31 1.38
N ASN A 328 3.47 -71.02 1.66
CA ASN A 328 4.32 -70.48 2.71
C ASN A 328 3.62 -70.54 4.06
N CYS A 329 4.41 -70.44 5.10
CA CYS A 329 3.94 -70.57 6.47
C CYS A 329 4.92 -69.81 7.37
N PRO A 330 4.60 -68.60 7.81
CA PRO A 330 5.53 -67.90 8.70
C PRO A 330 5.64 -68.63 10.03
N ILE A 331 6.83 -68.51 10.63
CA ILE A 331 7.18 -69.26 11.83
C ILE A 331 7.81 -68.33 12.85
N HIS A 332 7.68 -68.72 14.11
CA HIS A 332 8.28 -68.00 15.21
C HIS A 332 8.10 -68.83 16.46
N SER A 333 9.04 -68.68 17.39
CA SER A 333 8.93 -69.22 18.72
C SER A 333 8.47 -68.11 19.63
N PRO A 334 7.19 -68.07 20.04
CA PRO A 334 6.76 -67.00 20.94
C PRO A 334 7.55 -66.96 22.23
N SER A 335 8.05 -68.11 22.68
CA SER A 335 9.01 -68.11 23.76
C SER A 335 10.33 -67.58 23.25
N GLY A 336 10.98 -66.76 24.07
CA GLY A 336 12.26 -66.20 23.71
C GLY A 336 13.42 -67.14 23.86
N VAL A 337 13.16 -68.39 24.23
CA VAL A 337 14.22 -69.37 24.41
C VAL A 337 14.96 -69.58 23.09
N ALA A 338 14.20 -69.74 22.01
CA ALA A 338 14.74 -70.10 20.72
C ALA A 338 14.60 -68.91 19.77
N VAL A 339 15.69 -68.62 19.07
CA VAL A 339 15.73 -67.58 18.05
C VAL A 339 16.00 -68.29 16.74
N ILE A 340 15.20 -67.99 15.74
CA ILE A 340 15.13 -68.76 14.51
C ILE A 340 15.64 -67.91 13.36
N LYS A 341 16.40 -68.54 12.46
CA LYS A 341 16.94 -67.84 11.30
C LYS A 341 15.87 -67.67 10.24
N GLU A 342 15.01 -68.66 10.07
CA GLU A 342 13.96 -68.62 9.07
C GLU A 342 12.73 -67.93 9.63
N ASN A 343 12.28 -66.89 8.93
CA ASN A 343 10.98 -66.31 9.23
C ASN A 343 9.85 -67.12 8.64
N ASP A 344 10.09 -67.69 7.46
CA ASP A 344 9.06 -68.31 6.65
C ASP A 344 9.59 -69.61 6.11
N VAL A 345 8.71 -70.60 6.01
CA VAL A 345 9.04 -71.90 5.44
C VAL A 345 8.02 -72.21 4.36
N THR A 346 8.52 -72.69 3.22
CA THR A 346 7.67 -73.15 2.15
C THR A 346 7.18 -74.56 2.45
N LEU A 347 5.97 -74.86 2.00
CA LEU A 347 5.35 -76.15 2.28
C LEU A 347 4.68 -76.70 1.03
N ALA A 348 5.01 -77.95 0.72
CA ALA A 348 4.20 -78.76 -0.17
C ALA A 348 3.08 -79.37 0.66
N GLU A 349 2.38 -80.33 0.09
CA GLU A 349 1.28 -80.96 0.81
C GLU A 349 1.85 -81.90 1.87
N SER A 350 2.06 -81.37 3.06
CA SER A 350 2.41 -82.16 4.24
C SER A 350 3.75 -82.87 4.04
N GLY A 351 4.79 -82.06 3.85
CA GLY A 351 6.15 -82.54 3.76
C GLY A 351 6.89 -82.36 5.06
N SER A 352 8.18 -82.06 4.96
CA SER A 352 9.01 -81.82 6.12
C SER A 352 10.14 -80.88 5.71
N PHE A 353 10.43 -79.91 6.58
CA PHE A 353 11.47 -78.92 6.30
C PHE A 353 12.12 -78.52 7.60
N THR A 354 13.44 -78.71 7.66
CA THR A 354 14.21 -78.29 8.80
C THR A 354 14.43 -76.78 8.75
N PHE A 355 14.52 -76.18 9.93
CA PHE A 355 14.94 -74.81 10.09
C PHE A 355 16.15 -74.77 11.00
N HIS A 356 16.70 -73.57 11.14
CA HIS A 356 17.87 -73.32 11.98
C HIS A 356 17.46 -72.45 13.16
N PHE A 357 18.17 -72.58 14.27
CA PHE A 357 17.88 -71.74 15.41
C PHE A 357 19.06 -71.77 16.38
N SER A 358 18.87 -71.11 17.52
CA SER A 358 19.86 -71.05 18.59
C SER A 358 19.13 -70.88 19.91
N THR A 359 19.68 -71.48 20.96
CA THR A 359 19.05 -71.51 22.27
C THR A 359 20.11 -71.30 23.33
N ALA A 360 19.67 -71.33 24.58
CA ALA A 360 20.53 -71.19 25.73
C ALA A 360 20.27 -72.17 26.85
N ASN A 361 19.22 -72.97 26.76
CA ASN A 361 18.89 -73.95 27.77
C ASN A 361 19.12 -75.35 27.23
N ILE A 362 19.73 -76.18 28.06
CA ILE A 362 20.18 -77.52 27.64
C ILE A 362 19.01 -78.30 27.07
N HIS A 363 17.84 -78.14 27.67
CA HIS A 363 16.63 -78.81 27.25
C HIS A 363 15.71 -77.77 26.65
N PRO A 364 15.87 -77.43 25.39
CA PRO A 364 15.02 -76.38 24.82
C PRO A 364 13.59 -76.84 24.64
N ALA A 365 12.75 -76.43 25.56
CA ALA A 365 11.31 -76.68 25.49
C ALA A 365 10.61 -75.39 25.05
N PHE A 366 10.77 -75.08 23.76
CA PHE A 366 10.20 -73.88 23.19
C PHE A 366 9.08 -74.23 22.24
N LYS A 367 7.99 -73.47 22.35
CA LYS A 367 6.91 -73.60 21.40
C LYS A 367 7.36 -73.07 20.05
N LEU A 368 6.77 -73.61 18.99
CA LEU A 368 6.97 -73.12 17.64
C LEU A 368 5.61 -72.95 16.99
N GLN A 369 5.34 -71.76 16.51
CA GLN A 369 4.04 -71.37 15.99
C GLN A 369 4.17 -71.33 14.48
N VAL A 370 3.84 -72.45 13.83
CA VAL A 370 3.95 -72.56 12.38
C VAL A 370 2.60 -72.12 11.82
N CYS A 371 2.45 -70.81 11.66
CA CYS A 371 1.30 -70.15 11.05
C CYS A 371 -0.01 -70.71 11.62
N THR A 372 -0.18 -70.42 12.90
CA THR A 372 -1.30 -70.88 13.72
C THR A 372 -1.29 -72.38 13.89
N SER A 373 -0.18 -72.91 14.39
CA SER A 373 -0.14 -74.27 14.90
C SER A 373 1.06 -74.36 15.82
N ALA A 374 0.79 -74.51 17.12
CA ALA A 374 1.86 -74.55 18.10
C ALA A 374 2.44 -75.96 18.18
N VAL A 375 3.69 -76.03 18.64
CA VAL A 375 4.33 -77.31 18.86
C VAL A 375 5.55 -77.11 19.73
N THR A 376 5.75 -78.04 20.65
CA THR A 376 6.94 -78.09 21.47
C THR A 376 8.03 -78.84 20.70
N CYS A 377 9.14 -78.18 20.46
CA CYS A 377 10.31 -78.81 19.86
C CYS A 377 11.33 -79.18 20.94
N LYS A 378 10.85 -80.00 21.87
CA LYS A 378 11.66 -80.45 22.99
C LYS A 378 12.89 -81.21 22.50
N GLY A 379 13.96 -81.14 23.29
CA GLY A 379 15.13 -81.95 22.98
C GLY A 379 16.32 -81.64 23.87
N ASP A 380 17.51 -81.80 23.30
CA ASP A 380 18.75 -81.60 24.04
C ASP A 380 19.83 -81.14 23.07
N CYS A 381 20.77 -80.36 23.60
CA CYS A 381 21.71 -79.61 22.78
C CYS A 381 23.14 -79.90 23.19
N LYS A 382 24.07 -79.49 22.33
CA LYS A 382 25.48 -79.80 22.45
C LYS A 382 26.31 -78.51 22.50
N PRO A 383 27.30 -78.40 23.38
CA PRO A 383 28.15 -77.21 23.40
C PRO A 383 29.13 -77.18 22.24
N PRO A 384 29.43 -75.98 21.68
CA PRO A 384 30.50 -75.87 20.67
C PRO A 384 31.91 -75.72 21.20
N LYS A 385 32.82 -75.37 20.28
CA LYS A 385 34.25 -75.43 20.50
C LYS A 385 35.03 -74.16 20.12
N ASP A 386 34.44 -73.19 19.43
CA ASP A 386 35.16 -72.31 18.50
C ASP A 386 34.80 -70.83 18.66
N HIS A 387 34.91 -70.30 19.88
CA HIS A 387 34.26 -69.05 20.29
C HIS A 387 35.16 -67.82 20.27
N ILE A 388 35.59 -67.36 19.09
CA ILE A 388 36.22 -66.03 18.99
C ILE A 388 35.84 -65.24 17.73
N VAL A 389 34.61 -64.74 17.63
CA VAL A 389 34.18 -63.97 16.44
C VAL A 389 33.08 -63.10 17.03
N ASP A 390 32.42 -62.19 16.26
CA ASP A 390 31.63 -61.04 16.72
C ASP A 390 30.41 -61.46 17.54
N TYR A 391 29.25 -60.79 17.50
CA TYR A 391 28.26 -60.98 18.58
C TYR A 391 27.08 -61.86 18.19
N PRO A 392 26.36 -62.39 19.19
CA PRO A 392 25.48 -63.54 18.95
C PRO A 392 24.12 -63.17 18.39
N ALA A 393 23.38 -64.23 18.06
CA ALA A 393 21.97 -64.18 17.68
C ALA A 393 21.06 -64.75 18.76
N GLN A 394 21.63 -65.22 19.86
CA GLN A 394 20.92 -65.99 20.88
C GLN A 394 20.27 -65.06 21.89
N HIS A 395 21.10 -64.24 22.55
CA HIS A 395 20.73 -63.13 23.42
C HIS A 395 19.52 -63.42 24.29
N THR A 396 19.46 -64.63 24.84
CA THR A 396 18.29 -65.11 25.56
C THR A 396 18.68 -65.86 26.82
N GLU A 397 19.83 -65.54 27.39
CA GLU A 397 20.33 -66.29 28.53
C GLU A 397 19.42 -66.07 29.73
N SER A 398 19.08 -67.16 30.40
CA SER A 398 18.23 -67.11 31.59
C SER A 398 18.62 -68.29 32.47
N PHE A 399 17.77 -68.61 33.42
CA PHE A 399 18.01 -69.75 34.29
C PHE A 399 17.84 -71.05 33.52
N THR A 400 18.87 -71.89 33.56
CA THR A 400 18.92 -73.14 32.80
C THR A 400 19.49 -74.29 33.64
N PRO B 14 62.86 -9.19 2.95
CA PRO B 14 63.47 -10.21 3.82
C PRO B 14 63.94 -9.62 5.12
N TYR B 15 63.21 -9.86 6.20
CA TYR B 15 63.55 -9.23 7.45
C TYR B 15 64.83 -9.84 8.02
N ILE B 16 65.53 -9.06 8.84
CA ILE B 16 66.70 -9.53 9.56
C ILE B 16 66.54 -9.31 11.04
N ALA B 17 66.79 -10.36 11.82
CA ALA B 17 66.62 -10.34 13.27
C ALA B 17 67.81 -11.04 13.91
N ASP B 18 67.70 -11.28 15.21
CA ASP B 18 68.82 -11.74 16.02
C ASP B 18 68.68 -13.24 16.26
N CYS B 19 69.44 -14.01 15.49
CA CYS B 19 69.46 -15.44 15.69
C CYS B 19 70.13 -15.76 17.04
N PRO B 20 69.66 -16.79 17.76
CA PRO B 20 70.15 -16.97 19.13
C PRO B 20 71.48 -17.68 19.32
N ASN B 21 71.79 -18.65 18.46
CA ASN B 21 73.04 -19.40 18.57
C ASN B 21 73.61 -19.60 17.16
N CYS B 22 73.79 -18.46 16.49
CA CYS B 22 74.10 -18.37 15.08
C CYS B 22 75.49 -18.91 14.78
N GLY B 23 75.65 -20.21 14.90
CA GLY B 23 76.93 -20.84 14.69
C GLY B 23 77.82 -20.68 15.91
N HIS B 24 78.34 -19.47 16.10
CA HIS B 24 79.07 -19.15 17.31
C HIS B 24 78.11 -18.87 18.46
N SER B 25 77.34 -17.80 18.30
CA SER B 25 76.56 -17.20 19.36
C SER B 25 75.51 -16.33 18.68
N ARG B 26 74.93 -15.40 19.44
CA ARG B 26 73.86 -14.56 18.92
C ARG B 26 74.38 -13.61 17.85
N CYS B 27 74.16 -13.95 16.59
CA CYS B 27 74.39 -13.01 15.49
C CYS B 27 73.07 -12.29 15.18
N ASP B 28 73.06 -11.59 14.05
CA ASP B 28 71.84 -11.07 13.45
C ASP B 28 71.75 -11.71 12.06
N SER B 29 71.06 -12.84 11.97
CA SER B 29 70.91 -13.50 10.68
C SER B 29 69.63 -13.04 9.98
N PRO B 30 69.63 -12.91 8.65
CA PRO B 30 68.36 -12.70 7.95
C PRO B 30 67.41 -13.88 8.05
N ILE B 31 67.92 -15.07 8.36
CA ILE B 31 67.11 -16.26 8.41
C ILE B 31 66.78 -16.58 9.87
N ALA B 32 66.76 -15.55 10.70
CA ALA B 32 66.46 -15.71 12.12
C ALA B 32 65.13 -16.41 12.31
N ILE B 33 65.17 -17.51 13.04
CA ILE B 33 64.04 -18.43 13.14
C ILE B 33 63.14 -18.00 14.27
N GLU B 34 61.89 -17.72 13.94
CA GLU B 34 60.82 -17.55 14.90
C GLU B 34 59.74 -18.56 14.55
N GLU B 35 58.79 -18.74 15.47
CA GLU B 35 57.57 -19.53 15.28
C GLU B 35 57.86 -20.89 14.63
N VAL B 36 58.58 -21.69 15.36
CA VAL B 36 58.71 -23.09 15.02
C VAL B 36 57.44 -23.80 15.45
N ARG B 37 56.93 -24.67 14.58
CA ARG B 37 55.65 -25.33 14.80
C ARG B 37 55.79 -26.82 14.51
N GLY B 38 56.21 -27.57 15.51
CA GLY B 38 56.28 -29.01 15.43
C GLY B 38 55.00 -29.60 15.98
N ASP B 39 53.89 -29.05 15.54
CA ASP B 39 52.59 -29.32 16.10
C ASP B 39 51.75 -30.24 15.23
N ALA B 40 52.17 -30.48 14.00
CA ALA B 40 51.49 -31.41 13.11
C ALA B 40 52.02 -32.82 13.39
N HIS B 41 51.71 -33.75 12.48
CA HIS B 41 51.99 -35.16 12.66
C HIS B 41 52.87 -35.78 11.59
N ALA B 42 52.98 -35.16 10.42
CA ALA B 42 53.46 -35.84 9.23
C ALA B 42 54.97 -35.74 9.04
N GLY B 43 55.72 -35.62 10.13
CA GLY B 43 57.14 -35.36 9.99
C GLY B 43 57.48 -33.96 9.56
N VAL B 44 56.50 -33.04 9.58
CA VAL B 44 56.61 -31.74 8.95
C VAL B 44 56.68 -30.66 10.01
N ILE B 45 57.46 -29.61 9.73
CA ILE B 45 57.42 -28.38 10.50
C ILE B 45 57.26 -27.23 9.52
N ARG B 46 56.39 -26.31 9.89
CA ARG B 46 56.30 -25.01 9.27
C ARG B 46 57.15 -24.05 10.08
N ILE B 47 58.02 -23.31 9.39
CA ILE B 47 58.98 -22.41 10.01
C ILE B 47 58.80 -21.05 9.36
N GLN B 48 59.13 -20.00 10.11
CA GLN B 48 59.33 -18.67 9.53
C GLN B 48 60.78 -18.26 9.75
N THR B 49 61.47 -18.07 8.64
CA THR B 49 62.65 -17.24 8.63
C THR B 49 62.20 -15.79 8.63
N SER B 50 63.06 -14.92 9.16
CA SER B 50 62.87 -13.51 8.89
C SER B 50 63.21 -13.17 7.45
N ALA B 51 63.92 -14.06 6.76
CA ALA B 51 64.19 -13.88 5.34
C ALA B 51 62.99 -14.30 4.50
N MET B 52 62.74 -13.54 3.45
CA MET B 52 61.64 -13.74 2.53
C MET B 52 62.27 -14.30 1.25
N PHE B 53 62.39 -15.62 1.19
CA PHE B 53 62.71 -16.27 -0.05
C PHE B 53 61.43 -16.46 -0.85
N GLY B 54 61.57 -16.93 -2.09
CA GLY B 54 60.43 -17.03 -2.98
C GLY B 54 60.76 -16.44 -4.33
N LEU B 55 59.89 -15.57 -4.84
CA LEU B 55 60.27 -14.79 -6.01
C LEU B 55 61.46 -13.91 -5.66
N LYS B 56 61.99 -13.24 -6.67
CA LYS B 56 63.08 -12.31 -6.46
C LYS B 56 62.53 -11.04 -5.84
N THR B 57 63.35 -9.98 -5.82
CA THR B 57 62.84 -8.66 -5.49
C THR B 57 61.62 -8.31 -6.32
N ASP B 58 61.62 -8.68 -7.60
CA ASP B 58 60.62 -8.16 -8.52
C ASP B 58 59.50 -9.12 -8.89
N GLY B 59 59.77 -10.23 -9.59
CA GLY B 59 58.68 -10.99 -10.18
C GLY B 59 58.76 -12.46 -10.55
N VAL B 60 59.85 -13.18 -10.27
CA VAL B 60 60.08 -14.47 -10.95
C VAL B 60 60.54 -15.55 -9.97
N ASP B 61 60.02 -16.76 -10.19
CA ASP B 61 60.64 -18.00 -9.74
C ASP B 61 60.75 -18.15 -8.22
N LEU B 62 59.67 -18.64 -7.61
CA LEU B 62 59.63 -19.10 -6.22
C LEU B 62 60.93 -19.73 -5.74
N ALA B 63 61.58 -20.51 -6.59
CA ALA B 63 62.77 -21.25 -6.19
C ALA B 63 64.04 -20.41 -6.16
N TYR B 64 63.94 -19.08 -6.14
CA TYR B 64 65.06 -18.21 -5.89
C TYR B 64 65.03 -17.74 -4.43
N MET B 65 65.97 -16.89 -4.08
CA MET B 65 66.40 -16.74 -2.69
C MET B 65 66.79 -15.29 -2.43
N SER B 66 65.95 -14.59 -1.68
CA SER B 66 66.19 -13.21 -1.29
C SER B 66 66.26 -13.11 0.22
N PHE B 67 67.47 -12.93 0.74
CA PHE B 67 67.70 -12.50 2.12
C PHE B 67 68.27 -11.10 2.10
N MET B 68 68.49 -10.57 3.31
CA MET B 68 69.07 -9.25 3.48
C MET B 68 70.57 -9.39 3.72
N ASN B 69 71.35 -8.71 2.89
CA ASN B 69 72.78 -8.51 3.11
C ASN B 69 73.01 -7.01 3.07
N GLY B 70 73.50 -6.46 4.19
CA GLY B 70 73.55 -5.02 4.34
C GLY B 70 72.18 -4.51 4.75
N LYS B 71 71.91 -3.27 4.36
CA LYS B 71 70.54 -2.80 4.27
C LYS B 71 69.79 -3.44 3.11
N THR B 72 70.48 -4.15 2.23
CA THR B 72 69.99 -4.54 0.92
C THR B 72 69.56 -6.00 0.91
N GLN B 73 68.70 -6.32 -0.04
CA GLN B 73 68.34 -7.69 -0.33
C GLN B 73 69.48 -8.40 -1.04
N LYS B 74 69.29 -9.69 -1.32
CA LYS B 74 70.11 -10.39 -2.29
C LYS B 74 69.25 -11.49 -2.91
N SER B 75 68.54 -11.14 -3.98
CA SER B 75 67.54 -12.03 -4.58
C SER B 75 68.22 -12.90 -5.62
N ILE B 76 68.69 -14.06 -5.18
CA ILE B 76 69.49 -14.97 -5.97
C ILE B 76 69.02 -16.41 -5.73
N LYS B 77 69.75 -17.40 -6.21
CA LYS B 77 69.30 -18.78 -6.22
C LYS B 77 69.37 -19.43 -4.84
N ILE B 78 68.50 -20.42 -4.62
CA ILE B 78 68.28 -21.10 -3.35
C ILE B 78 69.30 -22.20 -3.09
N ASP B 79 70.36 -22.25 -3.88
CA ASP B 79 71.12 -23.46 -4.21
C ASP B 79 71.26 -24.53 -3.13
N ASN B 80 71.57 -24.15 -1.89
CA ASN B 80 72.00 -25.10 -0.87
C ASN B 80 71.35 -24.80 0.47
N LEU B 81 70.03 -24.66 0.47
CA LEU B 81 69.28 -24.58 1.72
C LEU B 81 69.54 -25.81 2.58
N HIS B 82 69.56 -25.60 3.89
CA HIS B 82 69.54 -26.71 4.85
C HIS B 82 68.73 -26.30 6.08
N VAL B 83 67.53 -26.84 6.18
CA VAL B 83 66.88 -27.03 7.47
C VAL B 83 67.43 -28.30 8.06
N ARG B 84 67.59 -28.33 9.37
CA ARG B 84 67.92 -29.60 10.00
C ARG B 84 67.62 -29.53 11.49
N THR B 85 67.65 -30.71 12.09
CA THR B 85 67.35 -30.98 13.47
C THR B 85 68.37 -32.03 13.88
N SER B 86 68.04 -32.87 14.85
CA SER B 86 68.82 -34.07 15.16
C SER B 86 69.38 -34.75 13.91
N ALA B 87 68.61 -34.79 12.83
CA ALA B 87 69.11 -35.17 11.51
C ALA B 87 68.80 -34.09 10.52
N PRO B 88 69.39 -34.15 9.32
CA PRO B 88 68.99 -33.23 8.26
C PRO B 88 67.56 -33.46 7.82
N CYS B 89 66.82 -32.37 7.75
CA CYS B 89 65.43 -32.42 7.36
C CYS B 89 65.31 -32.54 5.86
N SER B 90 64.07 -32.56 5.39
CA SER B 90 63.75 -32.47 3.97
C SER B 90 62.84 -31.27 3.77
N LEU B 91 63.26 -30.36 2.92
CA LEU B 91 62.41 -29.27 2.49
C LEU B 91 61.12 -29.84 1.90
N VAL B 92 60.03 -29.10 2.10
CA VAL B 92 58.76 -29.40 1.45
C VAL B 92 58.38 -28.29 0.47
N SER B 93 58.35 -27.06 0.94
CA SER B 93 58.10 -25.92 0.07
C SER B 93 58.32 -24.64 0.85
N HIS B 94 58.66 -23.58 0.12
CA HIS B 94 58.77 -22.26 0.67
C HIS B 94 57.78 -21.31 0.01
N HIS B 95 57.30 -20.33 0.78
CA HIS B 95 56.47 -19.27 0.25
C HIS B 95 56.57 -18.09 1.21
N GLY B 96 57.08 -16.97 0.73
CA GLY B 96 57.14 -15.77 1.54
C GLY B 96 58.30 -15.84 2.51
N TYR B 97 58.03 -15.50 3.76
CA TYR B 97 58.98 -15.66 4.84
C TYR B 97 59.12 -17.10 5.29
N TYR B 98 58.31 -18.01 4.76
CA TYR B 98 57.90 -19.20 5.45
C TYR B 98 58.30 -20.43 4.65
N ILE B 99 58.78 -21.44 5.36
CA ILE B 99 59.18 -22.70 4.75
C ILE B 99 58.50 -23.84 5.47
N LEU B 100 58.11 -24.85 4.71
CA LEU B 100 57.67 -26.13 5.23
C LEU B 100 58.73 -27.17 4.91
N ALA B 101 59.03 -28.01 5.89
CA ALA B 101 60.10 -28.99 5.74
C ALA B 101 59.76 -30.21 6.56
N GLN B 102 60.03 -31.38 5.98
CA GLN B 102 59.79 -32.64 6.67
C GLN B 102 61.02 -32.94 7.52
N CYS B 103 60.84 -32.91 8.84
CA CYS B 103 61.90 -33.13 9.80
C CYS B 103 61.61 -34.36 10.66
N PRO B 104 62.65 -34.98 11.21
CA PRO B 104 62.44 -35.91 12.31
C PRO B 104 62.29 -35.16 13.61
N PRO B 105 62.06 -35.88 14.71
CA PRO B 105 62.07 -35.23 16.02
C PRO B 105 63.45 -34.66 16.32
N GLY B 106 63.44 -33.66 17.18
CA GLY B 106 64.68 -33.02 17.57
C GLY B 106 64.46 -32.07 18.71
N ASP B 107 65.41 -32.05 19.65
CA ASP B 107 65.34 -31.12 20.75
C ASP B 107 65.37 -29.67 20.26
N THR B 108 66.04 -29.42 19.14
CA THR B 108 66.22 -28.10 18.59
C THR B 108 65.69 -28.04 17.17
N VAL B 109 65.89 -26.88 16.56
CA VAL B 109 65.74 -26.70 15.12
C VAL B 109 66.89 -25.84 14.65
N THR B 110 67.44 -26.20 13.50
CA THR B 110 68.72 -25.67 13.04
C THR B 110 68.62 -25.49 11.53
N VAL B 111 68.66 -24.23 11.10
CA VAL B 111 68.35 -23.85 9.72
C VAL B 111 69.57 -23.21 9.11
N GLY B 112 69.68 -23.30 7.79
CA GLY B 112 70.75 -22.59 7.11
C GLY B 112 70.89 -22.91 5.66
N PHE B 113 71.18 -21.89 4.87
CA PHE B 113 71.53 -22.03 3.47
C PHE B 113 73.04 -21.89 3.32
N HIS B 114 73.50 -21.78 2.09
CA HIS B 114 74.90 -21.47 1.80
C HIS B 114 74.89 -20.44 0.68
N ASP B 115 75.21 -19.19 1.04
CA ASP B 115 75.33 -18.15 0.03
C ASP B 115 76.39 -18.51 -1.00
N GLY B 116 77.45 -19.19 -0.58
CA GLY B 116 78.55 -19.57 -1.44
C GLY B 116 79.90 -19.16 -0.90
N PRO B 117 80.03 -17.94 -0.37
CA PRO B 117 81.26 -17.61 0.37
C PRO B 117 81.24 -18.03 1.81
N ASN B 118 80.06 -18.29 2.38
CA ASN B 118 79.93 -18.51 3.82
C ASN B 118 78.77 -19.45 4.09
N ARG B 119 78.86 -20.14 5.23
CA ARG B 119 77.79 -21.05 5.61
C ARG B 119 76.55 -20.26 5.99
N HIS B 120 76.66 -19.41 7.01
CA HIS B 120 75.65 -18.38 7.26
C HIS B 120 74.29 -18.99 7.59
N THR B 121 74.28 -19.71 8.69
CA THR B 121 73.15 -20.51 9.15
C THR B 121 72.47 -19.83 10.33
N CYS B 122 71.37 -20.44 10.79
CA CYS B 122 70.72 -19.99 12.01
C CYS B 122 70.02 -21.15 12.69
N THR B 123 70.05 -21.11 14.02
CA THR B 123 69.68 -22.25 14.83
C THR B 123 68.87 -21.76 16.02
N VAL B 124 68.09 -22.66 16.61
CA VAL B 124 67.11 -22.27 17.62
C VAL B 124 66.72 -23.50 18.42
N ALA B 125 66.24 -23.26 19.64
CA ALA B 125 65.62 -24.29 20.45
C ALA B 125 64.15 -24.42 20.11
N HIS B 126 63.69 -25.66 20.00
CA HIS B 126 62.27 -25.95 19.98
C HIS B 126 62.04 -27.44 20.17
N LYS B 127 61.17 -27.78 21.12
CA LYS B 127 60.81 -29.17 21.35
C LYS B 127 60.00 -29.68 20.16
N VAL B 128 60.52 -30.70 19.50
CA VAL B 128 59.88 -31.28 18.33
C VAL B 128 59.61 -32.74 18.60
N GLU B 129 58.46 -33.22 18.12
CA GLU B 129 58.17 -34.63 18.07
C GLU B 129 57.30 -34.89 16.86
N PHE B 130 57.18 -36.17 16.50
CA PHE B 130 56.21 -36.58 15.50
C PHE B 130 55.58 -37.90 15.93
N ARG B 131 54.53 -37.76 16.70
CA ARG B 131 53.55 -38.81 16.80
C ARG B 131 52.75 -38.85 15.51
N PRO B 132 52.64 -40.00 14.85
CA PRO B 132 51.56 -40.15 13.88
C PRO B 132 50.23 -40.34 14.58
N VAL B 133 49.17 -39.94 13.90
CA VAL B 133 47.85 -40.16 14.44
C VAL B 133 47.56 -41.64 14.37
N GLY B 134 47.18 -42.20 15.50
CA GLY B 134 46.94 -43.63 15.63
C GLY B 134 47.39 -44.07 16.99
N ARG B 135 46.92 -45.23 17.39
CA ARG B 135 47.32 -45.80 18.66
C ARG B 135 48.72 -46.41 18.60
N GLU B 136 49.40 -46.34 17.45
CA GLU B 136 50.81 -46.69 17.36
C GLU B 136 51.66 -45.45 17.55
N LYS B 137 52.63 -45.55 18.44
CA LYS B 137 53.56 -44.45 18.70
C LYS B 137 54.85 -44.72 17.96
N TYR B 138 54.80 -44.52 16.64
CA TYR B 138 56.00 -44.62 15.83
C TYR B 138 56.95 -43.47 16.15
N ARG B 139 58.07 -43.47 15.45
CA ARG B 139 58.99 -42.35 15.39
C ARG B 139 59.07 -41.76 13.99
N HIS B 140 58.33 -42.31 13.03
CA HIS B 140 58.55 -41.98 11.64
C HIS B 140 57.43 -42.54 10.77
N PRO B 141 57.05 -41.90 9.67
CA PRO B 141 55.96 -42.45 8.87
C PRO B 141 56.43 -43.62 8.02
N PRO B 142 55.66 -44.69 7.93
CA PRO B 142 56.05 -45.82 7.08
C PRO B 142 55.63 -45.61 5.63
N GLU B 143 55.88 -46.65 4.83
CA GLU B 143 55.47 -46.69 3.44
C GLU B 143 54.05 -47.19 3.26
N HIS B 144 53.53 -47.92 4.23
CA HIS B 144 52.25 -48.62 4.10
C HIS B 144 51.45 -48.39 5.36
N GLY B 145 50.35 -49.12 5.50
CA GLY B 145 49.43 -48.96 6.60
C GLY B 145 48.18 -48.20 6.18
N VAL B 146 47.27 -48.10 7.13
CA VAL B 146 46.00 -47.47 6.89
C VAL B 146 46.17 -45.96 6.81
N GLU B 147 45.28 -45.30 6.08
CA GLU B 147 45.18 -43.85 6.08
C GLU B 147 44.08 -43.43 7.05
N LEU B 148 44.33 -42.34 7.75
CA LEU B 148 43.38 -41.85 8.75
C LEU B 148 43.71 -40.39 9.03
N PRO B 149 42.79 -39.65 9.63
CA PRO B 149 42.81 -38.19 9.52
C PRO B 149 43.88 -37.50 10.35
N CYS B 150 45.05 -37.30 9.76
CA CYS B 150 46.11 -36.58 10.43
C CYS B 150 45.96 -35.08 10.23
N ASN B 151 46.79 -34.35 10.97
CA ASN B 151 46.95 -32.91 10.84
C ASN B 151 48.30 -32.62 10.22
N ARG B 152 48.32 -31.70 9.27
CA ARG B 152 49.45 -31.58 8.37
C ARG B 152 49.30 -30.29 7.59
N TYR B 153 50.43 -29.79 7.10
CA TYR B 153 50.47 -28.57 6.31
C TYR B 153 50.56 -28.88 4.83
N THR B 154 50.14 -27.90 4.03
CA THR B 154 50.00 -28.11 2.60
C THR B 154 51.34 -27.96 1.90
N HIS B 155 51.36 -28.40 0.65
CA HIS B 155 52.47 -28.08 -0.22
C HIS B 155 52.36 -26.67 -0.79
N LYS B 156 51.15 -26.11 -0.83
CA LYS B 156 50.83 -25.09 -1.79
C LYS B 156 50.89 -23.69 -1.19
N ARG B 157 50.63 -22.72 -2.05
CA ARG B 157 50.67 -21.29 -1.76
C ARG B 157 49.31 -20.61 -1.90
N ALA B 158 48.44 -21.12 -2.77
CA ALA B 158 47.15 -20.49 -3.07
C ALA B 158 46.29 -20.65 -1.83
N ASP B 159 46.54 -19.80 -0.85
CA ASP B 159 46.17 -20.06 0.53
C ASP B 159 45.80 -18.76 1.20
N GLN B 160 44.65 -18.77 1.86
CA GLN B 160 44.12 -17.59 2.52
C GLN B 160 43.50 -17.93 3.88
N GLY B 161 43.53 -19.19 4.30
CA GLY B 161 42.79 -19.63 5.48
C GLY B 161 43.10 -18.84 6.73
N HIS B 162 44.28 -18.24 6.81
CA HIS B 162 44.60 -17.28 7.84
C HIS B 162 45.50 -16.21 7.26
N TYR B 163 45.65 -15.13 8.02
CA TYR B 163 46.60 -14.09 7.66
C TYR B 163 47.12 -13.48 8.95
N VAL B 164 48.40 -13.21 8.95
CA VAL B 164 49.07 -12.59 10.09
C VAL B 164 49.32 -11.13 9.74
N GLU B 165 49.27 -10.29 10.77
CA GLU B 165 49.61 -8.88 10.60
C GLU B 165 51.05 -8.76 10.14
N MET B 166 51.27 -7.96 9.09
CA MET B 166 52.63 -7.64 8.66
C MET B 166 52.68 -6.16 8.30
N HIS B 167 52.87 -5.32 9.30
CA HIS B 167 53.04 -3.89 9.10
C HIS B 167 54.54 -3.58 9.05
N GLN B 168 54.87 -2.29 9.17
CA GLN B 168 56.14 -1.79 8.69
C GLN B 168 57.28 -2.35 9.53
N PRO B 169 58.51 -2.12 9.08
CA PRO B 169 59.64 -2.20 10.00
C PRO B 169 59.79 -0.91 10.75
N GLY B 170 60.33 -1.02 11.96
CA GLY B 170 60.93 0.12 12.58
C GLY B 170 62.23 0.44 11.89
N LEU B 171 62.95 1.38 12.47
CA LEU B 171 64.27 1.70 11.96
C LEU B 171 65.20 0.51 12.14
N VAL B 172 66.41 0.66 11.62
CA VAL B 172 67.49 -0.29 11.89
C VAL B 172 68.78 0.49 11.99
N ALA B 173 69.75 -0.09 12.67
CA ALA B 173 71.08 0.51 12.77
C ALA B 173 71.84 0.30 11.47
N ASP B 174 72.64 1.29 11.09
CA ASP B 174 73.63 1.06 10.03
C ASP B 174 74.74 2.10 10.22
N HIS B 175 75.79 1.71 10.94
CA HIS B 175 76.90 2.60 11.18
C HIS B 175 77.89 2.63 10.04
N SER B 176 77.66 1.86 8.98
CA SER B 176 78.36 2.11 7.73
C SER B 176 78.04 3.49 7.20
N LEU B 177 76.85 4.01 7.52
CA LEU B 177 76.50 5.37 7.14
C LEU B 177 77.45 6.38 7.76
N LEU B 178 77.62 6.32 9.08
CA LEU B 178 78.29 7.37 9.82
C LEU B 178 79.78 7.32 9.54
N SER B 179 80.14 7.84 8.37
CA SER B 179 81.53 8.03 8.00
C SER B 179 82.04 9.31 8.68
N ILE B 180 83.19 9.81 8.24
CA ILE B 180 83.80 11.01 8.79
C ILE B 180 84.01 12.01 7.65
N HIS B 181 83.61 13.25 7.88
CA HIS B 181 83.88 14.38 6.97
C HIS B 181 85.21 15.05 7.29
N SER B 182 86.24 14.23 7.46
CA SER B 182 87.63 14.61 7.69
C SER B 182 87.90 15.28 9.04
N ALA B 183 86.87 15.79 9.71
CA ALA B 183 86.90 16.02 11.16
C ALA B 183 85.57 15.74 11.85
N LYS B 184 84.47 15.68 11.11
CA LYS B 184 83.13 15.55 11.65
C LYS B 184 82.55 14.22 11.21
N VAL B 185 81.63 13.69 12.00
CA VAL B 185 81.01 12.42 11.64
C VAL B 185 79.94 12.66 10.60
N LYS B 186 79.98 11.88 9.53
CA LYS B 186 79.29 12.12 8.28
C LYS B 186 78.30 10.99 8.04
N ILE B 187 77.04 11.32 8.06
CA ILE B 187 75.99 10.37 7.72
C ILE B 187 75.71 10.48 6.23
N THR B 188 75.23 9.38 5.64
CA THR B 188 74.75 9.38 4.26
C THR B 188 73.38 8.73 4.22
N VAL B 189 72.89 8.43 3.02
CA VAL B 189 71.55 7.85 2.85
C VAL B 189 71.62 6.73 1.82
N PRO B 190 70.73 5.72 1.95
CA PRO B 190 70.70 4.67 0.93
C PRO B 190 70.37 5.15 -0.48
N SER B 191 69.16 5.69 -0.63
CA SER B 191 68.62 6.07 -1.93
C SER B 191 67.78 7.33 -1.79
N GLY B 192 68.07 8.16 -0.80
CA GLY B 192 67.14 9.15 -0.33
C GLY B 192 66.25 8.66 0.79
N ALA B 193 66.56 7.51 1.40
CA ALA B 193 65.77 7.01 2.50
C ALA B 193 65.86 7.96 3.68
N GLN B 194 65.04 7.69 4.69
CA GLN B 194 64.80 8.60 5.79
C GLN B 194 65.68 8.19 6.96
N VAL B 195 66.71 9.00 7.22
CA VAL B 195 67.73 8.68 8.22
C VAL B 195 67.51 9.58 9.42
N LYS B 196 67.32 8.95 10.58
CA LYS B 196 66.83 9.60 11.79
C LYS B 196 68.04 9.85 12.69
N TYR B 197 68.41 11.12 12.88
CA TYR B 197 69.79 11.47 13.26
C TYR B 197 69.88 12.61 14.28
N TYR B 198 70.86 12.48 15.19
CA TYR B 198 71.37 13.44 16.18
C TYR B 198 72.47 12.67 16.88
N CYS B 199 73.24 13.37 17.72
CA CYS B 199 74.30 12.75 18.50
C CYS B 199 74.10 13.13 19.95
N LYS B 200 74.93 12.58 20.84
CA LYS B 200 74.80 12.94 22.25
C LYS B 200 74.97 14.45 22.44
N CYS B 201 75.86 15.05 21.66
CA CYS B 201 76.03 16.49 21.68
C CYS B 201 74.77 17.13 21.08
N PRO B 202 74.66 18.46 21.14
CA PRO B 202 73.58 19.13 20.39
C PRO B 202 73.91 19.47 18.94
N ASP B 203 73.23 18.83 18.00
CA ASP B 203 73.26 19.09 16.57
C ASP B 203 71.86 18.79 16.01
N VAL B 204 71.75 18.49 14.70
CA VAL B 204 70.47 18.21 14.05
C VAL B 204 69.71 17.13 14.82
N ARG B 205 68.44 17.40 15.17
CA ARG B 205 67.76 16.60 16.18
C ARG B 205 66.78 15.57 15.65
N GLU B 206 66.17 15.74 14.48
CA GLU B 206 65.34 14.67 13.92
C GLU B 206 66.14 13.82 12.93
N GLY B 207 66.45 14.41 11.80
CA GLY B 207 67.05 13.71 10.68
C GLY B 207 65.94 13.20 9.80
N ILE B 208 65.57 13.96 8.79
CA ILE B 208 64.78 13.46 7.66
C ILE B 208 65.41 14.12 6.45
N THR B 209 66.43 13.48 5.86
CA THR B 209 67.40 14.22 5.08
C THR B 209 68.03 13.34 4.02
N SER B 210 68.76 14.01 3.13
CA SER B 210 69.81 13.39 2.34
C SER B 210 71.05 13.29 3.22
N SER B 211 72.21 13.05 2.61
CA SER B 211 73.46 12.94 3.36
C SER B 211 73.77 14.21 4.12
N ASP B 212 73.66 14.17 5.44
CA ASP B 212 74.04 15.27 6.31
C ASP B 212 75.47 15.09 6.80
N HIS B 213 75.99 16.16 7.37
CA HIS B 213 77.17 16.15 8.19
C HIS B 213 76.73 16.28 9.65
N THR B 214 77.69 16.47 10.54
CA THR B 214 77.43 16.69 11.96
C THR B 214 78.33 17.80 12.44
N THR B 215 77.76 18.96 12.72
CA THR B 215 78.57 20.08 13.18
C THR B 215 79.22 19.76 14.52
N THR B 216 78.45 19.24 15.47
CA THR B 216 78.88 19.24 16.87
C THR B 216 79.75 18.03 17.24
N CYS B 217 79.15 16.84 17.25
CA CYS B 217 79.89 15.66 17.69
C CYS B 217 80.86 15.22 16.60
N THR B 218 81.79 14.36 17.01
CA THR B 218 82.85 13.83 16.16
C THR B 218 82.87 12.31 16.14
N ASP B 219 82.59 11.68 17.27
CA ASP B 219 82.74 10.24 17.38
C ASP B 219 81.56 9.54 16.73
N VAL B 220 81.86 8.52 15.95
CA VAL B 220 80.83 7.68 15.34
C VAL B 220 79.98 7.01 16.42
N LYS B 221 80.56 6.76 17.59
CA LYS B 221 79.95 5.93 18.62
C LYS B 221 78.99 6.69 19.52
N GLN B 222 78.56 7.88 19.13
CA GLN B 222 77.64 8.67 19.95
C GLN B 222 76.59 9.33 19.09
N CYS B 223 76.14 8.61 18.04
CA CYS B 223 75.23 9.19 17.05
C CYS B 223 74.19 8.17 16.63
N ARG B 224 73.15 8.70 15.96
CA ARG B 224 71.95 7.95 15.64
C ARG B 224 71.99 7.53 14.16
N ALA B 225 72.61 6.38 13.90
CA ALA B 225 72.61 5.79 12.56
C ALA B 225 71.33 4.98 12.40
N TYR B 226 70.32 5.57 11.78
CA TYR B 226 69.00 4.98 11.68
C TYR B 226 68.56 4.94 10.22
N LEU B 227 67.66 4.00 9.92
CA LEU B 227 67.12 3.81 8.57
C LEU B 227 65.61 3.61 8.68
N ILE B 228 64.87 4.70 8.62
CA ILE B 228 63.43 4.61 8.38
C ILE B 228 63.29 4.38 6.88
N ASP B 229 63.11 3.12 6.49
CA ASP B 229 63.11 2.68 5.10
C ASP B 229 61.84 1.89 4.82
N ASN B 230 60.71 2.47 5.22
CA ASN B 230 59.44 1.76 5.20
C ASN B 230 58.77 1.79 3.84
N LYS B 231 59.52 1.44 2.80
CA LYS B 231 58.94 1.19 1.48
C LYS B 231 58.43 -0.24 1.34
N LYS B 232 58.85 -1.13 2.23
CA LYS B 232 58.38 -2.52 2.23
C LYS B 232 58.16 -2.96 3.66
N TRP B 233 56.98 -3.52 3.91
CA TRP B 233 56.62 -3.95 5.26
C TRP B 233 57.42 -5.19 5.64
N VAL B 234 57.17 -5.70 6.85
CA VAL B 234 57.87 -6.86 7.39
C VAL B 234 56.91 -7.76 8.14
N TYR B 235 57.44 -8.92 8.52
CA TYR B 235 56.77 -9.71 9.54
C TYR B 235 56.97 -9.06 10.89
N ASN B 236 55.99 -9.21 11.75
CA ASN B 236 55.98 -8.56 13.05
C ASN B 236 56.64 -9.47 14.08
N SER B 237 57.91 -9.73 13.82
CA SER B 237 58.72 -10.55 14.71
C SER B 237 58.83 -9.91 16.08
N GLY B 238 58.93 -10.75 17.09
CA GLY B 238 59.32 -10.26 18.40
C GLY B 238 60.70 -9.65 18.38
N ARG B 239 61.55 -10.08 17.45
CA ARG B 239 62.89 -9.53 17.31
C ARG B 239 62.94 -8.37 16.32
N LEU B 240 61.84 -7.64 16.21
CA LEU B 240 61.70 -6.40 15.47
C LEU B 240 61.59 -5.23 16.43
N PRO B 241 62.25 -4.11 16.17
CA PRO B 241 61.87 -2.88 16.87
C PRO B 241 60.68 -2.22 16.19
N ARG B 242 59.74 -1.77 17.02
CA ARG B 242 58.51 -1.16 16.53
C ARG B 242 58.81 0.02 15.63
N GLY B 243 58.05 0.13 14.55
CA GLY B 243 57.95 1.38 13.84
C GLY B 243 57.01 2.28 14.61
N GLU B 244 57.60 3.25 15.33
CA GLU B 244 56.88 3.96 16.37
C GLU B 244 55.73 4.79 15.84
N GLY B 245 55.72 5.09 14.54
CA GLY B 245 54.77 6.05 14.03
C GLY B 245 53.34 5.56 14.07
N ASP B 246 53.12 4.31 13.62
CA ASP B 246 51.77 3.91 13.27
C ASP B 246 51.72 2.40 13.06
N THR B 247 50.52 1.87 13.18
CA THR B 247 50.17 0.55 12.66
C THR B 247 49.83 0.69 11.17
N PHE B 248 50.86 0.71 10.33
CA PHE B 248 50.57 0.69 8.90
C PHE B 248 49.86 -0.59 8.50
N LYS B 249 49.27 -0.57 7.30
CA LYS B 249 48.61 -1.70 6.67
C LYS B 249 49.66 -2.75 6.31
N GLY B 250 49.20 -3.82 5.67
CA GLY B 250 50.02 -4.97 5.34
C GLY B 250 49.54 -6.26 5.98
N LYS B 251 48.23 -6.43 6.08
CA LYS B 251 47.67 -7.73 6.41
C LYS B 251 48.04 -8.72 5.32
N LEU B 252 48.67 -9.83 5.71
CA LEU B 252 49.27 -10.74 4.76
C LEU B 252 49.05 -12.17 5.19
N HIS B 253 48.69 -13.01 4.21
CA HIS B 253 48.24 -14.37 4.44
C HIS B 253 49.31 -15.24 5.06
N VAL B 254 48.94 -16.47 5.37
CA VAL B 254 49.88 -17.56 5.62
C VAL B 254 49.67 -18.59 4.52
N PRO B 255 50.73 -19.07 3.88
CA PRO B 255 50.57 -20.20 2.95
C PRO B 255 50.20 -21.51 3.62
N PHE B 256 51.03 -21.92 4.56
CA PHE B 256 51.02 -23.29 5.04
C PHE B 256 50.01 -23.40 6.17
N VAL B 257 48.75 -23.52 5.75
CA VAL B 257 47.64 -23.70 6.68
C VAL B 257 47.73 -25.14 7.16
N PRO B 258 47.39 -25.44 8.41
CA PRO B 258 47.22 -26.84 8.81
C PRO B 258 45.92 -27.38 8.24
N VAL B 259 46.02 -28.49 7.51
CA VAL B 259 44.89 -29.06 6.79
C VAL B 259 44.67 -30.49 7.24
N LYS B 260 43.49 -31.00 6.90
CA LYS B 260 43.07 -32.34 7.31
C LYS B 260 43.45 -33.35 6.23
N ALA B 261 44.75 -33.44 6.02
CA ALA B 261 45.26 -34.51 5.18
C ALA B 261 45.08 -35.83 5.89
N LYS B 262 44.87 -36.88 5.10
CA LYS B 262 44.97 -38.24 5.59
C LYS B 262 46.39 -38.68 5.34
N CYS B 263 47.22 -38.61 6.37
CA CYS B 263 48.58 -39.11 6.23
C CYS B 263 48.55 -40.58 5.86
N ILE B 264 49.42 -40.94 4.94
CA ILE B 264 49.87 -42.32 4.89
C ILE B 264 50.36 -42.61 6.30
N ALA B 265 49.87 -43.68 6.91
CA ALA B 265 49.93 -43.72 8.36
C ALA B 265 50.20 -45.13 8.85
N THR B 266 50.03 -45.30 10.16
CA THR B 266 50.61 -46.39 10.91
C THR B 266 49.76 -47.64 10.75
N LEU B 267 50.32 -48.74 11.23
CA LEU B 267 49.64 -50.01 11.29
C LEU B 267 50.55 -50.93 12.08
N ALA B 268 49.98 -51.63 13.02
CA ALA B 268 50.74 -52.53 13.86
C ALA B 268 50.51 -53.98 13.42
N PRO B 269 51.52 -54.85 13.52
CA PRO B 269 51.34 -56.23 13.05
C PRO B 269 50.19 -56.94 13.72
N GLU B 270 49.58 -57.84 12.97
CA GLU B 270 48.34 -58.45 13.42
C GLU B 270 48.58 -59.25 14.69
N PRO B 271 47.56 -59.42 15.52
CA PRO B 271 47.72 -60.23 16.73
C PRO B 271 47.65 -61.72 16.45
N LEU B 272 48.05 -62.49 17.45
CA LEU B 272 47.90 -63.94 17.44
C LEU B 272 46.75 -64.25 18.37
N VAL B 273 45.60 -64.55 17.80
CA VAL B 273 44.43 -64.86 18.61
C VAL B 273 44.55 -66.30 19.10
N GLU B 274 44.28 -66.48 20.37
CA GLU B 274 44.35 -67.80 21.01
C GLU B 274 43.12 -67.93 21.89
N HIS B 275 42.43 -69.04 21.74
CA HIS B 275 41.23 -69.30 22.51
C HIS B 275 41.53 -69.84 23.89
N LYS B 276 40.74 -69.41 24.86
CA LYS B 276 40.56 -70.15 26.10
C LYS B 276 39.10 -69.95 26.54
N HIS B 277 38.77 -70.57 27.67
CA HIS B 277 37.41 -70.51 28.21
C HIS B 277 37.10 -69.10 28.66
N ARG B 278 36.29 -68.40 27.86
CA ARG B 278 35.87 -67.03 28.16
C ARG B 278 37.09 -66.13 28.38
N THR B 279 38.17 -66.41 27.68
CA THR B 279 39.42 -65.73 27.90
C THR B 279 40.22 -65.71 26.61
N LEU B 280 40.69 -64.54 26.24
CA LEU B 280 41.59 -64.37 25.10
C LEU B 280 43.01 -64.29 25.62
N ILE B 281 43.75 -65.39 25.50
CA ILE B 281 45.19 -65.25 25.47
C ILE B 281 45.54 -64.64 24.13
N LEU B 282 46.48 -63.70 24.16
CA LEU B 282 46.93 -63.04 22.95
C LEU B 282 48.45 -62.89 23.07
N HIS B 283 49.18 -63.81 22.46
CA HIS B 283 50.58 -63.55 22.23
C HIS B 283 50.70 -62.42 21.22
N LEU B 284 51.46 -61.38 21.56
CA LEU B 284 51.42 -60.14 20.81
C LEU B 284 52.83 -59.61 20.66
N HIS B 285 53.05 -58.96 19.54
CA HIS B 285 54.39 -58.68 19.07
C HIS B 285 54.37 -57.50 18.12
N PRO B 286 54.45 -56.28 18.63
CA PRO B 286 54.35 -55.10 17.78
C PRO B 286 55.66 -54.68 17.15
N ASP B 287 55.57 -53.66 16.31
CA ASP B 287 56.72 -52.97 15.73
C ASP B 287 57.18 -51.83 16.63
N HIS B 288 56.22 -51.12 17.20
CA HIS B 288 56.47 -49.90 17.94
C HIS B 288 55.51 -49.87 19.12
N PRO B 289 55.63 -48.92 20.04
CA PRO B 289 54.69 -48.86 21.16
C PRO B 289 53.27 -48.62 20.65
N THR B 290 52.41 -49.57 20.95
CA THR B 290 51.03 -49.59 20.48
C THR B 290 50.10 -49.49 21.67
N LEU B 291 49.19 -48.52 21.64
CA LEU B 291 48.18 -48.41 22.68
C LEU B 291 47.07 -49.39 22.36
N LEU B 292 47.03 -50.47 23.12
CA LEU B 292 45.92 -51.39 23.05
C LEU B 292 44.86 -50.98 24.05
N THR B 293 43.60 -51.25 23.71
CA THR B 293 42.53 -51.03 24.66
C THR B 293 41.28 -51.75 24.22
N THR B 294 40.38 -51.95 25.20
CA THR B 294 39.20 -52.80 25.04
C THR B 294 38.02 -52.17 25.73
N ARG B 295 36.85 -52.81 25.57
CA ARG B 295 35.61 -52.35 26.20
C ARG B 295 34.73 -53.56 26.46
N SER B 296 34.75 -54.09 27.66
CA SER B 296 33.83 -55.16 27.97
C SER B 296 32.42 -54.60 27.91
N LEU B 297 31.66 -55.06 26.93
CA LEU B 297 30.45 -54.38 26.52
C LEU B 297 29.30 -54.50 27.51
N GLY B 298 29.49 -55.13 28.65
CA GLY B 298 28.51 -55.00 29.70
C GLY B 298 28.35 -53.56 30.10
N SER B 299 27.24 -53.26 30.77
CA SER B 299 27.11 -51.95 31.38
C SER B 299 28.21 -51.71 32.39
N ASP B 300 28.81 -52.77 32.93
CA ASP B 300 30.15 -52.70 33.47
C ASP B 300 31.13 -52.63 32.31
N ALA B 301 31.71 -51.45 32.09
CA ALA B 301 32.62 -51.28 30.97
C ALA B 301 33.88 -52.11 31.15
N ASN B 302 34.54 -51.95 32.30
CA ASN B 302 35.84 -52.54 32.62
C ASN B 302 36.83 -52.47 31.45
N PRO B 303 37.20 -51.27 31.02
CA PRO B 303 38.18 -51.13 29.94
C PRO B 303 39.60 -51.29 30.46
N THR B 304 40.52 -51.33 29.50
CA THR B 304 41.93 -51.47 29.78
C THR B 304 42.69 -50.64 28.76
N ARG B 305 43.82 -50.08 29.19
CA ARG B 305 44.72 -49.36 28.32
C ARG B 305 46.14 -49.75 28.68
N GLN B 306 46.96 -50.03 27.68
CA GLN B 306 48.38 -50.13 27.92
C GLN B 306 49.13 -50.01 26.61
N TRP B 307 50.04 -49.04 26.55
CA TRP B 307 51.00 -49.01 25.47
C TRP B 307 51.85 -50.27 25.51
N ILE B 308 51.94 -50.94 24.38
CA ILE B 308 52.73 -52.16 24.26
C ILE B 308 53.77 -51.90 23.20
N GLU B 309 55.03 -51.91 23.63
CA GLU B 309 56.18 -51.96 22.74
C GLU B 309 56.96 -53.24 22.88
N ARG B 310 57.01 -53.78 24.05
CA ARG B 310 57.65 -55.05 24.27
C ARG B 310 56.65 -56.16 23.97
N PRO B 311 57.02 -57.17 23.18
CA PRO B 311 56.07 -58.26 22.90
C PRO B 311 55.63 -58.95 24.17
N THR B 312 54.34 -59.20 24.26
CA THR B 312 53.73 -59.62 25.51
C THR B 312 52.53 -60.49 25.24
N THR B 313 52.49 -61.64 25.89
CA THR B 313 51.27 -62.43 25.96
C THR B 313 50.39 -61.85 27.04
N VAL B 314 49.20 -61.41 26.65
CA VAL B 314 48.26 -60.75 27.54
C VAL B 314 47.02 -61.61 27.71
N ASN B 315 46.07 -61.14 28.51
CA ASN B 315 44.86 -61.87 28.79
C ASN B 315 43.71 -60.90 28.93
N PHE B 316 42.51 -61.40 28.64
CA PHE B 316 41.30 -60.59 28.70
C PHE B 316 40.15 -61.51 29.12
N THR B 317 39.61 -61.26 30.31
CA THR B 317 38.44 -62.00 30.76
C THR B 317 37.25 -61.53 29.95
N VAL B 318 36.98 -62.20 28.85
CA VAL B 318 35.81 -61.87 28.06
C VAL B 318 34.58 -62.42 28.77
N THR B 319 33.50 -61.69 28.65
CA THR B 319 32.23 -62.01 29.27
C THR B 319 31.35 -62.77 28.30
N GLY B 320 30.09 -62.94 28.67
CA GLY B 320 29.18 -63.67 27.81
C GLY B 320 28.78 -62.86 26.59
N GLU B 321 28.52 -61.57 26.77
CA GLU B 321 27.90 -60.80 25.70
C GLU B 321 28.91 -60.32 24.67
N GLY B 322 30.12 -60.02 25.07
CA GLY B 322 31.15 -59.71 24.10
C GLY B 322 32.21 -58.77 24.65
N LEU B 323 33.30 -58.69 23.90
CA LEU B 323 34.38 -57.74 24.12
C LEU B 323 34.83 -57.23 22.77
N GLU B 324 35.49 -56.07 22.76
CA GLU B 324 36.12 -55.58 21.55
C GLU B 324 37.58 -55.24 21.85
N TYR B 325 38.35 -55.15 20.77
CA TYR B 325 39.79 -55.29 20.80
C TYR B 325 40.41 -54.43 19.71
N THR B 326 41.39 -53.61 20.08
CA THR B 326 41.87 -52.51 19.25
C THR B 326 43.39 -52.53 19.12
N TRP B 327 43.88 -53.35 18.19
CA TRP B 327 45.31 -53.51 18.00
C TRP B 327 45.87 -52.28 17.28
N GLY B 328 46.05 -51.22 18.04
CA GLY B 328 46.52 -50.03 17.39
C GLY B 328 45.43 -49.48 16.50
N ASN B 329 45.82 -48.62 15.57
CA ASN B 329 44.87 -48.07 14.62
C ASN B 329 44.38 -49.10 13.62
N HIS B 330 44.87 -50.33 13.68
CA HIS B 330 44.16 -51.43 13.06
C HIS B 330 42.72 -51.43 13.56
N PRO B 331 41.73 -51.78 12.73
CA PRO B 331 40.35 -51.57 13.12
C PRO B 331 39.98 -52.35 14.36
N PRO B 332 38.90 -51.95 15.04
CA PRO B 332 38.50 -52.67 16.25
C PRO B 332 37.89 -54.02 15.93
N LYS B 333 38.34 -55.04 16.64
CA LYS B 333 37.77 -56.37 16.54
C LYS B 333 36.66 -56.52 17.57
N ARG B 334 35.99 -57.66 17.51
CA ARG B 334 34.89 -57.97 18.40
C ARG B 334 34.89 -59.48 18.57
N VAL B 335 34.32 -59.97 19.67
CA VAL B 335 34.44 -61.40 19.99
C VAL B 335 33.23 -61.91 20.77
N TRP B 336 32.62 -63.01 20.29
CA TRP B 336 31.66 -63.78 21.08
C TRP B 336 32.48 -64.74 21.90
N ALA B 337 32.39 -64.60 23.21
CA ALA B 337 32.84 -65.62 24.14
C ALA B 337 31.62 -65.99 24.95
N GLN B 338 30.88 -66.95 24.42
CA GLN B 338 29.98 -67.72 25.25
C GLN B 338 30.82 -68.79 25.93
N GLN C 1 74.17 37.52 -7.31
CA GLN C 1 73.42 36.39 -6.81
C GLN C 1 73.61 36.40 -5.33
N ILE C 2 74.58 35.69 -4.72
CA ILE C 2 74.66 35.65 -3.26
C ILE C 2 75.52 36.79 -2.79
N GLN C 3 75.08 37.65 -1.88
CA GLN C 3 75.88 38.74 -1.37
C GLN C 3 75.68 38.64 0.13
N LEU C 4 76.72 38.62 0.93
CA LEU C 4 76.53 38.72 2.35
C LEU C 4 77.25 40.05 2.54
N VAL C 5 76.53 41.06 3.02
CA VAL C 5 77.12 42.37 3.20
C VAL C 5 77.10 42.59 4.71
N GLN C 6 78.21 43.04 5.28
CA GLN C 6 78.32 43.09 6.72
C GLN C 6 78.27 44.51 7.21
N SER C 7 78.06 44.75 8.52
CA SER C 7 78.13 46.11 9.01
C SER C 7 79.55 46.66 8.88
N GLY C 8 79.64 47.98 9.07
CA GLY C 8 80.90 48.66 9.00
C GLY C 8 81.69 48.45 10.28
N ARG C 9 82.94 48.89 10.32
CA ARG C 9 83.93 48.50 11.32
C ARG C 9 83.77 49.26 12.65
N GLU C 10 83.73 48.69 13.85
CA GLU C 10 83.64 49.56 14.99
C GLU C 10 84.82 49.65 15.88
N VAL C 11 84.75 50.76 16.60
CA VAL C 11 85.67 51.07 17.67
C VAL C 11 84.87 50.92 18.94
N LYS C 12 85.39 50.31 20.00
CA LYS C 12 84.68 50.14 21.28
C LYS C 12 85.74 50.06 22.40
N ASN C 13 85.58 50.72 23.57
CA ASN C 13 86.57 50.73 24.65
C ASN C 13 86.34 49.40 25.39
N PRO C 14 87.33 48.82 26.08
CA PRO C 14 87.16 47.56 26.77
C PRO C 14 85.93 47.57 27.67
N GLY C 15 85.29 46.41 27.68
CA GLY C 15 84.11 46.22 28.49
C GLY C 15 82.82 46.31 27.71
N GLU C 16 82.77 47.13 26.66
CA GLU C 16 81.57 47.25 25.84
C GLU C 16 81.04 46.01 25.10
N THR C 17 79.93 46.13 24.38
CA THR C 17 79.27 45.05 23.63
C THR C 17 79.19 45.49 22.17
N VAL C 18 79.19 44.58 21.22
CA VAL C 18 78.99 44.96 19.84
C VAL C 18 78.07 43.96 19.15
N LYS C 19 77.23 44.48 18.25
CA LYS C 19 76.38 43.63 17.47
C LYS C 19 76.76 43.91 16.02
N ILE C 20 77.33 42.88 15.37
CA ILE C 20 77.78 42.88 13.99
C ILE C 20 76.68 42.17 13.17
N SER C 21 76.10 42.84 12.19
CA SER C 21 75.11 42.25 11.31
C SER C 21 75.72 41.69 10.05
N CYS C 22 75.03 40.67 9.49
CA CYS C 22 75.33 40.00 8.23
C CYS C 22 74.00 39.84 7.49
N LYS C 23 73.76 40.63 6.42
CA LYS C 23 72.51 40.68 5.67
C LYS C 23 72.76 39.81 4.44
N ALA C 24 71.94 38.78 4.26
CA ALA C 24 72.15 37.80 3.22
C ALA C 24 71.34 38.07 1.98
N SER C 25 71.88 37.85 0.79
CA SER C 25 71.13 38.06 -0.42
C SER C 25 71.38 36.91 -1.38
N GLY C 26 70.39 36.58 -2.19
CA GLY C 26 70.57 35.59 -3.23
C GLY C 26 70.17 34.19 -2.88
N TYR C 27 70.06 33.79 -1.63
CA TYR C 27 69.65 32.42 -1.35
C TYR C 27 68.44 32.32 -0.43
N THR C 28 67.88 31.15 -0.16
CA THR C 28 66.81 31.12 0.81
C THR C 28 67.45 30.82 2.15
N PHE C 29 67.54 31.90 2.92
CA PHE C 29 68.17 31.98 4.24
C PHE C 29 68.16 30.72 5.10
N THR C 30 66.94 30.19 5.08
CA THR C 30 66.47 29.03 5.79
C THR C 30 67.03 27.66 5.47
N GLU C 31 67.58 27.51 4.28
CA GLU C 31 68.12 26.22 3.93
C GLU C 31 69.63 26.22 4.07
N TYR C 32 70.26 27.32 4.48
CA TYR C 32 71.71 27.45 4.62
C TYR C 32 72.09 28.27 5.85
N PRO C 33 72.72 27.60 6.78
CA PRO C 33 73.07 28.23 8.03
C PRO C 33 74.34 29.04 7.89
N MET C 34 74.73 29.77 8.96
CA MET C 34 75.86 30.71 8.97
C MET C 34 77.00 30.43 9.90
N LEU C 35 78.17 30.50 9.29
CA LEU C 35 79.46 30.27 9.90
C LEU C 35 79.99 31.57 10.35
N TRP C 36 80.61 31.74 11.52
CA TRP C 36 81.18 33.02 11.89
C TRP C 36 82.63 32.74 12.07
N VAL C 37 83.53 33.44 11.41
CA VAL C 37 84.95 33.10 11.41
C VAL C 37 85.68 34.34 11.92
N LYS C 38 86.75 34.16 12.69
CA LYS C 38 87.54 35.28 13.22
C LYS C 38 88.89 35.24 12.54
N GLN C 39 89.36 36.27 11.88
CA GLN C 39 90.67 36.25 11.28
C GLN C 39 91.28 37.36 12.09
N ALA C 40 92.14 36.86 12.93
CA ALA C 40 92.84 37.74 13.83
C ALA C 40 94.03 38.27 13.12
N PRO C 41 94.27 39.58 13.20
CA PRO C 41 95.44 40.28 12.65
C PRO C 41 96.66 39.50 12.24
N GLY C 42 97.25 38.73 13.14
CA GLY C 42 98.37 37.90 12.76
C GLY C 42 97.88 36.48 12.50
N LYS C 43 97.42 35.90 13.59
CA LYS C 43 97.02 34.50 13.69
C LYS C 43 96.34 33.71 12.56
N GLY C 44 95.70 34.25 11.52
CA GLY C 44 95.01 33.43 10.52
C GLY C 44 93.50 33.18 10.77
N PHE C 45 92.90 32.15 10.15
CA PHE C 45 91.46 31.98 10.20
C PHE C 45 91.03 30.97 11.27
N ARG C 46 89.93 31.26 12.00
CA ARG C 46 89.40 30.39 13.02
C ARG C 46 87.86 30.27 13.02
N TRP C 47 87.28 29.06 13.07
CA TRP C 47 85.83 28.88 13.08
C TRP C 47 85.30 29.29 14.45
N MET C 48 84.36 30.22 14.54
CA MET C 48 83.76 30.61 15.80
C MET C 48 82.50 29.81 16.12
N GLY C 49 81.87 29.14 15.15
CA GLY C 49 80.66 28.35 15.37
C GLY C 49 79.77 28.41 14.14
N LEU C 50 78.54 27.97 14.27
CA LEU C 50 77.59 27.88 13.18
C LEU C 50 76.17 28.04 13.80
N ILE C 51 75.29 28.68 13.05
CA ILE C 51 73.91 28.85 13.52
C ILE C 51 72.97 28.26 12.45
N TYR C 52 72.10 27.42 13.00
CA TYR C 52 71.07 26.77 12.23
C TYR C 52 70.01 27.82 11.91
N THR C 53 70.07 28.48 10.78
CA THR C 53 69.11 29.49 10.44
C THR C 53 67.69 28.96 10.26
N ASN C 54 67.48 27.68 10.50
CA ASN C 54 66.16 27.11 10.38
C ASN C 54 65.52 27.08 11.75
N THR C 55 66.09 26.32 12.70
CA THR C 55 65.62 26.21 14.09
C THR C 55 65.96 27.46 14.95
N GLY C 56 67.12 28.02 14.60
CA GLY C 56 67.78 29.04 15.38
C GLY C 56 68.86 28.44 16.32
N GLU C 57 69.24 27.14 16.48
CA GLU C 57 70.28 26.75 17.45
C GLU C 57 71.70 27.06 17.01
N PRO C 58 72.48 27.76 17.83
CA PRO C 58 73.90 28.00 17.65
C PRO C 58 74.84 26.95 18.18
N THR C 59 75.96 26.77 17.52
CA THR C 59 77.03 25.93 18.02
C THR C 59 78.14 26.96 18.26
N TYR C 60 78.89 26.89 19.33
CA TYR C 60 79.99 27.81 19.51
C TYR C 60 81.23 26.99 19.44
N ALA C 61 82.31 27.53 18.94
CA ALA C 61 83.57 26.80 19.08
C ALA C 61 83.90 26.86 20.57
N GLU C 62 84.60 25.95 21.24
CA GLU C 62 84.86 26.07 22.68
C GLU C 62 85.54 27.39 22.99
N GLU C 63 86.48 27.84 22.14
CA GLU C 63 87.13 29.14 22.33
C GLU C 63 86.14 30.32 22.45
N PHE C 64 84.88 30.13 22.00
CA PHE C 64 83.92 31.19 21.85
C PHE C 64 82.63 31.06 22.65
N LYS C 65 82.51 29.94 23.39
CA LYS C 65 81.33 29.71 24.22
C LYS C 65 81.42 30.74 25.37
N GLY C 66 80.50 31.70 25.59
CA GLY C 66 80.62 32.57 26.74
C GLY C 66 80.28 34.01 26.43
N ARG C 67 81.26 34.79 25.99
CA ARG C 67 80.99 36.17 25.59
C ARG C 67 80.34 36.30 24.24
N PHE C 68 80.41 35.25 23.44
CA PHE C 68 79.83 35.27 22.11
C PHE C 68 78.46 34.63 22.07
N VAL C 69 77.61 35.36 21.35
CA VAL C 69 76.21 35.06 21.12
C VAL C 69 75.70 35.34 19.70
N PHE C 70 75.36 34.28 18.93
CA PHE C 70 74.82 34.35 17.60
C PHE C 70 73.31 34.51 17.66
N SER C 71 72.69 35.29 16.80
CA SER C 71 71.23 35.41 16.77
C SER C 71 70.84 35.79 15.34
N LEU C 72 69.57 35.88 15.01
CA LEU C 72 69.26 36.22 13.64
C LEU C 72 67.99 36.99 13.44
N GLU C 73 67.96 38.01 12.61
CA GLU C 73 66.70 38.64 12.29
C GLU C 73 66.29 37.87 11.05
N ILE C 74 65.80 36.67 11.31
CA ILE C 74 65.30 35.69 10.34
C ILE C 74 64.59 36.32 9.15
N SER C 75 63.72 37.18 9.66
CA SER C 75 62.72 37.91 8.91
C SER C 75 63.29 38.84 7.86
N ALA C 76 64.54 39.21 8.08
CA ALA C 76 65.21 40.18 7.24
C ALA C 76 66.46 39.52 6.69
N SER C 77 66.60 38.19 6.84
CA SER C 77 67.76 37.50 6.36
C SER C 77 69.05 38.07 6.96
N THR C 78 69.01 38.36 8.26
CA THR C 78 70.22 38.83 8.91
C THR C 78 70.68 37.86 9.97
N ALA C 79 71.97 37.61 10.11
CA ALA C 79 72.55 36.81 11.19
C ALA C 79 73.36 37.83 11.92
N TYR C 80 73.59 37.68 13.24
CA TYR C 80 74.34 38.70 13.96
C TYR C 80 75.29 38.09 14.94
N LEU C 81 76.42 38.76 15.17
CA LEU C 81 77.39 38.30 16.11
C LEU C 81 77.36 39.30 17.22
N GLN C 82 77.29 38.86 18.48
CA GLN C 82 77.38 39.78 19.56
C GLN C 82 78.43 39.27 20.51
N ILE C 83 79.34 40.21 20.79
CA ILE C 83 80.49 39.98 21.63
C ILE C 83 80.26 40.98 22.73
N ASN C 84 80.09 40.40 23.91
CA ASN C 84 79.82 41.15 25.11
C ASN C 84 81.09 41.19 25.94
N ASN C 85 81.20 42.24 26.78
CA ASN C 85 82.32 42.47 27.70
C ASN C 85 83.62 42.29 26.93
N LEU C 86 83.72 43.22 25.98
CA LEU C 86 84.77 43.19 24.99
C LEU C 86 86.12 43.19 25.67
N THR C 87 86.98 42.31 25.20
CA THR C 87 88.32 42.24 25.72
C THR C 87 89.15 42.88 24.65
N ASN C 88 90.23 43.48 25.10
CA ASN C 88 91.13 44.17 24.18
C ASN C 88 91.69 43.24 23.09
N GLU C 89 91.91 41.94 23.38
CA GLU C 89 92.44 41.04 22.37
C GLU C 89 91.42 40.47 21.42
N ASP C 90 90.25 41.11 21.35
CA ASP C 90 89.23 40.72 20.39
C ASP C 90 89.37 41.59 19.15
N THR C 91 90.43 42.44 19.00
CA THR C 91 90.51 43.23 17.77
C THR C 91 90.94 42.25 16.69
N ALA C 92 90.16 42.32 15.63
CA ALA C 92 90.28 41.37 14.55
C ALA C 92 89.12 41.69 13.64
N THR C 93 88.97 40.87 12.60
CA THR C 93 87.93 40.98 11.59
C THR C 93 87.07 39.72 11.69
N TYR C 94 85.76 39.85 11.56
CA TYR C 94 84.88 38.73 11.71
C TYR C 94 84.15 38.67 10.39
N PHE C 95 84.05 37.47 9.86
CA PHE C 95 83.43 37.26 8.56
C PHE C 95 82.17 36.48 8.76
N CYS C 96 80.96 36.71 8.20
CA CYS C 96 79.93 35.65 8.10
C CYS C 96 80.15 34.87 6.79
N VAL C 97 79.64 33.65 6.76
CA VAL C 97 79.95 32.70 5.71
C VAL C 97 78.78 31.73 5.56
N ARG C 98 78.56 31.25 4.35
CA ARG C 98 77.43 30.33 4.11
C ARG C 98 77.97 28.90 4.09
N ASP C 99 77.38 28.00 4.87
CA ASP C 99 77.82 26.63 4.86
C ASP C 99 77.02 25.89 3.82
N TYR C 100 77.69 25.35 2.81
CA TYR C 100 77.00 24.64 1.73
C TYR C 100 78.04 23.89 0.93
N PHE C 101 77.61 22.86 0.20
CA PHE C 101 78.59 22.08 -0.52
C PHE C 101 79.70 21.50 0.32
N ILE C 102 79.36 20.92 1.47
CA ILE C 102 80.30 20.17 2.33
C ILE C 102 81.45 21.04 2.78
N SER C 103 81.19 22.34 2.87
CA SER C 103 82.21 23.32 3.30
C SER C 103 81.63 24.72 3.43
N LEU C 104 82.36 25.72 2.94
CA LEU C 104 81.82 27.08 2.99
C LEU C 104 81.97 27.53 1.57
N ASP C 105 80.91 28.14 0.99
CA ASP C 105 81.04 28.59 -0.44
C ASP C 105 81.16 30.08 -0.63
N TYR C 106 80.50 30.86 0.21
CA TYR C 106 80.60 32.31 0.07
C TYR C 106 81.03 32.88 1.42
N TRP C 107 81.90 33.88 1.38
CA TRP C 107 82.33 34.65 2.55
C TRP C 107 81.84 36.08 2.42
N GLY C 108 81.63 36.77 3.54
CA GLY C 108 81.18 38.17 3.54
C GLY C 108 82.38 39.11 3.31
N GLN C 109 82.13 40.49 3.43
CA GLN C 109 83.27 41.40 3.39
C GLN C 109 84.11 41.51 4.67
N GLY C 110 83.57 41.26 5.85
CA GLY C 110 84.33 41.39 7.09
C GLY C 110 83.88 42.62 7.83
N THR C 111 83.91 42.60 9.15
CA THR C 111 83.61 43.76 9.98
C THR C 111 84.78 43.66 10.96
N THR C 112 85.56 44.72 11.00
CA THR C 112 86.77 44.80 11.80
C THR C 112 86.51 45.54 13.10
N LEU C 113 86.91 45.03 14.27
CA LEU C 113 86.62 45.71 15.51
C LEU C 113 87.97 46.08 16.02
N THR C 114 88.00 47.32 16.53
CA THR C 114 89.19 47.80 17.20
C THR C 114 88.74 48.20 18.60
N VAL C 115 89.03 47.33 19.55
CA VAL C 115 88.79 47.52 20.96
C VAL C 115 89.84 48.48 21.48
N SER C 116 89.48 49.69 21.88
CA SER C 116 90.51 50.63 22.28
C SER C 116 89.94 51.82 23.02
N SER C 117 90.57 52.12 24.15
CA SER C 117 90.15 53.23 24.99
C SER C 117 90.50 54.57 24.35
N ALA C 118 89.54 55.49 24.35
CA ALA C 118 89.75 56.81 23.77
C ALA C 118 88.43 57.57 23.66
N LYS C 119 88.52 58.90 23.74
CA LYS C 119 87.33 59.75 23.65
C LYS C 119 86.81 59.82 22.22
N THR C 120 86.10 60.89 21.90
CA THR C 120 85.54 61.08 20.57
C THR C 120 85.99 62.40 19.97
N THR C 121 86.79 62.33 18.91
CA THR C 121 87.30 63.52 18.24
C THR C 121 86.82 63.54 16.79
N ALA C 122 86.16 64.62 16.41
CA ALA C 122 85.71 64.79 15.03
C ALA C 122 86.89 65.08 14.11
N PRO C 123 86.83 64.59 12.86
CA PRO C 123 87.90 64.82 11.90
C PRO C 123 87.89 66.24 11.31
N SER C 124 89.06 66.68 10.87
CA SER C 124 89.17 67.91 10.10
C SER C 124 89.40 67.50 8.64
N VAL C 125 88.53 67.99 7.76
CA VAL C 125 88.59 67.60 6.36
C VAL C 125 89.23 68.70 5.51
N TYR C 126 90.36 68.37 4.89
CA TYR C 126 91.13 69.35 4.13
C TYR C 126 91.23 68.98 2.65
N PRO C 127 90.95 69.95 1.77
CA PRO C 127 91.04 69.72 0.33
C PRO C 127 92.50 69.70 -0.12
N LEU C 128 92.82 68.80 -1.04
CA LEU C 128 94.17 68.75 -1.60
C LEU C 128 94.13 69.06 -3.08
N ALA C 129 94.47 70.30 -3.42
CA ALA C 129 94.48 70.76 -4.79
C ALA C 129 95.94 70.84 -5.26
N PRO C 130 96.16 70.76 -6.58
CA PRO C 130 97.51 70.75 -7.13
C PRO C 130 98.30 72.03 -6.86
N VAL C 131 99.60 71.97 -7.08
CA VAL C 131 100.49 73.10 -6.84
C VAL C 131 100.04 74.35 -7.58
N CYS C 132 100.37 75.50 -7.01
CA CYS C 132 99.90 76.80 -7.48
C CYS C 132 100.20 77.07 -8.95
N GLY C 133 101.22 76.41 -9.48
CA GLY C 133 101.66 76.68 -10.85
C GLY C 133 101.50 75.54 -11.82
N GLY C 134 100.99 75.85 -13.01
CA GLY C 134 100.92 74.91 -14.11
C GLY C 134 100.03 73.70 -13.90
N THR C 135 100.66 72.56 -13.62
CA THR C 135 99.98 71.26 -13.52
C THR C 135 99.25 70.92 -14.83
N THR C 136 100.02 70.72 -15.90
CA THR C 136 99.45 70.44 -17.21
C THR C 136 99.82 69.04 -17.73
N GLY C 137 98.89 68.12 -17.61
CA GLY C 137 99.02 66.79 -18.19
C GLY C 137 97.71 66.38 -18.82
N SER C 138 97.64 65.15 -19.35
CA SER C 138 96.39 64.65 -19.91
C SER C 138 95.34 64.42 -18.81
N SER C 139 95.81 64.20 -17.58
CA SER C 139 94.91 64.03 -16.45
C SER C 139 95.35 64.91 -15.28
N VAL C 140 94.67 64.73 -14.14
CA VAL C 140 94.93 65.51 -12.94
C VAL C 140 94.48 64.75 -11.69
N THR C 141 95.30 64.85 -10.64
CA THR C 141 95.04 64.15 -9.39
C THR C 141 94.71 65.13 -8.27
N LEU C 142 93.52 64.99 -7.72
CA LEU C 142 93.11 65.76 -6.55
C LEU C 142 93.13 64.84 -5.33
N GLY C 143 92.98 65.42 -4.16
CA GLY C 143 93.00 64.65 -2.93
C GLY C 143 92.15 65.23 -1.83
N CYS C 144 92.01 64.45 -0.74
CA CYS C 144 91.22 64.84 0.41
C CYS C 144 91.86 64.22 1.64
N LEU C 145 92.22 65.07 2.60
CA LEU C 145 92.89 64.63 3.82
C LEU C 145 91.98 64.72 5.03
N VAL C 146 91.62 63.56 5.58
CA VAL C 146 90.78 63.47 6.76
C VAL C 146 91.64 63.25 8.01
N LYS C 147 91.90 64.34 8.74
CA LYS C 147 92.92 64.31 9.78
C LYS C 147 92.38 64.38 11.21
N GLY C 148 92.97 63.58 12.09
CA GLY C 148 92.75 63.67 13.52
C GLY C 148 91.36 63.32 14.06
N TYR C 149 90.94 62.07 13.87
CA TYR C 149 89.67 61.64 14.40
C TYR C 149 89.76 60.37 15.27
N PHE C 150 88.71 60.14 16.06
CA PHE C 150 88.65 59.00 16.95
C PHE C 150 87.22 58.82 17.45
N PRO C 151 86.71 57.57 17.41
CA PRO C 151 87.42 56.40 16.90
C PRO C 151 87.09 56.12 15.43
N GLU C 152 87.48 54.95 14.98
CA GLU C 152 87.08 54.45 13.67
C GLU C 152 85.61 54.02 13.70
N PRO C 153 84.95 54.00 12.52
CA PRO C 153 85.47 54.31 11.19
C PRO C 153 85.02 55.66 10.65
N VAL C 154 85.65 56.09 9.55
CA VAL C 154 85.11 57.15 8.71
C VAL C 154 84.79 56.56 7.34
N THR C 155 83.76 57.10 6.69
CA THR C 155 83.52 56.75 5.29
C THR C 155 83.85 57.94 4.40
N LEU C 156 84.37 57.65 3.20
CA LEU C 156 84.71 58.69 2.24
C LEU C 156 84.27 58.33 0.84
N THR C 157 83.55 59.24 0.19
CA THR C 157 83.19 59.07 -1.21
C THR C 157 83.57 60.30 -2.02
N TRP C 158 83.50 60.18 -3.34
CA TRP C 158 83.74 61.31 -4.23
C TRP C 158 82.50 61.60 -5.05
N ASN C 159 82.02 62.84 -4.99
CA ASN C 159 80.78 63.24 -5.65
C ASN C 159 79.61 62.33 -5.31
N SER C 160 79.42 62.11 -4.01
CA SER C 160 78.34 61.27 -3.48
C SER C 160 78.43 59.82 -3.95
N GLY C 161 79.59 59.42 -4.44
CA GLY C 161 79.81 58.06 -4.86
C GLY C 161 79.65 57.83 -6.35
N SER C 162 79.24 58.86 -7.08
CA SER C 162 79.07 58.75 -8.54
C SER C 162 80.43 58.74 -9.24
N LEU C 163 81.46 59.20 -8.53
CA LEU C 163 82.83 59.16 -9.04
C LEU C 163 83.65 58.16 -8.24
N SER C 164 83.73 56.93 -8.74
CA SER C 164 84.42 55.87 -8.03
C SER C 164 85.64 55.36 -8.82
N SER C 165 85.60 55.50 -10.13
CA SER C 165 86.71 55.07 -10.97
C SER C 165 87.88 56.05 -10.83
N GLY C 166 89.08 55.51 -10.64
CA GLY C 166 90.27 56.34 -10.50
C GLY C 166 90.45 56.90 -9.11
N VAL C 167 89.88 56.20 -8.13
CA VAL C 167 89.96 56.63 -6.74
C VAL C 167 90.86 55.70 -5.94
N HIS C 168 91.72 56.26 -5.11
CA HIS C 168 92.50 55.47 -4.16
C HIS C 168 92.26 55.99 -2.77
N THR C 169 91.53 55.22 -1.96
CA THR C 169 91.33 55.57 -0.56
C THR C 169 92.34 54.83 0.29
N PHE C 170 93.02 55.55 1.17
CA PHE C 170 94.13 55.00 1.93
C PHE C 170 93.72 54.68 3.35
N PRO C 171 93.96 53.43 3.79
CA PRO C 171 93.56 52.93 5.10
C PRO C 171 93.96 53.89 6.23
N ALA C 172 93.08 54.06 7.19
CA ALA C 172 93.30 54.94 8.32
C ALA C 172 94.47 54.46 9.15
N LEU C 173 95.28 55.39 9.65
CA LEU C 173 96.41 55.03 10.48
C LEU C 173 96.47 55.90 11.72
N LEU C 174 96.88 55.26 12.82
CA LEU C 174 96.88 55.90 14.12
C LEU C 174 98.19 56.67 14.29
N GLN C 175 98.07 57.94 14.64
CA GLN C 175 99.24 58.79 14.83
C GLN C 175 98.95 59.79 15.94
N SER C 176 99.71 59.69 17.03
CA SER C 176 99.53 60.54 18.20
C SER C 176 98.13 60.40 18.80
N GLY C 177 97.63 59.17 18.86
CA GLY C 177 96.36 58.89 19.50
C GLY C 177 95.15 59.18 18.65
N LEU C 178 95.36 59.62 17.41
CA LEU C 178 94.25 59.91 16.51
C LEU C 178 94.44 59.24 15.16
N TYR C 179 93.32 58.97 14.48
CA TYR C 179 93.38 58.37 13.16
C TYR C 179 93.47 59.45 12.09
N THR C 180 94.21 59.15 11.04
CA THR C 180 94.25 60.01 9.86
C THR C 180 94.10 59.13 8.62
N LEU C 181 93.30 59.63 7.69
CA LEU C 181 92.98 58.95 6.45
C LEU C 181 93.15 59.94 5.30
N SER C 182 93.28 59.44 4.08
CA SER C 182 93.35 60.31 2.93
C SER C 182 92.85 59.58 1.70
N SER C 183 92.50 60.33 0.66
CA SER C 183 92.07 59.72 -0.58
C SER C 183 92.51 60.56 -1.77
N SER C 184 92.79 59.92 -2.89
CA SER C 184 93.09 60.63 -4.11
C SER C 184 92.08 60.23 -5.16
N VAL C 185 91.91 61.11 -6.15
CA VAL C 185 91.07 60.79 -7.29
C VAL C 185 91.72 61.39 -8.53
N THR C 186 91.71 60.65 -9.63
CA THR C 186 92.32 61.14 -10.86
C THR C 186 91.29 61.22 -11.98
N VAL C 187 91.19 62.39 -12.59
CA VAL C 187 90.24 62.59 -13.69
C VAL C 187 90.94 63.26 -14.86
N THR C 188 90.31 63.27 -16.03
CA THR C 188 90.88 63.96 -17.19
C THR C 188 90.99 65.46 -16.89
N SER C 189 91.96 66.12 -17.50
CA SER C 189 92.22 67.53 -17.22
C SER C 189 91.08 68.45 -17.65
N ASN C 190 90.16 67.92 -18.45
CA ASN C 190 89.01 68.68 -18.92
C ASN C 190 87.89 68.69 -17.87
N THR C 191 87.83 67.63 -17.08
CA THR C 191 86.80 67.49 -16.05
C THR C 191 86.96 68.55 -14.96
N TRP C 192 88.19 68.68 -14.45
CA TRP C 192 88.47 69.60 -13.35
C TRP C 192 89.42 70.71 -13.83
N PRO C 193 89.19 71.95 -13.39
CA PRO C 193 88.14 72.38 -12.46
C PRO C 193 86.84 72.80 -13.15
N SER C 194 86.63 72.35 -14.38
CA SER C 194 85.40 72.68 -15.12
C SER C 194 84.19 72.17 -14.35
N GLN C 195 84.18 70.87 -14.07
CA GLN C 195 83.11 70.25 -13.32
C GLN C 195 83.51 70.13 -11.86
N THR C 196 82.53 70.27 -10.96
CA THR C 196 82.78 70.22 -9.53
C THR C 196 83.16 68.82 -9.08
N ILE C 197 84.20 68.74 -8.25
CA ILE C 197 84.59 67.48 -7.61
C ILE C 197 84.59 67.67 -6.10
N THR C 198 83.80 66.85 -5.40
CA THR C 198 83.59 67.03 -3.98
C THR C 198 83.91 65.77 -3.16
N CYS C 199 84.65 65.97 -2.08
CA CYS C 199 84.96 64.92 -1.12
C CYS C 199 83.85 64.86 -0.07
N ASN C 200 83.28 63.66 0.13
CA ASN C 200 82.24 63.47 1.15
C ASN C 200 82.72 62.57 2.29
N VAL C 201 82.73 63.12 3.50
CA VAL C 201 83.27 62.40 4.64
C VAL C 201 82.26 62.27 5.78
N ALA C 202 82.10 61.06 6.31
CA ALA C 202 81.24 60.87 7.48
C ALA C 202 82.00 60.21 8.61
N HIS C 203 81.79 60.72 9.82
CA HIS C 203 82.35 60.12 11.04
C HIS C 203 81.21 59.84 12.01
N PRO C 204 80.64 58.62 11.94
CA PRO C 204 79.43 58.23 12.68
C PRO C 204 79.54 58.47 14.18
N ALA C 205 80.70 58.16 14.76
CA ALA C 205 80.89 58.29 16.20
C ALA C 205 80.69 59.70 16.73
N SER C 206 80.92 60.71 15.88
CA SER C 206 80.75 62.11 16.28
C SER C 206 79.58 62.79 15.58
N SER C 207 78.85 62.05 14.76
CA SER C 207 77.77 62.59 13.93
C SER C 207 78.27 63.75 13.06
N THR C 208 79.47 63.59 12.55
CA THR C 208 80.10 64.58 11.68
C THR C 208 79.98 64.18 10.21
N LYS C 209 79.41 65.09 9.42
CA LYS C 209 79.40 64.94 7.97
C LYS C 209 79.98 66.21 7.33
N VAL C 210 80.99 66.03 6.49
CA VAL C 210 81.63 67.17 5.82
C VAL C 210 81.69 66.97 4.31
N ASP C 211 81.18 67.95 3.58
CA ASP C 211 81.33 67.99 2.13
C ASP C 211 82.32 69.07 1.77
N LYS C 212 83.44 68.69 1.18
CA LYS C 212 84.49 69.64 0.81
C LYS C 212 84.77 69.64 -0.68
N LYS C 213 84.40 70.71 -1.36
CA LYS C 213 84.67 70.86 -2.78
C LYS C 213 86.13 71.25 -2.99
N ILE C 214 86.80 70.56 -3.91
CA ILE C 214 88.20 70.86 -4.21
C ILE C 214 88.28 72.10 -5.09
N GLU C 215 88.86 73.17 -4.54
CA GLU C 215 88.97 74.43 -5.28
C GLU C 215 90.41 74.68 -5.72
N SER C 216 90.56 75.36 -6.85
CA SER C 216 91.88 75.70 -7.35
C SER C 216 92.55 76.70 -6.41
N ARG C 217 93.88 76.61 -6.31
CA ARG C 217 94.61 77.45 -5.36
C ARG C 217 94.63 78.93 -5.74
N ARG C 218 94.30 79.22 -6.99
CA ARG C 218 94.19 80.61 -7.43
C ARG C 218 93.16 80.76 -8.55
N GLN D 1 91.21 20.89 18.76
CA GLN D 1 92.09 19.82 19.27
C GLN D 1 92.63 18.99 18.12
N ALA D 2 92.83 19.64 17.00
CA ALA D 2 93.42 19.11 15.75
C ALA D 2 94.11 20.31 15.08
N VAL D 3 95.21 20.06 14.41
CA VAL D 3 95.97 21.15 13.79
C VAL D 3 96.14 20.91 12.30
N VAL D 4 95.53 21.78 11.50
CA VAL D 4 95.64 21.69 10.04
C VAL D 4 96.91 22.44 9.66
N THR D 5 97.75 21.87 8.85
CA THR D 5 99.01 22.49 8.39
C THR D 5 99.08 22.67 6.86
N GLN D 6 99.54 23.84 6.41
CA GLN D 6 99.65 24.11 4.98
C GLN D 6 101.00 24.72 4.65
N GLU D 7 101.39 24.59 3.39
CA GLU D 7 102.68 25.20 2.99
C GLU D 7 102.52 26.67 3.27
N SER D 8 103.58 27.31 3.61
CA SER D 8 103.69 28.70 3.99
C SER D 8 103.59 29.64 2.83
N ALA D 9 104.36 29.35 1.82
CA ALA D 9 104.34 30.21 0.61
C ALA D 9 104.80 29.30 -0.52
N LEU D 10 104.30 29.52 -1.71
CA LEU D 10 104.62 28.83 -2.94
C LEU D 10 104.63 29.92 -4.05
N THR D 11 105.61 29.80 -4.90
CA THR D 11 105.85 30.70 -6.00
C THR D 11 105.76 29.90 -7.30
N THR D 12 105.05 30.31 -8.30
CA THR D 12 104.92 29.63 -9.58
C THR D 12 104.91 30.72 -10.65
N SER D 13 104.83 30.31 -11.88
CA SER D 13 104.83 31.20 -13.05
C SER D 13 103.52 30.96 -13.79
N PRO D 14 103.05 31.95 -14.50
CA PRO D 14 101.81 31.80 -15.27
C PRO D 14 101.96 30.55 -16.11
N GLY D 15 100.93 29.76 -16.31
CA GLY D 15 100.98 28.56 -17.14
C GLY D 15 101.39 27.31 -16.43
N GLU D 16 101.97 27.39 -15.23
CA GLU D 16 102.36 26.15 -14.55
C GLU D 16 101.24 25.51 -13.77
N THR D 17 101.51 24.27 -13.34
CA THR D 17 100.62 23.47 -12.51
C THR D 17 101.22 23.45 -11.09
N VAL D 18 100.48 23.88 -10.12
CA VAL D 18 100.98 23.93 -8.75
C VAL D 18 100.03 23.24 -7.79
N THR D 19 100.51 22.53 -6.77
CA THR D 19 99.69 21.82 -5.83
C THR D 19 99.85 22.32 -4.43
N LEU D 20 98.77 22.63 -3.75
CA LEU D 20 98.87 23.06 -2.37
C LEU D 20 98.28 21.87 -1.58
N THR D 21 98.84 21.70 -0.41
CA THR D 21 98.35 20.58 0.42
C THR D 21 97.91 21.12 1.78
N CYS D 22 97.13 20.27 2.40
CA CYS D 22 96.47 20.45 3.69
C CYS D 22 96.61 19.18 4.54
N ARG D 23 97.43 19.21 5.56
CA ARG D 23 97.69 18.09 6.44
C ARG D 23 97.04 18.21 7.81
N SER D 24 96.50 17.09 8.27
CA SER D 24 95.85 17.06 9.58
C SER D 24 96.79 16.42 10.60
N ASN D 25 96.93 16.96 11.76
CA ASN D 25 97.80 16.46 12.81
C ASN D 25 97.29 15.16 13.42
N ILE D 26 96.02 14.83 13.31
CA ILE D 26 95.47 13.62 13.90
C ILE D 26 95.59 12.39 13.04
N GLY D 27 95.64 12.52 11.74
CA GLY D 27 95.75 11.33 10.88
C GLY D 27 95.58 11.71 9.43
N ALA D 28 95.39 10.74 8.58
CA ALA D 28 95.21 11.03 7.14
C ALA D 28 93.91 11.85 7.04
N VAL D 29 93.89 12.64 5.98
CA VAL D 29 92.66 13.43 5.75
C VAL D 29 91.76 12.48 5.00
N THR D 30 90.48 12.40 5.26
CA THR D 30 89.59 11.49 4.48
C THR D 30 88.37 12.25 4.00
N SER D 31 87.52 11.62 3.23
CA SER D 31 86.36 12.32 2.68
C SER D 31 85.39 12.77 3.75
N SER D 32 85.57 12.33 4.97
CA SER D 32 84.63 12.70 6.04
C SER D 32 85.09 13.95 6.77
N ASN D 33 86.16 14.53 6.26
CA ASN D 33 86.77 15.78 6.73
C ASN D 33 86.30 16.93 5.82
N CYS D 34 85.66 16.56 4.74
CA CYS D 34 85.06 17.50 3.78
C CYS D 34 85.94 18.68 3.51
N ALA D 35 87.16 18.44 3.12
CA ALA D 35 88.14 19.51 2.85
C ALA D 35 87.48 20.61 2.03
N ASN D 36 87.69 21.83 2.45
CA ASN D 36 87.21 23.07 1.84
C ASN D 36 88.50 23.86 1.52
N TRP D 37 88.48 24.65 0.51
CA TRP D 37 89.61 25.51 0.10
C TRP D 37 88.98 26.90 -0.07
N VAL D 38 89.57 27.88 0.50
CA VAL D 38 89.03 29.26 0.45
C VAL D 38 90.14 30.17 -0.01
N GLN D 39 89.83 31.20 -0.77
CA GLN D 39 90.90 32.08 -1.28
C GLN D 39 90.71 33.45 -0.71
N GLU D 40 91.73 34.12 -0.30
CA GLU D 40 91.65 35.46 0.21
C GLU D 40 92.46 36.37 -0.70
N LYS D 41 91.81 37.29 -1.38
CA LYS D 41 92.48 38.25 -2.30
C LYS D 41 92.59 39.49 -1.42
N PRO D 42 93.40 40.46 -1.77
CA PRO D 42 93.55 41.68 -0.95
C PRO D 42 92.23 42.45 -0.93
N ASP D 43 92.05 42.95 0.27
CA ASP D 43 90.92 43.72 0.74
C ASP D 43 90.01 42.82 1.59
N HIS D 44 90.55 41.84 2.26
CA HIS D 44 89.61 40.98 3.06
C HIS D 44 88.50 40.44 2.19
N PHE D 45 88.83 39.98 0.99
CA PHE D 45 87.97 39.43 -0.04
C PHE D 45 87.96 37.90 -0.04
N PHE D 46 86.95 37.25 0.48
CA PHE D 46 86.91 35.80 0.54
C PHE D 46 85.88 35.23 -0.42
N THR D 47 86.22 34.13 -1.04
CA THR D 47 85.47 33.33 -1.95
C THR D 47 85.73 31.84 -1.66
N GLY D 48 84.79 30.98 -1.83
CA GLY D 48 85.03 29.52 -1.64
C GLY D 48 85.24 28.96 -3.05
N LEU D 49 86.21 28.09 -3.15
CA LEU D 49 86.70 27.40 -4.31
C LEU D 49 86.16 25.99 -4.41
N ILE D 50 86.50 25.11 -3.51
CA ILE D 50 86.14 23.70 -3.38
C ILE D 50 85.56 23.36 -2.03
N GLY D 51 84.66 22.40 -1.99
CA GLY D 51 84.01 21.97 -0.73
C GLY D 51 83.80 20.48 -0.82
N ASP D 52 83.75 19.85 0.33
CA ASP D 52 83.50 18.39 0.33
C ASP D 52 84.54 17.71 -0.56
N THR D 53 85.77 18.11 -0.38
CA THR D 53 86.97 17.64 -1.01
C THR D 53 87.21 18.01 -2.46
N ASN D 54 86.18 17.76 -3.27
CA ASN D 54 86.28 18.02 -4.67
C ASN D 54 85.09 18.68 -5.35
N ASN D 55 84.27 19.40 -4.67
CA ASN D 55 83.12 20.06 -5.32
C ASN D 55 83.55 21.50 -5.55
N ARG D 56 83.64 21.94 -6.78
CA ARG D 56 84.05 23.31 -7.09
C ARG D 56 82.87 24.27 -6.96
N ARG D 57 83.00 25.32 -6.19
CA ARG D 57 81.91 26.31 -5.97
C ARG D 57 81.53 26.75 -7.35
N SER D 58 80.39 27.32 -7.55
CA SER D 58 79.95 27.71 -8.92
C SER D 58 80.58 29.04 -9.21
N GLY D 59 81.09 29.14 -10.41
CA GLY D 59 81.77 30.33 -10.95
C GLY D 59 83.25 30.44 -10.61
N VAL D 60 83.89 29.36 -10.24
CA VAL D 60 85.30 29.22 -9.89
C VAL D 60 85.84 28.51 -11.14
N PRO D 61 86.86 29.08 -11.72
CA PRO D 61 87.44 28.53 -12.96
C PRO D 61 87.78 27.08 -12.77
N ALA D 62 87.76 26.28 -13.81
CA ALA D 62 88.09 24.86 -13.84
C ALA D 62 89.55 24.54 -13.63
N ARG D 63 90.43 25.49 -13.68
CA ARG D 63 91.86 25.29 -13.49
C ARG D 63 92.04 24.84 -12.04
N PHE D 64 91.00 25.00 -11.23
CA PHE D 64 91.00 24.61 -9.82
C PHE D 64 90.26 23.29 -9.59
N SER D 65 90.98 22.39 -8.94
CA SER D 65 90.38 21.07 -8.62
C SER D 65 90.93 20.62 -7.28
N GLY D 66 90.18 19.87 -6.52
CA GLY D 66 90.62 19.42 -5.19
C GLY D 66 90.65 17.90 -5.25
N SER D 67 91.35 17.33 -4.29
CA SER D 67 91.44 15.85 -4.24
C SER D 67 92.18 15.47 -2.96
N LEU D 68 92.33 14.18 -2.81
CA LEU D 68 93.08 13.70 -1.61
C LEU D 68 94.28 13.04 -2.28
N ILE D 69 95.43 13.40 -1.85
CA ILE D 69 96.68 12.82 -2.40
C ILE D 69 97.41 12.24 -1.20
N GLY D 70 97.55 10.94 -1.16
CA GLY D 70 98.24 10.37 0.02
C GLY D 70 97.25 10.54 1.17
N ASP D 71 97.75 11.07 2.27
CA ASP D 71 96.90 11.27 3.46
C ASP D 71 96.56 12.74 3.64
N LYS D 72 96.55 13.47 2.51
CA LYS D 72 96.20 14.91 2.74
C LYS D 72 95.27 15.44 1.69
N ALA D 73 94.63 16.58 1.94
CA ALA D 73 93.70 17.15 0.92
C ALA D 73 94.58 18.00 0.02
N ALA D 74 94.38 18.08 -1.26
CA ALA D 74 95.23 18.92 -2.14
C ALA D 74 94.37 19.77 -3.05
N LEU D 75 94.90 20.91 -3.46
CA LEU D 75 94.20 21.86 -4.38
C LEU D 75 95.13 21.96 -5.60
N THR D 76 94.74 21.67 -6.80
CA THR D 76 95.71 21.83 -7.91
C THR D 76 95.20 22.96 -8.79
N ILE D 77 96.08 23.84 -9.16
CA ILE D 77 95.78 24.94 -10.06
C ILE D 77 96.45 24.50 -11.38
N THR D 78 95.68 24.15 -12.35
CA THR D 78 96.23 23.71 -13.63
C THR D 78 96.24 24.81 -14.67
N GLY D 79 97.36 25.47 -14.78
CA GLY D 79 97.53 26.59 -15.73
C GLY D 79 97.45 27.79 -14.79
N ALA D 80 98.25 27.82 -13.75
CA ALA D 80 98.07 28.97 -12.82
C ALA D 80 98.11 30.24 -13.62
N GLN D 81 97.40 31.23 -13.20
CA GLN D 81 97.29 32.57 -13.76
C GLN D 81 97.73 33.62 -12.72
N THR D 82 98.06 34.74 -13.23
CA THR D 82 98.53 35.92 -12.47
C THR D 82 97.52 36.32 -11.46
N GLU D 83 96.28 36.07 -11.80
CA GLU D 83 95.09 36.42 -11.00
C GLU D 83 94.99 35.50 -9.82
N ASP D 84 95.64 34.36 -9.83
CA ASP D 84 95.57 33.38 -8.75
C ASP D 84 96.51 33.75 -7.62
N GLU D 85 97.18 34.86 -7.68
CA GLU D 85 98.16 35.19 -6.62
C GLU D 85 97.34 35.62 -5.42
N ALA D 86 97.33 34.85 -4.36
CA ALA D 86 96.54 35.15 -3.18
C ALA D 86 96.87 34.19 -2.06
N ILE D 87 96.09 34.26 -0.98
CA ILE D 87 96.28 33.34 0.14
C ILE D 87 95.18 32.29 0.08
N TYR D 88 95.52 31.02 0.10
CA TYR D 88 94.60 29.89 0.03
C TYR D 88 94.58 29.21 1.38
N PHE D 89 93.41 29.05 1.96
CA PHE D 89 93.26 28.43 3.28
C PHE D 89 92.51 27.12 3.12
N CYS D 90 92.88 26.10 3.87
CA CYS D 90 92.09 24.85 3.77
C CYS D 90 91.37 24.77 5.16
N ALA D 91 90.27 24.07 5.09
CA ALA D 91 89.47 23.85 6.31
C ALA D 91 89.12 22.37 6.27
N LEU D 92 89.12 21.77 7.42
CA LEU D 92 88.82 20.35 7.64
C LEU D 92 87.75 20.22 8.71
N TRP D 93 86.82 19.31 8.49
CA TRP D 93 85.74 19.08 9.47
C TRP D 93 86.13 17.94 10.41
N TYR D 94 85.84 18.12 11.68
CA TYR D 94 86.16 17.09 12.69
C TYR D 94 85.00 16.71 13.58
N ASN D 95 84.00 16.13 12.96
CA ASN D 95 82.79 15.65 13.65
C ASN D 95 81.92 16.66 14.32
N ASN D 96 82.46 17.78 14.78
CA ASN D 96 81.65 18.82 15.48
C ASN D 96 82.09 20.26 15.25
N LEU D 97 83.30 20.46 14.73
CA LEU D 97 83.80 21.82 14.48
C LEU D 97 84.74 21.83 13.28
N TRP D 98 85.08 23.03 12.83
CA TRP D 98 85.96 23.27 11.72
C TRP D 98 87.31 23.80 12.23
N VAL D 99 88.34 23.37 11.56
CA VAL D 99 89.70 23.83 11.87
C VAL D 99 90.25 24.32 10.53
N PHE D 100 90.76 25.51 10.54
CA PHE D 100 91.31 26.18 9.38
C PHE D 100 92.81 26.01 9.39
N GLY D 101 93.43 25.94 8.28
CA GLY D 101 94.91 25.85 8.14
C GLY D 101 95.45 27.26 8.22
N GLY D 102 96.75 27.40 8.25
CA GLY D 102 97.40 28.70 8.39
C GLY D 102 97.39 29.54 7.12
N GLY D 103 97.06 28.91 6.01
CA GLY D 103 96.99 29.48 4.68
C GLY D 103 98.32 29.42 3.98
N THR D 104 98.32 29.31 2.68
CA THR D 104 99.51 29.29 1.82
C THR D 104 99.55 30.57 0.97
N LYS D 105 100.57 31.39 1.07
CA LYS D 105 100.63 32.58 0.20
C LYS D 105 101.13 32.10 -1.16
N LEU D 106 100.41 32.18 -2.22
CA LEU D 106 100.83 31.79 -3.55
C LEU D 106 101.13 33.04 -4.38
N THR D 107 102.28 33.00 -5.02
CA THR D 107 102.75 34.07 -5.91
C THR D 107 102.80 33.56 -7.34
N VAL D 108 102.17 34.22 -8.30
CA VAL D 108 102.20 33.76 -9.68
C VAL D 108 102.80 34.82 -10.60
N LEU D 109 103.78 34.42 -11.40
CA LEU D 109 104.44 35.33 -12.33
C LEU D 109 103.43 36.01 -13.25
N GLY D 110 103.60 37.32 -13.44
CA GLY D 110 102.72 38.09 -14.29
C GLY D 110 102.70 39.56 -13.92
N GLN D 111 101.65 40.26 -14.36
CA GLN D 111 101.51 41.69 -14.09
C GLN D 111 102.82 42.42 -14.30
N PRO D 112 103.06 42.86 -15.61
CA PRO D 112 104.34 43.58 -15.78
C PRO D 112 104.48 44.73 -14.80
N LYS D 113 105.71 44.98 -14.35
CA LYS D 113 105.97 46.05 -13.40
C LYS D 113 105.25 47.33 -13.80
N SER D 114 105.00 48.20 -12.82
CA SER D 114 104.31 49.48 -13.08
C SER D 114 104.90 50.53 -12.16
N SER D 115 105.30 51.67 -12.62
CA SER D 115 105.92 52.71 -11.81
C SER D 115 104.84 53.40 -10.99
N PRO D 116 105.25 53.98 -9.89
CA PRO D 116 104.30 54.69 -9.07
C PRO D 116 103.92 56.03 -9.71
N SER D 117 102.75 56.46 -9.32
CA SER D 117 102.15 57.73 -9.66
C SER D 117 102.14 58.47 -8.29
N VAL D 118 103.03 59.41 -8.22
CA VAL D 118 103.30 60.29 -7.09
C VAL D 118 102.77 61.71 -7.31
N THR D 119 102.17 62.24 -6.27
CA THR D 119 101.60 63.55 -6.13
C THR D 119 101.85 64.08 -4.71
N LEU D 120 102.33 65.31 -4.68
CA LEU D 120 102.60 65.98 -3.38
C LEU D 120 101.65 67.19 -3.33
N PHE D 121 100.95 67.31 -2.25
CA PHE D 121 100.03 68.42 -2.06
C PHE D 121 100.59 69.30 -0.93
N PRO D 122 100.31 70.57 -1.03
CA PRO D 122 100.71 71.58 -0.04
C PRO D 122 99.65 71.57 1.06
N PRO D 123 100.03 72.14 2.20
CA PRO D 123 99.07 72.22 3.32
C PRO D 123 97.96 73.10 2.76
N SER D 124 96.73 72.72 3.01
CA SER D 124 95.67 73.63 2.50
C SER D 124 95.70 74.86 3.42
N SER D 125 94.99 75.91 3.02
CA SER D 125 94.99 77.16 3.78
C SER D 125 94.09 77.13 4.99
N GLU D 126 93.01 76.37 4.96
CA GLU D 126 92.08 76.26 6.10
C GLU D 126 92.80 75.59 7.27
N GLU D 127 93.78 74.79 6.93
CA GLU D 127 94.64 74.05 7.82
C GLU D 127 95.78 74.96 8.29
N LEU D 128 96.14 75.96 7.50
CA LEU D 128 97.22 76.88 7.94
C LEU D 128 96.65 77.90 8.92
N GLU D 129 95.34 77.82 9.02
CA GLU D 129 94.49 78.63 9.88
C GLU D 129 94.34 77.97 11.24
N THR D 130 94.95 76.80 11.35
CA THR D 130 94.95 75.98 12.59
C THR D 130 96.34 76.03 13.22
N ASN D 131 97.24 76.70 12.49
CA ASN D 131 98.64 76.81 12.97
C ASN D 131 99.35 75.47 12.70
N LYS D 132 98.86 74.78 11.67
CA LYS D 132 99.37 73.50 11.22
C LYS D 132 99.46 73.42 9.69
N ALA D 133 100.40 72.61 9.25
CA ALA D 133 100.70 72.35 7.84
C ALA D 133 101.13 70.89 7.64
N THR D 134 100.43 70.21 6.77
CA THR D 134 100.72 68.79 6.46
C THR D 134 100.80 68.62 4.95
N LEU D 135 101.97 68.19 4.52
CA LEU D 135 102.29 67.91 3.12
C LEU D 135 101.92 66.41 2.95
N VAL D 136 101.04 66.11 2.02
CA VAL D 136 100.62 64.74 1.74
C VAL D 136 101.27 64.26 0.45
N CYS D 137 101.94 63.14 0.53
CA CYS D 137 102.55 62.56 -0.68
C CYS D 137 101.80 61.25 -0.94
N THR D 138 101.10 61.20 -2.05
CA THR D 138 100.33 59.99 -2.41
C THR D 138 101.08 59.25 -3.51
N ILE D 139 101.14 57.95 -3.40
CA ILE D 139 101.82 57.07 -4.35
C ILE D 139 100.89 55.92 -4.67
N THR D 140 100.47 55.81 -5.89
CA THR D 140 99.53 54.76 -6.30
C THR D 140 99.97 54.03 -7.53
N ASP D 141 99.32 52.92 -7.84
CA ASP D 141 99.57 52.07 -8.97
C ASP D 141 100.99 51.57 -9.14
N PHE D 142 101.65 51.21 -8.06
CA PHE D 142 103.03 50.70 -8.26
C PHE D 142 103.03 49.21 -8.01
N TYR D 143 103.90 48.52 -8.68
CA TYR D 143 104.11 47.08 -8.62
C TYR D 143 105.54 46.85 -9.14
N PRO D 144 106.34 46.06 -8.48
CA PRO D 144 106.12 45.34 -7.24
C PRO D 144 105.67 46.26 -6.14
N GLY D 145 105.01 45.72 -5.14
CA GLY D 145 104.53 46.58 -4.06
C GLY D 145 105.50 46.94 -2.99
N VAL D 146 106.64 47.52 -3.28
CA VAL D 146 107.63 47.91 -2.26
C VAL D 146 108.21 49.27 -2.68
N VAL D 147 108.21 50.26 -1.84
CA VAL D 147 108.79 51.56 -2.11
C VAL D 147 109.50 52.11 -0.83
N THR D 148 110.27 53.11 -1.20
CA THR D 148 111.05 53.91 -0.24
C THR D 148 110.64 55.35 -0.46
N VAL D 149 110.18 55.99 0.61
CA VAL D 149 109.75 57.39 0.50
C VAL D 149 110.68 58.22 1.40
N ASP D 150 111.27 59.23 0.81
CA ASP D 150 112.18 60.13 1.54
C ASP D 150 111.79 61.57 1.21
N TRP D 151 111.67 62.28 2.30
CA TRP D 151 111.31 63.69 2.32
C TRP D 151 112.54 64.57 2.47
N LYS D 152 112.52 65.71 1.82
CA LYS D 152 113.61 66.68 1.88
C LYS D 152 113.16 68.13 1.86
N VAL D 153 113.22 68.67 3.08
CA VAL D 153 112.87 70.05 3.35
C VAL D 153 114.17 70.83 3.09
N ASP D 154 114.00 71.81 2.27
CA ASP D 154 115.02 72.76 1.87
C ASP D 154 116.35 72.16 1.47
N GLY D 155 116.35 70.96 0.96
CA GLY D 155 117.64 70.33 0.54
C GLY D 155 118.09 69.29 1.56
N THR D 156 117.51 69.42 2.75
CA THR D 156 117.81 68.55 3.87
C THR D 156 116.76 67.51 4.22
N PRO D 157 117.27 66.29 4.15
CA PRO D 157 116.51 65.08 4.47
C PRO D 157 115.80 65.29 5.81
N VAL D 158 114.49 65.34 5.70
CA VAL D 158 113.73 65.48 6.98
C VAL D 158 113.93 64.07 7.56
N THR D 159 113.74 63.92 8.84
CA THR D 159 113.98 62.56 9.43
C THR D 159 113.03 62.29 10.58
N GLN D 160 112.36 63.36 10.96
CA GLN D 160 111.34 63.37 12.03
C GLN D 160 110.17 64.19 11.47
N GLY D 161 108.95 63.74 11.72
CA GLY D 161 107.76 64.45 11.23
C GLY D 161 106.96 63.66 10.21
N MET D 162 107.65 62.76 9.52
CA MET D 162 107.07 61.90 8.50
C MET D 162 106.55 60.60 9.07
N GLU D 163 105.54 60.10 8.37
CA GLU D 163 104.84 58.85 8.57
C GLU D 163 104.42 58.33 7.18
N THR D 164 104.79 57.10 6.92
CA THR D 164 104.48 56.45 5.66
C THR D 164 103.66 55.19 5.91
N THR D 165 102.50 55.07 5.32
CA THR D 165 101.66 53.89 5.51
C THR D 165 102.36 52.70 4.88
N GLN D 166 101.75 51.58 5.08
CA GLN D 166 102.27 50.32 4.50
C GLN D 166 101.56 50.14 3.15
N PRO D 167 102.28 49.63 2.19
CA PRO D 167 101.67 49.40 0.87
C PRO D 167 100.39 48.59 1.09
N SER D 168 99.31 49.03 0.50
CA SER D 168 97.97 48.39 0.54
C SER D 168 97.69 47.99 -0.91
N LYS D 169 97.13 46.82 -1.13
CA LYS D 169 96.79 46.30 -2.43
C LYS D 169 95.54 46.93 -3.03
N GLN D 170 95.66 47.49 -4.22
CA GLN D 170 94.45 48.03 -4.86
C GLN D 170 93.79 46.83 -5.56
N SER D 171 92.65 47.13 -6.13
CA SER D 171 91.79 46.17 -6.87
C SER D 171 92.50 45.57 -8.07
N ASN D 172 93.15 46.41 -8.86
CA ASN D 172 93.88 45.92 -10.04
C ASN D 172 95.06 45.09 -9.61
N ASN D 173 95.35 44.99 -8.34
CA ASN D 173 96.47 44.18 -7.82
C ASN D 173 97.86 44.84 -7.81
N LYS D 174 97.86 46.12 -7.92
CA LYS D 174 98.99 47.05 -7.86
C LYS D 174 98.97 47.59 -6.44
N TYR D 175 99.82 48.46 -5.97
CA TYR D 175 99.69 48.89 -4.57
C TYR D 175 99.63 50.41 -4.53
N MET D 176 99.39 50.89 -3.34
CA MET D 176 99.33 52.30 -3.00
C MET D 176 99.86 52.51 -1.57
N ALA D 177 100.16 53.77 -1.32
CA ALA D 177 100.69 54.18 0.01
C ALA D 177 100.77 55.70 -0.06
N SER D 178 100.74 56.31 1.07
CA SER D 178 100.83 57.77 1.20
C SER D 178 101.77 58.00 2.41
N SER D 179 102.43 59.10 2.40
CA SER D 179 103.36 59.58 3.41
C SER D 179 102.96 61.00 3.76
N TYR D 180 103.05 61.29 5.04
CA TYR D 180 102.68 62.58 5.61
C TYR D 180 103.89 63.19 6.29
N LEU D 181 104.09 64.46 6.13
CA LEU D 181 105.13 65.28 6.74
C LEU D 181 104.32 66.44 7.39
N THR D 182 104.23 66.42 8.69
CA THR D 182 103.55 67.42 9.46
C THR D 182 104.57 68.41 10.08
N LEU D 183 104.34 69.64 9.74
CA LEU D 183 105.11 70.80 10.20
C LEU D 183 104.07 71.59 11.04
N THR D 184 104.51 72.76 11.41
CA THR D 184 103.65 73.70 12.18
C THR D 184 103.35 74.82 11.19
N ALA D 185 102.30 75.56 11.49
CA ALA D 185 101.95 76.65 10.57
C ALA D 185 103.30 77.29 10.23
N ARG D 186 104.05 77.52 11.29
CA ARG D 186 105.35 78.17 11.36
C ARG D 186 106.53 77.47 10.72
N ALA D 187 106.68 76.19 11.03
CA ALA D 187 107.81 75.46 10.39
C ALA D 187 107.58 75.67 8.88
N TRP D 188 106.29 75.61 8.52
CA TRP D 188 105.84 75.74 7.14
C TRP D 188 106.43 76.96 6.46
N GLU D 189 106.08 78.10 7.03
CA GLU D 189 106.47 79.42 6.54
C GLU D 189 107.96 79.69 6.55
N ARG D 190 108.67 78.91 7.34
CA ARG D 190 110.12 79.05 7.47
C ARG D 190 110.84 78.53 6.23
N HIS D 191 110.96 77.22 6.16
CA HIS D 191 111.66 76.55 5.05
C HIS D 191 110.92 76.91 3.77
N SER D 192 111.55 76.66 2.63
CA SER D 192 110.98 77.00 1.31
C SER D 192 110.85 75.91 0.28
N SER D 193 111.59 74.82 0.30
CA SER D 193 111.47 73.76 -0.71
C SER D 193 111.19 72.40 -0.07
N TYR D 194 110.04 71.87 -0.47
CA TYR D 194 109.64 70.54 0.07
C TYR D 194 109.71 69.56 -1.08
N SER D 195 110.04 68.32 -0.76
CA SER D 195 110.13 67.35 -1.87
C SER D 195 109.91 65.95 -1.33
N CYS D 196 109.11 65.19 -2.04
CA CYS D 196 108.79 63.79 -1.65
C CYS D 196 109.44 62.90 -2.70
N GLN D 197 110.39 62.09 -2.28
CA GLN D 197 111.15 61.25 -3.21
C GLN D 197 110.72 59.82 -2.97
N VAL D 198 110.32 59.20 -4.06
CA VAL D 198 109.86 57.82 -4.03
C VAL D 198 110.76 56.95 -4.90
N THR D 199 111.29 55.93 -4.28
CA THR D 199 112.19 55.01 -4.99
C THR D 199 111.46 53.71 -5.31
N HIS D 200 111.34 53.35 -6.56
CA HIS D 200 110.62 52.08 -6.88
C HIS D 200 111.37 51.35 -7.97
N GLU D 201 111.44 50.04 -7.84
CA GLU D 201 112.18 49.15 -8.73
C GLU D 201 113.19 49.96 -9.57
N GLY D 202 114.14 50.47 -8.81
CA GLY D 202 115.29 51.23 -9.12
C GLY D 202 115.26 52.64 -9.61
N HIS D 203 114.12 53.06 -10.12
CA HIS D 203 114.01 54.46 -10.62
C HIS D 203 113.53 55.29 -9.45
N THR D 204 113.84 56.57 -9.51
CA THR D 204 113.42 57.49 -8.48
C THR D 204 112.52 58.54 -9.14
N VAL D 205 111.58 58.98 -8.34
CA VAL D 205 110.58 59.98 -8.67
C VAL D 205 110.53 60.95 -7.48
N GLU D 206 110.81 62.17 -7.82
CA GLU D 206 110.86 63.31 -6.89
C GLU D 206 109.78 64.29 -7.34
N LYS D 207 108.93 64.64 -6.40
CA LYS D 207 107.83 65.59 -6.61
C LYS D 207 108.05 66.68 -5.57
N SER D 208 108.37 67.86 -6.09
CA SER D 208 108.62 69.04 -5.26
C SER D 208 107.63 70.17 -5.47
N LEU D 209 107.43 70.78 -4.33
CA LEU D 209 106.50 71.93 -4.20
C LEU D 209 107.40 73.12 -3.90
N SER D 210 106.83 74.28 -4.18
CA SER D 210 107.53 75.55 -3.94
C SER D 210 106.49 76.58 -3.47
N ARG D 211 106.71 76.84 -2.20
CA ARG D 211 105.96 77.78 -1.36
C ARG D 211 106.22 79.21 -1.80
N TYR E 1 40.52 -13.72 52.41
CA TYR E 1 39.37 -12.79 52.38
C TYR E 1 38.38 -13.13 51.28
N GLU E 2 38.48 -14.33 50.70
CA GLU E 2 37.63 -14.68 49.58
C GLU E 2 36.21 -14.84 50.11
N HIS E 3 35.42 -13.78 50.00
CA HIS E 3 34.20 -13.63 50.78
C HIS E 3 33.09 -14.50 50.22
N THR E 4 33.08 -15.75 50.65
CA THR E 4 31.93 -16.61 50.42
C THR E 4 30.69 -15.96 51.00
N ALA E 5 29.56 -16.19 50.33
CA ALA E 5 28.29 -15.67 50.84
C ALA E 5 27.14 -16.39 50.15
N VAL E 6 26.33 -17.10 50.93
CA VAL E 6 25.03 -17.50 50.44
C VAL E 6 24.23 -16.24 50.20
N MET E 7 23.37 -16.28 49.20
CA MET E 7 22.78 -15.06 48.67
C MET E 7 21.44 -15.32 47.99
N PRO E 8 20.36 -14.65 48.40
CA PRO E 8 19.06 -14.97 47.81
C PRO E 8 18.98 -14.57 46.35
N ASN E 9 18.41 -15.46 45.56
CA ASN E 9 18.16 -15.17 44.15
C ASN E 9 16.95 -14.25 44.07
N LYS E 10 17.22 -12.97 43.81
CA LYS E 10 16.17 -11.99 43.64
C LYS E 10 16.81 -10.79 42.95
N VAL E 11 16.11 -10.24 41.97
CA VAL E 11 16.80 -9.54 40.91
C VAL E 11 17.16 -8.11 41.31
N GLY E 12 16.18 -7.33 41.73
CA GLY E 12 16.28 -5.89 41.59
C GLY E 12 16.63 -5.17 42.86
N ILE E 13 17.59 -5.70 43.60
CA ILE E 13 17.87 -5.17 44.93
C ILE E 13 19.29 -5.55 45.35
N PRO E 14 20.11 -4.63 45.85
CA PRO E 14 21.46 -5.01 46.25
C PRO E 14 21.47 -5.78 47.55
N TYR E 15 22.64 -6.34 47.84
CA TYR E 15 22.85 -7.36 48.87
C TYR E 15 24.08 -7.00 49.70
N LYS E 16 24.09 -5.81 50.28
CA LYS E 16 25.32 -5.15 50.67
C LYS E 16 26.05 -5.87 51.79
N ALA E 17 26.63 -7.02 51.48
CA ALA E 17 27.43 -7.75 52.46
C ALA E 17 28.67 -6.95 52.86
N LEU E 18 29.45 -7.51 53.79
CA LEU E 18 30.57 -6.80 54.39
C LEU E 18 31.78 -7.74 54.44
N VAL E 19 32.92 -7.26 53.94
CA VAL E 19 34.15 -8.03 53.93
C VAL E 19 34.81 -7.88 55.29
N GLU E 20 34.82 -8.95 56.08
CA GLU E 20 35.50 -8.98 57.37
C GLU E 20 36.87 -9.66 57.23
N ARG E 21 37.75 -9.00 56.49
CA ARG E 21 39.13 -9.48 56.41
C ARG E 21 39.83 -9.19 57.73
N PRO E 22 40.36 -10.18 58.44
CA PRO E 22 41.15 -9.86 59.64
C PRO E 22 42.46 -9.17 59.25
N GLY E 23 42.60 -7.91 59.67
CA GLY E 23 43.86 -7.21 59.57
C GLY E 23 43.76 -5.82 58.98
N TYR E 24 42.92 -5.65 57.97
CA TYR E 24 42.73 -4.36 57.32
C TYR E 24 41.26 -3.95 57.46
N ALA E 25 40.98 -2.75 57.00
CA ALA E 25 39.64 -2.20 57.19
C ALA E 25 38.64 -3.01 56.39
N PRO E 26 37.45 -3.27 56.93
CA PRO E 26 36.44 -3.99 56.15
C PRO E 26 35.94 -3.13 55.01
N VAL E 27 35.32 -3.80 54.05
CA VAL E 27 34.72 -3.13 52.90
C VAL E 27 33.35 -3.73 52.66
N HIS E 28 32.40 -2.88 52.34
CA HIS E 28 31.05 -3.28 52.02
C HIS E 28 30.99 -3.86 50.62
N LEU E 29 29.98 -4.68 50.40
CA LEU E 29 29.57 -5.07 49.08
C LEU E 29 28.36 -4.26 48.65
N GLN E 30 28.05 -4.33 47.37
CA GLN E 30 26.73 -3.98 46.89
C GLN E 30 26.47 -4.88 45.69
N ILE E 31 25.88 -6.04 45.94
CA ILE E 31 25.70 -7.05 44.91
C ILE E 31 24.23 -7.03 44.52
N GLN E 32 23.96 -6.50 43.34
CA GLN E 32 22.62 -6.42 42.78
C GLN E 32 22.57 -7.33 41.57
N LEU E 33 21.88 -8.45 41.71
CA LEU E 33 21.69 -9.40 40.62
C LEU E 33 20.68 -8.84 39.64
N VAL E 34 21.12 -7.87 38.83
CA VAL E 34 20.25 -7.12 37.93
C VAL E 34 19.46 -8.02 37.00
N ASN E 35 19.96 -9.22 36.72
CA ASN E 35 19.25 -10.13 35.84
C ASN E 35 19.56 -11.58 36.23
N THR E 36 18.63 -12.46 35.88
CA THR E 36 18.74 -13.89 36.09
C THR E 36 18.32 -14.62 34.82
N ARG E 37 18.90 -14.21 33.69
CA ARG E 37 18.51 -14.82 32.43
C ARG E 37 19.18 -16.18 32.31
N ILE E 38 18.42 -17.14 31.79
CA ILE E 38 18.63 -18.56 32.07
C ILE E 38 19.26 -19.27 30.88
N ILE E 39 18.55 -19.34 29.76
CA ILE E 39 19.07 -19.92 28.53
C ILE E 39 19.34 -21.39 28.80
N PRO E 40 18.29 -22.19 28.92
CA PRO E 40 18.50 -23.63 29.05
C PRO E 40 19.01 -24.24 27.76
N SER E 41 19.46 -25.47 27.87
CA SER E 41 19.83 -26.25 26.71
C SER E 41 18.57 -26.72 26.00
N THR E 42 18.54 -26.55 24.69
CA THR E 42 17.33 -26.77 23.90
C THR E 42 17.69 -27.40 22.56
N ASN E 43 16.64 -27.71 21.80
CA ASN E 43 16.78 -28.25 20.45
C ASN E 43 15.60 -27.82 19.63
N LEU E 44 15.85 -27.25 18.47
CA LEU E 44 14.77 -26.96 17.53
C LEU E 44 14.30 -28.27 16.94
N GLU E 45 13.07 -28.67 17.29
CA GLU E 45 12.54 -29.96 16.88
C GLU E 45 11.77 -29.86 15.59
N TYR E 46 10.87 -28.90 15.51
CA TYR E 46 10.19 -28.61 14.26
C TYR E 46 9.48 -27.29 14.39
N ILE E 47 9.57 -26.50 13.35
CA ILE E 47 8.66 -25.38 13.20
C ILE E 47 7.33 -25.95 12.76
N THR E 48 6.25 -25.35 13.23
CA THR E 48 4.97 -25.50 12.59
C THR E 48 4.40 -24.13 12.27
N CYS E 49 3.32 -24.17 11.54
CA CYS E 49 2.70 -23.00 10.94
C CYS E 49 1.44 -23.52 10.27
N LYS E 50 0.64 -22.61 9.76
CA LYS E 50 -0.54 -23.04 9.04
C LYS E 50 -0.15 -23.42 7.63
N TYR E 51 -0.80 -24.47 7.14
CA TYR E 51 -0.55 -24.97 5.80
C TYR E 51 -0.90 -23.92 4.78
N LYS E 52 -0.63 -24.24 3.50
CA LYS E 52 -1.33 -23.62 2.39
C LYS E 52 -1.54 -24.70 1.36
N THR E 53 -2.80 -25.02 1.08
CA THR E 53 -3.15 -26.02 0.08
C THR E 53 -2.90 -25.38 -1.29
N LYS E 54 -1.63 -25.31 -1.65
CA LYS E 54 -1.23 -24.69 -2.91
C LYS E 54 -1.41 -25.74 -4.00
N VAL E 55 -2.66 -25.85 -4.43
CA VAL E 55 -3.13 -26.85 -5.37
C VAL E 55 -2.35 -26.76 -6.68
N PRO E 56 -1.71 -27.83 -7.14
CA PRO E 56 -1.31 -27.86 -8.55
C PRO E 56 -2.52 -28.07 -9.43
N SER E 57 -2.46 -27.44 -10.58
CA SER E 57 -3.62 -27.30 -11.43
C SER E 57 -4.04 -28.65 -12.00
N PRO E 58 -5.28 -29.09 -11.80
CA PRO E 58 -5.65 -30.46 -12.14
C PRO E 58 -5.57 -30.75 -13.62
N VAL E 59 -5.39 -32.02 -13.91
CA VAL E 59 -5.45 -32.51 -15.28
C VAL E 59 -6.90 -32.77 -15.64
N VAL E 60 -7.22 -32.55 -16.91
CA VAL E 60 -8.53 -32.86 -17.45
C VAL E 60 -8.29 -33.56 -18.79
N LYS E 61 -8.32 -34.88 -18.77
CA LYS E 61 -8.34 -35.65 -20.00
C LYS E 61 -9.77 -35.78 -20.47
N CYS E 62 -9.98 -35.57 -21.76
CA CYS E 62 -11.32 -35.37 -22.28
C CYS E 62 -12.06 -36.66 -22.56
N CYS E 63 -11.36 -37.71 -22.96
CA CYS E 63 -12.02 -38.98 -23.27
C CYS E 63 -11.10 -40.11 -22.80
N GLY E 64 -11.33 -40.53 -21.56
CA GLY E 64 -10.64 -41.66 -20.96
C GLY E 64 -9.87 -41.25 -19.74
N ALA E 65 -9.30 -42.26 -19.08
CA ALA E 65 -8.77 -42.11 -17.74
C ALA E 65 -7.34 -41.54 -17.77
N THR E 66 -6.99 -40.91 -16.64
CA THR E 66 -5.63 -40.47 -16.37
C THR E 66 -5.29 -40.96 -14.97
N GLN E 67 -4.60 -42.09 -14.89
CA GLN E 67 -4.20 -42.61 -13.60
C GLN E 67 -3.22 -41.65 -12.92
N CYS E 68 -3.47 -41.38 -11.65
CA CYS E 68 -2.58 -40.56 -10.85
C CYS E 68 -1.52 -41.43 -10.20
N THR E 69 -0.40 -40.78 -9.85
CA THR E 69 0.66 -41.40 -9.08
C THR E 69 0.90 -40.61 -7.82
N SER E 70 1.48 -41.27 -6.82
CA SER E 70 1.71 -40.67 -5.52
C SER E 70 3.03 -39.91 -5.56
N LYS E 71 2.96 -38.65 -5.99
CA LYS E 71 4.14 -37.83 -6.05
C LYS E 71 4.67 -37.60 -4.63
N PRO E 72 5.96 -37.32 -4.47
CA PRO E 72 6.54 -37.22 -3.14
C PRO E 72 6.30 -35.89 -2.43
N HIS E 73 5.40 -35.04 -2.91
CA HIS E 73 5.13 -33.81 -2.21
C HIS E 73 4.58 -34.11 -0.82
N PRO E 74 4.75 -33.22 0.15
CA PRO E 74 4.22 -33.48 1.49
C PRO E 74 2.70 -33.57 1.47
N ASP E 75 2.19 -34.71 1.93
CA ASP E 75 0.76 -34.98 1.97
C ASP E 75 0.16 -34.82 0.57
N TYR E 76 0.82 -35.45 -0.39
CA TYR E 76 0.40 -35.32 -1.77
C TYR E 76 -0.90 -36.09 -1.97
N GLN E 77 -2.01 -35.39 -1.80
CA GLN E 77 -3.31 -35.98 -2.02
C GLN E 77 -3.68 -35.81 -3.48
N CYS E 78 -4.01 -36.92 -4.13
CA CYS E 78 -4.39 -36.91 -5.53
C CYS E 78 -5.40 -38.02 -5.74
N GLN E 79 -6.48 -37.70 -6.44
CA GLN E 79 -7.54 -38.65 -6.70
C GLN E 79 -8.09 -38.38 -8.10
N VAL E 80 -8.05 -39.40 -8.93
CA VAL E 80 -8.65 -39.30 -10.26
C VAL E 80 -10.15 -39.17 -10.10
N PHE E 81 -10.77 -38.47 -11.04
CA PHE E 81 -12.21 -38.36 -11.09
C PHE E 81 -12.68 -38.39 -12.53
N THR E 82 -13.82 -39.05 -12.73
CA THR E 82 -14.47 -39.10 -14.03
C THR E 82 -15.84 -38.44 -13.90
N GLY E 83 -16.62 -38.53 -14.96
CA GLY E 83 -17.98 -38.04 -14.94
C GLY E 83 -18.05 -36.55 -14.75
N VAL E 84 -17.39 -35.81 -15.63
CA VAL E 84 -17.43 -34.36 -15.63
C VAL E 84 -17.79 -33.87 -17.03
N TYR E 85 -17.85 -32.57 -17.17
CA TYR E 85 -18.27 -31.91 -18.38
C TYR E 85 -17.85 -30.45 -18.20
N PRO E 86 -16.56 -30.20 -18.12
CA PRO E 86 -16.06 -29.00 -17.45
C PRO E 86 -16.32 -27.70 -18.17
N PHE E 87 -17.28 -26.92 -17.67
CA PHE E 87 -17.52 -25.59 -18.21
C PHE E 87 -16.31 -24.71 -18.03
N MET E 88 -15.66 -24.36 -19.13
CA MET E 88 -14.46 -23.50 -19.10
C MET E 88 -14.57 -22.53 -20.26
N TRP E 89 -15.27 -21.42 -20.04
CA TRP E 89 -15.24 -20.23 -20.89
C TRP E 89 -15.96 -20.38 -22.24
N GLY E 90 -16.34 -21.60 -22.61
CA GLY E 90 -17.03 -21.84 -23.86
C GLY E 90 -18.12 -22.87 -23.63
N GLY E 91 -18.71 -22.84 -22.44
CA GLY E 91 -19.39 -24.01 -21.98
C GLY E 91 -18.35 -25.07 -21.69
N ALA E 92 -18.76 -26.33 -21.76
CA ALA E 92 -17.79 -27.40 -21.66
C ALA E 92 -16.83 -27.35 -22.84
N TYR E 93 -15.77 -28.15 -22.77
CA TYR E 93 -14.84 -28.22 -23.89
C TYR E 93 -14.49 -29.66 -24.27
N CYS E 94 -14.53 -30.58 -23.32
CA CYS E 94 -14.30 -31.99 -23.63
C CYS E 94 -15.57 -32.60 -24.20
N PHE E 95 -15.47 -33.18 -25.39
CA PHE E 95 -16.66 -33.55 -26.15
C PHE E 95 -17.33 -34.83 -25.65
N CYS E 96 -16.60 -35.70 -24.96
CA CYS E 96 -17.25 -36.84 -24.32
C CYS E 96 -18.13 -36.33 -23.17
N ASP E 97 -18.79 -37.26 -22.48
CA ASP E 97 -19.71 -36.93 -21.40
C ASP E 97 -19.53 -37.74 -20.14
N THR E 98 -18.93 -38.91 -20.19
CA THR E 98 -18.55 -39.67 -19.01
C THR E 98 -17.08 -40.00 -19.02
N GLU E 99 -16.51 -40.21 -20.20
CA GLU E 99 -15.09 -40.39 -20.36
C GLU E 99 -14.32 -39.11 -20.08
N ASN E 100 -15.01 -37.98 -19.98
CA ASN E 100 -14.41 -36.76 -19.45
C ASN E 100 -13.82 -37.06 -18.08
N THR E 101 -12.50 -36.97 -17.98
CA THR E 101 -11.78 -37.32 -16.77
C THR E 101 -11.13 -36.07 -16.20
N GLN E 102 -11.07 -36.02 -14.88
CA GLN E 102 -10.50 -34.91 -14.14
C GLN E 102 -9.67 -35.50 -13.01
N MET E 103 -8.39 -35.18 -13.00
CA MET E 103 -7.46 -35.66 -11.99
C MET E 103 -7.08 -34.49 -11.12
N SER E 104 -7.58 -34.48 -9.89
CA SER E 104 -7.27 -33.45 -8.92
C SER E 104 -6.08 -33.90 -8.09
N GLU E 105 -5.17 -32.97 -7.84
CA GLU E 105 -4.01 -33.22 -7.02
C GLU E 105 -3.76 -31.99 -6.16
N ALA E 106 -3.43 -32.22 -4.90
CA ALA E 106 -3.13 -31.15 -3.98
C ALA E 106 -2.17 -31.65 -2.93
N TYR E 107 -1.13 -30.86 -2.66
CA TYR E 107 -0.19 -31.16 -1.61
C TYR E 107 -0.14 -29.99 -0.64
N VAL E 108 0.37 -30.28 0.52
CA VAL E 108 0.52 -29.31 1.58
C VAL E 108 1.87 -28.63 1.43
N GLU E 109 1.90 -27.34 1.75
CA GLU E 109 3.14 -26.58 1.68
C GLU E 109 3.14 -25.54 2.78
N ARG E 110 4.33 -25.22 3.26
CA ARG E 110 4.50 -24.15 4.22
C ARG E 110 3.94 -22.86 3.67
N SER E 111 3.20 -22.14 4.52
CA SER E 111 2.79 -20.80 4.15
C SER E 111 3.99 -19.90 3.99
N GLU E 112 3.75 -18.73 3.40
CA GLU E 112 4.77 -17.69 3.44
C GLU E 112 4.92 -17.17 4.85
N GLU E 113 3.85 -17.24 5.65
CA GLU E 113 3.93 -16.86 7.05
C GLU E 113 4.73 -17.85 7.88
N CYS E 114 4.90 -19.08 7.38
CA CYS E 114 5.67 -20.07 8.11
C CYS E 114 7.08 -19.58 8.39
N SER E 115 7.63 -18.78 7.48
CA SER E 115 8.97 -18.25 7.69
C SER E 115 9.03 -17.34 8.90
N ILE E 116 7.94 -16.63 9.18
CA ILE E 116 7.96 -15.47 10.03
C ILE E 116 6.98 -15.58 11.19
N ASP E 117 5.77 -16.02 10.91
CA ASP E 117 4.73 -16.21 11.91
C ASP E 117 4.55 -17.71 12.06
N HIS E 118 5.17 -18.27 13.07
CA HIS E 118 5.28 -19.70 13.17
C HIS E 118 5.50 -20.09 14.61
N ALA E 119 4.76 -21.09 15.06
CA ALA E 119 5.08 -21.68 16.33
C ALA E 119 6.36 -22.47 16.19
N LYS E 120 6.91 -22.89 17.32
CA LYS E 120 8.25 -23.47 17.31
C LYS E 120 8.39 -24.36 18.54
N ALA E 121 8.51 -25.65 18.30
CA ALA E 121 8.64 -26.60 19.39
C ALA E 121 10.09 -26.69 19.83
N TYR E 122 10.27 -27.29 21.01
CA TYR E 122 11.60 -27.51 21.55
C TYR E 122 11.56 -28.65 22.54
N LYS E 123 12.62 -29.45 22.55
CA LYS E 123 12.94 -30.28 23.71
C LYS E 123 13.93 -29.52 24.56
N VAL E 124 13.52 -29.19 25.77
CA VAL E 124 14.23 -28.23 26.60
C VAL E 124 14.86 -28.95 27.77
N HIS E 125 16.18 -28.85 27.86
CA HIS E 125 16.98 -29.31 28.98
C HIS E 125 17.29 -28.12 29.88
N THR E 126 18.27 -28.26 30.77
CA THR E 126 18.42 -27.30 31.87
C THR E 126 19.36 -26.13 31.55
N GLY E 127 20.48 -26.36 30.88
CA GLY E 127 21.46 -25.31 30.58
C GLY E 127 22.00 -24.60 31.81
N THR E 128 22.29 -23.30 31.65
CA THR E 128 23.17 -22.57 32.56
C THR E 128 22.76 -21.11 32.65
N VAL E 129 22.49 -20.63 33.87
CA VAL E 129 21.88 -19.31 34.06
C VAL E 129 22.96 -18.22 34.19
N GLN E 130 22.55 -16.98 33.89
CA GLN E 130 23.46 -15.84 33.73
C GLN E 130 22.92 -14.61 34.47
N ALA E 131 23.69 -13.51 34.42
CA ALA E 131 23.34 -12.27 35.12
C ALA E 131 24.31 -11.16 34.74
N MET E 132 23.83 -9.92 34.63
CA MET E 132 24.67 -8.74 34.40
C MET E 132 25.04 -8.05 35.69
N VAL E 133 25.57 -8.79 36.65
CA VAL E 133 25.70 -8.34 38.03
C VAL E 133 26.39 -6.98 38.09
N ASN E 134 25.68 -5.96 38.57
CA ASN E 134 26.37 -4.74 38.96
C ASN E 134 26.89 -4.94 40.36
N ILE E 135 28.13 -4.51 40.57
CA ILE E 135 28.61 -4.17 41.89
C ILE E 135 29.21 -2.79 41.80
N THR E 136 28.61 -1.85 42.51
CA THR E 136 29.23 -0.54 42.74
C THR E 136 30.09 -0.70 44.00
N TYR E 137 31.20 -1.39 43.81
CA TYR E 137 31.95 -1.94 44.94
C TYR E 137 32.68 -0.87 45.73
N GLY E 138 32.66 -1.02 47.06
CA GLY E 138 33.59 -0.40 47.98
C GLY E 138 33.80 1.08 47.74
N SER E 139 35.01 1.39 47.27
CA SER E 139 35.31 2.66 46.63
C SER E 139 35.52 2.53 45.13
N VAL E 140 35.54 1.30 44.60
CA VAL E 140 35.61 1.10 43.16
C VAL E 140 34.40 1.76 42.50
N SER E 141 33.23 1.55 43.09
CA SER E 141 31.97 2.20 42.72
C SER E 141 31.38 1.71 41.42
N TRP E 142 32.01 0.76 40.73
CA TRP E 142 31.42 0.28 39.49
C TRP E 142 32.01 -1.00 38.90
N ARG E 143 31.13 -1.92 38.54
CA ARG E 143 31.36 -2.92 37.51
C ARG E 143 30.00 -3.46 37.17
N SER E 144 29.67 -3.52 35.89
CA SER E 144 28.42 -4.12 35.43
C SER E 144 28.76 -5.20 34.43
N ALA E 145 28.94 -6.41 34.94
CA ALA E 145 29.51 -7.51 34.18
C ALA E 145 28.53 -8.66 34.04
N ASP E 146 28.63 -9.34 32.90
CA ASP E 146 27.84 -10.53 32.63
C ASP E 146 28.59 -11.74 33.15
N VAL E 147 27.90 -12.59 33.90
CA VAL E 147 28.52 -13.69 34.61
C VAL E 147 27.72 -14.96 34.35
N TYR E 148 28.15 -16.03 35.01
CA TYR E 148 27.51 -17.32 34.99
C TYR E 148 27.10 -17.70 36.42
N VAL E 149 26.66 -18.94 36.56
CA VAL E 149 26.20 -19.51 37.81
C VAL E 149 27.01 -20.69 38.25
N ASN E 150 27.68 -21.35 37.33
CA ASN E 150 28.40 -22.56 37.65
C ASN E 150 29.57 -22.26 38.57
N GLY E 151 29.62 -22.97 39.69
CA GLY E 151 30.42 -22.53 40.82
C GLY E 151 31.92 -22.72 40.70
N GLU E 152 32.47 -22.45 39.52
CA GLU E 152 33.90 -22.21 39.40
C GLU E 152 34.22 -21.15 38.36
N THR E 153 33.23 -20.47 37.81
CA THR E 153 33.48 -19.48 36.78
C THR E 153 33.77 -18.13 37.43
N PRO E 154 34.95 -17.55 37.23
CA PRO E 154 35.12 -16.12 37.51
C PRO E 154 34.69 -15.26 36.34
N ALA E 155 34.64 -13.96 36.60
CA ALA E 155 34.49 -12.96 35.54
C ALA E 155 35.24 -11.71 35.99
N LYS E 156 36.50 -11.61 35.57
CA LYS E 156 37.36 -10.50 35.94
C LYS E 156 37.06 -9.32 35.03
N ILE E 157 35.90 -8.71 35.28
CA ILE E 157 35.47 -7.49 34.62
C ILE E 157 35.33 -6.44 35.70
N GLY E 158 36.11 -5.37 35.58
CA GLY E 158 36.32 -4.44 36.68
C GLY E 158 37.68 -4.71 37.27
N ASP E 159 37.71 -5.06 38.55
CA ASP E 159 38.92 -5.55 39.20
C ASP E 159 38.70 -6.79 40.05
N ALA E 160 37.46 -7.10 40.41
CA ALA E 160 37.18 -8.18 41.32
C ALA E 160 36.91 -9.46 40.56
N LYS E 161 37.30 -10.57 41.18
CA LYS E 161 37.06 -11.90 40.68
C LYS E 161 35.96 -12.53 41.52
N LEU E 162 34.91 -13.01 40.86
CA LEU E 162 33.68 -13.40 41.53
C LEU E 162 33.18 -14.73 41.00
N ILE E 163 32.84 -15.62 41.92
CA ILE E 163 32.37 -16.95 41.59
C ILE E 163 30.98 -17.09 42.17
N ILE E 164 30.08 -17.60 41.36
CA ILE E 164 28.66 -17.58 41.62
C ILE E 164 28.16 -19.00 41.57
N GLY E 165 27.18 -19.30 42.42
CA GLY E 165 26.43 -20.53 42.35
C GLY E 165 27.30 -21.75 42.50
N PRO E 166 26.81 -22.92 42.08
CA PRO E 166 25.52 -23.18 41.44
C PRO E 166 24.35 -22.97 42.37
N LEU E 167 23.29 -22.38 41.85
CA LEU E 167 22.10 -22.15 42.65
C LEU E 167 21.47 -23.47 43.04
N SER E 168 20.77 -23.46 44.18
CA SER E 168 20.09 -24.64 44.66
C SER E 168 18.70 -24.80 44.08
N SER E 169 18.16 -23.75 43.46
CA SER E 169 16.75 -23.71 43.06
C SER E 169 16.64 -24.03 41.58
N ALA E 170 16.73 -25.33 41.29
CA ALA E 170 16.84 -25.79 39.92
C ALA E 170 15.53 -25.81 39.17
N TRP E 171 14.51 -25.09 39.62
CA TRP E 171 13.25 -25.06 38.89
C TRP E 171 13.49 -24.31 37.59
N SER E 172 13.63 -25.06 36.52
CA SER E 172 13.54 -24.47 35.20
C SER E 172 12.06 -24.22 34.94
N PRO E 173 11.61 -22.96 34.85
CA PRO E 173 10.18 -22.75 34.60
C PRO E 173 9.74 -23.32 33.28
N PHE E 174 10.63 -23.40 32.30
CA PHE E 174 10.36 -24.20 31.12
C PHE E 174 10.15 -25.64 31.52
N ASP E 175 9.14 -26.27 30.93
CA ASP E 175 8.99 -27.71 31.03
C ASP E 175 9.96 -28.38 30.06
N ASN E 176 9.91 -29.70 30.01
CA ASN E 176 10.74 -30.43 29.05
C ASN E 176 10.37 -30.05 27.63
N LYS E 177 9.09 -30.14 27.30
CA LYS E 177 8.59 -29.82 25.99
C LYS E 177 7.98 -28.43 25.99
N VAL E 178 8.33 -27.63 25.00
CA VAL E 178 7.92 -26.24 24.94
C VAL E 178 7.57 -25.92 23.50
N VAL E 179 6.53 -25.12 23.33
CA VAL E 179 6.24 -24.46 22.07
C VAL E 179 6.49 -22.99 22.28
N VAL E 180 6.89 -22.32 21.20
CA VAL E 180 7.31 -20.94 21.22
C VAL E 180 6.69 -20.23 20.04
N TYR E 181 6.24 -18.99 20.26
CA TYR E 181 5.52 -18.25 19.24
C TYR E 181 5.83 -16.76 19.39
N GLY E 182 6.79 -16.30 18.62
CA GLY E 182 7.00 -14.87 18.47
C GLY E 182 7.58 -14.24 19.71
N HIS E 183 6.76 -14.13 20.75
CA HIS E 183 7.23 -13.86 22.10
C HIS E 183 6.52 -14.67 23.16
N GLU E 184 5.32 -15.15 22.90
CA GLU E 184 4.57 -15.91 23.89
C GLU E 184 5.05 -17.34 23.87
N VAL E 185 5.57 -17.79 25.00
CA VAL E 185 6.19 -19.10 25.13
C VAL E 185 5.24 -20.00 25.90
N TYR E 186 5.02 -21.19 25.36
CA TYR E 186 4.03 -22.12 25.88
C TYR E 186 4.74 -23.42 26.23
N ASN E 187 4.66 -23.81 27.50
CA ASN E 187 5.28 -25.04 27.99
C ASN E 187 4.39 -26.23 27.66
N TYR E 188 4.19 -26.41 26.37
CA TYR E 188 3.18 -27.30 25.84
C TYR E 188 3.77 -28.64 25.46
N ASP E 189 3.04 -29.69 25.78
CA ASP E 189 3.40 -31.04 25.34
C ASP E 189 3.02 -31.16 23.86
N PHE E 190 3.84 -30.54 23.02
CA PHE E 190 3.63 -30.68 21.59
C PHE E 190 3.73 -32.17 21.24
N PRO E 191 2.90 -32.68 20.32
CA PRO E 191 2.86 -34.13 20.13
C PRO E 191 4.20 -34.69 19.73
N GLU E 192 4.69 -34.33 18.53
CA GLU E 192 6.05 -34.57 18.08
C GLU E 192 6.14 -34.12 16.63
N TYR E 193 7.34 -33.98 16.11
CA TYR E 193 7.53 -34.03 14.67
C TYR E 193 6.99 -35.34 14.14
N GLY E 194 6.41 -35.31 12.95
CA GLY E 194 6.09 -36.52 12.25
C GLY E 194 4.78 -37.17 12.61
N THR E 195 4.00 -36.62 13.55
CA THR E 195 2.84 -37.31 14.09
C THR E 195 1.57 -36.49 14.19
N GLY E 196 1.66 -35.16 14.25
CA GLY E 196 0.57 -34.34 14.76
C GLY E 196 -0.75 -34.52 14.06
N LYS E 197 -1.77 -34.85 14.82
CA LYS E 197 -3.08 -35.13 14.24
C LYS E 197 -3.63 -33.88 13.57
N ALA E 198 -4.30 -34.09 12.44
CA ALA E 198 -4.80 -32.98 11.66
C ALA E 198 -5.82 -32.19 12.46
N GLY E 199 -5.74 -30.88 12.35
CA GLY E 199 -6.52 -29.98 13.16
C GLY E 199 -5.84 -29.68 14.46
N SER E 200 -5.31 -30.71 15.11
CA SER E 200 -4.56 -30.49 16.32
C SER E 200 -3.28 -29.75 16.00
N PHE E 201 -2.64 -29.25 17.06
CA PHE E 201 -1.40 -28.52 16.91
C PHE E 201 -0.37 -29.37 16.19
N GLY E 202 0.38 -28.73 15.31
CA GLY E 202 1.37 -29.45 14.54
C GLY E 202 0.77 -30.34 13.48
N ASP E 203 -0.27 -29.86 12.79
CA ASP E 203 -0.71 -30.58 11.61
C ASP E 203 0.36 -30.49 10.53
N LEU E 204 0.94 -29.31 10.36
CA LEU E 204 2.16 -29.13 9.60
C LEU E 204 3.31 -29.20 10.56
N GLN E 205 4.35 -29.94 10.19
CA GLN E 205 5.52 -30.09 11.05
C GLN E 205 6.73 -30.12 10.14
N SER E 206 7.37 -28.97 10.01
CA SER E 206 8.63 -28.83 9.28
C SER E 206 9.75 -28.69 10.27
N ARG E 207 10.86 -29.38 9.99
CA ARG E 207 12.03 -29.31 10.84
C ARG E 207 12.47 -27.87 11.05
N THR E 208 12.66 -27.15 9.95
CA THR E 208 12.91 -25.73 9.99
C THR E 208 12.14 -25.08 8.85
N SER E 209 12.43 -23.81 8.60
CA SER E 209 11.76 -23.10 7.54
C SER E 209 12.28 -23.52 6.18
N THR E 210 13.59 -23.71 6.08
CA THR E 210 14.21 -24.14 4.83
C THR E 210 13.79 -25.56 4.46
N SER E 211 13.49 -26.40 5.45
CA SER E 211 13.31 -27.82 5.22
C SER E 211 12.15 -28.10 4.27
N ASN E 212 12.48 -28.54 3.06
CA ASN E 212 11.44 -28.83 2.08
C ASN E 212 10.58 -30.00 2.51
N ASP E 213 11.18 -30.96 3.20
CA ASP E 213 10.42 -32.08 3.74
C ASP E 213 9.70 -31.64 5.01
N LEU E 214 8.60 -32.33 5.30
CA LEU E 214 7.83 -32.03 6.50
C LEU E 214 6.91 -33.20 6.78
N TYR E 215 6.00 -33.00 7.73
CA TYR E 215 4.91 -33.92 8.01
C TYR E 215 3.63 -33.13 8.02
N ALA E 216 2.74 -33.45 7.09
CA ALA E 216 1.47 -32.74 6.94
C ALA E 216 0.33 -33.75 7.06
N ASN E 217 -0.04 -34.05 8.29
CA ASN E 217 -1.32 -34.70 8.55
C ASN E 217 -2.32 -33.56 8.66
N THR E 218 -2.96 -33.26 7.54
CA THR E 218 -4.05 -32.30 7.49
C THR E 218 -5.38 -32.94 7.16
N ASN E 219 -5.41 -34.24 6.91
CA ASN E 219 -6.62 -34.92 6.49
C ASN E 219 -7.15 -34.29 5.20
N LEU E 220 -6.23 -33.88 4.35
CA LEU E 220 -6.59 -33.29 3.08
C LEU E 220 -7.25 -34.35 2.22
N LYS E 221 -8.52 -34.14 1.90
CA LYS E 221 -9.30 -35.08 1.10
C LYS E 221 -9.94 -34.31 -0.05
N LEU E 222 -9.49 -34.58 -1.26
CA LEU E 222 -10.09 -33.97 -2.42
C LEU E 222 -11.44 -34.61 -2.71
N GLN E 223 -12.37 -33.79 -3.18
CA GLN E 223 -13.67 -34.24 -3.64
C GLN E 223 -13.84 -33.83 -5.10
N ARG E 224 -14.77 -34.49 -5.76
CA ARG E 224 -14.92 -34.25 -7.19
C ARG E 224 -15.55 -32.88 -7.40
N PRO E 225 -15.12 -32.14 -8.42
CA PRO E 225 -15.80 -30.87 -8.69
C PRO E 225 -17.21 -31.10 -9.19
N GLN E 226 -18.04 -30.11 -8.98
CA GLN E 226 -19.47 -30.23 -9.17
C GLN E 226 -19.90 -29.89 -10.59
N ALA E 227 -20.88 -30.64 -11.08
CA ALA E 227 -21.73 -30.29 -12.23
C ALA E 227 -20.92 -29.83 -13.44
N GLY E 228 -19.84 -30.54 -13.72
CA GLY E 228 -19.06 -30.25 -14.91
C GLY E 228 -18.50 -28.85 -14.92
N ILE E 229 -17.76 -28.49 -13.88
CA ILE E 229 -17.04 -27.22 -13.83
C ILE E 229 -15.64 -27.46 -13.29
N VAL E 230 -14.70 -26.69 -13.81
CA VAL E 230 -13.30 -26.76 -13.39
C VAL E 230 -13.17 -26.11 -12.03
N HIS E 231 -12.81 -26.90 -11.03
CA HIS E 231 -12.28 -26.40 -9.77
C HIS E 231 -11.82 -27.62 -8.99
N THR E 232 -11.34 -27.39 -7.77
CA THR E 232 -10.67 -28.39 -6.96
C THR E 232 -11.24 -28.33 -5.56
N PRO E 233 -12.24 -29.13 -5.26
CA PRO E 233 -12.64 -29.28 -3.87
C PRO E 233 -11.49 -29.86 -3.08
N PHE E 234 -10.92 -29.06 -2.19
CA PHE E 234 -10.00 -29.55 -1.18
C PHE E 234 -10.70 -29.39 0.15
N THR E 235 -10.98 -30.53 0.78
CA THR E 235 -11.65 -30.58 2.07
C THR E 235 -10.59 -30.88 3.11
N GLN E 236 -10.44 -29.97 4.05
CA GLN E 236 -9.25 -29.95 4.88
C GLN E 236 -9.57 -29.28 6.18
N ALA E 237 -8.89 -29.72 7.22
CA ALA E 237 -8.94 -29.06 8.50
C ALA E 237 -8.14 -27.76 8.41
N PRO E 238 -8.73 -26.61 8.72
CA PRO E 238 -7.88 -25.45 8.97
C PRO E 238 -6.91 -25.75 10.10
N SER E 239 -5.79 -25.06 10.08
CA SER E 239 -4.64 -25.62 10.76
C SER E 239 -4.78 -25.61 12.27
N GLY E 240 -4.07 -26.53 12.89
CA GLY E 240 -3.74 -26.45 14.29
C GLY E 240 -2.77 -25.36 14.64
N PHE E 241 -2.33 -24.59 13.67
CA PHE E 241 -1.71 -23.28 13.89
C PHE E 241 -2.73 -22.16 13.81
N GLU E 242 -3.86 -22.38 13.16
CA GLU E 242 -4.93 -21.38 13.18
C GLU E 242 -5.58 -21.35 14.55
N ARG E 243 -6.20 -22.45 14.96
CA ARG E 243 -6.31 -22.69 16.38
C ARG E 243 -4.91 -22.89 16.91
N TRP E 244 -4.75 -22.73 18.22
CA TRP E 244 -3.49 -22.46 18.91
C TRP E 244 -3.15 -20.98 18.82
N LYS E 245 -3.94 -20.18 18.10
CA LYS E 245 -3.87 -18.73 18.18
C LYS E 245 -5.13 -18.10 18.72
N ARG E 246 -6.23 -18.86 18.82
CA ARG E 246 -7.45 -18.34 19.43
C ARG E 246 -8.21 -19.37 20.27
N ASP E 247 -7.71 -20.59 20.41
CA ASP E 247 -8.20 -21.54 21.42
C ASP E 247 -7.02 -22.14 22.17
N LYS E 248 -5.97 -21.33 22.34
CA LYS E 248 -4.69 -21.76 22.89
C LYS E 248 -4.75 -21.83 24.40
N GLY E 249 -3.56 -21.95 25.00
CA GLY E 249 -3.34 -21.70 26.40
C GLY E 249 -2.53 -20.44 26.61
N ALA E 250 -2.41 -20.08 27.87
CA ALA E 250 -1.81 -18.80 28.22
C ALA E 250 -0.29 -18.90 28.28
N PRO E 251 0.42 -17.78 28.19
CA PRO E 251 1.88 -17.86 28.12
C PRO E 251 2.58 -17.94 29.45
N LEU E 252 3.74 -18.59 29.37
CA LEU E 252 4.55 -18.86 30.54
C LEU E 252 5.03 -17.58 31.18
N ASN E 253 5.15 -16.50 30.42
CA ASN E 253 5.36 -15.19 31.03
C ASN E 253 4.08 -14.61 31.61
N ASP E 254 2.99 -15.39 31.60
CA ASP E 254 1.77 -15.05 32.30
C ASP E 254 1.24 -16.19 33.17
N VAL E 255 1.90 -17.37 33.19
CA VAL E 255 1.45 -18.46 34.05
C VAL E 255 2.59 -19.16 34.79
N ALA E 256 3.83 -18.74 34.58
CA ALA E 256 4.93 -19.41 35.24
C ALA E 256 4.83 -19.29 36.75
N PRO E 257 5.52 -20.15 37.49
CA PRO E 257 5.79 -19.87 38.90
C PRO E 257 7.10 -19.14 39.16
N PHE E 258 7.30 -18.83 40.44
CA PHE E 258 8.51 -18.26 41.03
C PHE E 258 9.17 -17.15 40.23
N GLY E 259 8.35 -16.37 39.54
CA GLY E 259 8.71 -15.04 39.10
C GLY E 259 9.68 -14.80 37.97
N CYS E 260 9.26 -15.12 36.75
CA CYS E 260 10.10 -15.15 35.58
C CYS E 260 9.47 -14.29 34.49
N SER E 261 10.33 -13.82 33.59
CA SER E 261 9.92 -13.18 32.36
C SER E 261 10.69 -13.86 31.23
N ILE E 262 10.22 -13.63 30.00
CA ILE E 262 10.56 -14.49 28.86
C ILE E 262 10.90 -13.64 27.65
N ALA E 263 11.67 -14.21 26.72
CA ALA E 263 11.96 -13.56 25.45
C ALA E 263 12.20 -14.59 24.35
N LEU E 264 11.79 -14.25 23.13
CA LEU E 264 12.22 -14.94 21.92
C LEU E 264 13.48 -14.23 21.44
N GLU E 265 14.57 -14.68 21.95
CA GLU E 265 15.87 -14.07 22.07
C GLU E 265 16.58 -15.37 22.47
N PRO E 266 17.75 -15.40 23.10
CA PRO E 266 18.34 -16.72 23.42
C PRO E 266 17.51 -17.73 24.22
N LEU E 267 16.20 -17.49 24.47
CA LEU E 267 15.26 -18.39 25.11
C LEU E 267 15.53 -18.38 26.60
N ARG E 268 15.87 -17.21 27.08
CA ARG E 268 16.08 -17.03 28.48
C ARG E 268 14.75 -16.93 29.20
N ALA E 269 14.80 -17.07 30.51
CA ALA E 269 13.67 -16.83 31.38
C ALA E 269 14.19 -15.89 32.48
N GLU E 270 14.05 -14.59 32.23
CA GLU E 270 14.72 -13.60 33.06
C GLU E 270 14.20 -13.61 34.49
N ASN E 271 15.09 -13.23 35.41
CA ASN E 271 14.73 -12.63 36.68
C ASN E 271 13.94 -13.59 37.56
N CYS E 272 14.21 -14.89 37.42
CA CYS E 272 13.52 -15.91 38.19
C CYS E 272 14.00 -15.86 39.64
N ALA E 273 13.23 -15.18 40.48
CA ALA E 273 13.56 -15.00 41.88
C ALA E 273 13.16 -16.26 42.64
N VAL E 274 14.12 -17.13 42.92
CA VAL E 274 13.84 -18.28 43.75
C VAL E 274 15.12 -18.86 44.33
N GLY E 275 15.10 -19.14 45.62
CA GLY E 275 16.21 -19.77 46.28
C GLY E 275 17.39 -18.84 46.47
N SER E 276 18.53 -19.46 46.74
CA SER E 276 19.76 -18.77 47.10
C SER E 276 20.87 -19.17 46.15
N ILE E 277 21.95 -18.39 46.18
CA ILE E 277 23.10 -18.60 45.33
C ILE E 277 24.35 -18.49 46.19
N PRO E 278 25.18 -19.54 46.32
CA PRO E 278 26.41 -19.43 47.11
C PRO E 278 27.53 -18.68 46.42
N ILE E 279 27.60 -17.38 46.64
CA ILE E 279 28.48 -16.50 45.88
C ILE E 279 29.71 -16.18 46.69
N SER E 280 30.84 -16.09 46.00
CA SER E 280 32.14 -15.93 46.63
C SER E 280 33.00 -15.06 45.72
N ILE E 281 33.67 -14.07 46.31
CA ILE E 281 34.44 -13.09 45.56
C ILE E 281 35.85 -13.05 46.11
N ASP E 282 36.80 -12.80 45.20
CA ASP E 282 38.17 -12.46 45.54
C ASP E 282 38.37 -11.00 45.15
N ILE E 283 38.34 -10.14 46.16
CA ILE E 283 38.49 -8.70 46.02
C ILE E 283 39.93 -8.39 45.62
N PRO E 284 40.22 -7.28 44.94
CA PRO E 284 41.61 -6.84 44.84
C PRO E 284 42.07 -6.27 46.17
N ASP E 285 43.15 -6.81 46.70
CA ASP E 285 43.68 -6.36 47.98
C ASP E 285 44.06 -4.88 47.93
N ALA E 286 44.40 -4.37 46.75
CA ALA E 286 44.67 -2.94 46.63
C ALA E 286 43.46 -2.12 47.00
N ALA E 287 42.26 -2.60 46.71
CA ALA E 287 41.06 -1.86 47.05
C ALA E 287 40.83 -1.79 48.54
N PHE E 288 41.41 -2.70 49.31
CA PHE E 288 41.30 -2.60 50.76
C PHE E 288 41.99 -1.35 51.27
N THR E 289 41.43 -0.82 52.34
CA THR E 289 42.10 0.17 53.17
C THR E 289 42.61 -0.54 54.42
N ARG E 290 43.84 -0.24 54.79
CA ARG E 290 44.38 -0.84 56.00
C ARG E 290 43.62 -0.32 57.21
N ILE E 291 43.65 -1.13 58.27
CA ILE E 291 42.76 -0.87 59.40
C ILE E 291 43.14 0.39 60.15
N SER E 292 44.42 0.77 60.11
CA SER E 292 44.91 1.88 60.91
C SER E 292 44.63 3.23 60.30
N GLU E 293 43.77 3.31 59.29
CA GLU E 293 43.49 4.55 58.58
C GLU E 293 42.02 4.93 58.62
N THR E 294 41.13 3.99 58.85
CA THR E 294 39.73 4.32 59.06
C THR E 294 39.51 4.68 60.53
N PRO E 295 38.63 5.62 60.83
CA PRO E 295 38.38 5.94 62.24
C PRO E 295 37.78 4.76 62.98
N THR E 296 38.27 4.56 64.21
CA THR E 296 37.62 3.65 65.14
C THR E 296 36.46 4.37 65.80
N VAL E 297 35.30 3.72 65.79
CA VAL E 297 34.02 4.38 66.03
C VAL E 297 33.41 4.00 67.37
N SER E 298 34.04 3.10 68.11
CA SER E 298 33.44 2.54 69.32
C SER E 298 33.19 3.61 70.38
N ASP E 299 32.57 3.20 71.50
CA ASP E 299 32.02 4.12 72.49
C ASP E 299 30.95 5.00 71.88
N LEU E 300 30.13 4.40 71.04
CA LEU E 300 29.06 5.05 70.30
C LEU E 300 27.72 4.78 70.97
N GLU E 301 26.64 5.15 70.28
CA GLU E 301 25.31 4.72 70.65
C GLU E 301 24.43 4.75 69.41
N CYS E 302 23.51 3.80 69.32
CA CYS E 302 22.55 3.71 68.23
C CYS E 302 21.14 3.64 68.77
N LYS E 303 20.21 4.28 68.04
CA LYS E 303 18.80 4.14 68.37
C LYS E 303 17.98 4.51 67.15
N ILE E 304 16.90 3.75 66.95
CA ILE E 304 15.89 4.18 66.00
C ILE E 304 15.31 5.50 66.45
N THR E 305 14.70 6.18 65.52
CA THR E 305 13.92 7.38 65.80
C THR E 305 12.54 7.33 65.20
N GLU E 306 12.41 6.75 64.01
CA GLU E 306 11.10 6.47 63.42
C GLU E 306 11.27 5.22 62.57
N CYS E 307 11.07 4.07 63.19
CA CYS E 307 11.20 2.82 62.47
C CYS E 307 9.88 2.49 61.79
N THR E 308 9.97 2.21 60.50
CA THR E 308 8.82 1.89 59.68
C THR E 308 8.87 0.40 59.38
N TYR E 309 7.84 -0.32 59.82
CA TYR E 309 7.80 -1.78 59.82
C TYR E 309 7.42 -2.27 58.43
N ALA E 310 8.36 -2.09 57.49
CA ALA E 310 7.97 -2.00 56.09
C ALA E 310 9.08 -2.46 55.14
N SER E 311 8.83 -2.22 53.85
CA SER E 311 9.63 -2.69 52.73
C SER E 311 10.56 -1.60 52.21
N ASP E 312 9.98 -0.48 51.79
CA ASP E 312 10.77 0.69 51.46
C ASP E 312 11.61 1.06 52.67
N PHE E 313 12.74 1.71 52.42
CA PHE E 313 13.66 2.00 53.49
C PHE E 313 13.10 3.09 54.38
N GLY E 314 12.09 2.74 55.17
CA GLY E 314 11.43 3.69 56.04
C GLY E 314 12.05 3.70 57.41
N GLY E 315 12.72 2.61 57.78
CA GLY E 315 13.37 2.56 59.08
C GLY E 315 14.57 3.49 59.12
N ILE E 316 14.66 4.28 60.18
CA ILE E 316 15.79 5.19 60.38
C ILE E 316 16.32 5.04 61.79
N ALA E 317 17.55 5.47 61.97
CA ALA E 317 18.17 5.42 63.29
C ALA E 317 19.36 6.35 63.33
N THR E 318 19.33 7.30 64.24
CA THR E 318 20.52 8.05 64.53
C THR E 318 21.54 7.15 65.20
N VAL E 319 22.80 7.53 65.07
CA VAL E 319 23.89 6.81 65.71
C VAL E 319 24.83 7.85 66.28
N ALA E 320 25.04 7.81 67.59
CA ALA E 320 25.97 8.71 68.25
C ALA E 320 27.38 8.23 67.95
N TYR E 321 27.87 8.61 66.78
CA TYR E 321 29.19 8.18 66.36
C TYR E 321 30.24 8.77 67.26
N LYS E 322 31.17 7.91 67.69
CA LYS E 322 32.27 8.29 68.57
C LYS E 322 33.55 7.84 67.89
N SER E 323 34.06 8.70 67.01
CA SER E 323 35.18 8.34 66.15
C SER E 323 36.50 8.69 66.80
N SER E 324 37.57 8.25 66.15
CA SER E 324 38.94 8.61 66.51
C SER E 324 39.54 9.54 65.48
N LYS E 325 39.57 9.11 64.22
CA LYS E 325 39.86 9.97 63.09
C LYS E 325 38.53 10.48 62.55
N ALA E 326 38.55 11.08 61.37
CA ALA E 326 37.35 11.50 60.67
C ALA E 326 37.43 11.04 59.23
N GLY E 327 36.34 10.47 58.74
CA GLY E 327 36.31 9.98 57.38
C GLY E 327 35.13 9.08 57.14
N ASN E 328 35.29 8.15 56.21
CA ASN E 328 34.24 7.23 55.86
C ASN E 328 34.29 6.00 56.77
N CYS E 329 33.18 5.30 56.78
CA CYS E 329 33.00 4.14 57.64
C CYS E 329 31.95 3.24 57.00
N PRO E 330 32.33 2.15 56.34
CA PRO E 330 31.30 1.28 55.77
C PRO E 330 30.49 0.62 56.85
N ILE E 331 29.23 0.36 56.52
CA ILE E 331 28.25 -0.13 57.48
C ILE E 331 27.49 -1.30 56.89
N HIS E 332 26.99 -2.15 57.78
CA HIS E 332 26.18 -3.29 57.41
C HIS E 332 25.61 -3.90 58.68
N SER E 333 24.45 -4.50 58.56
CA SER E 333 23.86 -5.31 59.61
C SER E 333 24.15 -6.77 59.27
N PRO E 334 25.11 -7.42 59.93
CA PRO E 334 25.37 -8.83 59.62
C PRO E 334 24.15 -9.70 59.80
N SER E 335 23.26 -9.33 60.71
CA SER E 335 21.96 -9.97 60.77
C SER E 335 21.14 -9.54 59.57
N GLY E 336 20.43 -10.49 58.98
CA GLY E 336 19.59 -10.19 57.85
C GLY E 336 18.28 -9.54 58.19
N VAL E 337 18.05 -9.23 59.47
CA VAL E 337 16.81 -8.59 59.89
C VAL E 337 16.67 -7.23 59.21
N ALA E 338 17.74 -6.47 59.20
CA ALA E 338 17.73 -5.09 58.73
C ALA E 338 18.51 -4.99 57.44
N VAL E 339 17.91 -4.33 56.45
CA VAL E 339 18.55 -4.05 55.18
C VAL E 339 18.68 -2.54 55.09
N ILE E 340 19.88 -2.09 54.76
CA ILE E 340 20.26 -0.69 54.90
C ILE E 340 20.50 -0.10 53.52
N LYS E 341 20.04 1.14 53.34
CA LYS E 341 20.22 1.83 52.08
C LYS E 341 21.64 2.35 51.93
N GLU E 342 22.23 2.82 53.02
CA GLU E 342 23.57 3.37 53.00
C GLU E 342 24.59 2.25 53.19
N ASN E 343 25.52 2.15 52.26
CA ASN E 343 26.67 1.28 52.43
C ASN E 343 27.72 1.93 53.32
N ASP E 344 27.87 3.25 53.19
CA ASP E 344 28.96 3.99 53.78
C ASP E 344 28.41 5.26 54.39
N VAL E 345 28.99 5.66 55.51
CA VAL E 345 28.62 6.89 56.19
C VAL E 345 29.89 7.70 56.41
N THR E 346 29.81 8.98 56.12
CA THR E 346 30.90 9.90 56.39
C THR E 346 30.87 10.29 57.86
N LEU E 347 32.06 10.53 58.42
CA LEU E 347 32.17 10.87 59.83
C LEU E 347 33.15 12.00 60.04
N ALA E 348 32.69 13.01 60.78
CA ALA E 348 33.57 13.98 61.40
C ALA E 348 34.07 13.37 62.71
N GLU E 349 34.70 14.18 63.54
CA GLU E 349 35.22 13.68 64.80
C GLU E 349 34.06 13.47 65.77
N SER E 350 33.52 12.26 65.75
CA SER E 350 32.52 11.82 66.73
C SER E 350 31.26 12.68 66.67
N GLY E 351 30.62 12.65 65.51
CA GLY E 351 29.35 13.29 65.30
C GLY E 351 28.20 12.31 65.39
N SER E 352 27.18 12.55 64.57
CA SER E 352 26.02 11.68 64.51
C SER E 352 25.42 11.76 63.12
N PHE E 353 25.04 10.61 62.56
CA PHE E 353 24.48 10.55 61.22
C PHE E 353 23.46 9.43 61.16
N THR E 354 22.24 9.80 60.81
CA THR E 354 21.17 8.83 60.61
C THR E 354 21.36 8.11 59.29
N PHE E 355 20.93 6.86 59.26
CA PHE E 355 20.83 6.10 58.04
C PHE E 355 19.40 5.61 57.88
N HIS E 356 19.13 4.99 56.74
CA HIS E 356 17.83 4.45 56.40
C HIS E 356 17.91 2.93 56.35
N PHE E 357 16.79 2.27 56.64
CA PHE E 357 16.77 0.82 56.55
C PHE E 357 15.33 0.34 56.48
N SER E 358 15.17 -0.98 56.50
CA SER E 358 13.88 -1.64 56.49
C SER E 358 14.01 -2.98 57.21
N THR E 359 12.94 -3.38 57.90
CA THR E 359 12.95 -4.57 58.73
C THR E 359 11.63 -5.29 58.57
N ALA E 360 11.49 -6.39 59.31
CA ALA E 360 10.29 -7.19 59.30
C ALA E 360 9.84 -7.63 60.68
N ASN E 361 10.60 -7.38 61.72
CA ASN E 361 10.24 -7.75 63.07
C ASN E 361 9.94 -6.50 63.89
N ILE E 362 8.85 -6.58 64.65
CA ILE E 362 8.32 -5.43 65.36
C ILE E 362 9.39 -4.81 66.26
N HIS E 363 10.21 -5.66 66.86
CA HIS E 363 11.29 -5.24 67.73
C HIS E 363 12.59 -5.54 67.01
N PRO E 364 13.06 -4.66 66.14
CA PRO E 364 14.28 -4.97 65.41
C PRO E 364 15.51 -4.91 66.29
N ALA E 365 15.97 -6.08 66.71
CA ALA E 365 17.20 -6.22 67.46
C ALA E 365 18.30 -6.73 66.53
N PHE E 366 18.77 -5.82 65.68
CA PHE E 366 19.79 -6.14 64.69
C PHE E 366 21.09 -5.45 65.06
N LYS E 367 22.18 -6.19 64.93
CA LYS E 367 23.49 -5.61 65.08
C LYS E 367 23.78 -4.70 63.90
N LEU E 368 24.62 -3.69 64.16
CA LEU E 368 25.11 -2.82 63.12
C LEU E 368 26.61 -2.70 63.27
N GLN E 369 27.33 -3.02 62.20
CA GLN E 369 28.78 -3.11 62.23
C GLN E 369 29.30 -1.88 61.51
N VAL E 370 29.59 -0.83 62.28
CA VAL E 370 30.07 0.43 61.71
C VAL E 370 31.60 0.32 61.69
N CYS E 371 32.10 -0.27 60.61
CA CYS E 371 33.52 -0.41 60.32
C CYS E 371 34.31 -0.89 61.53
N THR E 372 34.00 -2.12 61.91
CA THR E 372 34.53 -2.80 63.09
C THR E 372 34.09 -2.12 64.37
N SER E 373 32.79 -1.99 64.55
CA SER E 373 32.23 -1.66 65.84
C SER E 373 30.77 -2.08 65.80
N ALA E 374 30.42 -3.10 66.58
CA ALA E 374 29.07 -3.63 66.58
C ALA E 374 28.19 -2.80 67.51
N VAL E 375 26.89 -2.83 67.24
CA VAL E 375 25.94 -2.18 68.11
C VAL E 375 24.54 -2.70 67.80
N THR E 376 23.77 -2.89 68.86
CA THR E 376 22.37 -3.24 68.74
C THR E 376 21.56 -1.97 68.58
N CYS E 377 20.83 -1.86 67.48
CA CYS E 377 19.90 -0.76 67.25
C CYS E 377 18.47 -1.20 67.59
N LYS E 378 18.32 -1.62 68.84
CA LYS E 378 17.03 -2.10 69.32
C LYS E 378 15.98 -1.00 69.23
N GLY E 379 14.73 -1.41 69.06
CA GLY E 379 13.64 -0.46 69.11
C GLY E 379 12.29 -1.07 68.74
N ASP E 380 11.45 -0.24 68.14
CA ASP E 380 10.10 -0.65 67.77
C ASP E 380 9.65 0.14 66.55
N CYS E 381 8.80 -0.48 65.74
CA CYS E 381 8.49 0.00 64.41
C CYS E 381 6.99 0.17 64.22
N LYS E 382 6.63 0.87 63.14
CA LYS E 382 5.26 1.26 62.86
C LYS E 382 4.82 0.72 61.49
N PRO E 383 3.61 0.19 61.37
CA PRO E 383 3.14 -0.27 60.06
C PRO E 383 2.77 0.89 59.14
N PRO E 384 3.01 0.77 57.81
CA PRO E 384 2.52 1.78 56.86
C PRO E 384 1.09 1.60 56.37
N LYS E 385 0.76 2.37 55.33
CA LYS E 385 -0.61 2.56 54.88
C LYS E 385 -0.83 2.37 53.38
N ASP E 386 0.22 2.27 52.54
CA ASP E 386 0.16 2.73 51.14
C ASP E 386 0.77 1.70 50.16
N HIS E 387 0.28 0.47 50.20
CA HIS E 387 0.98 -0.69 49.62
C HIS E 387 0.48 -1.13 48.24
N ILE E 388 0.71 -0.31 47.21
CA ILE E 388 0.52 -0.80 45.84
C ILE E 388 1.55 -0.29 44.83
N VAL E 389 2.80 -0.77 44.89
CA VAL E 389 3.86 -0.32 43.95
C VAL E 389 4.78 -1.53 43.94
N ASP E 390 5.88 -1.55 43.16
CA ASP E 390 6.67 -2.73 42.74
C ASP E 390 7.30 -3.46 43.93
N TYR E 391 8.49 -4.05 43.85
CA TYR E 391 8.87 -5.06 44.86
C TYR E 391 9.86 -4.56 45.90
N PRO E 392 9.96 -5.25 47.05
CA PRO E 392 10.55 -4.65 48.24
C PRO E 392 12.08 -4.71 48.27
N ALA E 393 12.61 -4.05 49.29
CA ALA E 393 14.02 -4.11 49.68
C ALA E 393 14.24 -4.88 50.97
N GLN E 394 13.17 -5.39 51.58
CA GLN E 394 13.19 -5.97 52.91
C GLN E 394 13.57 -7.44 52.85
N HIS E 395 12.76 -8.22 52.12
CA HIS E 395 12.98 -9.61 51.74
C HIS E 395 13.62 -10.44 52.83
N THR E 396 13.16 -10.25 54.07
CA THR E 396 13.77 -10.85 55.24
C THR E 396 12.73 -11.38 56.21
N GLU E 397 11.55 -11.73 55.72
CA GLU E 397 10.48 -12.14 56.59
C GLU E 397 10.82 -13.45 57.29
N SER E 398 10.60 -13.49 58.59
CA SER E 398 10.85 -14.67 59.38
C SER E 398 9.87 -14.66 60.55
N PHE E 399 10.15 -15.46 61.57
CA PHE E 399 9.31 -15.50 62.75
C PHE E 399 9.46 -14.21 63.55
N THR E 400 8.35 -13.55 63.82
CA THR E 400 8.32 -12.25 64.50
C THR E 400 7.20 -12.17 65.54
N PRO F 14 -2.82 -12.07 -17.89
CA PRO F 14 -3.96 -12.08 -16.96
C PRO F 14 -4.78 -13.33 -17.09
N TYR F 15 -4.63 -14.25 -16.13
CA TYR F 15 -5.30 -15.52 -16.27
C TYR F 15 -6.80 -15.35 -16.06
N ILE F 16 -7.57 -16.27 -16.64
CA ILE F 16 -9.00 -16.32 -16.44
C ILE F 16 -9.43 -17.69 -15.94
N ALA F 17 -10.23 -17.70 -14.88
CA ALA F 17 -10.67 -18.91 -14.22
C ALA F 17 -12.14 -18.77 -13.87
N ASP F 18 -12.64 -19.73 -13.10
CA ASP F 18 -14.07 -19.87 -12.84
C ASP F 18 -14.41 -19.28 -11.48
N CYS F 19 -14.93 -18.08 -11.48
CA CYS F 19 -15.38 -17.46 -10.26
C CYS F 19 -16.59 -18.23 -9.71
N PRO F 20 -16.73 -18.37 -8.38
CA PRO F 20 -17.77 -19.26 -7.86
C PRO F 20 -19.18 -18.71 -7.76
N ASN F 21 -19.33 -17.43 -7.47
CA ASN F 21 -20.65 -16.82 -7.33
C ASN F 21 -20.61 -15.44 -8.00
N CYS F 22 -20.23 -15.46 -9.27
CA CYS F 22 -19.88 -14.29 -10.06
C CYS F 22 -21.11 -13.44 -10.32
N GLY F 23 -21.62 -12.79 -9.28
CA GLY F 23 -22.81 -11.98 -9.38
C GLY F 23 -24.05 -12.85 -9.38
N HIS F 24 -24.30 -13.52 -10.50
CA HIS F 24 -25.38 -14.50 -10.55
C HIS F 24 -24.93 -15.82 -9.90
N SER F 25 -23.95 -16.45 -10.53
CA SER F 25 -23.55 -17.81 -10.24
C SER F 25 -22.14 -17.98 -10.79
N ARG F 26 -21.73 -19.22 -10.99
CA ARG F 26 -20.37 -19.51 -11.43
C ARG F 26 -20.16 -19.04 -12.87
N CYS F 27 -19.52 -17.87 -13.03
CA CYS F 27 -19.05 -17.44 -14.34
C CYS F 27 -17.60 -17.88 -14.51
N ASP F 28 -16.95 -17.36 -15.54
CA ASP F 28 -15.50 -17.42 -15.71
C ASP F 28 -15.00 -15.99 -15.74
N SER F 29 -14.61 -15.47 -14.57
CA SER F 29 -14.11 -14.11 -14.51
C SER F 29 -12.60 -14.10 -14.65
N PRO F 30 -12.01 -13.09 -15.30
CA PRO F 30 -10.56 -12.94 -15.24
C PRO F 30 -10.05 -12.60 -13.86
N ILE F 31 -10.90 -12.09 -12.98
CA ILE F 31 -10.49 -11.68 -11.64
C ILE F 31 -10.87 -12.77 -10.65
N ALA F 32 -10.96 -14.01 -11.13
CA ALA F 32 -11.32 -15.13 -10.29
C ALA F 32 -10.40 -15.23 -9.09
N ILE F 33 -10.99 -15.22 -7.90
CA ILE F 33 -10.27 -15.07 -6.65
C ILE F 33 -9.83 -16.43 -6.16
N GLU F 34 -8.54 -16.60 -6.00
CA GLU F 34 -7.95 -17.73 -5.30
C GLU F 34 -7.09 -17.16 -4.18
N GLU F 35 -6.68 -18.03 -3.25
CA GLU F 35 -5.72 -17.74 -2.19
C GLU F 35 -6.02 -16.42 -1.48
N VAL F 36 -7.16 -16.40 -0.83
CA VAL F 36 -7.46 -15.35 0.11
C VAL F 36 -6.68 -15.62 1.39
N ARG F 37 -6.08 -14.57 1.94
CA ARG F 37 -5.20 -14.70 3.09
C ARG F 37 -5.56 -13.62 4.12
N GLY F 38 -6.52 -13.93 4.97
CA GLY F 38 -6.89 -13.07 6.08
C GLY F 38 -6.14 -13.51 7.32
N ASP F 39 -4.84 -13.70 7.14
CA ASP F 39 -3.99 -14.32 8.13
C ASP F 39 -3.12 -13.32 8.87
N ALA F 40 -3.02 -12.09 8.37
CA ALA F 40 -2.29 -11.04 9.04
C ALA F 40 -3.20 -10.38 10.07
N HIS F 41 -2.77 -9.22 10.58
CA HIS F 41 -3.43 -8.55 11.68
C HIS F 41 -3.91 -7.14 11.37
N ALA F 42 -3.37 -6.49 10.34
CA ALA F 42 -3.46 -5.05 10.19
C ALA F 42 -4.69 -4.60 9.41
N GLY F 43 -5.76 -5.36 9.45
CA GLY F 43 -6.90 -5.05 8.60
C GLY F 43 -6.68 -5.38 7.14
N VAL F 44 -5.61 -6.11 6.82
CA VAL F 44 -5.15 -6.29 5.45
C VAL F 44 -5.39 -7.71 4.99
N ILE F 45 -5.71 -7.85 3.70
CA ILE F 45 -5.70 -9.14 3.04
C ILE F 45 -4.89 -9.01 1.77
N ARG F 46 -4.06 -10.01 1.55
CA ARG F 46 -3.42 -10.23 0.26
C ARG F 46 -4.27 -11.20 -0.53
N ILE F 47 -4.57 -10.84 -1.77
CA ILE F 47 -5.46 -11.60 -2.64
C ILE F 47 -4.71 -11.85 -3.94
N GLN F 48 -5.06 -12.94 -4.61
CA GLN F 48 -4.69 -13.14 -6.00
C GLN F 48 -5.95 -13.19 -6.85
N THR F 49 -6.05 -12.23 -7.75
CA THR F 49 -6.89 -12.39 -8.92
C THR F 49 -6.15 -13.27 -9.91
N SER F 50 -6.92 -13.96 -10.74
CA SER F 50 -6.31 -14.55 -11.92
C SER F 50 -5.93 -13.49 -12.94
N ALA F 51 -6.47 -12.29 -12.80
CA ALA F 51 -6.09 -11.18 -13.65
C ALA F 51 -4.78 -10.56 -13.15
N MET F 52 -3.95 -10.16 -14.11
CA MET F 52 -2.65 -9.56 -13.88
C MET F 52 -2.80 -8.08 -14.22
N PHE F 53 -3.19 -7.31 -13.22
CA PHE F 53 -3.12 -5.87 -13.34
C PHE F 53 -1.71 -5.42 -12.99
N GLY F 54 -1.43 -4.14 -13.19
CA GLY F 54 -0.08 -3.63 -13.01
C GLY F 54 0.32 -2.78 -14.19
N LEU F 55 1.50 -3.04 -14.74
CA LEU F 55 1.84 -2.42 -16.02
C LEU F 55 0.86 -2.89 -17.08
N LYS F 56 0.96 -2.32 -18.26
CA LYS F 56 0.13 -2.72 -19.38
C LYS F 56 0.66 -4.04 -19.92
N THR F 57 0.20 -4.42 -21.10
CA THR F 57 0.81 -5.53 -21.81
C THR F 57 2.31 -5.34 -21.95
N ASP F 58 2.75 -4.10 -22.18
CA ASP F 58 4.14 -3.86 -22.57
C ASP F 58 5.05 -3.32 -21.47
N GLY F 59 4.83 -2.08 -21.00
CA GLY F 59 5.87 -1.47 -20.18
C GLY F 59 5.59 -0.36 -19.17
N VAL F 60 4.35 0.07 -18.92
CA VAL F 60 4.13 1.36 -18.26
C VAL F 60 3.07 1.26 -17.17
N ASP F 61 3.33 1.96 -16.05
CA ASP F 61 2.30 2.41 -15.12
C ASP F 61 1.54 1.29 -14.42
N LEU F 62 2.12 0.81 -13.31
CA LEU F 62 1.48 -0.09 -12.34
C LEU F 62 -0.02 0.17 -12.18
N ALA F 63 -0.43 1.44 -12.17
CA ALA F 63 -1.80 1.79 -11.90
C ALA F 63 -2.73 1.61 -13.10
N TYR F 64 -2.35 0.86 -14.11
CA TYR F 64 -3.24 0.45 -15.18
C TYR F 64 -3.69 -0.98 -14.93
N MET F 65 -4.47 -1.51 -15.88
CA MET F 65 -5.38 -2.60 -15.59
C MET F 65 -5.49 -3.50 -16.81
N SER F 66 -4.89 -4.69 -16.72
CA SER F 66 -4.94 -5.69 -17.78
C SER F 66 -5.61 -6.95 -17.26
N PHE F 67 -6.84 -7.18 -17.68
CA PHE F 67 -7.50 -8.47 -17.56
C PHE F 67 -7.67 -9.08 -18.93
N MET F 68 -8.24 -10.28 -18.95
CA MET F 68 -8.52 -11.00 -20.19
C MET F 68 -9.96 -10.75 -20.59
N ASN F 69 -10.14 -10.28 -21.82
CA ASN F 69 -11.44 -10.22 -22.47
C ASN F 69 -11.28 -10.94 -23.80
N GLY F 70 -12.04 -12.01 -23.98
CA GLY F 70 -11.80 -12.90 -25.10
C GLY F 70 -10.65 -13.84 -24.79
N LYS F 71 -9.96 -14.26 -25.84
CA LYS F 71 -8.60 -14.75 -25.70
C LYS F 71 -7.61 -13.65 -25.34
N THR F 72 -8.03 -12.39 -25.42
CA THR F 72 -7.14 -11.24 -25.45
C THR F 72 -7.11 -10.54 -24.10
N GLN F 73 -6.03 -9.82 -23.87
CA GLN F 73 -5.92 -8.92 -22.73
C GLN F 73 -6.79 -7.70 -22.93
N LYS F 74 -6.82 -6.83 -21.93
CA LYS F 74 -7.31 -5.47 -22.10
C LYS F 74 -6.55 -4.58 -21.10
N SER F 75 -5.41 -4.06 -21.55
CA SER F 75 -4.48 -3.34 -20.67
C SER F 75 -4.87 -1.87 -20.68
N ILE F 76 -5.74 -1.50 -19.74
CA ILE F 76 -6.33 -0.17 -19.67
C ILE F 76 -6.34 0.30 -18.21
N LYS F 77 -7.03 1.39 -17.91
CA LYS F 77 -6.96 2.04 -16.61
C LYS F 77 -7.74 1.28 -15.54
N ILE F 78 -7.31 1.44 -14.29
CA ILE F 78 -7.80 0.72 -13.12
C ILE F 78 -9.07 1.34 -12.53
N ASP F 79 -9.67 2.26 -13.26
CA ASP F 79 -10.50 3.36 -12.74
C ASP F 79 -11.31 3.09 -11.48
N ASN F 80 -12.01 1.94 -11.41
CA ASN F 80 -13.04 1.73 -10.39
C ASN F 80 -12.95 0.33 -9.79
N LEU F 81 -11.75 -0.05 -9.37
CA LEU F 81 -11.59 -1.28 -8.60
C LEU F 81 -12.47 -1.26 -7.36
N HIS F 82 -12.98 -2.43 -6.98
CA HIS F 82 -13.62 -2.61 -5.69
C HIS F 82 -13.33 -4.00 -5.16
N VAL F 83 -12.43 -4.10 -4.19
CA VAL F 83 -12.45 -5.20 -3.24
C VAL F 83 -13.47 -4.85 -2.17
N ARG F 84 -14.17 -5.86 -1.67
CA ARG F 84 -15.02 -5.61 -0.53
C ARG F 84 -15.36 -6.92 0.17
N THR F 85 -15.91 -6.76 1.35
CA THR F 85 -16.28 -7.81 2.28
C THR F 85 -17.59 -7.34 2.86
N SER F 86 -17.90 -7.74 4.09
CA SER F 86 -19.00 -7.17 4.86
C SER F 86 -19.14 -5.66 4.68
N ALA F 87 -18.03 -4.94 4.57
CA ALA F 87 -18.00 -3.56 4.13
C ALA F 87 -17.06 -3.40 2.95
N PRO F 88 -17.10 -2.26 2.27
CA PRO F 88 -16.10 -1.99 1.24
C PRO F 88 -14.71 -1.85 1.84
N CYS F 89 -13.77 -2.56 1.24
CA CYS F 89 -12.39 -2.55 1.69
C CYS F 89 -11.71 -1.29 1.20
N SER F 90 -10.43 -1.19 1.54
CA SER F 90 -9.54 -0.17 1.02
C SER F 90 -8.38 -0.87 0.34
N LEU F 91 -8.18 -0.57 -0.93
CA LEU F 91 -6.99 -1.00 -1.64
C LEU F 91 -5.74 -0.54 -0.90
N VAL F 92 -4.69 -1.35 -0.95
CA VAL F 92 -3.37 -0.96 -0.46
C VAL F 92 -2.37 -0.86 -1.60
N SER F 93 -2.26 -1.91 -2.41
CA SER F 93 -1.40 -1.87 -3.57
C SER F 93 -1.62 -3.14 -4.38
N HIS F 94 -1.36 -3.04 -5.67
CA HIS F 94 -1.38 -4.17 -6.57
C HIS F 94 -0.01 -4.37 -7.20
N HIS F 95 0.33 -5.63 -7.47
CA HIS F 95 1.52 -5.98 -8.22
C HIS F 95 1.33 -7.36 -8.81
N GLY F 96 1.34 -7.45 -10.13
CA GLY F 96 1.23 -8.75 -10.78
C GLY F 96 -0.20 -9.22 -10.81
N TYR F 97 -0.40 -10.48 -10.45
CA TYR F 97 -1.74 -11.04 -10.26
C TYR F 97 -2.38 -10.61 -8.96
N TYR F 98 -1.65 -9.87 -8.12
CA TYR F 98 -1.86 -9.88 -6.69
C TYR F 98 -2.17 -8.48 -6.20
N ILE F 99 -3.13 -8.39 -5.28
CA ILE F 99 -3.52 -7.14 -4.68
C ILE F 99 -3.50 -7.27 -3.17
N LEU F 100 -3.08 -6.20 -2.52
CA LEU F 100 -3.21 -6.03 -1.08
C LEU F 100 -4.25 -4.97 -0.80
N ALA F 101 -5.12 -5.24 0.15
CA ALA F 101 -6.23 -4.35 0.44
C ALA F 101 -6.57 -4.42 1.92
N GLN F 102 -6.83 -3.26 2.51
CA GLN F 102 -7.21 -3.20 3.91
C GLN F 102 -8.71 -3.43 4.00
N CYS F 103 -9.09 -4.56 4.60
CA CYS F 103 -10.47 -4.98 4.74
C CYS F 103 -10.87 -5.07 6.20
N PRO F 104 -12.16 -4.95 6.51
CA PRO F 104 -12.64 -5.38 7.81
C PRO F 104 -12.89 -6.87 7.81
N PRO F 105 -13.28 -7.43 8.94
CA PRO F 105 -13.70 -8.83 8.96
C PRO F 105 -14.89 -9.06 8.06
N GLY F 106 -15.01 -10.30 7.60
CA GLY F 106 -16.11 -10.67 6.74
C GLY F 106 -16.17 -12.15 6.53
N ASP F 107 -17.38 -12.69 6.52
CA ASP F 107 -17.56 -14.11 6.25
C ASP F 107 -17.03 -14.48 4.86
N THR F 108 -17.09 -13.54 3.93
CA THR F 108 -16.72 -13.76 2.54
C THR F 108 -15.66 -12.78 2.12
N VAL F 109 -15.30 -12.85 0.84
CA VAL F 109 -14.53 -11.83 0.16
C VAL F 109 -15.16 -11.63 -1.21
N THR F 110 -15.24 -10.38 -1.62
CA THR F 110 -16.04 -9.99 -2.77
C THR F 110 -15.29 -8.89 -3.51
N VAL F 111 -14.84 -9.21 -4.72
CA VAL F 111 -13.92 -8.38 -5.47
C VAL F 111 -14.59 -7.94 -6.76
N GLY F 112 -14.15 -6.79 -7.28
CA GLY F 112 -14.65 -6.38 -8.57
C GLY F 112 -14.25 -4.98 -8.99
N PHE F 113 -13.93 -4.83 -10.26
CA PHE F 113 -13.70 -3.54 -10.86
C PHE F 113 -14.93 -3.14 -11.66
N HIS F 114 -14.80 -2.08 -12.46
CA HIS F 114 -15.83 -1.69 -13.41
C HIS F 114 -15.12 -1.35 -14.70
N ASP F 115 -15.25 -2.23 -15.69
CA ASP F 115 -14.70 -1.94 -17.02
C ASP F 115 -15.28 -0.66 -17.59
N GLY F 116 -16.55 -0.39 -17.29
CA GLY F 116 -17.25 0.77 -17.80
C GLY F 116 -18.56 0.44 -18.47
N PRO F 117 -18.61 -0.62 -19.29
CA PRO F 117 -19.91 -1.10 -19.76
C PRO F 117 -20.60 -2.05 -18.81
N ASN F 118 -19.85 -2.65 -17.88
CA ASN F 118 -20.39 -3.72 -17.06
C ASN F 118 -19.71 -3.72 -15.70
N ARG F 119 -20.42 -4.24 -14.69
CA ARG F 119 -19.85 -4.32 -13.36
C ARG F 119 -18.73 -5.34 -13.33
N HIS F 120 -19.05 -6.59 -13.64
CA HIS F 120 -18.02 -7.59 -13.96
C HIS F 120 -17.11 -7.85 -12.75
N THR F 121 -17.72 -8.37 -11.70
CA THR F 121 -17.11 -8.57 -10.40
C THR F 121 -16.83 -10.05 -10.17
N CYS F 122 -16.20 -10.35 -9.04
CA CYS F 122 -16.03 -11.74 -8.62
C CYS F 122 -15.97 -11.85 -7.11
N THR F 123 -16.55 -12.93 -6.60
CA THR F 123 -16.82 -13.05 -5.18
C THR F 123 -16.49 -14.47 -4.75
N VAL F 124 -16.26 -14.64 -3.46
CA VAL F 124 -15.73 -15.91 -2.94
C VAL F 124 -16.00 -15.99 -1.46
N ALA F 125 -16.02 -17.22 -0.95
CA ALA F 125 -16.06 -17.47 0.48
C ALA F 125 -14.66 -17.47 1.06
N HIS F 126 -14.50 -16.82 2.20
CA HIS F 126 -13.32 -16.99 3.02
C HIS F 126 -13.53 -16.40 4.40
N LYS F 127 -13.25 -17.18 5.42
CA LYS F 127 -13.36 -16.70 6.80
C LYS F 127 -12.28 -15.67 7.05
N VAL F 128 -12.69 -14.45 7.38
CA VAL F 128 -11.80 -13.34 7.63
C VAL F 128 -12.02 -12.84 9.04
N GLU F 129 -10.92 -12.47 9.70
CA GLU F 129 -10.97 -11.74 10.95
C GLU F 129 -9.77 -10.83 11.01
N PHE F 130 -9.81 -9.89 11.95
CA PHE F 130 -8.65 -9.07 12.26
C PHE F 130 -8.59 -8.87 13.76
N ARG F 131 -7.94 -9.80 14.41
CA ARG F 131 -7.38 -9.56 15.71
C ARG F 131 -6.15 -8.68 15.54
N PRO F 132 -6.05 -7.56 16.24
CA PRO F 132 -4.74 -6.95 16.40
C PRO F 132 -3.91 -7.73 17.39
N VAL F 133 -2.60 -7.65 17.23
CA VAL F 133 -1.70 -8.27 18.18
C VAL F 133 -1.77 -7.49 19.47
N GLY F 134 -2.03 -8.20 20.56
CA GLY F 134 -2.22 -7.59 21.86
C GLY F 134 -3.29 -8.34 22.59
N ARG F 135 -3.31 -8.16 23.90
CA ARG F 135 -4.33 -8.77 24.73
C ARG F 135 -5.68 -8.07 24.61
N GLU F 136 -5.78 -7.02 23.80
CA GLU F 136 -7.06 -6.42 23.45
C GLU F 136 -7.59 -7.05 22.18
N LYS F 137 -8.84 -7.48 22.23
CA LYS F 137 -9.50 -8.07 21.07
C LYS F 137 -10.41 -7.01 20.43
N TYR F 138 -9.76 -6.07 19.75
CA TYR F 138 -10.50 -5.07 18.99
C TYR F 138 -11.19 -5.73 17.80
N ARG F 139 -11.91 -4.90 17.05
CA ARG F 139 -12.40 -5.23 15.74
C ARG F 139 -11.76 -4.40 14.65
N HIS F 140 -10.84 -3.51 14.99
CA HIS F 140 -10.40 -2.49 14.05
C HIS F 140 -9.17 -1.76 14.62
N PRO F 141 -8.23 -1.30 13.80
CA PRO F 141 -7.07 -0.61 14.35
C PRO F 141 -7.40 0.82 14.74
N PRO F 142 -6.95 1.29 15.91
CA PRO F 142 -7.21 2.67 16.30
C PRO F 142 -6.20 3.63 15.70
N GLU F 143 -6.32 4.90 16.10
CA GLU F 143 -5.39 5.95 15.73
C GLU F 143 -4.19 6.02 16.65
N HIS F 144 -4.30 5.51 17.86
CA HIS F 144 -3.30 5.68 18.89
C HIS F 144 -3.05 4.35 19.57
N GLY F 145 -2.32 4.37 20.67
CA GLY F 145 -1.93 3.17 21.38
C GLY F 145 -0.49 2.82 21.11
N VAL F 146 -0.06 1.78 21.80
CA VAL F 146 1.33 1.33 21.71
C VAL F 146 1.55 0.63 20.39
N GLU F 147 2.79 0.65 19.92
CA GLU F 147 3.22 -0.16 18.79
C GLU F 147 3.89 -1.42 19.30
N LEU F 148 3.64 -2.52 18.61
CA LEU F 148 4.18 -3.82 19.03
C LEU F 148 4.12 -4.75 17.83
N PRO F 149 4.85 -5.85 17.86
CA PRO F 149 5.23 -6.55 16.62
C PRO F 149 4.11 -7.33 15.96
N CYS F 150 3.37 -6.68 15.07
CA CYS F 150 2.33 -7.36 14.33
C CYS F 150 2.89 -8.05 13.09
N ASN F 151 2.03 -8.85 12.47
CA ASN F 151 2.29 -9.46 11.18
C ASN F 151 1.43 -8.79 10.13
N ARG F 152 2.02 -8.52 8.98
CA ARG F 152 1.43 -7.59 8.04
C ARG F 152 2.19 -7.69 6.73
N TYR F 153 1.52 -7.30 5.66
CA TYR F 153 2.09 -7.31 4.33
C TYR F 153 2.56 -5.92 3.92
N THR F 154 3.49 -5.89 2.97
CA THR F 154 4.15 -4.66 2.60
C THR F 154 3.30 -3.85 1.64
N HIS F 155 3.70 -2.60 1.46
CA HIS F 155 3.16 -1.80 0.38
C HIS F 155 3.83 -2.12 -0.95
N LYS F 156 5.03 -2.68 -0.92
CA LYS F 156 5.96 -2.52 -2.02
C LYS F 156 6.00 -3.75 -2.92
N ARG F 157 6.80 -3.64 -3.97
CA ARG F 157 6.99 -4.63 -5.01
C ARG F 157 8.39 -5.21 -5.06
N ALA F 158 9.40 -4.43 -4.64
CA ALA F 158 10.81 -4.83 -4.75
C ALA F 158 11.01 -5.95 -3.74
N ASP F 159 10.59 -7.14 -4.13
CA ASP F 159 10.28 -8.21 -3.19
C ASP F 159 10.64 -9.54 -3.81
N GLN F 160 11.37 -10.35 -3.05
CA GLN F 160 11.85 -11.64 -3.51
C GLN F 160 11.74 -12.71 -2.42
N GLY F 161 11.24 -12.36 -1.22
CA GLY F 161 11.31 -13.26 -0.08
C GLY F 161 10.71 -14.62 -0.32
N HIS F 162 9.78 -14.72 -1.26
CA HIS F 162 9.29 -16.00 -1.75
C HIS F 162 9.00 -15.89 -3.22
N TYR F 163 8.80 -17.05 -3.84
CA TYR F 163 8.36 -17.10 -5.23
C TYR F 163 7.52 -18.34 -5.41
N VAL F 164 6.44 -18.18 -6.15
CA VAL F 164 5.54 -19.28 -6.46
C VAL F 164 5.81 -19.73 -7.89
N GLU F 165 5.64 -21.02 -8.12
CA GLU F 165 5.74 -21.56 -9.47
C GLU F 165 4.69 -20.91 -10.35
N MET F 166 5.11 -20.44 -11.52
CA MET F 166 4.19 -19.94 -12.53
C MET F 166 4.64 -20.43 -13.90
N HIS F 167 4.25 -21.65 -14.24
CA HIS F 167 4.52 -22.22 -15.55
C HIS F 167 3.30 -21.99 -16.44
N GLN F 168 3.25 -22.70 -17.57
CA GLN F 168 2.45 -22.29 -18.70
C GLN F 168 0.98 -22.39 -18.38
N PRO F 169 0.13 -21.85 -19.25
CA PRO F 169 -1.25 -22.29 -19.27
C PRO F 169 -1.39 -23.57 -20.07
N GLY F 170 -2.39 -24.35 -19.70
CA GLY F 170 -2.91 -25.32 -20.61
C GLY F 170 -3.69 -24.63 -21.70
N LEU F 171 -4.34 -25.44 -22.52
CA LEU F 171 -5.20 -24.88 -23.54
C LEU F 171 -6.39 -24.17 -22.88
N VAL F 172 -7.20 -23.53 -23.72
CA VAL F 172 -8.48 -22.99 -23.29
C VAL F 172 -9.48 -23.19 -24.42
N ALA F 173 -10.75 -23.19 -24.06
CA ALA F 173 -11.81 -23.28 -25.06
C ALA F 173 -12.00 -21.95 -25.74
N ASP F 174 -12.31 -21.97 -27.03
CA ASP F 174 -12.79 -20.76 -27.69
C ASP F 174 -13.60 -21.21 -28.91
N HIS F 175 -14.91 -21.34 -28.73
CA HIS F 175 -15.79 -21.76 -29.82
C HIS F 175 -16.17 -20.60 -30.73
N SER F 176 -15.71 -19.39 -30.45
CA SER F 176 -15.75 -18.34 -31.45
C SER F 176 -14.92 -18.73 -32.67
N LEU F 177 -13.89 -19.54 -32.46
CA LEU F 177 -13.10 -20.06 -33.57
C LEU F 177 -13.96 -20.88 -34.53
N LEU F 178 -14.66 -21.87 -33.99
CA LEU F 178 -15.31 -22.89 -34.82
C LEU F 178 -16.52 -22.28 -35.51
N SER F 179 -16.22 -21.52 -36.56
CA SER F 179 -17.25 -20.99 -37.45
C SER F 179 -17.68 -22.11 -38.41
N ILE F 180 -18.38 -21.75 -39.48
CA ILE F 180 -18.86 -22.71 -40.48
C ILE F 180 -18.35 -22.26 -41.84
N HIS F 181 -17.79 -23.21 -42.60
CA HIS F 181 -17.38 -23.01 -43.99
C HIS F 181 -18.53 -23.33 -44.96
N SER F 182 -19.69 -22.77 -44.64
CA SER F 182 -20.93 -22.84 -45.43
C SER F 182 -21.56 -24.23 -45.51
N ALA F 183 -20.81 -25.29 -45.23
CA ALA F 183 -21.38 -26.57 -44.82
C ALA F 183 -20.58 -27.29 -43.75
N LYS F 184 -19.31 -26.94 -43.56
CA LYS F 184 -18.39 -27.62 -42.68
C LYS F 184 -18.01 -26.69 -41.55
N VAL F 185 -17.65 -27.25 -40.41
CA VAL F 185 -17.26 -26.43 -39.27
C VAL F 185 -15.82 -25.97 -39.46
N LYS F 186 -15.62 -24.68 -39.28
CA LYS F 186 -14.43 -23.95 -39.71
C LYS F 186 -13.73 -23.38 -38.49
N ILE F 187 -12.55 -23.87 -38.23
CA ILE F 187 -11.70 -23.34 -37.17
C ILE F 187 -10.82 -22.25 -37.76
N THR F 188 -10.41 -21.31 -36.92
CA THR F 188 -9.43 -20.30 -37.29
C THR F 188 -8.36 -20.24 -36.22
N VAL F 189 -7.49 -19.22 -36.28
CA VAL F 189 -6.39 -19.10 -35.32
C VAL F 189 -6.29 -17.65 -34.88
N PRO F 190 -5.79 -17.41 -33.64
CA PRO F 190 -5.60 -16.03 -33.18
C PRO F 190 -4.61 -15.23 -34.02
N SER F 191 -3.36 -15.68 -34.03
CA SER F 191 -2.26 -14.97 -34.65
C SER F 191 -1.27 -15.94 -35.26
N GLY F 192 -1.75 -17.12 -35.65
CA GLY F 192 -0.89 -18.26 -35.86
C GLY F 192 -0.68 -19.12 -34.64
N ALA F 193 -1.48 -18.91 -33.58
CA ALA F 193 -1.35 -19.73 -32.39
C ALA F 193 -1.71 -21.18 -32.70
N GLN F 194 -1.46 -22.03 -31.72
CA GLN F 194 -1.50 -23.47 -31.92
C GLN F 194 -2.85 -24.00 -31.46
N VAL F 195 -3.67 -24.39 -32.42
CA VAL F 195 -5.06 -24.79 -32.18
C VAL F 195 -5.15 -26.31 -32.30
N LYS F 196 -5.61 -26.94 -31.24
CA LYS F 196 -5.53 -28.39 -31.07
C LYS F 196 -6.91 -28.96 -31.39
N TYR F 197 -7.01 -29.71 -32.50
CA TYR F 197 -8.28 -29.88 -33.18
C TYR F 197 -8.53 -31.30 -33.72
N TYR F 198 -9.79 -31.73 -33.64
CA TYR F 198 -10.42 -32.93 -34.22
C TYR F 198 -11.86 -32.83 -33.76
N CYS F 199 -12.72 -33.70 -34.29
CA CYS F 199 -14.12 -33.74 -33.90
C CYS F 199 -14.46 -35.18 -33.53
N LYS F 200 -15.68 -35.41 -33.05
CA LYS F 200 -16.07 -36.77 -32.70
C LYS F 200 -15.95 -37.68 -33.91
N CYS F 201 -16.25 -37.17 -35.10
CA CYS F 201 -16.08 -37.93 -36.32
C CYS F 201 -14.58 -38.08 -36.56
N PRO F 202 -14.17 -38.87 -37.56
CA PRO F 202 -12.76 -38.88 -37.99
C PRO F 202 -12.38 -37.80 -39.00
N ASP F 203 -11.53 -36.86 -38.58
CA ASP F 203 -10.91 -35.83 -39.41
C ASP F 203 -9.52 -35.54 -38.82
N VAL F 204 -8.96 -34.35 -39.08
CA VAL F 204 -7.62 -33.98 -38.59
C VAL F 204 -7.53 -34.19 -37.08
N ARG F 205 -6.50 -34.94 -36.64
CA ARG F 205 -6.51 -35.48 -35.27
C ARG F 205 -5.67 -34.73 -34.26
N GLU F 206 -4.60 -34.02 -34.64
CA GLU F 206 -3.91 -33.19 -33.66
C GLU F 206 -4.39 -31.76 -33.71
N GLY F 207 -4.06 -31.07 -34.79
CA GLY F 207 -4.29 -29.65 -34.93
C GLY F 207 -3.08 -28.92 -34.43
N ILE F 208 -2.15 -28.60 -35.32
CA ILE F 208 -1.11 -27.60 -35.06
C ILE F 208 -1.00 -26.82 -36.35
N THR F 209 -1.80 -25.77 -36.49
CA THR F 209 -2.16 -25.31 -37.82
C THR F 209 -2.48 -23.83 -37.83
N SER F 210 -2.60 -23.29 -39.04
CA SER F 210 -3.35 -22.07 -39.29
C SER F 210 -4.82 -22.43 -39.36
N SER F 211 -5.64 -21.53 -39.90
CA SER F 211 -7.07 -21.79 -40.01
C SER F 211 -7.36 -23.01 -40.86
N ASP F 212 -7.82 -24.09 -40.22
CA ASP F 212 -8.25 -25.29 -40.92
C ASP F 212 -9.76 -25.26 -41.16
N HIS F 213 -10.20 -26.17 -42.01
CA HIS F 213 -11.58 -26.55 -42.14
C HIS F 213 -11.77 -27.90 -41.45
N THR F 214 -12.94 -28.50 -41.64
CA THR F 214 -13.24 -29.83 -41.10
C THR F 214 -13.97 -30.60 -42.19
N THR F 215 -13.31 -31.59 -42.78
CA THR F 215 -13.95 -32.37 -43.82
C THR F 215 -15.15 -33.13 -43.27
N THR F 216 -14.98 -33.80 -42.14
CA THR F 216 -15.94 -34.83 -41.73
C THR F 216 -17.14 -34.27 -40.95
N CYS F 217 -16.91 -33.78 -39.74
CA CYS F 217 -18.01 -33.33 -38.91
C CYS F 217 -18.52 -31.98 -39.41
N THR F 218 -19.71 -31.63 -38.93
CA THR F 218 -20.41 -30.40 -39.29
C THR F 218 -20.78 -29.57 -38.08
N ASP F 219 -21.16 -30.21 -36.98
CA ASP F 219 -21.67 -29.49 -35.83
C ASP F 219 -20.52 -28.88 -35.04
N VAL F 220 -20.71 -27.61 -34.67
CA VAL F 220 -19.75 -26.93 -33.82
C VAL F 220 -19.62 -27.63 -32.47
N LYS F 221 -20.67 -28.31 -32.02
CA LYS F 221 -20.76 -28.84 -30.68
C LYS F 221 -20.11 -30.20 -30.51
N GLN F 222 -19.28 -30.63 -31.47
CA GLN F 222 -18.63 -31.93 -31.38
C GLN F 222 -17.19 -31.83 -31.83
N CYS F 223 -16.53 -30.72 -31.51
CA CYS F 223 -15.20 -30.44 -32.01
C CYS F 223 -14.34 -29.80 -30.93
N ARG F 224 -13.03 -29.78 -31.20
CA ARG F 224 -12.00 -29.40 -30.23
C ARG F 224 -11.54 -27.97 -30.53
N ALA F 225 -12.24 -27.00 -29.96
CA ALA F 225 -11.82 -25.60 -30.05
C ALA F 225 -10.83 -25.33 -28.93
N TYR F 226 -9.54 -25.38 -29.25
CA TYR F 226 -8.48 -25.29 -28.26
C TYR F 226 -7.50 -24.20 -28.66
N LEU F 227 -6.81 -23.66 -27.65
CA LEU F 227 -5.82 -22.60 -27.84
C LEU F 227 -4.58 -22.94 -27.00
N ILE F 228 -3.65 -23.65 -27.60
CA ILE F 228 -2.30 -23.75 -27.03
C ILE F 228 -1.61 -22.45 -27.42
N ASP F 229 -1.60 -21.50 -26.48
CA ASP F 229 -1.12 -20.14 -26.71
C ASP F 229 -0.08 -19.79 -25.65
N ASN F 230 0.89 -20.67 -25.49
CA ASN F 230 1.84 -20.58 -24.39
C ASN F 230 3.00 -19.65 -24.72
N LYS F 231 2.69 -18.45 -25.17
CA LYS F 231 3.69 -17.39 -25.27
C LYS F 231 3.85 -16.62 -23.98
N LYS F 232 2.91 -16.76 -23.05
CA LYS F 232 2.99 -16.13 -21.75
C LYS F 232 2.49 -17.11 -20.69
N TRP F 233 3.29 -17.29 -19.64
CA TRP F 233 2.94 -18.23 -18.58
C TRP F 233 1.79 -17.68 -17.75
N VAL F 234 1.39 -18.45 -16.73
CA VAL F 234 0.27 -18.09 -15.87
C VAL F 234 0.60 -18.44 -14.43
N TYR F 235 -0.29 -18.01 -13.54
CA TYR F 235 -0.33 -18.56 -12.21
C TYR F 235 -0.90 -19.96 -12.25
N ASN F 236 -0.43 -20.81 -11.36
CA ASN F 236 -0.80 -22.21 -11.34
C ASN F 236 -2.02 -22.40 -10.46
N SER F 237 -3.10 -21.75 -10.88
CA SER F 237 -4.36 -21.83 -10.17
C SER F 237 -4.87 -23.27 -10.16
N GLY F 238 -5.60 -23.61 -9.10
CA GLY F 238 -6.36 -24.84 -9.12
C GLY F 238 -7.42 -24.82 -10.20
N ARG F 239 -7.88 -23.64 -10.59
CA ARG F 239 -8.87 -23.50 -11.64
C ARG F 239 -8.23 -23.32 -13.01
N LEU F 240 -7.04 -23.88 -13.20
CA LEU F 240 -6.33 -23.97 -14.45
C LEU F 240 -6.35 -25.42 -14.95
N PRO F 241 -6.55 -25.65 -16.25
CA PRO F 241 -6.22 -26.96 -16.79
C PRO F 241 -4.73 -27.05 -17.11
N ARG F 242 -4.15 -28.18 -16.74
CA ARG F 242 -2.73 -28.40 -16.93
C ARG F 242 -2.33 -28.24 -18.39
N GLY F 243 -1.19 -27.61 -18.61
CA GLY F 243 -0.51 -27.73 -19.88
C GLY F 243 0.20 -29.06 -19.89
N GLU F 244 -0.38 -30.01 -20.62
CA GLU F 244 -0.01 -31.42 -20.46
C GLU F 244 1.42 -31.70 -20.87
N GLY F 245 2.03 -30.82 -21.66
CA GLY F 245 3.31 -31.14 -22.26
C GLY F 245 4.43 -31.25 -21.24
N ASP F 246 4.52 -30.27 -20.34
CA ASP F 246 5.76 -30.09 -19.61
C ASP F 246 5.52 -29.11 -18.46
N THR F 247 6.41 -29.21 -17.47
CA THR F 247 6.61 -28.16 -16.48
C THR F 247 7.56 -27.12 -17.07
N PHE F 248 7.02 -26.20 -17.86
CA PHE F 248 7.85 -25.10 -18.32
C PHE F 248 8.34 -24.26 -17.15
N LYS F 249 9.36 -23.44 -17.43
CA LYS F 249 9.94 -22.48 -16.51
C LYS F 249 8.92 -21.37 -16.24
N GLY F 250 9.32 -20.38 -15.45
CA GLY F 250 8.47 -19.32 -14.99
C GLY F 250 8.33 -19.25 -13.49
N LYS F 251 9.41 -19.55 -12.76
CA LYS F 251 9.45 -19.24 -11.34
C LYS F 251 9.34 -17.74 -11.15
N LEU F 252 8.36 -17.32 -10.36
CA LEU F 252 8.01 -15.91 -10.26
C LEU F 252 7.69 -15.54 -8.82
N HIS F 253 8.20 -14.39 -8.41
CA HIS F 253 8.19 -13.95 -7.02
C HIS F 253 6.78 -13.73 -6.51
N VAL F 254 6.69 -13.41 -5.23
CA VAL F 254 5.51 -12.81 -4.63
C VAL F 254 5.89 -11.41 -4.16
N PRO F 255 5.12 -10.38 -4.48
CA PRO F 255 5.38 -9.05 -3.88
C PRO F 255 5.13 -8.98 -2.39
N PHE F 256 3.90 -9.33 -2.02
CA PHE F 256 3.39 -8.99 -0.71
C PHE F 256 3.79 -10.08 0.28
N VAL F 257 5.03 -9.97 0.72
CA VAL F 257 5.58 -10.89 1.71
C VAL F 257 4.95 -10.48 3.04
N PRO F 258 4.67 -11.42 3.95
CA PRO F 258 4.33 -11.02 5.31
C PRO F 258 5.58 -10.58 6.04
N VAL F 259 5.53 -9.37 6.60
CA VAL F 259 6.69 -8.75 7.23
C VAL F 259 6.35 -8.39 8.67
N LYS F 260 7.41 -8.12 9.43
CA LYS F 260 7.30 -7.84 10.86
C LYS F 260 7.17 -6.34 11.06
N ALA F 261 6.09 -5.80 10.51
CA ALA F 261 5.74 -4.43 10.82
C ALA F 261 5.29 -4.33 12.26
N LYS F 262 5.55 -3.18 12.87
CA LYS F 262 4.95 -2.82 14.13
C LYS F 262 3.70 -2.04 13.79
N CYS F 263 2.56 -2.72 13.83
CA CYS F 263 1.30 -2.02 13.60
C CYS F 263 1.14 -0.94 14.65
N ILE F 264 0.66 0.22 14.20
CA ILE F 264 -0.04 1.09 15.11
C ILE F 264 -1.12 0.22 15.73
N ALA F 265 -1.20 0.20 17.06
CA ALA F 265 -1.86 -0.94 17.66
C ALA F 265 -2.64 -0.53 18.90
N THR F 266 -3.06 -1.53 19.65
CA THR F 266 -4.14 -1.41 20.60
C THR F 266 -3.63 -0.82 21.90
N LEU F 267 -4.58 -0.47 22.76
CA LEU F 267 -4.31 0.00 24.10
C LEU F 267 -5.65 0.06 24.81
N ALA F 268 -5.72 -0.45 25.99
CA ALA F 268 -6.93 -0.46 26.76
C ALA F 268 -6.89 0.61 27.84
N PRO F 269 -8.03 1.23 28.17
CA PRO F 269 -8.01 2.32 29.16
C PRO F 269 -7.43 1.89 30.49
N GLU F 270 -6.79 2.83 31.16
CA GLU F 270 -6.05 2.51 32.36
C GLU F 270 -6.98 1.96 33.44
N PRO F 271 -6.46 1.14 34.34
CA PRO F 271 -7.29 0.62 35.43
C PRO F 271 -7.45 1.64 36.55
N LEU F 272 -8.41 1.34 37.42
CA LEU F 272 -8.62 2.10 38.66
C LEU F 272 -8.06 1.25 39.78
N VAL F 273 -6.89 1.59 40.26
CA VAL F 273 -6.28 0.82 41.32
C VAL F 273 -6.91 1.23 42.64
N GLU F 274 -7.26 0.23 43.44
CA GLU F 274 -7.88 0.44 44.73
C GLU F 274 -7.21 -0.50 45.71
N HIS F 275 -6.80 0.06 46.84
CA HIS F 275 -6.11 -0.71 47.86
C HIS F 275 -7.08 -1.45 48.75
N LYS F 276 -6.69 -2.66 49.14
CA LYS F 276 -7.21 -3.32 50.33
C LYS F 276 -6.08 -4.12 50.95
N HIS F 277 -6.39 -4.78 52.06
CA HIS F 277 -5.41 -5.57 52.81
C HIS F 277 -4.98 -6.77 51.97
N ARG F 278 -3.78 -6.69 51.41
CA ARG F 278 -3.22 -7.76 50.59
C ARG F 278 -4.15 -8.15 49.47
N THR F 279 -4.89 -7.16 48.95
CA THR F 279 -5.92 -7.41 47.97
C THR F 279 -6.08 -6.19 47.10
N LEU F 280 -6.06 -6.41 45.79
CA LEU F 280 -6.35 -5.37 44.81
C LEU F 280 -7.79 -5.49 44.37
N ILE F 281 -8.65 -4.63 44.91
CA ILE F 281 -9.87 -4.34 44.18
C ILE F 281 -9.48 -3.51 42.99
N LEU F 282 -10.09 -3.80 41.85
CA LEU F 282 -9.83 -3.07 40.62
C LEU F 282 -11.18 -2.91 39.93
N HIS F 283 -11.79 -1.73 40.11
CA HIS F 283 -12.86 -1.35 39.22
C HIS F 283 -12.28 -1.12 37.84
N LEU F 284 -12.85 -1.78 36.83
CA LEU F 284 -12.22 -1.85 35.53
C LEU F 284 -13.26 -1.68 34.45
N HIS F 285 -12.83 -1.06 33.37
CA HIS F 285 -13.74 -0.52 32.40
C HIS F 285 -13.06 -0.39 31.04
N PRO F 286 -13.06 -1.44 30.24
CA PRO F 286 -12.34 -1.40 28.97
C PRO F 286 -13.12 -0.82 27.82
N ASP F 287 -12.46 -0.70 26.68
CA ASP F 287 -13.07 -0.34 25.41
C ASP F 287 -13.57 -1.57 24.67
N HIS F 288 -12.80 -2.63 24.73
CA HIS F 288 -13.03 -3.83 23.96
C HIS F 288 -12.66 -5.03 24.82
N PRO F 289 -12.94 -6.26 24.38
CA PRO F 289 -12.55 -7.42 25.18
C PRO F 289 -11.04 -7.48 25.37
N THR F 290 -10.63 -7.41 26.62
CA THR F 290 -9.23 -7.34 27.01
C THR F 290 -8.89 -8.58 27.82
N LEU F 291 -7.85 -9.29 27.39
CA LEU F 291 -7.36 -10.43 28.16
C LEU F 291 -6.49 -9.91 29.28
N LEU F 292 -7.02 -9.94 30.48
CA LEU F 292 -6.23 -9.67 31.65
C LEU F 292 -5.62 -10.94 32.18
N THR F 293 -4.43 -10.81 32.78
CA THR F 293 -3.83 -11.96 33.43
C THR F 293 -2.72 -11.51 34.35
N THR F 294 -2.38 -12.40 35.30
CA THR F 294 -1.49 -12.10 36.39
C THR F 294 -0.58 -13.29 36.67
N ARG F 295 0.36 -13.08 37.60
CA ARG F 295 1.29 -14.13 38.01
C ARG F 295 1.68 -13.88 39.46
N SER F 296 1.04 -14.59 40.38
CA SER F 296 1.47 -14.47 41.77
C SER F 296 2.86 -15.06 41.87
N LEU F 297 3.83 -14.20 42.14
CA LEU F 297 5.23 -14.53 41.93
C LEU F 297 5.80 -15.52 42.92
N GLY F 298 5.01 -16.07 43.82
CA GLY F 298 5.47 -17.22 44.55
C GLY F 298 5.78 -18.36 43.61
N SER F 299 6.55 -19.32 44.11
CA SER F 299 6.72 -20.55 43.37
C SER F 299 5.39 -21.24 43.13
N ASP F 300 4.40 -20.96 43.97
CA ASP F 300 3.01 -21.13 43.58
C ASP F 300 2.64 -19.99 42.64
N ALA F 301 2.50 -20.31 41.35
CA ALA F 301 2.21 -19.28 40.36
C ALA F 301 0.83 -18.68 40.59
N ASN F 302 -0.19 -19.53 40.66
CA ASN F 302 -1.60 -19.17 40.74
C ASN F 302 -1.98 -18.03 39.78
N PRO F 303 -1.83 -18.23 38.49
CA PRO F 303 -2.22 -17.20 37.52
C PRO F 303 -3.71 -17.21 37.28
N THR F 304 -4.14 -16.20 36.53
CA THR F 304 -5.53 -16.00 36.16
C THR F 304 -5.58 -15.45 34.76
N ARG F 305 -6.61 -15.83 34.02
CA ARG F 305 -6.87 -15.30 32.70
C ARG F 305 -8.36 -15.05 32.58
N GLN F 306 -8.74 -13.90 32.05
CA GLN F 306 -10.12 -13.70 31.65
C GLN F 306 -10.20 -12.53 30.69
N TRP F 307 -10.75 -12.78 29.51
CA TRP F 307 -11.14 -11.70 28.63
C TRP F 307 -12.19 -10.85 29.32
N ILE F 308 -11.97 -9.56 29.36
CA ILE F 308 -12.90 -8.62 29.96
C ILE F 308 -13.32 -7.65 28.88
N GLU F 309 -14.61 -7.69 28.54
CA GLU F 309 -15.25 -6.68 27.74
C GLU F 309 -16.30 -5.91 28.51
N ARG F 310 -16.96 -6.56 29.41
CA ARG F 310 -17.91 -5.89 30.27
C ARG F 310 -17.17 -5.30 31.46
N PRO F 311 -17.41 -4.03 31.79
CA PRO F 311 -16.72 -3.44 32.95
C PRO F 311 -17.02 -4.21 34.22
N THR F 312 -15.97 -4.45 34.99
CA THR F 312 -16.07 -5.39 36.11
C THR F 312 -15.10 -4.97 37.20
N THR F 313 -15.61 -4.90 38.41
CA THR F 313 -14.76 -4.81 39.59
C THR F 313 -14.29 -6.21 39.93
N VAL F 314 -12.97 -6.41 39.91
CA VAL F 314 -12.35 -7.72 40.14
C VAL F 314 -11.55 -7.67 41.42
N ASN F 315 -10.94 -8.80 41.76
CA ASN F 315 -10.15 -8.92 42.97
C ASN F 315 -8.97 -9.84 42.72
N PHE F 316 -7.92 -9.61 43.49
CA PHE F 316 -6.69 -10.39 43.38
C PHE F 316 -6.07 -10.50 44.75
N THR F 317 -6.02 -11.72 45.27
CA THR F 317 -5.36 -11.96 46.54
C THR F 317 -3.86 -11.84 46.33
N VAL F 318 -3.33 -10.65 46.52
CA VAL F 318 -1.89 -10.47 46.41
C VAL F 318 -1.24 -11.04 47.66
N THR F 319 -0.06 -11.60 47.46
CA THR F 319 0.71 -12.23 48.51
C THR F 319 1.71 -11.23 49.08
N GLY F 320 2.62 -11.75 49.90
CA GLY F 320 3.61 -10.88 50.50
C GLY F 320 4.66 -10.42 49.51
N GLU F 321 5.12 -11.32 48.65
CA GLU F 321 6.29 -11.02 47.84
C GLU F 321 5.95 -10.19 46.60
N GLY F 322 4.78 -10.40 46.01
CA GLY F 322 4.35 -9.53 44.94
C GLY F 322 3.42 -10.23 43.97
N LEU F 323 2.78 -9.40 43.14
CA LEU F 323 1.97 -9.84 42.03
C LEU F 323 2.25 -8.92 40.86
N GLU F 324 1.95 -9.37 39.64
CA GLU F 324 2.01 -8.52 38.47
C GLU F 324 0.69 -8.58 37.73
N TYR F 325 0.49 -7.58 36.88
CA TYR F 325 -0.84 -7.19 36.41
C TYR F 325 -0.72 -6.63 35.01
N THR F 326 -1.55 -7.14 34.09
CA THR F 326 -1.36 -6.94 32.65
C THR F 326 -2.64 -6.46 31.99
N TRP F 327 -2.89 -5.16 32.05
CA TRP F 327 -4.12 -4.58 31.51
C TRP F 327 -4.01 -4.52 30.00
N GLY F 328 -4.23 -5.67 29.38
CA GLY F 328 -4.10 -5.67 27.95
C GLY F 328 -2.63 -5.50 27.58
N ASN F 329 -2.39 -5.12 26.34
CA ASN F 329 -1.03 -4.88 25.89
C ASN F 329 -0.42 -3.62 26.51
N HIS F 330 -1.17 -2.89 27.32
CA HIS F 330 -0.57 -1.97 28.26
C HIS F 330 0.51 -2.72 29.05
N PRO F 331 1.63 -2.09 29.41
CA PRO F 331 2.74 -2.85 29.97
C PRO F 331 2.37 -3.51 31.27
N PRO F 332 3.12 -4.53 31.68
CA PRO F 332 2.80 -5.23 32.93
C PRO F 332 3.15 -4.38 34.14
N LYS F 333 2.23 -4.30 35.07
CA LYS F 333 2.46 -3.64 36.34
C LYS F 333 2.96 -4.66 37.35
N ARG F 334 3.31 -4.16 38.54
CA ARG F 334 3.83 -4.96 39.62
C ARG F 334 3.41 -4.29 40.90
N VAL F 335 3.33 -5.05 41.99
CA VAL F 335 2.76 -4.52 43.23
C VAL F 335 3.38 -5.17 44.48
N TRP F 336 3.86 -4.33 45.41
CA TRP F 336 4.19 -4.77 46.76
C TRP F 336 2.90 -4.73 47.55
N ALA F 337 2.47 -5.88 48.00
CA ALA F 337 1.45 -5.99 49.04
C ALA F 337 2.10 -6.72 50.19
N GLN F 338 2.74 -5.96 51.05
CA GLN F 338 3.00 -6.43 52.38
C GLN F 338 1.73 -6.21 53.19
N GLN G 1 4.64 -29.54 -65.71
CA GLN G 1 4.82 -29.50 -64.27
C GLN G 1 4.03 -30.66 -63.74
N ILE G 2 2.75 -30.52 -63.32
CA ILE G 2 2.07 -31.66 -62.70
C ILE G 2 1.38 -32.45 -63.78
N GLN G 3 1.59 -33.75 -63.90
CA GLN G 3 0.93 -34.57 -64.89
C GLN G 3 0.46 -35.78 -64.09
N LEU G 4 -0.80 -36.16 -64.18
CA LEU G 4 -1.20 -37.40 -63.58
C LEU G 4 -1.60 -38.11 -64.86
N VAL G 5 -0.93 -39.21 -65.17
CA VAL G 5 -1.21 -39.94 -66.40
C VAL G 5 -1.77 -41.27 -65.93
N GLN G 6 -2.88 -41.72 -66.52
CA GLN G 6 -3.57 -42.87 -66.00
C GLN G 6 -3.39 -44.06 -66.91
N SER G 7 -3.70 -45.28 -66.46
CA SER G 7 -3.65 -46.40 -67.38
C SER G 7 -4.71 -46.26 -68.47
N GLY G 8 -4.55 -47.11 -69.48
CA GLY G 8 -5.47 -47.13 -70.59
C GLY G 8 -6.75 -47.85 -70.21
N ARG G 9 -7.76 -47.84 -71.07
CA ARG G 9 -9.14 -48.19 -70.75
C ARG G 9 -9.37 -49.71 -70.73
N GLU G 10 -9.97 -50.37 -69.74
CA GLU G 10 -10.17 -51.79 -69.93
C GLU G 10 -11.56 -52.27 -70.13
N VAL G 11 -11.54 -53.47 -70.68
CA VAL G 11 -12.72 -54.28 -70.87
C VAL G 11 -12.58 -55.41 -69.87
N LYS G 12 -13.63 -55.81 -69.15
CA LYS G 12 -13.59 -56.91 -68.18
C LYS G 12 -15.00 -57.52 -68.09
N ASN G 13 -15.19 -58.85 -68.06
CA ASN G 13 -16.52 -59.49 -68.02
C ASN G 13 -16.94 -59.41 -66.54
N PRO G 14 -18.22 -59.42 -66.20
CA PRO G 14 -18.68 -59.32 -64.83
C PRO G 14 -17.98 -60.34 -63.94
N GLY G 15 -17.70 -59.86 -62.73
CA GLY G 15 -17.04 -60.69 -61.75
C GLY G 15 -15.57 -60.42 -61.60
N GLU G 16 -14.89 -60.04 -62.69
CA GLU G 16 -13.46 -59.72 -62.63
C GLU G 16 -12.98 -58.59 -61.71
N THR G 17 -11.67 -58.33 -61.65
CA THR G 17 -11.05 -57.30 -60.83
C THR G 17 -10.25 -56.38 -61.76
N VAL G 18 -10.07 -55.12 -61.43
CA VAL G 18 -9.23 -54.27 -62.23
C VAL G 18 -8.36 -53.39 -61.33
N LYS G 19 -7.13 -53.15 -61.78
CA LYS G 19 -6.25 -52.26 -61.07
C LYS G 19 -5.91 -51.16 -62.07
N ILE G 20 -6.39 -49.95 -61.76
CA ILE G 20 -6.20 -48.72 -62.53
C ILE G 20 -5.06 -47.95 -61.84
N SER G 21 -3.99 -47.64 -62.55
CA SER G 21 -2.89 -46.87 -62.03
C SER G 21 -3.03 -45.39 -62.37
N CYS G 22 -2.42 -44.55 -61.50
CA CYS G 22 -2.32 -43.11 -61.62
C CYS G 22 -0.88 -42.74 -61.25
N LYS G 23 -0.04 -42.37 -62.24
CA LYS G 23 1.39 -42.09 -62.06
C LYS G 23 1.48 -40.58 -61.99
N ALA G 24 2.03 -40.06 -60.89
CA ALA G 24 2.05 -38.64 -60.64
C ALA G 24 3.35 -37.98 -61.04
N SER G 25 3.32 -36.77 -61.59
CA SER G 25 4.54 -36.10 -61.95
C SER G 25 4.45 -34.63 -61.55
N GLY G 26 5.57 -34.03 -61.19
CA GLY G 26 5.62 -32.62 -60.93
C GLY G 26 5.50 -32.23 -59.48
N TYR G 27 4.97 -33.04 -58.58
CA TYR G 27 4.89 -32.61 -57.19
C TYR G 27 5.53 -33.59 -56.22
N THR G 28 5.63 -33.30 -54.94
CA THR G 28 6.16 -34.32 -54.05
C THR G 28 4.96 -35.07 -53.49
N PHE G 29 4.81 -36.26 -54.08
CA PHE G 29 3.72 -37.21 -53.86
C PHE G 29 3.07 -37.22 -52.48
N THR G 30 4.03 -37.20 -51.55
CA THR G 30 3.87 -37.25 -50.12
C THR G 30 3.18 -36.11 -49.40
N GLU G 31 3.17 -34.94 -50.00
CA GLU G 31 2.54 -33.83 -49.34
C GLU G 31 1.15 -33.58 -49.91
N TYR G 32 0.69 -34.38 -50.89
CA TYR G 32 -0.60 -34.20 -51.55
C TYR G 32 -1.27 -35.55 -51.84
N PRO G 33 -2.37 -35.78 -51.17
CA PRO G 33 -3.05 -37.05 -51.31
C PRO G 33 -3.90 -37.08 -52.55
N MET G 34 -4.53 -38.24 -52.84
CA MET G 34 -5.30 -38.49 -54.06
C MET G 34 -6.76 -38.82 -53.93
N LEU G 35 -7.51 -38.09 -54.73
CA LEU G 35 -8.95 -38.15 -54.83
C LEU G 35 -9.30 -39.09 -55.91
N TRP G 36 -10.29 -39.98 -55.81
CA TRP G 36 -10.64 -40.84 -56.93
C TRP G 36 -12.05 -40.50 -57.23
N VAL G 37 -12.39 -40.12 -58.45
CA VAL G 37 -13.71 -39.60 -58.78
C VAL G 37 -14.28 -40.53 -59.87
N LYS G 38 -15.58 -40.79 -59.84
CA LYS G 38 -16.22 -41.64 -60.86
C LYS G 38 -17.14 -40.75 -61.68
N GLN G 39 -17.02 -40.66 -62.99
CA GLN G 39 -17.93 -39.87 -63.77
C GLN G 39 -18.54 -40.97 -64.56
N ALA G 40 -19.76 -41.18 -64.18
CA ALA G 40 -20.54 -42.22 -64.79
C ALA G 40 -21.17 -41.65 -66.02
N PRO G 41 -21.09 -42.37 -67.13
CA PRO G 41 -21.72 -42.05 -68.42
C PRO G 41 -22.81 -40.99 -68.48
N GLY G 42 -23.89 -41.16 -67.73
CA GLY G 42 -24.90 -40.14 -67.70
C GLY G 42 -24.70 -39.27 -66.47
N LYS G 43 -24.90 -39.93 -65.33
CA LYS G 43 -24.91 -39.34 -64.01
C LYS G 43 -24.03 -38.17 -63.56
N GLY G 44 -22.90 -37.78 -64.16
CA GLY G 44 -22.08 -36.68 -63.64
C GLY G 44 -20.92 -37.11 -62.70
N PHE G 45 -20.37 -36.19 -61.89
CA PHE G 45 -19.18 -36.48 -61.12
C PHE G 45 -19.48 -36.90 -59.68
N ARG G 46 -18.76 -37.90 -59.15
CA ARG G 46 -18.93 -38.36 -57.79
C ARG G 46 -17.61 -38.67 -57.05
N TRP G 47 -17.41 -38.18 -55.80
CA TRP G 47 -16.19 -38.42 -55.05
C TRP G 47 -16.21 -39.89 -54.58
N MET G 48 -15.19 -40.68 -54.90
CA MET G 48 -15.10 -42.05 -54.42
C MET G 48 -14.33 -42.17 -53.10
N GLY G 49 -13.53 -41.17 -52.72
CA GLY G 49 -12.75 -41.21 -51.50
C GLY G 49 -11.43 -40.47 -51.69
N LEU G 50 -10.51 -40.62 -50.75
CA LEU G 50 -9.25 -39.93 -50.74
C LEU G 50 -8.23 -40.83 -50.02
N ILE G 51 -6.99 -40.80 -50.48
CA ILE G 51 -5.95 -41.59 -49.83
C ILE G 51 -4.82 -40.64 -49.42
N TYR G 52 -4.48 -40.82 -48.14
CA TYR G 52 -3.40 -40.09 -47.51
C TYR G 52 -2.09 -40.66 -48.04
N THR G 53 -1.51 -40.11 -49.09
CA THR G 53 -0.28 -40.61 -49.63
C THR G 53 0.91 -40.52 -48.68
N ASN G 54 0.69 -40.05 -47.47
CA ASN G 54 1.76 -39.96 -46.51
C ASN G 54 1.73 -41.19 -45.62
N THR G 55 0.65 -41.40 -44.86
CA THR G 55 0.45 -42.58 -43.98
C THR G 55 0.09 -43.87 -44.77
N GLY G 56 -0.64 -43.62 -45.86
CA GLY G 56 -1.31 -44.65 -46.62
C GLY G 56 -2.79 -44.81 -46.21
N GLU G 57 -3.50 -44.15 -45.25
CA GLU G 57 -4.91 -44.46 -44.97
C GLU G 57 -5.89 -43.94 -45.99
N PRO G 58 -6.75 -44.80 -46.54
CA PRO G 58 -7.86 -44.45 -47.39
C PRO G 58 -9.16 -44.08 -46.73
N THR G 59 -9.91 -43.18 -47.33
CA THR G 59 -11.26 -42.87 -46.90
C THR G 59 -12.08 -43.37 -48.09
N TYR G 60 -13.21 -44.01 -47.88
CA TYR G 60 -14.03 -44.39 -49.02
C TYR G 60 -15.28 -43.59 -48.91
N ALA G 61 -15.89 -43.23 -50.01
CA ALA G 61 -17.22 -42.65 -49.90
C ALA G 61 -18.13 -43.81 -49.45
N GLU G 62 -19.24 -43.66 -48.73
CA GLU G 62 -20.03 -44.83 -48.33
C GLU G 62 -20.45 -45.63 -49.54
N GLU G 63 -20.82 -44.99 -50.66
CA GLU G 63 -21.14 -45.70 -51.89
C GLU G 63 -20.06 -46.67 -52.38
N PHE G 64 -18.81 -46.50 -51.89
CA PHE G 64 -17.65 -47.19 -52.41
C PHE G 64 -16.89 -48.07 -51.41
N LYS G 65 -17.36 -48.08 -50.15
CA LYS G 65 -16.73 -48.90 -49.12
C LYS G 65 -17.05 -50.37 -49.49
N GLY G 66 -16.10 -51.28 -49.79
CA GLY G 66 -16.49 -52.66 -50.05
C GLY G 66 -15.72 -53.27 -51.19
N ARG G 67 -16.20 -53.11 -52.42
CA ARG G 67 -15.48 -53.61 -53.59
C ARG G 67 -14.30 -52.75 -53.99
N PHE G 68 -14.28 -51.51 -53.52
CA PHE G 68 -13.21 -50.60 -53.85
C PHE G 68 -12.14 -50.55 -52.77
N VAL G 69 -10.92 -50.57 -53.31
CA VAL G 69 -9.68 -50.55 -52.57
C VAL G 69 -8.56 -49.68 -53.19
N PHE G 70 -8.20 -48.57 -52.52
CA PHE G 70 -7.14 -47.66 -52.90
C PHE G 70 -5.82 -48.15 -52.37
N SER G 71 -4.72 -48.04 -53.09
CA SER G 71 -3.41 -48.42 -52.60
C SER G 71 -2.38 -47.59 -53.34
N LEU G 72 -1.09 -47.66 -53.03
CA LEU G 72 -0.17 -46.82 -53.74
C LEU G 72 1.21 -47.38 -53.93
N GLU G 73 1.83 -47.28 -55.08
CA GLU G 73 3.21 -47.67 -55.19
C GLU G 73 3.91 -46.34 -54.92
N ILE G 74 3.94 -46.01 -53.63
CA ILE G 74 4.56 -44.83 -53.05
C ILE G 74 5.84 -44.38 -53.77
N SER G 75 6.59 -45.46 -53.87
CA SER G 75 7.95 -45.50 -54.35
C SER G 75 8.11 -45.02 -55.78
N ALA G 76 7.02 -45.12 -56.53
CA ALA G 76 7.00 -44.81 -57.93
C ALA G 76 5.98 -43.71 -58.16
N SER G 77 5.48 -43.07 -57.08
CA SER G 77 4.50 -42.03 -57.22
C SER G 77 3.27 -42.52 -57.96
N THR G 78 2.82 -43.73 -57.64
CA THR G 78 1.59 -44.22 -58.24
C THR G 78 0.52 -44.42 -57.21
N ALA G 79 -0.74 -44.11 -57.49
CA ALA G 79 -1.88 -44.39 -56.64
C ALA G 79 -2.66 -45.36 -57.49
N TYR G 80 -3.45 -46.26 -56.91
CA TYR G 80 -4.17 -47.22 -57.74
C TYR G 80 -5.55 -47.45 -57.24
N LEU G 81 -6.48 -47.74 -58.14
CA LEU G 81 -7.83 -48.01 -57.79
C LEU G 81 -8.04 -49.45 -58.11
N GLN G 82 -8.61 -50.23 -57.20
CA GLN G 82 -8.93 -51.60 -57.52
C GLN G 82 -10.37 -51.83 -57.15
N ILE G 83 -11.05 -52.35 -58.16
CA ILE G 83 -12.48 -52.63 -58.11
C ILE G 83 -12.50 -54.12 -58.35
N ASN G 84 -12.98 -54.78 -57.32
CA ASN G 84 -13.08 -56.23 -57.30
C ASN G 84 -14.52 -56.61 -57.51
N ASN G 85 -14.72 -57.84 -58.05
CA ASN G 85 -16.03 -58.43 -58.31
C ASN G 85 -16.89 -57.41 -59.03
N LEU G 86 -16.37 -57.14 -60.22
CA LEU G 86 -16.88 -56.06 -61.07
C LEU G 86 -18.34 -56.30 -61.35
N THR G 87 -19.11 -55.23 -61.21
CA THR G 87 -20.51 -55.29 -61.49
C THR G 87 -20.63 -54.59 -62.80
N ASN G 88 -21.63 -55.02 -63.54
CA ASN G 88 -21.87 -54.45 -64.87
C ASN G 88 -22.12 -52.94 -64.82
N GLU G 89 -22.75 -52.40 -63.74
CA GLU G 89 -23.01 -50.98 -63.67
C GLU G 89 -21.84 -50.14 -63.18
N ASP G 90 -20.64 -50.72 -63.23
CA ASP G 90 -19.43 -49.97 -62.90
C ASP G 90 -18.83 -49.41 -64.18
N THR G 91 -19.49 -49.52 -65.37
CA THR G 91 -18.85 -48.93 -66.55
C THR G 91 -19.01 -47.43 -66.41
N ALA G 92 -17.87 -46.80 -66.59
CA ALA G 92 -17.73 -45.38 -66.32
C ALA G 92 -16.26 -45.10 -66.48
N THR G 93 -15.91 -43.85 -66.19
CA THR G 93 -14.53 -43.36 -66.28
C THR G 93 -14.12 -42.95 -64.87
N TYR G 94 -12.89 -43.23 -64.48
CA TYR G 94 -12.44 -42.94 -63.14
C TYR G 94 -11.27 -42.02 -63.34
N PHE G 95 -11.24 -40.96 -62.56
CA PHE G 95 -10.20 -39.95 -62.69
C PHE G 95 -9.37 -39.98 -61.44
N CYS G 96 -8.01 -39.94 -61.36
CA CYS G 96 -7.33 -39.53 -60.12
C CYS G 96 -7.16 -38.00 -60.13
N VAL G 97 -6.99 -37.44 -58.96
CA VAL G 97 -7.04 -36.00 -58.77
C VAL G 97 -6.18 -35.63 -57.57
N ARG G 98 -5.60 -34.43 -57.59
CA ARG G 98 -4.72 -34.02 -56.47
C ARG G 98 -5.53 -33.10 -55.56
N ASP G 99 -5.55 -33.37 -54.26
CA ASP G 99 -6.26 -32.50 -53.36
C ASP G 99 -5.29 -31.45 -52.86
N TYR G 100 -5.58 -30.20 -53.14
CA TYR G 100 -4.70 -29.10 -52.73
C TYR G 100 -5.44 -27.80 -52.91
N PHE G 101 -5.01 -26.75 -52.21
CA PHE G 101 -5.75 -25.51 -52.29
C PHE G 101 -7.21 -25.60 -51.94
N ILE G 102 -7.53 -26.30 -50.83
CA ILE G 102 -8.89 -26.34 -50.27
C ILE G 102 -9.88 -26.91 -51.27
N SER G 103 -9.39 -27.77 -52.17
CA SER G 103 -10.23 -28.39 -53.20
C SER G 103 -9.44 -29.40 -54.02
N LEU G 104 -9.64 -29.39 -55.33
CA LEU G 104 -8.87 -30.29 -56.18
C LEU G 104 -8.29 -29.37 -57.20
N ASP G 105 -6.98 -29.47 -57.50
CA ASP G 105 -6.39 -28.56 -58.51
C ASP G 105 -6.06 -29.19 -59.85
N TYR G 106 -5.65 -30.44 -59.84
CA TYR G 106 -5.34 -31.10 -61.11
C TYR G 106 -6.14 -32.40 -61.18
N TRP G 107 -6.65 -32.70 -62.36
CA TRP G 107 -7.33 -33.96 -62.66
C TRP G 107 -6.51 -34.75 -63.67
N GLY G 108 -6.63 -36.08 -63.65
CA GLY G 108 -5.91 -36.95 -64.59
C GLY G 108 -6.64 -36.99 -65.95
N GLN G 109 -6.13 -37.90 -66.90
CA GLN G 109 -6.91 -38.11 -68.12
C GLN G 109 -8.15 -38.99 -68.02
N GLY G 110 -8.23 -39.93 -67.09
CA GLY G 110 -9.39 -40.81 -67.00
C GLY G 110 -9.01 -42.20 -67.48
N THR G 111 -9.60 -43.23 -66.93
CA THR G 111 -9.41 -44.60 -67.38
C THR G 111 -10.87 -45.06 -67.37
N THR G 112 -11.32 -45.49 -68.53
CA THR G 112 -12.70 -45.89 -68.77
C THR G 112 -12.84 -47.39 -68.72
N LEU G 113 -13.80 -47.96 -67.97
CA LEU G 113 -13.92 -49.39 -67.87
C LEU G 113 -15.23 -49.69 -68.53
N THR G 114 -15.17 -50.77 -69.32
CA THR G 114 -16.38 -51.28 -69.91
C THR G 114 -16.47 -52.73 -69.46
N VAL G 115 -17.33 -52.94 -68.48
CA VAL G 115 -17.68 -54.25 -67.93
C VAL G 115 -18.58 -54.94 -68.93
N SER G 116 -18.16 -56.01 -69.58
CA SER G 116 -18.99 -56.60 -70.59
C SER G 116 -18.53 -57.99 -70.99
N SER G 117 -19.49 -58.90 -71.02
CA SER G 117 -19.20 -60.29 -71.39
C SER G 117 -18.93 -60.42 -72.88
N ALA G 118 -17.86 -61.15 -73.22
CA ALA G 118 -17.48 -61.36 -74.61
C ALA G 118 -16.11 -62.00 -74.72
N LYS G 119 -15.90 -62.76 -75.78
CA LYS G 119 -14.62 -63.43 -76.01
C LYS G 119 -13.55 -62.45 -76.45
N THR G 120 -12.53 -62.96 -77.14
CA THR G 120 -11.45 -62.11 -77.62
C THR G 120 -11.27 -62.25 -79.13
N THR G 121 -11.55 -61.17 -79.86
CA THR G 121 -11.43 -61.15 -81.30
C THR G 121 -10.40 -60.12 -81.73
N ALA G 122 -9.40 -60.57 -82.49
CA ALA G 122 -8.38 -59.66 -83.01
C ALA G 122 -8.96 -58.79 -84.13
N PRO G 123 -8.49 -57.54 -84.25
CA PRO G 123 -8.99 -56.64 -85.29
C PRO G 123 -8.40 -56.95 -86.66
N SER G 124 -9.13 -56.55 -87.70
CA SER G 124 -8.60 -56.58 -89.06
C SER G 124 -8.30 -55.14 -89.44
N VAL G 125 -7.05 -54.90 -89.84
CA VAL G 125 -6.60 -53.54 -90.15
C VAL G 125 -6.54 -53.30 -91.66
N TYR G 126 -7.35 -52.36 -92.13
CA TYR G 126 -7.48 -52.10 -93.56
C TYR G 126 -7.02 -50.69 -93.93
N PRO G 127 -6.18 -50.58 -94.97
CA PRO G 127 -5.71 -49.27 -95.42
C PRO G 127 -6.80 -48.56 -96.20
N LEU G 128 -6.92 -47.25 -96.02
CA LEU G 128 -7.88 -46.46 -96.78
C LEU G 128 -7.13 -45.44 -97.63
N ALA G 129 -7.01 -45.77 -98.91
CA ALA G 129 -6.33 -44.91 -99.87
C ALA G 129 -7.38 -44.24 -100.74
N PRO G 130 -7.04 -43.08 -101.33
CA PRO G 130 -8.01 -42.31 -102.12
C PRO G 130 -8.50 -43.05 -103.36
N VAL G 131 -9.56 -42.53 -103.95
CA VAL G 131 -10.18 -43.12 -105.13
C VAL G 131 -9.18 -43.32 -106.27
N CYS G 132 -9.43 -44.33 -107.09
CA CYS G 132 -8.50 -44.77 -108.12
C CYS G 132 -8.09 -43.68 -109.10
N GLY G 133 -8.92 -42.64 -109.23
CA GLY G 133 -8.67 -41.60 -110.20
C GLY G 133 -8.39 -40.22 -109.62
N GLY G 134 -7.37 -39.56 -110.17
CA GLY G 134 -7.07 -38.17 -109.84
C GLY G 134 -6.66 -37.90 -108.41
N THR G 135 -7.60 -37.35 -107.64
CA THR G 135 -7.35 -36.88 -106.27
C THR G 135 -6.26 -35.82 -106.25
N THR G 136 -6.53 -34.66 -106.86
CA THR G 136 -5.54 -33.60 -106.94
C THR G 136 -5.98 -32.33 -106.20
N GLY G 137 -5.42 -32.13 -105.01
CA GLY G 137 -5.62 -30.91 -104.26
C GLY G 137 -4.30 -30.49 -103.64
N SER G 138 -4.31 -29.42 -102.84
CA SER G 138 -3.09 -28.99 -102.15
C SER G 138 -2.69 -29.99 -101.06
N SER G 139 -3.67 -30.74 -100.57
CA SER G 139 -3.41 -31.78 -99.58
C SER G 139 -4.07 -33.10 -99.96
N VAL G 140 -4.00 -34.07 -99.06
CA VAL G 140 -4.54 -35.40 -99.29
C VAL G 140 -4.86 -36.10 -97.96
N THR G 141 -5.99 -36.80 -97.94
CA THR G 141 -6.46 -37.48 -96.74
C THR G 141 -6.40 -38.99 -96.92
N LEU G 142 -5.62 -39.65 -96.06
CA LEU G 142 -5.57 -41.10 -96.01
C LEU G 142 -6.32 -41.56 -94.77
N GLY G 143 -6.55 -42.87 -94.68
CA GLY G 143 -7.26 -43.42 -93.55
C GLY G 143 -6.85 -44.83 -93.19
N CYS G 144 -7.36 -45.31 -92.06
CA CYS G 144 -7.05 -46.63 -91.55
C CYS G 144 -8.28 -47.14 -90.80
N LEU G 145 -8.80 -48.27 -91.23
CA LEU G 145 -10.01 -48.85 -90.64
C LEU G 145 -9.70 -50.10 -89.81
N VAL G 146 -9.88 -49.99 -88.51
CA VAL G 146 -9.66 -51.09 -87.58
C VAL G 146 -10.99 -51.77 -87.23
N LYS G 147 -11.27 -52.88 -87.91
CA LYS G 147 -12.61 -53.47 -87.89
C LYS G 147 -12.72 -54.78 -87.10
N GLY G 148 -13.80 -54.90 -86.33
CA GLY G 148 -14.19 -56.16 -85.70
C GLY G 148 -13.28 -56.72 -84.61
N TYR G 149 -13.13 -55.99 -83.52
CA TYR G 149 -12.33 -56.48 -82.40
C TYR G 149 -13.08 -56.48 -81.07
N PHE G 150 -12.55 -57.22 -80.10
CA PHE G 150 -13.14 -57.33 -78.78
C PHE G 150 -12.14 -57.97 -77.82
N PRO G 151 -11.97 -57.38 -76.63
CA PRO G 151 -12.66 -56.16 -76.21
C PRO G 151 -11.82 -54.92 -76.46
N GLU G 152 -12.26 -53.80 -75.88
CA GLU G 152 -11.47 -52.59 -75.87
C GLU G 152 -10.30 -52.71 -74.89
N PRO G 153 -9.23 -51.92 -75.08
CA PRO G 153 -9.05 -50.90 -76.13
C PRO G 153 -8.11 -51.31 -77.25
N VAL G 154 -8.09 -50.51 -78.32
CA VAL G 154 -7.01 -50.54 -79.30
C VAL G 154 -6.30 -49.20 -79.27
N THR G 155 -5.00 -49.21 -79.54
CA THR G 155 -4.28 -47.96 -79.76
C THR G 155 -3.91 -47.81 -81.22
N LEU G 156 -3.94 -46.57 -81.71
CA LEU G 156 -3.59 -46.29 -83.10
C LEU G 156 -2.70 -45.06 -83.21
N THR G 157 -1.58 -45.22 -83.93
CA THR G 157 -0.71 -44.08 -84.22
C THR G 157 -0.42 -44.02 -85.71
N TRP G 158 0.18 -42.92 -86.15
CA TRP G 158 0.60 -42.76 -87.53
C TRP G 158 2.11 -42.55 -87.59
N ASN G 159 2.80 -43.39 -88.36
CA ASN G 159 4.25 -43.37 -88.44
C ASN G 159 4.92 -43.43 -87.07
N SER G 160 4.48 -44.39 -86.26
CA SER G 160 5.01 -44.61 -84.91
C SER G 160 4.79 -43.42 -83.98
N GLY G 161 3.87 -42.54 -84.36
CA GLY G 161 3.54 -41.40 -83.53
C GLY G 161 4.25 -40.12 -83.92
N SER G 162 5.16 -40.19 -84.88
CA SER G 162 5.89 -39.01 -85.34
C SER G 162 5.00 -38.11 -86.20
N LEU G 163 3.91 -38.69 -86.70
CA LEU G 163 2.92 -37.93 -87.45
C LEU G 163 1.62 -37.83 -86.65
N SER G 164 1.47 -36.74 -85.91
CA SER G 164 0.31 -36.56 -85.05
C SER G 164 -0.54 -35.37 -85.50
N SER G 165 0.09 -34.39 -86.14
CA SER G 165 -0.65 -33.23 -86.62
C SER G 165 -1.49 -33.60 -87.84
N GLY G 166 -2.75 -33.17 -87.82
CA GLY G 166 -3.65 -33.44 -88.93
C GLY G 166 -4.26 -34.83 -88.87
N VAL G 167 -4.35 -35.37 -87.66
CA VAL G 167 -4.89 -36.70 -87.45
C VAL G 167 -6.24 -36.62 -86.74
N HIS G 168 -7.21 -37.39 -87.20
CA HIS G 168 -8.48 -37.53 -86.49
C HIS G 168 -8.73 -39.00 -86.21
N THR G 169 -8.62 -39.40 -84.95
CA THR G 169 -8.94 -40.76 -84.56
C THR G 169 -10.37 -40.79 -84.02
N PHE G 170 -11.16 -41.74 -84.52
CA PHE G 170 -12.58 -41.78 -84.22
C PHE G 170 -12.90 -42.85 -83.19
N PRO G 171 -13.59 -42.46 -82.12
CA PRO G 171 -13.90 -43.34 -80.98
C PRO G 171 -14.50 -44.67 -81.45
N ALA G 172 -14.09 -45.75 -80.81
CA ALA G 172 -14.56 -47.08 -81.13
C ALA G 172 -16.05 -47.21 -80.87
N LEU G 173 -16.73 -47.92 -81.76
CA LEU G 173 -18.16 -48.13 -81.60
C LEU G 173 -18.54 -49.59 -81.79
N LEU G 174 -19.49 -50.02 -80.99
CA LEU G 174 -19.90 -51.42 -80.96
C LEU G 174 -20.94 -51.66 -82.04
N GLN G 175 -20.68 -52.67 -82.88
CA GLN G 175 -21.58 -53.00 -83.96
C GLN G 175 -21.55 -54.51 -84.16
N SER G 176 -22.70 -55.15 -83.95
CA SER G 176 -22.83 -56.60 -84.07
C SER G 176 -21.89 -57.34 -83.12
N GLY G 177 -21.77 -56.83 -81.89
CA GLY G 177 -20.99 -57.49 -80.86
C GLY G 177 -19.50 -57.25 -80.94
N LEU G 178 -19.07 -56.45 -81.91
CA LEU G 178 -17.65 -56.15 -82.06
C LEU G 178 -17.40 -54.66 -82.17
N TYR G 179 -16.21 -54.23 -81.77
CA TYR G 179 -15.84 -52.82 -81.88
C TYR G 179 -15.21 -52.54 -83.22
N THR G 180 -15.49 -51.35 -83.74
CA THR G 180 -14.83 -50.86 -84.95
C THR G 180 -14.38 -49.43 -84.71
N LEU G 181 -13.17 -49.14 -85.17
CA LEU G 181 -12.53 -47.85 -85.00
C LEU G 181 -11.96 -47.43 -86.35
N SER G 182 -11.69 -46.15 -86.52
CA SER G 182 -11.06 -45.67 -87.74
C SER G 182 -10.28 -44.41 -87.46
N SER G 183 -9.36 -44.07 -88.36
CA SER G 183 -8.60 -42.83 -88.21
C SER G 183 -8.29 -42.24 -89.57
N SER G 184 -8.22 -40.92 -89.64
CA SER G 184 -7.80 -40.26 -90.86
C SER G 184 -6.57 -39.43 -90.56
N VAL G 185 -5.79 -39.17 -91.60
CA VAL G 185 -4.66 -38.27 -91.49
C VAL G 185 -4.56 -37.45 -92.76
N THR G 186 -4.26 -36.16 -92.63
CA THR G 186 -4.16 -35.30 -93.79
C THR G 186 -2.78 -34.68 -93.90
N VAL G 187 -2.15 -34.85 -95.06
CA VAL G 187 -0.81 -34.32 -95.29
C VAL G 187 -0.77 -33.58 -96.62
N THR G 188 0.27 -32.79 -96.85
CA THR G 188 0.42 -32.10 -98.14
C THR G 188 0.56 -33.13 -99.26
N SER G 189 0.12 -32.77 -100.46
CA SER G 189 0.10 -33.71 -101.57
C SER G 189 1.51 -34.13 -102.02
N ASN G 190 2.52 -33.42 -101.55
CA ASN G 190 3.90 -33.74 -101.87
C ASN G 190 4.45 -34.84 -100.96
N THR G 191 3.92 -34.91 -99.75
CA THR G 191 4.35 -35.91 -98.78
C THR G 191 4.01 -37.33 -99.24
N TRP G 192 2.75 -37.51 -99.63
CA TRP G 192 2.26 -38.84 -100.03
C TRP G 192 1.89 -38.83 -101.51
N PRO G 193 2.20 -39.92 -102.24
CA PRO G 193 2.83 -41.14 -101.75
C PRO G 193 4.36 -41.13 -101.83
N SER G 194 4.96 -39.94 -101.90
CA SER G 194 6.42 -39.83 -101.95
C SER G 194 7.04 -40.46 -100.71
N GLN G 195 6.62 -39.97 -99.55
CA GLN G 195 7.09 -40.49 -98.28
C GLN G 195 6.10 -41.51 -97.74
N THR G 196 6.62 -42.52 -97.06
CA THR G 196 5.79 -43.59 -96.52
C THR G 196 4.92 -43.10 -95.36
N ILE G 197 3.65 -43.48 -95.38
CA ILE G 197 2.75 -43.21 -94.28
C ILE G 197 2.16 -44.53 -93.78
N THR G 198 2.36 -44.82 -92.50
CA THR G 198 1.98 -46.11 -91.95
C THR G 198 1.07 -46.01 -90.74
N CYS G 199 0.01 -46.81 -90.75
CA CYS G 199 -0.92 -46.93 -89.64
C CYS G 199 -0.40 -48.00 -88.66
N ASN G 200 -0.26 -47.64 -87.39
CA ASN G 200 0.17 -48.61 -86.36
C ASN G 200 -0.94 -48.91 -85.37
N VAL G 201 -1.33 -50.18 -85.29
CA VAL G 201 -2.46 -50.58 -84.46
C VAL G 201 -2.08 -51.67 -83.45
N ALA G 202 -2.45 -51.47 -82.19
CA ALA G 202 -2.24 -52.51 -81.18
C ALA G 202 -3.53 -52.87 -80.48
N HIS G 203 -3.73 -54.18 -80.30
CA HIS G 203 -4.87 -54.69 -79.54
C HIS G 203 -4.34 -55.59 -78.42
N PRO G 204 -4.10 -55.01 -77.24
CA PRO G 204 -3.46 -55.67 -76.11
C PRO G 204 -4.13 -56.98 -75.70
N ALA G 205 -5.46 -57.00 -75.71
CA ALA G 205 -6.20 -58.18 -75.27
C ALA G 205 -5.91 -59.42 -76.11
N SER G 206 -5.51 -59.24 -77.37
CA SER G 206 -5.20 -60.37 -78.24
C SER G 206 -3.72 -60.45 -78.61
N SER G 207 -2.91 -59.56 -78.04
CA SER G 207 -1.49 -59.46 -78.39
C SER G 207 -1.28 -59.26 -79.89
N THR G 208 -2.17 -58.48 -80.49
CA THR G 208 -2.12 -58.18 -81.90
C THR G 208 -1.48 -56.81 -82.16
N LYS G 209 -0.44 -56.81 -82.98
CA LYS G 209 0.15 -55.56 -83.48
C LYS G 209 0.21 -55.60 -85.00
N VAL G 210 -0.37 -54.59 -85.64
CA VAL G 210 -0.38 -54.53 -87.10
C VAL G 210 0.16 -53.18 -87.61
N ASP G 211 1.14 -53.26 -88.49
CA ASP G 211 1.63 -52.08 -89.19
C ASP G 211 1.17 -52.14 -90.63
N LYS G 212 0.34 -51.19 -91.06
CA LYS G 212 -0.20 -51.19 -92.40
C LYS G 212 0.18 -49.91 -93.15
N LYS G 213 1.06 -50.04 -94.14
CA LYS G 213 1.45 -48.91 -94.97
C LYS G 213 0.35 -48.62 -95.99
N ILE G 214 -0.02 -47.34 -96.12
CA ILE G 214 -1.04 -46.94 -97.06
C ILE G 214 -0.46 -46.88 -98.47
N GLU G 215 -0.93 -47.76 -99.34
CA GLU G 215 -0.43 -47.84 -100.71
C GLU G 215 -1.44 -47.28 -101.70
N SER G 216 -0.94 -46.71 -102.78
CA SER G 216 -1.80 -46.18 -103.83
C SER G 216 -2.55 -47.31 -104.51
N ARG G 217 -3.77 -47.04 -104.95
CA ARG G 217 -4.61 -48.09 -105.53
C ARG G 217 -4.12 -48.58 -106.90
N ARG G 218 -3.24 -47.81 -107.52
CA ARG G 218 -2.62 -48.25 -108.78
C ARG G 218 -1.22 -47.68 -108.94
N GLN H 1 -25.18 -37.36 -48.50
CA GLN H 1 -26.42 -36.97 -47.78
C GLN H 1 -26.61 -35.45 -47.84
N ALA H 2 -26.16 -34.86 -48.92
CA ALA H 2 -26.27 -33.45 -49.27
C ALA H 2 -26.32 -33.38 -50.80
N VAL H 3 -27.07 -32.45 -51.34
CA VAL H 3 -27.20 -32.37 -52.80
C VAL H 3 -26.78 -31.01 -53.32
N VAL H 4 -25.70 -30.98 -54.08
CA VAL H 4 -25.21 -29.73 -54.68
C VAL H 4 -25.98 -29.54 -55.98
N THR H 5 -26.52 -28.37 -56.22
CA THR H 5 -27.28 -28.04 -57.44
C THR H 5 -26.66 -26.90 -58.25
N GLN H 6 -26.60 -27.07 -59.57
CA GLN H 6 -26.02 -26.05 -60.45
C GLN H 6 -26.92 -25.79 -61.66
N GLU H 7 -26.77 -24.62 -62.23
CA GLU H 7 -27.58 -24.32 -63.44
C GLU H 7 -27.22 -25.39 -64.43
N SER H 8 -28.13 -25.76 -65.26
CA SER H 8 -28.05 -26.79 -66.24
C SER H 8 -27.27 -26.40 -67.45
N ALA H 9 -27.58 -25.25 -67.97
CA ALA H 9 -26.84 -24.76 -69.15
C ALA H 9 -26.99 -23.24 -69.10
N LEU H 10 -26.00 -22.53 -69.58
CA LEU H 10 -25.93 -21.08 -69.68
C LEU H 10 -25.22 -20.79 -71.02
N THR H 11 -25.75 -19.81 -71.70
CA THR H 11 -25.28 -19.35 -72.98
C THR H 11 -24.85 -17.90 -72.85
N THR H 12 -23.70 -17.50 -73.31
CA THR H 12 -23.22 -16.12 -73.25
C THR H 12 -22.49 -15.85 -74.56
N SER H 13 -22.01 -14.66 -74.73
CA SER H 13 -21.31 -14.21 -75.93
C SER H 13 -19.91 -13.79 -75.50
N PRO H 14 -18.96 -13.88 -76.40
CA PRO H 14 -17.59 -13.47 -76.09
C PRO H 14 -17.66 -12.09 -75.51
N GLY H 15 -16.87 -11.72 -74.52
CA GLY H 15 -16.84 -10.40 -73.94
C GLY H 15 -17.80 -10.17 -72.80
N GLU H 16 -18.79 -11.05 -72.59
CA GLU H 16 -19.71 -10.82 -71.48
C GLU H 16 -19.21 -11.36 -70.15
N THR H 17 -19.92 -10.97 -69.10
CA THR H 17 -19.69 -11.42 -67.73
C THR H 17 -20.81 -12.39 -67.37
N VAL H 18 -20.46 -13.60 -66.99
CA VAL H 18 -21.47 -14.61 -66.66
C VAL H 18 -21.20 -15.22 -65.30
N THR H 19 -22.21 -15.54 -64.50
CA THR H 19 -22.06 -16.09 -63.19
C THR H 19 -22.67 -17.46 -63.07
N LEU H 20 -21.93 -18.43 -62.58
CA LEU H 20 -22.50 -19.75 -62.38
C LEU H 20 -22.60 -19.87 -60.85
N THR H 21 -23.63 -20.59 -60.46
CA THR H 21 -23.80 -20.76 -58.99
C THR H 21 -23.86 -22.25 -58.67
N CYS H 22 -23.64 -22.46 -57.39
CA CYS H 22 -23.57 -23.76 -56.71
C CYS H 22 -24.34 -23.72 -55.39
N ARG H 23 -25.49 -24.36 -55.34
CA ARG H 23 -26.35 -24.40 -54.18
C ARG H 23 -26.32 -25.71 -53.41
N SER H 24 -26.30 -25.59 -52.10
CA SER H 24 -26.30 -26.78 -51.24
C SER H 24 -27.70 -27.03 -50.70
N ASN H 25 -28.19 -28.23 -50.70
CA ASN H 25 -29.51 -28.58 -50.21
C ASN H 25 -29.62 -28.48 -48.71
N ILE H 26 -28.54 -28.52 -47.95
CA ILE H 26 -28.60 -28.46 -46.50
C ILE H 26 -28.63 -27.07 -45.92
N GLY H 27 -28.10 -26.09 -46.60
CA GLY H 27 -28.12 -24.73 -46.05
C GLY H 27 -27.27 -23.80 -46.90
N ALA H 28 -26.98 -22.63 -46.41
CA ALA H 28 -26.15 -21.68 -47.16
C ALA H 28 -24.77 -22.35 -47.32
N VAL H 29 -24.12 -21.94 -48.40
CA VAL H 29 -22.76 -22.48 -48.61
C VAL H 29 -21.88 -21.57 -47.77
N THR H 30 -20.89 -22.04 -47.07
CA THR H 30 -20.00 -21.13 -46.30
C THR H 30 -18.55 -21.45 -46.59
N SER H 31 -17.62 -20.69 -46.06
CA SER H 31 -16.22 -20.90 -46.37
C SER H 31 -15.70 -22.24 -45.87
N SER H 32 -16.48 -22.92 -45.08
CA SER H 32 -16.02 -24.22 -44.53
C SER H 32 -16.43 -25.38 -45.42
N ASN H 33 -17.01 -25.03 -46.55
CA ASN H 33 -17.45 -25.94 -47.60
C ASN H 33 -16.38 -25.96 -48.72
N CYS H 34 -15.46 -25.03 -48.61
CA CYS H 34 -14.31 -24.92 -49.51
C CYS H 34 -14.68 -25.14 -50.95
N ALA H 35 -15.65 -24.41 -51.44
CA ALA H 35 -16.14 -24.55 -52.81
C ALA H 35 -14.96 -24.64 -53.77
N ASN H 36 -15.03 -25.60 -54.65
CA ASN H 36 -14.05 -25.90 -55.71
C ASN H 36 -14.85 -25.77 -57.02
N TRP H 37 -14.23 -25.39 -58.07
CA TRP H 37 -14.84 -25.27 -59.41
C TRP H 37 -13.90 -26.04 -60.33
N VAL H 38 -14.41 -26.90 -61.14
CA VAL H 38 -13.60 -27.73 -62.04
C VAL H 38 -14.17 -27.60 -63.42
N GLN H 39 -13.33 -27.64 -64.44
CA GLN H 39 -13.84 -27.45 -65.82
C GLN H 39 -13.59 -28.69 -66.60
N GLU H 40 -14.50 -29.15 -67.39
CA GLU H 40 -14.33 -30.31 -68.23
C GLU H 40 -14.43 -29.89 -69.68
N LYS H 41 -13.36 -29.99 -70.43
CA LYS H 41 -13.33 -29.63 -71.87
C LYS H 41 -13.51 -30.99 -72.54
N PRO H 42 -13.83 -31.04 -73.80
CA PRO H 42 -14.03 -32.34 -74.49
C PRO H 42 -12.69 -33.07 -74.56
N ASP H 43 -12.92 -34.36 -74.38
CA ASP H 43 -11.94 -35.43 -74.32
C ASP H 43 -11.71 -35.83 -72.86
N HIS H 44 -12.70 -35.72 -72.01
CA HIS H 44 -12.42 -36.10 -70.59
C HIS H 44 -11.21 -35.36 -70.06
N PHE H 45 -11.12 -34.07 -70.33
CA PHE H 45 -10.05 -33.16 -69.95
C PHE H 45 -10.41 -32.32 -68.73
N PHE H 46 -9.89 -32.63 -67.57
CA PHE H 46 -10.22 -31.88 -66.35
C PHE H 46 -9.06 -31.05 -65.88
N THR H 47 -9.36 -29.87 -65.39
CA THR H 47 -8.51 -28.88 -64.82
C THR H 47 -9.21 -28.24 -63.61
N GLY H 48 -8.52 -27.85 -62.60
CA GLY H 48 -9.15 -27.16 -61.46
C GLY H 48 -8.88 -25.67 -61.68
N LEU H 49 -9.89 -24.88 -61.43
CA LEU H 49 -9.99 -23.45 -61.58
C LEU H 49 -9.81 -22.73 -60.25
N ILE H 50 -10.70 -22.89 -59.31
CA ILE H 50 -10.78 -22.31 -57.97
C ILE H 50 -10.91 -23.34 -56.88
N GLY H 51 -10.37 -23.07 -55.72
CA GLY H 51 -10.43 -24.00 -54.57
C GLY H 51 -10.56 -23.16 -53.32
N ASP H 52 -11.15 -23.75 -52.31
CA ASP H 52 -11.28 -23.01 -51.04
C ASP H 52 -11.99 -21.67 -51.30
N THR H 53 -13.04 -21.75 -52.06
CA THR H 53 -13.95 -20.70 -52.45
C THR H 53 -13.45 -19.69 -53.45
N ASN H 54 -12.27 -19.14 -53.17
CA ASN H 54 -11.70 -18.12 -54.01
C ASN H 54 -10.22 -18.24 -54.34
N ASN H 55 -9.61 -19.36 -54.28
CA ASN H 55 -8.18 -19.48 -54.61
C ASN H 55 -8.12 -19.97 -56.04
N ARG H 56 -7.58 -19.20 -56.94
CA ARG H 56 -7.47 -19.61 -58.35
C ARG H 56 -6.28 -20.51 -58.56
N ARG H 57 -6.45 -21.68 -59.14
CA ARG H 57 -5.37 -22.66 -59.38
C ARG H 57 -4.35 -21.88 -60.17
N SER H 58 -3.13 -22.31 -60.23
CA SER H 58 -2.08 -21.52 -60.94
C SER H 58 -2.19 -21.86 -62.40
N GLY H 59 -2.11 -20.83 -63.20
CA GLY H 59 -2.20 -20.88 -64.66
C GLY H 59 -3.61 -20.86 -65.24
N VAL H 60 -4.59 -20.42 -64.47
CA VAL H 60 -5.99 -20.28 -64.80
C VAL H 60 -6.12 -18.77 -64.99
N PRO H 61 -6.63 -18.38 -66.12
CA PRO H 61 -6.74 -16.94 -66.44
C PRO H 61 -7.48 -16.22 -65.34
N ALA H 62 -7.20 -14.96 -65.14
CA ALA H 62 -7.81 -14.08 -64.15
C ALA H 62 -9.25 -13.73 -64.41
N ARG H 63 -9.78 -14.00 -65.56
CA ARG H 63 -11.16 -13.70 -65.93
C ARG H 63 -12.03 -14.57 -65.03
N PHE H 64 -11.42 -15.56 -64.37
CA PHE H 64 -12.11 -16.47 -63.47
C PHE H 64 -11.86 -16.13 -62.00
N SER H 65 -13.00 -15.97 -61.31
CA SER H 65 -12.91 -15.65 -59.86
C SER H 65 -14.06 -16.36 -59.17
N GLY H 66 -13.89 -16.73 -57.92
CA GLY H 66 -14.95 -17.45 -57.19
C GLY H 66 -15.32 -16.57 -56.01
N SER H 67 -16.47 -16.86 -55.43
CA SER H 67 -16.93 -16.06 -54.26
C SER H 67 -18.19 -16.71 -53.72
N LEU H 68 -18.69 -16.09 -52.68
CA LEU H 68 -19.96 -16.60 -52.11
C LEU H 68 -20.89 -15.43 -52.37
N ILE H 69 -22.00 -15.70 -52.96
CA ILE H 69 -22.99 -14.64 -53.25
C ILE H 69 -24.29 -15.12 -52.59
N GLY H 70 -24.73 -14.41 -51.58
CA GLY H 70 -25.97 -14.88 -50.92
C GLY H 70 -25.53 -16.14 -50.16
N ASP H 71 -26.31 -17.19 -50.33
CA ASP H 71 -26.03 -18.44 -49.63
C ASP H 71 -25.46 -19.48 -50.58
N LYS H 72 -24.79 -18.98 -51.63
CA LYS H 72 -24.24 -20.03 -52.55
C LYS H 72 -22.86 -19.70 -53.04
N ALA H 73 -22.13 -20.67 -53.57
CA ALA H 73 -20.76 -20.39 -54.08
C ALA H 73 -20.96 -19.93 -55.51
N ALA H 74 -20.21 -18.98 -56.03
CA ALA H 74 -20.39 -18.53 -57.43
C ALA H 74 -19.06 -18.48 -58.14
N LEU H 75 -19.07 -18.65 -59.45
CA LEU H 75 -17.85 -18.59 -60.31
C LEU H 75 -18.13 -17.44 -61.29
N THR H 76 -17.36 -16.42 -61.40
CA THR H 76 -17.70 -15.38 -62.40
C THR H 76 -16.62 -15.41 -63.47
N ILE H 77 -17.02 -15.39 -64.71
CA ILE H 77 -16.11 -15.33 -65.85
C ILE H 77 -16.25 -13.88 -66.33
N THR H 78 -15.25 -13.08 -66.14
CA THR H 78 -15.31 -11.68 -66.55
C THR H 78 -14.61 -11.45 -67.88
N GLY H 79 -15.40 -11.46 -68.93
CA GLY H 79 -14.88 -11.26 -70.30
C GLY H 79 -14.91 -12.70 -70.84
N ALA H 80 -16.05 -13.36 -70.76
CA ALA H 80 -16.01 -14.78 -71.20
C ALA H 80 -15.40 -14.82 -72.58
N GLN H 81 -14.72 -15.87 -72.90
CA GLN H 81 -14.07 -16.18 -74.17
C GLN H 81 -14.65 -17.48 -74.75
N THR H 82 -14.47 -17.61 -76.02
CA THR H 82 -14.91 -18.75 -76.83
C THR H 82 -14.36 -20.02 -76.29
N GLU H 83 -13.19 -19.91 -75.73
CA GLU H 83 -12.40 -21.02 -75.17
C GLU H 83 -13.03 -21.48 -73.89
N ASP H 84 -13.86 -20.70 -73.25
CA ASP H 84 -14.48 -21.05 -71.99
C ASP H 84 -15.69 -21.94 -72.20
N GLU H 85 -15.99 -22.34 -73.39
CA GLU H 85 -17.22 -23.14 -73.62
C GLU H 85 -16.90 -24.53 -73.12
N ALA H 86 -17.52 -24.96 -72.04
CA ALA H 86 -17.26 -26.26 -71.45
C ALA H 86 -18.25 -26.56 -70.35
N ILE H 87 -17.99 -27.64 -69.62
CA ILE H 87 -18.86 -28.00 -68.49
C ILE H 87 -18.11 -27.64 -67.21
N TYR H 88 -18.72 -26.88 -66.33
CA TYR H 88 -18.15 -26.42 -65.06
C TYR H 88 -18.85 -27.15 -63.93
N PHE H 89 -18.13 -27.80 -63.08
CA PHE H 89 -18.69 -28.56 -61.95
C PHE H 89 -18.28 -27.89 -60.64
N CYS H 90 -19.16 -27.84 -59.66
CA CYS H 90 -18.72 -27.27 -58.37
C CYS H 90 -18.69 -28.50 -57.43
N ALA H 91 -17.86 -28.34 -56.43
CA ALA H 91 -17.73 -29.38 -55.41
C ALA H 91 -17.76 -28.63 -54.07
N LEU H 92 -18.39 -29.22 -53.11
CA LEU H 92 -18.55 -28.70 -51.76
C LEU H 92 -18.08 -29.73 -50.75
N TRP H 93 -17.40 -29.28 -49.72
CA TRP H 93 -16.93 -30.20 -48.66
C TRP H 93 -17.93 -30.24 -47.52
N TYR H 94 -18.16 -31.42 -47.00
CA TYR H 94 -19.11 -31.59 -45.89
C TYR H 94 -18.56 -32.37 -44.71
N ASN H 95 -17.56 -31.80 -44.09
CA ASN H 95 -16.91 -32.37 -42.91
C ASN H 95 -16.18 -33.68 -43.07
N ASN H 96 -16.59 -34.54 -44.00
CA ASN H 96 -15.92 -35.84 -44.20
C ASN H 96 -15.87 -36.35 -45.64
N LEU H 97 -16.66 -35.75 -46.53
CA LEU H 97 -16.67 -36.19 -47.94
C LEU H 97 -17.00 -35.01 -48.84
N TRP H 98 -16.82 -35.21 -50.15
CA TRP H 98 -17.07 -34.24 -51.18
C TRP H 98 -18.33 -34.62 -51.95
N VAL H 99 -19.06 -33.61 -52.33
CA VAL H 99 -20.26 -33.78 -53.14
C VAL H 99 -20.07 -32.84 -54.32
N PHE H 100 -20.24 -33.38 -55.48
CA PHE H 100 -20.07 -32.68 -56.75
C PHE H 100 -21.43 -32.25 -57.23
N GLY H 101 -21.53 -31.17 -57.91
CA GLY H 101 -22.79 -30.66 -58.50
C GLY H 101 -22.95 -31.36 -59.84
N GLY H 102 -24.08 -31.15 -60.48
CA GLY H 102 -24.40 -31.83 -61.76
C GLY H 102 -23.65 -31.27 -62.95
N GLY H 103 -23.05 -30.11 -62.78
CA GLY H 103 -22.30 -29.37 -63.76
C GLY H 103 -23.18 -28.46 -64.57
N THR H 104 -22.66 -27.35 -65.04
CA THR H 104 -23.35 -26.37 -65.87
C THR H 104 -22.72 -26.36 -67.28
N LYS H 105 -23.45 -26.66 -68.33
CA LYS H 105 -22.87 -26.59 -69.69
C LYS H 105 -22.85 -25.13 -70.09
N LEU H 106 -21.74 -24.49 -70.30
CA LEU H 106 -21.66 -23.11 -70.71
C LEU H 106 -21.27 -23.05 -72.19
N THR H 107 -22.03 -22.24 -72.91
CA THR H 107 -21.81 -22.01 -74.35
C THR H 107 -21.37 -20.57 -74.57
N VAL H 108 -20.25 -20.30 -75.23
CA VAL H 108 -19.81 -18.93 -75.47
C VAL H 108 -19.70 -18.63 -76.96
N LEU H 109 -20.31 -17.53 -77.38
CA LEU H 109 -20.28 -17.13 -78.78
C LEU H 109 -18.86 -17.01 -79.30
N GLY H 110 -18.61 -17.53 -80.49
CA GLY H 110 -17.30 -17.48 -81.10
C GLY H 110 -17.09 -18.58 -82.12
N GLN H 111 -15.83 -18.86 -82.43
CA GLN H 111 -15.48 -19.89 -83.40
C GLN H 111 -16.36 -19.81 -84.64
N PRO H 112 -15.91 -18.95 -85.64
CA PRO H 112 -16.79 -18.90 -86.82
C PRO H 112 -17.06 -20.28 -87.39
N LYS H 113 -18.27 -20.49 -87.91
CA LYS H 113 -18.65 -21.77 -88.49
C LYS H 113 -17.54 -22.32 -89.39
N SER H 114 -17.53 -23.63 -89.57
CA SER H 114 -16.50 -24.30 -90.41
C SER H 114 -17.16 -25.47 -91.11
N SER H 115 -17.04 -25.63 -92.39
CA SER H 115 -17.68 -26.71 -93.15
C SER H 115 -16.92 -27.99 -92.90
N PRO H 116 -17.60 -29.09 -93.08
CA PRO H 116 -16.94 -30.37 -92.90
C PRO H 116 -16.02 -30.68 -94.08
N SER H 117 -15.06 -31.51 -93.77
CA SER H 117 -14.10 -32.07 -94.68
C SER H 117 -14.49 -33.57 -94.69
N VAL H 118 -15.07 -33.94 -95.80
CA VAL H 118 -15.57 -35.27 -96.14
C VAL H 118 -14.66 -35.98 -97.14
N THR H 119 -14.45 -37.25 -96.88
CA THR H 119 -13.71 -38.22 -97.63
C THR H 119 -14.41 -39.57 -97.56
N LEU H 120 -14.55 -40.17 -98.75
CA LEU H 120 -15.16 -41.51 -98.85
C LEU H 120 -14.08 -42.44 -99.40
N PHE H 121 -13.88 -43.54 -98.74
CA PHE H 121 -12.89 -44.51 -99.17
C PHE H 121 -13.64 -45.77 -99.63
N PRO H 122 -13.06 -46.46 -100.58
CA PRO H 122 -13.59 -47.70 -101.13
C PRO H 122 -13.13 -48.84 -100.22
N PRO H 123 -13.80 -49.97 -100.35
CA PRO H 123 -13.42 -51.14 -99.54
C PRO H 123 -11.99 -51.44 -100.02
N SER H 124 -11.12 -51.72 -99.09
CA SER H 124 -9.75 -52.06 -99.59
C SER H 124 -9.87 -53.46 -100.20
N SER H 125 -8.83 -53.88 -100.92
CA SER H 125 -8.85 -55.18 -101.60
C SER H 125 -8.58 -56.35 -100.69
N GLU H 126 -7.80 -56.18 -99.64
CA GLU H 126 -7.50 -57.24 -98.67
C GLU H 126 -8.77 -57.64 -97.94
N GLU H 127 -9.69 -56.69 -97.86
CA GLU H 127 -10.99 -56.80 -97.25
C GLU H 127 -11.96 -57.41 -98.26
N LEU H 128 -11.72 -57.24 -99.54
CA LEU H 128 -12.62 -57.83 -100.56
C LEU H 128 -12.29 -59.32 -100.72
N GLU H 129 -11.21 -59.67 -100.06
CA GLU H 129 -10.63 -61.00 -100.00
C GLU H 129 -11.24 -61.76 -98.83
N THR H 130 -12.09 -61.08 -98.10
CA THR H 130 -12.80 -61.62 -96.92
C THR H 130 -14.27 -61.82 -97.27
N ASN H 131 -14.60 -61.39 -98.49
CA ASN H 131 -15.99 -61.50 -98.98
C ASN H 131 -16.83 -60.39 -98.31
N LYS H 132 -16.12 -59.30 -97.97
CA LYS H 132 -16.70 -58.11 -97.36
C LYS H 132 -16.15 -56.82 -97.98
N ALA H 133 -16.97 -55.81 -97.91
CA ALA H 133 -16.69 -54.46 -98.42
C ALA H 133 -17.36 -53.40 -97.51
N THR H 134 -16.52 -52.49 -97.04
CA THR H 134 -16.98 -51.40 -96.14
C THR H 134 -16.46 -50.08 -96.68
N LEU H 135 -17.40 -49.22 -97.02
CA LEU H 135 -17.16 -47.86 -97.52
C LEU H 135 -17.12 -47.00 -96.23
N VAL H 136 -16.04 -46.30 -96.02
CA VAL H 136 -15.87 -45.41 -94.85
C VAL H 136 -16.02 -43.97 -95.29
N CYS H 137 -16.90 -43.26 -94.64
CA CYS H 137 -17.06 -41.82 -94.93
C CYS H 137 -16.61 -41.08 -93.67
N THR H 138 -15.53 -40.32 -93.81
CA THR H 138 -15.00 -39.56 -92.68
C THR H 138 -15.38 -38.10 -92.86
N ILE H 139 -15.79 -37.45 -91.79
CA ILE H 139 -16.19 -36.05 -91.77
C ILE H 139 -15.51 -35.39 -90.58
N THR H 140 -14.66 -34.45 -90.85
CA THR H 140 -13.91 -33.76 -89.78
C THR H 140 -13.96 -32.27 -89.90
N ASP H 141 -13.53 -31.57 -88.86
CA ASP H 141 -13.47 -30.14 -88.76
C ASP H 141 -14.76 -29.39 -89.02
N PHE H 142 -15.87 -29.91 -88.56
CA PHE H 142 -17.12 -29.14 -88.81
C PHE H 142 -17.58 -28.52 -87.52
N TYR H 143 -18.22 -27.39 -87.60
CA TYR H 143 -18.77 -26.62 -86.51
C TYR H 143 -19.86 -25.73 -87.14
N PRO H 144 -21.02 -25.66 -86.58
CA PRO H 144 -21.52 -26.29 -85.38
C PRO H 144 -21.37 -27.79 -85.47
N GLY H 145 -21.34 -28.45 -84.33
CA GLY H 145 -21.17 -29.90 -84.36
C GLY H 145 -22.39 -30.74 -84.61
N VAL H 146 -23.13 -30.55 -85.67
CA VAL H 146 -24.32 -31.34 -85.97
C VAL H 146 -24.34 -31.60 -87.48
N VAL H 147 -24.46 -32.83 -87.93
CA VAL H 147 -24.54 -33.17 -89.33
C VAL H 147 -25.57 -34.34 -89.53
N THR H 148 -25.86 -34.42 -90.81
CA THR H 148 -26.75 -35.43 -91.37
C THR H 148 -25.95 -36.13 -92.45
N VAL H 149 -25.86 -37.45 -92.32
CA VAL H 149 -25.10 -38.23 -93.31
C VAL H 149 -26.08 -39.19 -93.99
N ASP H 150 -26.12 -39.13 -95.29
CA ASP H 150 -27.01 -39.99 -96.09
C ASP H 150 -26.19 -40.61 -97.22
N TRP H 151 -26.37 -41.90 -97.29
CA TRP H 151 -25.73 -42.78 -98.26
C TRP H 151 -26.66 -43.07 -99.42
N LYS H 152 -26.11 -43.19 -100.60
CA LYS H 152 -26.87 -43.50 -101.81
C LYS H 152 -26.10 -44.39 -102.79
N VAL H 153 -26.54 -45.66 -102.74
CA VAL H 153 -26.03 -46.71 -103.58
C VAL H 153 -26.87 -46.62 -104.87
N ASP H 154 -26.15 -46.54 -105.93
CA ASP H 154 -26.64 -46.49 -107.29
C ASP H 154 -27.78 -45.53 -107.54
N GLY H 155 -27.86 -44.46 -106.79
CA GLY H 155 -28.95 -43.47 -106.99
C GLY H 155 -30.03 -43.62 -105.93
N THR H 156 -29.99 -44.77 -105.28
CA THR H 156 -30.93 -45.13 -104.23
C THR H 156 -30.40 -45.10 -102.81
N PRO H 157 -31.10 -44.24 -102.07
CA PRO H 157 -30.86 -44.04 -100.66
C PRO H 157 -30.76 -45.39 -99.95
N VAL H 158 -29.55 -45.63 -99.49
CA VAL H 158 -29.39 -46.92 -98.74
C VAL H 158 -30.14 -46.57 -97.45
N THR H 159 -30.55 -47.57 -96.70
CA THR H 159 -31.33 -47.23 -95.46
C THR H 159 -31.04 -48.24 -94.36
N GLN H 160 -30.36 -49.28 -94.79
CA GLN H 160 -29.91 -50.39 -93.91
C GLN H 160 -28.46 -50.67 -94.32
N GLY H 161 -27.61 -50.91 -93.34
CA GLY H 161 -26.18 -51.19 -93.61
C GLY H 161 -25.25 -50.12 -93.07
N MET H 162 -25.77 -48.93 -92.93
CA MET H 162 -25.04 -47.77 -92.43
C MET H 162 -25.13 -47.62 -90.92
N GLU H 163 -24.08 -47.04 -90.40
CA GLU H 163 -23.85 -46.67 -89.02
C GLU H 163 -23.01 -45.38 -89.00
N THR H 164 -23.52 -44.42 -88.28
CA THR H 164 -22.86 -43.12 -88.16
C THR H 164 -22.56 -42.83 -86.70
N THR H 165 -21.32 -42.56 -86.36
CA THR H 165 -20.94 -42.27 -84.98
C THR H 165 -21.57 -40.94 -84.59
N GLN H 166 -21.40 -40.64 -83.34
CA GLN H 166 -21.90 -39.35 -82.79
C GLN H 166 -20.75 -38.35 -82.92
N PRO H 167 -21.10 -37.12 -83.22
CA PRO H 167 -20.07 -36.09 -83.35
C PRO H 167 -19.23 -36.12 -82.07
N SER H 168 -17.93 -36.15 -82.21
CA SER H 168 -16.93 -36.15 -81.12
C SER H 168 -16.17 -34.83 -81.29
N LYS H 169 -15.86 -34.15 -80.21
CA LYS H 169 -15.14 -32.90 -80.20
C LYS H 169 -13.64 -33.05 -80.44
N GLN H 170 -13.12 -32.38 -81.43
CA GLN H 170 -11.67 -32.46 -81.63
C GLN H 170 -11.07 -31.38 -80.69
N SER H 171 -9.76 -31.35 -80.68
CA SER H 171 -8.93 -30.45 -79.87
C SER H 171 -9.19 -28.99 -80.19
N ASN H 172 -9.22 -28.66 -81.47
CA ASN H 172 -9.49 -27.27 -81.89
C ASN H 172 -10.90 -26.87 -81.53
N ASN H 173 -11.71 -27.78 -81.05
CA ASN H 173 -13.09 -27.48 -80.65
C ASN H 173 -14.16 -27.53 -81.75
N LYS H 174 -13.82 -28.14 -82.82
CA LYS H 174 -14.61 -28.43 -84.01
C LYS H 174 -15.06 -29.87 -83.84
N TYR H 175 -15.79 -30.51 -84.70
CA TYR H 175 -16.16 -31.90 -84.40
C TYR H 175 -15.78 -32.79 -85.58
N MET H 176 -15.94 -34.06 -85.37
CA MET H 176 -15.71 -35.11 -86.32
C MET H 176 -16.72 -36.25 -86.11
N ALA H 177 -16.79 -37.07 -87.14
CA ALA H 177 -17.71 -38.23 -87.13
C ALA H 177 -17.39 -38.99 -88.42
N SER H 178 -17.70 -40.24 -88.42
CA SER H 178 -17.49 -41.12 -89.57
C SER H 178 -18.77 -42.00 -89.64
N SER H 179 -19.08 -42.44 -90.82
CA SER H 179 -20.21 -43.28 -91.15
C SER H 179 -19.66 -44.44 -91.98
N TYR H 180 -20.20 -45.60 -91.71
CA TYR H 180 -19.81 -46.85 -92.35
C TYR H 180 -21.03 -47.45 -93.07
N LEU H 181 -20.83 -47.97 -94.24
CA LEU H 181 -21.80 -48.66 -95.07
C LEU H 181 -21.10 -50.01 -95.39
N THR H 182 -21.56 -51.06 -94.78
CA THR H 182 -21.06 -52.39 -94.98
C THR H 182 -21.96 -53.18 -95.95
N LEU H 183 -21.33 -53.64 -96.97
CA LEU H 183 -21.92 -54.46 -98.03
C LEU H 183 -21.18 -55.81 -97.87
N THR H 184 -21.43 -56.65 -98.84
CA THR H 184 -20.80 -57.98 -98.91
C THR H 184 -19.84 -57.87 -100.10
N ALA H 185 -18.88 -58.76 -100.13
CA ALA H 185 -17.93 -58.71 -101.25
C ALA H 185 -18.81 -58.46 -102.48
N ARG H 186 -19.86 -59.27 -102.53
CA ARG H 186 -20.87 -59.37 -103.57
C ARG H 186 -21.81 -58.19 -103.77
N ALA H 187 -22.37 -57.70 -102.68
CA ALA H 187 -23.26 -56.52 -102.83
C ALA H 187 -22.38 -55.47 -103.53
N TRP H 188 -21.12 -55.46 -103.10
CA TRP H 188 -20.10 -54.53 -103.59
C TRP H 188 -20.04 -54.51 -105.12
N GLU H 189 -19.70 -55.68 -105.63
CA GLU H 189 -19.53 -55.91 -107.07
C GLU H 189 -20.78 -55.71 -107.91
N ARG H 190 -21.91 -55.75 -107.25
CA ARG H 190 -23.22 -55.60 -107.91
C ARG H 190 -23.44 -54.15 -108.32
N HIS H 191 -23.84 -53.35 -107.35
CA HIS H 191 -24.13 -51.92 -107.58
C HIS H 191 -22.86 -51.24 -108.09
N SER H 192 -23.00 -50.05 -108.64
CA SER H 192 -21.87 -49.32 -109.23
C SER H 192 -21.58 -47.92 -108.74
N SER H 193 -22.49 -47.17 -108.16
CA SER H 193 -22.22 -45.81 -107.69
C SER H 193 -22.55 -45.65 -106.21
N TYR H 194 -21.52 -45.31 -105.47
CA TYR H 194 -21.69 -45.10 -104.02
C TYR H 194 -21.52 -43.63 -103.73
N SER H 195 -22.24 -43.14 -102.75
CA SER H 195 -22.08 -41.69 -102.47
C SER H 195 -22.44 -41.41 -101.02
N CYS H 196 -21.62 -40.61 -100.38
CA CYS H 196 -21.84 -40.24 -98.96
C CYS H 196 -22.17 -38.75 -98.96
N GLN H 197 -23.37 -38.43 -98.53
CA GLN H 197 -23.84 -37.03 -98.56
C GLN H 197 -23.91 -36.55 -97.13
N VAL H 198 -23.25 -35.43 -96.93
CA VAL H 198 -23.19 -34.80 -95.61
C VAL H 198 -23.82 -33.42 -95.66
N THR H 199 -24.79 -33.24 -94.81
CA THR H 199 -25.50 -31.95 -94.74
C THR H 199 -25.03 -31.16 -93.52
N HIS H 200 -24.48 -29.98 -93.73
CA HIS H 200 -24.02 -29.20 -92.54
C HIS H 200 -24.38 -27.75 -92.72
N GLU H 201 -24.82 -27.12 -91.65
CA GLU H 201 -25.29 -25.75 -91.62
C GLU H 201 -25.63 -25.28 -93.04
N GLY H 202 -26.67 -25.94 -93.53
CA GLY H 202 -27.37 -25.83 -94.76
C GLY H 202 -26.80 -26.22 -96.08
N HIS H 203 -25.49 -26.31 -96.16
CA HIS H 203 -24.85 -26.70 -97.44
C HIS H 203 -24.72 -28.20 -97.42
N THR H 204 -24.66 -28.77 -98.59
CA THR H 204 -24.52 -30.21 -98.73
C THR H 204 -23.19 -30.47 -99.48
N VAL H 205 -22.61 -31.58 -99.09
CA VAL H 205 -21.36 -32.09 -99.63
C VAL H 205 -21.59 -33.59 -99.86
N GLU H 206 -21.40 -33.92 -101.11
CA GLU H 206 -21.56 -35.27 -101.64
C GLU H 206 -20.19 -35.71 -102.18
N LYS H 207 -19.76 -36.85 -101.70
CA LYS H 207 -18.48 -37.47 -102.09
C LYS H 207 -18.86 -38.85 -102.62
N SER H 208 -18.64 -39.01 -103.92
CA SER H 208 -18.93 -40.25 -104.63
C SER H 208 -17.71 -40.93 -105.21
N LEU H 209 -17.85 -42.23 -105.13
CA LEU H 209 -16.82 -43.17 -105.61
C LEU H 209 -17.46 -43.86 -106.82
N SER H 210 -16.58 -44.40 -107.62
CA SER H 210 -16.97 -45.13 -108.84
C SER H 210 -16.02 -46.31 -109.04
N ARG H 211 -16.68 -47.43 -108.79
CA ARG H 211 -16.16 -48.78 -108.88
C ARG H 211 -15.86 -49.15 -110.33
N TYR I 1 -44.14 -78.28 3.21
CA TYR I 1 -42.84 -77.56 3.30
C TYR I 1 -43.03 -76.06 3.42
N GLU I 2 -44.24 -75.62 3.76
CA GLU I 2 -44.50 -74.18 3.83
C GLU I 2 -43.74 -73.62 5.03
N HIS I 3 -42.55 -73.11 4.77
CA HIS I 3 -41.55 -72.89 5.81
C HIS I 3 -41.90 -71.66 6.65
N THR I 4 -42.74 -71.88 7.65
CA THR I 4 -42.94 -70.88 8.69
C THR I 4 -41.61 -70.54 9.34
N ALA I 5 -41.47 -69.27 9.73
CA ALA I 5 -40.26 -68.85 10.42
C ALA I 5 -40.52 -67.52 11.12
N VAL I 6 -40.41 -67.52 12.45
CA VAL I 6 -40.27 -66.26 13.15
C VAL I 6 -38.96 -65.64 12.70
N MET I 7 -38.93 -64.32 12.65
CA MET I 7 -37.85 -63.63 11.95
C MET I 7 -37.65 -62.22 12.50
N PRO I 8 -36.44 -61.85 12.94
CA PRO I 8 -36.26 -60.53 13.53
C PRO I 8 -36.43 -59.43 12.51
N ASN I 9 -37.14 -58.38 12.91
CA ASN I 9 -37.28 -57.19 12.09
C ASN I 9 -35.99 -56.40 12.17
N LYS I 10 -35.20 -56.49 11.11
CA LYS I 10 -33.97 -55.73 11.01
C LYS I 10 -33.57 -55.73 9.55
N VAL I 11 -33.13 -54.58 9.06
CA VAL I 11 -33.30 -54.30 7.65
C VAL I 11 -32.19 -54.95 6.81
N GLY I 12 -30.94 -54.66 7.14
CA GLY I 12 -29.90 -54.73 6.13
C GLY I 12 -29.04 -55.96 6.22
N ILE I 13 -29.67 -57.12 6.42
CA ILE I 13 -28.91 -58.32 6.68
C ILE I 13 -29.76 -59.55 6.35
N PRO I 14 -29.24 -60.53 5.61
CA PRO I 14 -30.07 -61.71 5.30
C PRO I 14 -30.23 -62.62 6.50
N TYR I 15 -31.14 -63.57 6.33
CA TYR I 15 -31.67 -64.40 7.40
C TYR I 15 -31.72 -65.87 6.96
N LYS I 16 -30.55 -66.39 6.57
CA LYS I 16 -30.50 -67.54 5.68
C LYS I 16 -31.02 -68.81 6.34
N ALA I 17 -32.34 -68.88 6.53
CA ALA I 17 -32.97 -70.08 7.06
C ALA I 17 -32.80 -71.26 6.12
N LEU I 18 -33.28 -72.43 6.52
CA LEU I 18 -33.07 -73.68 5.80
C LEU I 18 -34.38 -74.44 5.70
N VAL I 19 -34.72 -74.86 4.50
CA VAL I 19 -35.96 -75.62 4.27
C VAL I 19 -35.67 -77.08 4.57
N GLU I 20 -36.25 -77.59 5.64
CA GLU I 20 -36.14 -79.00 5.99
C GLU I 20 -37.40 -79.75 5.55
N ARG I 21 -37.58 -79.83 4.25
CA ARG I 21 -38.65 -80.64 3.71
C ARG I 21 -38.30 -82.12 3.88
N PRO I 22 -39.10 -82.94 4.56
CA PRO I 22 -38.81 -84.38 4.60
C PRO I 22 -39.03 -85.00 3.23
N GLY I 23 -37.95 -85.49 2.64
CA GLY I 23 -38.03 -86.31 1.44
C GLY I 23 -37.10 -85.91 0.34
N TYR I 24 -36.91 -84.61 0.13
CA TYR I 24 -36.03 -84.09 -0.89
C TYR I 24 -34.93 -83.26 -0.24
N ALA I 25 -33.99 -82.82 -1.05
CA ALA I 25 -32.84 -82.12 -0.52
C ALA I 25 -33.28 -80.79 0.09
N PRO I 26 -32.72 -80.39 1.22
CA PRO I 26 -33.07 -79.08 1.77
C PRO I 26 -32.54 -77.97 0.91
N VAL I 27 -33.11 -76.79 1.11
CA VAL I 27 -32.70 -75.59 0.41
C VAL I 27 -32.60 -74.45 1.41
N HIS I 28 -31.56 -73.66 1.25
CA HIS I 28 -31.33 -72.49 2.07
C HIS I 28 -32.25 -71.36 1.67
N LEU I 29 -32.50 -70.48 2.62
CA LEU I 29 -33.09 -69.18 2.34
C LEU I 29 -31.99 -68.13 2.29
N GLN I 30 -32.36 -66.95 1.80
CA GLN I 30 -31.60 -65.75 2.06
C GLN I 30 -32.63 -64.62 2.07
N ILE I 31 -33.16 -64.32 3.24
CA ILE I 31 -34.25 -63.36 3.37
C ILE I 31 -33.66 -62.10 3.98
N GLN I 32 -33.52 -61.08 3.14
CA GLN I 32 -32.99 -59.78 3.54
C GLN I 32 -34.13 -58.77 3.42
N LEU I 33 -34.63 -58.34 4.58
CA LEU I 33 -35.69 -57.33 4.64
C LEU I 33 -35.09 -55.97 4.31
N VAL I 34 -34.83 -55.74 3.02
CA VAL I 34 -34.11 -54.55 2.57
C VAL I 34 -34.79 -53.26 3.03
N ASN I 35 -36.08 -53.29 3.30
CA ASN I 35 -36.77 -52.11 3.76
C ASN I 35 -37.93 -52.50 4.67
N THR I 36 -38.31 -51.55 5.53
CA THR I 36 -39.44 -51.67 6.45
C THR I 36 -40.25 -50.39 6.40
N ARG I 37 -40.61 -49.96 5.20
CA ARG I 37 -41.36 -48.72 5.07
C ARG I 37 -42.81 -48.98 5.45
N ILE I 38 -43.39 -48.02 6.17
CA ILE I 38 -44.52 -48.26 7.05
C ILE I 38 -45.82 -47.73 6.45
N ILE I 39 -45.93 -46.43 6.26
CA ILE I 39 -47.08 -45.81 5.62
C ILE I 39 -48.28 -46.08 6.51
N PRO I 40 -48.37 -45.42 7.65
CA PRO I 40 -49.57 -45.54 8.46
C PRO I 40 -50.76 -44.87 7.82
N SER I 41 -51.92 -45.16 8.37
CA SER I 41 -53.14 -44.48 7.97
C SER I 41 -53.14 -43.08 8.56
N THR I 42 -53.47 -42.09 7.73
CA THR I 42 -53.33 -40.71 8.12
C THR I 42 -54.47 -39.89 7.53
N ASN I 43 -54.48 -38.61 7.88
CA ASN I 43 -55.46 -37.66 7.37
C ASN I 43 -54.85 -36.28 7.32
N LEU I 44 -54.91 -35.64 6.17
CA LEU I 44 -54.49 -34.24 6.08
C LEU I 44 -55.52 -33.39 6.81
N GLU I 45 -55.11 -32.81 7.93
CA GLU I 45 -56.02 -32.07 8.79
C GLU I 45 -56.03 -30.59 8.43
N TYR I 46 -54.85 -30.00 8.32
CA TYR I 46 -54.74 -28.64 7.82
C TYR I 46 -53.29 -28.37 7.51
N ILE I 47 -53.07 -27.71 6.40
CA ILE I 47 -51.79 -27.08 6.16
C ILE I 47 -51.75 -25.83 7.01
N THR I 48 -50.57 -25.50 7.51
CA THR I 48 -50.30 -24.17 7.98
C THR I 48 -49.05 -23.66 7.29
N CYS I 49 -48.80 -22.39 7.51
CA CYS I 49 -47.78 -21.62 6.83
C CYS I 49 -47.82 -20.26 7.47
N LYS I 50 -46.88 -19.41 7.10
CA LYS I 50 -46.90 -18.06 7.62
C LYS I 50 -47.90 -17.23 6.83
N TYR I 51 -48.59 -16.36 7.54
CA TYR I 51 -49.58 -15.50 6.95
C TYR I 51 -48.95 -14.57 5.94
N LYS I 52 -49.77 -13.79 5.26
CA LYS I 52 -49.34 -12.53 4.66
C LYS I 52 -50.47 -11.54 4.84
N THR I 53 -50.21 -10.49 5.60
CA THR I 53 -51.19 -9.44 5.82
C THR I 53 -51.29 -8.62 4.54
N LYS I 54 -51.98 -9.21 3.56
CA LYS I 54 -52.14 -8.58 2.26
C LYS I 54 -53.27 -7.57 2.37
N VAL I 55 -52.90 -6.41 2.90
CA VAL I 55 -53.81 -5.32 3.24
C VAL I 55 -54.58 -4.87 2.01
N PRO I 56 -55.91 -4.88 2.02
CA PRO I 56 -56.63 -4.08 1.03
C PRO I 56 -56.51 -2.61 1.34
N SER I 57 -56.46 -1.84 0.28
CA SER I 57 -56.08 -0.45 0.37
C SER I 57 -57.15 0.36 1.11
N PRO I 58 -56.82 1.07 2.18
CA PRO I 58 -57.85 1.66 3.03
C PRO I 58 -58.65 2.74 2.32
N VAL I 59 -59.85 2.94 2.81
CA VAL I 59 -60.70 4.03 2.38
C VAL I 59 -60.32 5.27 3.15
N VAL I 60 -60.44 6.41 2.47
CA VAL I 60 -60.25 7.71 3.09
C VAL I 60 -61.39 8.59 2.63
N LYS I 61 -62.43 8.69 3.45
CA LYS I 61 -63.47 9.68 3.24
C LYS I 61 -63.03 11.00 3.85
N CYS I 62 -63.23 12.08 3.12
CA CYS I 62 -62.60 13.34 3.47
C CYS I 62 -63.37 14.14 4.50
N CYS I 63 -64.69 14.05 4.52
CA CYS I 63 -65.49 14.81 5.47
C CYS I 63 -66.66 13.94 5.90
N GLY I 64 -66.45 13.19 6.98
CA GLY I 64 -67.46 12.38 7.60
C GLY I 64 -67.08 10.92 7.62
N ALA I 65 -67.93 10.13 8.26
CA ALA I 65 -67.59 8.76 8.62
C ALA I 65 -67.85 7.80 7.48
N THR I 66 -67.13 6.68 7.53
CA THR I 66 -67.34 5.55 6.63
C THR I 66 -67.39 4.32 7.53
N GLN I 67 -68.61 3.88 7.86
CA GLN I 67 -68.75 2.69 8.68
C GLN I 67 -68.22 1.47 7.93
N CYS I 68 -67.44 0.66 8.63
CA CYS I 68 -66.93 -0.58 8.09
C CYS I 68 -67.92 -1.71 8.37
N THR I 69 -67.82 -2.76 7.55
CA THR I 69 -68.56 -3.99 7.75
C THR I 69 -67.59 -5.15 7.85
N SER I 70 -68.05 -6.22 8.47
CA SER I 70 -67.22 -7.40 8.72
C SER I 70 -67.27 -8.29 7.50
N LYS I 71 -66.40 -8.01 6.53
CA LYS I 71 -66.35 -8.83 5.33
C LYS I 71 -65.90 -10.24 5.70
N PRO I 72 -66.26 -11.23 4.89
CA PRO I 72 -65.99 -12.62 5.27
C PRO I 72 -64.57 -13.10 4.99
N HIS I 73 -63.62 -12.20 4.73
CA HIS I 73 -62.26 -12.63 4.53
C HIS I 73 -61.73 -13.28 5.82
N PRO I 74 -60.76 -14.19 5.72
CA PRO I 74 -60.24 -14.80 6.94
C PRO I 74 -59.56 -13.79 7.84
N ASP I 75 -60.06 -13.71 9.07
CA ASP I 75 -59.56 -12.76 10.06
C ASP I 75 -59.64 -11.34 9.52
N TYR I 76 -60.81 -11.01 8.98
CA TYR I 76 -60.98 -9.71 8.37
C TYR I 76 -61.03 -8.65 9.45
N GLN I 77 -59.88 -8.09 9.76
CA GLN I 77 -59.78 -7.02 10.73
C GLN I 77 -59.98 -5.70 10.01
N CYS I 78 -60.95 -4.92 10.48
CA CYS I 78 -61.24 -3.62 9.92
C CYS I 78 -61.71 -2.70 11.03
N GLN I 79 -61.17 -1.49 11.06
CA GLN I 79 -61.52 -0.53 12.07
C GLN I 79 -61.52 0.85 11.44
N VAL I 80 -62.65 1.53 11.57
CA VAL I 80 -62.76 2.90 11.11
C VAL I 80 -61.85 3.77 11.96
N PHE I 81 -61.34 4.84 11.36
CA PHE I 81 -60.55 5.81 12.08
C PHE I 81 -60.85 7.20 11.56
N THR I 82 -60.91 8.15 12.46
CA THR I 82 -61.08 9.56 12.15
C THR I 82 -59.84 10.32 12.60
N GLY I 83 -59.91 11.63 12.50
CA GLY I 83 -58.85 12.49 12.98
C GLY I 83 -57.56 12.28 12.24
N VAL I 84 -57.60 12.44 10.93
CA VAL I 84 -56.44 12.36 10.08
C VAL I 84 -56.36 13.60 9.20
N TYR I 85 -55.35 13.65 8.37
CA TYR I 85 -55.05 14.78 7.52
C TYR I 85 -54.04 14.27 6.51
N PRO I 86 -54.44 13.33 5.68
CA PRO I 86 -53.49 12.40 5.05
C PRO I 86 -52.58 13.02 4.01
N PHE I 87 -51.32 13.23 4.36
CA PHE I 87 -50.33 13.70 3.40
C PHE I 87 -50.16 12.68 2.28
N MET I 88 -50.59 13.04 1.08
CA MET I 88 -50.48 12.18 -0.08
C MET I 88 -50.06 13.03 -1.27
N TRP I 89 -48.76 13.25 -1.42
CA TRP I 89 -48.13 13.77 -2.63
C TRP I 89 -48.38 15.27 -2.89
N GLY I 90 -49.30 15.88 -2.15
CA GLY I 90 -49.60 17.30 -2.32
C GLY I 90 -49.80 17.93 -0.96
N GLY I 91 -49.07 17.43 0.03
CA GLY I 91 -49.51 17.62 1.39
C GLY I 91 -50.75 16.79 1.60
N ALA I 92 -51.58 17.22 2.55
CA ALA I 92 -52.87 16.57 2.70
C ALA I 92 -53.71 16.82 1.45
N TYR I 93 -54.85 16.12 1.37
CA TYR I 93 -55.76 16.33 0.27
C TYR I 93 -57.21 16.50 0.71
N CYS I 94 -57.58 15.89 1.83
CA CYS I 94 -58.92 16.07 2.36
C CYS I 94 -58.99 17.38 3.13
N PHE I 95 -59.94 18.24 2.75
CA PHE I 95 -59.92 19.63 3.22
C PHE I 95 -60.42 19.80 4.64
N CYS I 96 -61.23 18.87 5.15
CA CYS I 96 -61.59 18.90 6.56
C CYS I 96 -60.35 18.59 7.40
N ASP I 97 -60.52 18.58 8.73
CA ASP I 97 -59.41 18.37 9.65
C ASP I 97 -59.70 17.36 10.75
N THR I 98 -60.95 17.10 11.09
CA THR I 98 -61.31 16.01 11.99
C THR I 98 -62.31 15.07 11.35
N GLU I 99 -63.17 15.60 10.49
CA GLU I 99 -64.07 14.78 9.70
C GLU I 99 -63.33 13.97 8.65
N ASN I 100 -62.04 14.26 8.42
CA ASN I 100 -61.18 13.38 7.65
C ASN I 100 -61.22 12.00 8.27
N THR I 101 -61.76 11.04 7.53
CA THR I 101 -61.96 9.68 8.00
C THR I 101 -61.09 8.74 7.21
N GLN I 102 -60.61 7.71 7.90
CA GLN I 102 -59.73 6.70 7.32
C GLN I 102 -60.21 5.35 7.84
N MET I 103 -60.58 4.47 6.92
CA MET I 103 -61.06 3.14 7.26
C MET I 103 -60.00 2.14 6.83
N SER I 104 -59.31 1.58 7.81
CA SER I 104 -58.30 0.56 7.55
C SER I 104 -58.93 -0.81 7.62
N GLU I 105 -58.55 -1.67 6.68
CA GLU I 105 -59.02 -3.04 6.64
C GLU I 105 -57.87 -3.93 6.24
N ALA I 106 -57.77 -5.07 6.91
CA ALA I 106 -56.72 -6.04 6.61
C ALA I 106 -57.23 -7.42 6.96
N TYR I 107 -57.00 -8.36 6.05
CA TYR I 107 -57.33 -9.75 6.29
C TYR I 107 -56.08 -10.59 6.11
N VAL I 108 -56.15 -11.78 6.63
CA VAL I 108 -55.07 -12.74 6.57
C VAL I 108 -55.24 -13.57 5.31
N GLU I 109 -54.12 -13.93 4.70
CA GLU I 109 -54.14 -14.76 3.51
C GLU I 109 -52.92 -15.64 3.50
N ARG I 110 -53.08 -16.82 2.90
CA ARG I 110 -51.97 -17.73 2.70
C ARG I 110 -50.86 -17.04 1.94
N SER I 111 -49.64 -17.24 2.40
CA SER I 111 -48.49 -16.79 1.63
C SER I 111 -48.42 -17.53 0.31
N GLU I 112 -47.58 -17.03 -0.59
CA GLU I 112 -47.24 -17.80 -1.76
C GLU I 112 -46.39 -18.99 -1.37
N GLU I 113 -45.65 -18.88 -0.27
CA GLU I 113 -44.88 -19.99 0.25
C GLU I 113 -45.77 -21.06 0.85
N CYS I 114 -47.01 -20.72 1.21
CA CYS I 114 -47.91 -21.70 1.78
C CYS I 114 -48.11 -22.88 0.85
N SER I 115 -48.08 -22.63 -0.46
CA SER I 115 -48.23 -23.71 -1.40
C SER I 115 -47.11 -24.71 -1.30
N ILE I 116 -45.90 -24.25 -0.96
CA ILE I 116 -44.69 -25.00 -1.19
C ILE I 116 -43.88 -25.20 0.08
N ASP I 117 -43.73 -24.15 0.87
CA ASP I 117 -43.02 -24.19 2.14
C ASP I 117 -44.08 -24.08 3.23
N HIS I 118 -44.46 -25.21 3.78
CA HIS I 118 -45.63 -25.24 4.63
C HIS I 118 -45.53 -26.43 5.56
N ALA I 119 -45.80 -26.20 6.83
CA ALA I 119 -45.98 -27.31 7.73
C ALA I 119 -47.29 -28.00 7.39
N LYS I 120 -47.49 -29.18 7.96
CA LYS I 120 -48.60 -30.01 7.56
C LYS I 120 -48.94 -30.95 8.70
N ALA I 121 -50.11 -30.76 9.27
CA ALA I 121 -50.55 -31.58 10.38
C ALA I 121 -51.17 -32.88 9.88
N TYR I 122 -51.31 -33.83 10.80
CA TYR I 122 -51.95 -35.09 10.47
C TYR I 122 -52.47 -35.72 11.75
N LYS I 123 -53.63 -36.38 11.63
CA LYS I 123 -54.05 -37.38 12.60
C LYS I 123 -53.61 -38.72 12.06
N VAL I 124 -52.72 -39.40 12.78
CA VAL I 124 -52.00 -40.55 12.27
C VAL I 124 -52.48 -41.78 13.01
N HIS I 125 -53.01 -42.72 12.25
CA HIS I 125 -53.37 -44.06 12.70
C HIS I 125 -52.25 -45.02 12.32
N THR I 126 -52.52 -46.33 12.36
CA THR I 126 -51.44 -47.31 12.30
C THR I 126 -51.08 -47.79 10.89
N GLY I 127 -52.06 -48.01 10.02
CA GLY I 127 -51.81 -48.51 8.67
C GLY I 127 -51.07 -49.84 8.63
N THR I 128 -50.23 -50.01 7.59
CA THR I 128 -49.77 -51.33 7.17
C THR I 128 -48.37 -51.23 6.57
N VAL I 129 -47.40 -52.01 7.12
CA VAL I 129 -46.00 -51.84 6.78
C VAL I 129 -45.62 -52.72 5.59
N GLN I 130 -44.53 -52.34 4.91
CA GLN I 130 -44.13 -52.90 3.61
C GLN I 130 -42.62 -53.18 3.59
N ALA I 131 -42.14 -53.73 2.47
CA ALA I 131 -40.74 -54.12 2.32
C ALA I 131 -40.46 -54.57 0.90
N MET I 132 -39.28 -54.25 0.36
CA MET I 132 -38.84 -54.72 -0.97
C MET I 132 -38.00 -55.98 -0.85
N VAL I 133 -38.51 -57.00 -0.18
CA VAL I 133 -37.71 -58.14 0.26
C VAL I 133 -36.97 -58.75 -0.91
N ASN I 134 -35.63 -58.71 -0.86
CA ASN I 134 -34.86 -59.54 -1.76
C ASN I 134 -34.77 -60.93 -1.14
N ILE I 135 -34.97 -61.93 -1.99
CA ILE I 135 -34.46 -63.26 -1.71
C ILE I 135 -33.69 -63.68 -2.93
N THR I 136 -32.38 -63.89 -2.76
CA THR I 136 -31.57 -64.57 -3.75
C THR I 136 -31.67 -66.06 -3.45
N TYR I 137 -32.83 -66.62 -3.77
CA TYR I 137 -33.22 -67.91 -3.23
C TYR I 137 -32.45 -69.07 -3.83
N GLY I 138 -32.08 -70.03 -2.98
CA GLY I 138 -31.72 -71.37 -3.38
C GLY I 138 -30.74 -71.45 -4.52
N SER I 139 -31.24 -71.92 -5.65
CA SER I 139 -30.61 -71.73 -6.93
C SER I 139 -31.35 -70.75 -7.82
N VAL I 140 -32.53 -70.28 -7.40
CA VAL I 140 -33.24 -69.23 -8.13
C VAL I 140 -32.36 -67.99 -8.21
N SER I 141 -31.74 -67.63 -7.09
CA SER I 141 -30.74 -66.58 -6.98
C SER I 141 -31.30 -65.19 -7.08
N TRP I 142 -32.61 -65.01 -7.26
CA TRP I 142 -33.14 -63.65 -7.33
C TRP I 142 -34.65 -63.52 -7.22
N ARG I 143 -35.09 -62.59 -6.37
CA ARG I 143 -36.37 -61.92 -6.50
C ARG I 143 -36.26 -60.71 -5.59
N SER I 144 -36.60 -59.54 -6.09
CA SER I 144 -36.61 -58.32 -5.28
C SER I 144 -38.01 -57.72 -5.39
N ALA I 145 -38.88 -58.13 -4.47
CA ALA I 145 -40.31 -57.86 -4.56
C ALA I 145 -40.79 -57.03 -3.40
N ASP I 146 -41.78 -56.18 -3.69
CA ASP I 146 -42.43 -55.37 -2.67
C ASP I 146 -43.59 -56.17 -2.08
N VAL I 147 -43.65 -56.21 -0.75
CA VAL I 147 -44.59 -57.06 -0.04
C VAL I 147 -45.29 -56.25 1.02
N TYR I 148 -46.12 -56.94 1.80
CA TYR I 148 -46.84 -56.41 2.93
C TYR I 148 -46.44 -57.18 4.18
N VAL I 149 -47.16 -56.90 5.26
CA VAL I 149 -46.93 -57.48 6.57
C VAL I 149 -48.12 -58.26 7.06
N ASN I 150 -49.30 -57.96 6.57
CA ASN I 150 -50.50 -58.58 7.07
C ASN I 150 -50.50 -60.08 6.75
N GLY I 151 -50.70 -60.89 7.77
CA GLY I 151 -50.34 -62.30 7.68
C GLY I 151 -51.26 -63.19 6.89
N GLU I 152 -51.74 -62.69 5.75
CA GLU I 152 -52.29 -63.57 4.73
C GLU I 152 -51.98 -63.09 3.32
N THR I 153 -51.15 -62.07 3.16
CA THR I 153 -50.84 -61.55 1.84
C THR I 153 -49.68 -62.31 1.23
N PRO I 154 -49.86 -62.98 0.11
CA PRO I 154 -48.71 -63.42 -0.69
C PRO I 154 -48.23 -62.33 -1.63
N ALA I 155 -47.07 -62.59 -2.23
CA ALA I 155 -46.59 -61.78 -3.34
C ALA I 155 -45.81 -62.70 -4.26
N LYS I 156 -46.49 -63.22 -5.27
CA LYS I 156 -45.90 -64.16 -6.22
C LYS I 156 -45.13 -63.36 -7.28
N ILE I 157 -43.99 -62.83 -6.84
CA ILE I 157 -43.05 -62.14 -7.71
C ILE I 157 -41.75 -62.93 -7.64
N GLY I 158 -41.32 -63.44 -8.79
CA GLY I 158 -40.30 -64.46 -8.86
C GLY I 158 -40.96 -65.78 -9.13
N ASP I 159 -40.80 -66.74 -8.21
CA ASP I 159 -41.56 -67.99 -8.24
C ASP I 159 -42.13 -68.38 -6.89
N ALA I 160 -41.65 -67.80 -5.81
CA ALA I 160 -42.05 -68.22 -4.48
C ALA I 160 -43.20 -67.38 -3.97
N LYS I 161 -44.06 -68.01 -3.19
CA LYS I 161 -45.18 -67.37 -2.54
C LYS I 161 -44.84 -67.23 -1.06
N LEU I 162 -44.95 -66.01 -0.55
CA LEU I 162 -44.40 -65.66 0.75
C LEU I 162 -45.41 -64.85 1.54
N ILE I 163 -45.62 -65.24 2.79
CA ILE I 163 -46.57 -64.58 3.67
C ILE I 163 -45.81 -64.08 4.86
N ILE I 164 -46.05 -62.83 5.23
CA ILE I 164 -45.25 -62.09 6.16
C ILE I 164 -46.15 -61.61 7.27
N GLY I 165 -45.61 -61.58 8.48
CA GLY I 165 -46.24 -60.93 9.61
C GLY I 165 -47.59 -61.54 9.93
N PRO I 166 -48.43 -60.81 10.68
CA PRO I 166 -48.24 -59.46 11.21
C PRO I 166 -47.16 -59.40 12.26
N LEU I 167 -46.36 -58.34 12.22
CA LEU I 167 -45.31 -58.17 13.20
C LEU I 167 -45.90 -57.94 14.58
N SER I 168 -45.16 -58.33 15.60
CA SER I 168 -45.58 -58.15 16.98
C SER I 168 -45.23 -56.78 17.53
N SER I 169 -44.35 -56.04 16.86
CA SER I 169 -43.77 -54.82 17.40
C SER I 169 -44.52 -53.62 16.83
N ALA I 170 -45.69 -53.36 17.39
CA ALA I 170 -46.60 -52.39 16.83
C ALA I 170 -46.25 -50.95 17.17
N TRP I 171 -45.01 -50.66 17.57
CA TRP I 171 -44.63 -49.29 17.85
C TRP I 171 -44.61 -48.53 16.54
N SER I 172 -45.66 -47.78 16.29
CA SER I 172 -45.61 -46.78 15.25
C SER I 172 -44.78 -45.62 15.79
N PRO I 173 -43.60 -45.34 15.24
CA PRO I 173 -42.82 -44.22 15.78
C PRO I 173 -43.52 -42.90 15.63
N PHE I 174 -44.36 -42.76 14.62
CA PHE I 174 -45.29 -41.65 14.59
C PHE I 174 -46.21 -41.70 15.80
N ASP I 175 -46.42 -40.54 16.41
CA ASP I 175 -47.45 -40.41 17.42
C ASP I 175 -48.80 -40.29 16.73
N ASN I 176 -49.86 -40.10 17.52
CA ASN I 176 -51.18 -39.90 16.95
C ASN I 176 -51.21 -38.62 16.13
N LYS I 177 -50.76 -37.52 16.73
CA LYS I 177 -50.73 -36.22 16.07
C LYS I 177 -49.33 -35.94 15.59
N VAL I 178 -49.22 -35.49 14.35
CA VAL I 178 -47.93 -35.27 13.70
C VAL I 178 -48.01 -33.99 12.90
N VAL I 179 -46.93 -33.23 12.92
CA VAL I 179 -46.71 -32.15 11.98
C VAL I 179 -45.59 -32.59 11.06
N VAL I 180 -45.64 -32.10 9.83
CA VAL I 180 -44.74 -32.50 8.77
C VAL I 180 -44.28 -31.25 8.04
N TYR I 181 -43.00 -31.22 7.66
CA TYR I 181 -42.42 -30.02 7.05
C TYR I 181 -41.34 -30.46 6.07
N GLY I 182 -41.71 -30.56 4.81
CA GLY I 182 -40.74 -30.69 3.75
C GLY I 182 -40.07 -32.05 3.75
N HIS I 183 -39.21 -32.28 4.73
CA HIS I 183 -38.75 -33.63 5.06
C HIS I 183 -38.67 -33.89 6.54
N GLU I 184 -38.55 -32.85 7.37
CA GLU I 184 -38.44 -33.03 8.80
C GLU I 184 -39.83 -33.23 9.39
N VAL I 185 -40.04 -34.38 9.99
CA VAL I 185 -41.33 -34.80 10.50
C VAL I 185 -41.31 -34.68 12.01
N TYR I 186 -42.34 -34.04 12.56
CA TYR I 186 -42.42 -33.70 13.97
C TYR I 186 -43.67 -34.33 14.55
N ASN I 187 -43.48 -35.20 15.53
CA ASN I 187 -44.59 -35.89 16.20
C ASN I 187 -45.22 -34.96 17.23
N TYR I 188 -45.73 -33.84 16.73
CA TYR I 188 -46.13 -32.72 17.54
C TYR I 188 -47.62 -32.73 17.80
N ASP I 189 -48.00 -32.41 19.02
CA ASP I 189 -49.39 -32.22 19.38
C ASP I 189 -49.82 -30.85 18.84
N PHE I 190 -50.03 -30.82 17.53
CA PHE I 190 -50.55 -29.61 16.92
C PHE I 190 -51.91 -29.31 17.56
N PRO I 191 -52.24 -28.02 17.82
CA PRO I 191 -53.44 -27.75 18.61
C PRO I 191 -54.69 -28.30 17.95
N GLU I 192 -55.06 -27.76 16.79
CA GLU I 192 -56.09 -28.30 15.91
C GLU I 192 -56.29 -27.31 14.77
N TYR I 193 -56.95 -27.74 13.70
CA TYR I 193 -57.60 -26.78 12.82
C TYR I 193 -58.56 -25.93 13.62
N GLY I 194 -58.67 -24.66 13.25
CA GLY I 194 -59.73 -23.84 13.77
C GLY I 194 -59.48 -23.18 15.10
N THR I 195 -58.33 -23.42 15.74
CA THR I 195 -58.12 -23.00 17.13
C THR I 195 -56.81 -22.29 17.40
N GLY I 196 -55.77 -22.50 16.59
CA GLY I 196 -54.41 -22.22 17.00
C GLY I 196 -54.15 -20.80 17.45
N LYS I 197 -53.64 -20.67 18.67
CA LYS I 197 -53.42 -19.35 19.24
C LYS I 197 -52.41 -18.57 18.42
N ALA I 198 -52.65 -17.28 18.30
CA ALA I 198 -51.79 -16.44 17.47
C ALA I 198 -50.38 -16.42 18.03
N GLY I 199 -49.42 -16.49 17.13
CA GLY I 199 -48.02 -16.64 17.49
C GLY I 199 -47.67 -18.09 17.65
N SER I 200 -48.50 -18.84 18.35
CA SER I 200 -48.28 -20.26 18.47
C SER I 200 -48.41 -20.93 17.12
N PHE I 201 -47.95 -22.17 17.06
CA PHE I 201 -48.04 -22.95 15.84
C PHE I 201 -49.48 -23.03 15.36
N GLY I 202 -49.65 -22.92 14.05
CA GLY I 202 -50.98 -22.94 13.50
C GLY I 202 -51.77 -21.69 13.75
N ASP I 203 -51.12 -20.52 13.67
CA ASP I 203 -51.90 -19.30 13.68
C ASP I 203 -52.74 -19.21 12.42
N LEU I 204 -52.14 -19.56 11.28
CA LEU I 204 -52.88 -19.80 10.05
C LEU I 204 -53.15 -21.29 9.99
N GLN I 205 -54.37 -21.65 9.63
CA GLN I 205 -54.77 -23.05 9.55
C GLN I 205 -55.71 -23.17 8.37
N SER I 206 -55.16 -23.58 7.24
CA SER I 206 -55.92 -23.87 6.04
C SER I 206 -56.00 -25.38 5.87
N ARG I 207 -57.19 -25.85 5.51
CA ARG I 207 -57.41 -27.27 5.28
C ARG I 207 -56.39 -27.81 4.28
N THR I 208 -56.31 -27.18 3.12
CA THR I 208 -55.29 -27.48 2.15
C THR I 208 -54.81 -26.17 1.55
N SER I 209 -54.03 -26.28 0.48
CA SER I 209 -53.50 -25.09 -0.16
C SER I 209 -54.59 -24.39 -0.98
N THR I 210 -55.41 -25.16 -1.65
CA THR I 210 -56.50 -24.61 -2.45
C THR I 210 -57.56 -23.96 -1.57
N SER I 211 -57.72 -24.44 -0.34
CA SER I 211 -58.85 -24.04 0.48
C SER I 211 -58.83 -22.54 0.77
N ASN I 212 -59.79 -21.83 0.18
CA ASN I 212 -59.86 -20.39 0.38
C ASN I 212 -60.22 -20.05 1.81
N ASP I 213 -61.03 -20.88 2.45
CA ASP I 213 -61.35 -20.70 3.85
C ASP I 213 -60.20 -21.20 4.71
N LEU I 214 -60.10 -20.65 5.91
CA LEU I 214 -59.06 -21.04 6.84
C LEU I 214 -59.44 -20.55 8.23
N TYR I 215 -58.50 -20.67 9.15
CA TYR I 215 -58.61 -20.10 10.48
C TYR I 215 -57.33 -19.31 10.74
N ALA I 216 -57.48 -18.01 10.92
CA ALA I 216 -56.36 -17.10 11.12
C ALA I 216 -56.56 -16.37 12.43
N ASN I 217 -56.19 -17.01 13.53
CA ASN I 217 -55.98 -16.31 14.79
C ASN I 217 -54.55 -15.81 14.73
N THR I 218 -54.39 -14.57 14.27
CA THR I 218 -53.11 -13.89 14.29
C THR I 218 -53.09 -12.71 15.25
N ASN I 219 -54.20 -12.42 15.90
CA ASN I 219 -54.29 -11.25 16.76
C ASN I 219 -53.99 -9.98 15.96
N LEU I 220 -54.41 -9.99 14.70
CA LEU I 220 -54.23 -8.84 13.83
C LEU I 220 -55.05 -7.68 14.36
N LYS I 221 -54.37 -6.62 14.78
CA LYS I 221 -55.02 -5.44 15.34
C LYS I 221 -54.50 -4.22 14.59
N LEU I 222 -55.37 -3.59 13.82
CA LEU I 222 -55.01 -2.38 13.13
C LEU I 222 -54.95 -1.22 14.11
N GLN I 223 -54.02 -0.32 13.88
CA GLN I 223 -53.91 0.92 14.62
C GLN I 223 -54.01 2.10 13.66
N ARG I 224 -54.32 3.26 14.20
CA ARG I 224 -54.56 4.40 13.35
C ARG I 224 -53.24 4.87 12.76
N PRO I 225 -53.22 5.30 11.49
CA PRO I 225 -51.99 5.85 10.96
C PRO I 225 -51.66 7.18 11.62
N GLN I 226 -50.38 7.50 11.61
CA GLN I 226 -49.84 8.59 12.39
C GLN I 226 -49.87 9.91 11.62
N ALA I 227 -50.17 10.98 12.37
CA ALA I 227 -49.88 12.37 11.98
C ALA I 227 -50.34 12.71 10.57
N GLY I 228 -51.54 12.26 10.21
CA GLY I 228 -52.12 12.60 8.94
C GLY I 228 -51.28 12.13 7.77
N ILE I 229 -50.98 10.84 7.72
CA ILE I 229 -50.30 10.24 6.57
C ILE I 229 -50.99 8.93 6.23
N VAL I 230 -51.02 8.63 4.94
CA VAL I 230 -51.61 7.39 4.43
C VAL I 230 -50.67 6.24 4.73
N HIS I 231 -51.11 5.32 5.57
CA HIS I 231 -50.53 3.99 5.68
C HIS I 231 -51.46 3.19 6.58
N THR I 232 -51.06 1.95 6.86
CA THR I 232 -51.91 0.99 7.55
C THR I 232 -51.08 0.31 8.62
N PRO I 233 -51.12 0.80 9.83
CA PRO I 233 -50.55 0.05 10.93
C PRO I 233 -51.28 -1.26 11.09
N PHE I 234 -50.61 -2.36 10.78
CA PHE I 234 -51.10 -3.69 11.12
C PHE I 234 -50.15 -4.23 12.18
N THR I 235 -50.69 -4.43 13.37
CA THR I 235 -49.95 -4.94 14.50
C THR I 235 -50.34 -6.39 14.67
N GLN I 236 -49.34 -7.27 14.57
CA GLN I 236 -49.62 -8.67 14.36
C GLN I 236 -48.47 -9.48 14.87
N ALA I 237 -48.79 -10.67 15.33
CA ALA I 237 -47.78 -11.64 15.67
C ALA I 237 -47.16 -12.20 14.40
N PRO I 238 -45.84 -12.13 14.21
CA PRO I 238 -45.24 -12.96 13.18
C PRO I 238 -45.56 -14.41 13.45
N SER I 239 -45.57 -15.21 12.39
CA SER I 239 -46.33 -16.43 12.45
C SER I 239 -45.72 -17.46 13.37
N GLY I 240 -46.57 -18.33 13.87
CA GLY I 240 -46.18 -19.59 14.43
C GLY I 240 -45.66 -20.59 13.43
N PHE I 241 -45.61 -20.20 12.16
CA PHE I 241 -44.80 -20.87 11.16
C PHE I 241 -43.44 -20.23 11.01
N GLU I 242 -43.28 -18.97 11.42
CA GLU I 242 -41.96 -18.36 11.44
C GLU I 242 -41.13 -18.95 12.56
N ARG I 243 -41.55 -18.76 13.81
CA ARG I 243 -41.18 -19.73 14.81
C ARG I 243 -41.84 -21.03 14.44
N TRP I 244 -41.32 -22.13 14.99
CA TRP I 244 -41.49 -23.50 14.50
C TRP I 244 -40.50 -23.77 13.37
N LYS I 245 -39.74 -22.77 12.92
CA LYS I 245 -38.60 -22.98 12.05
C LYS I 245 -37.28 -22.59 12.71
N ARG I 246 -37.31 -21.88 13.84
CA ARG I 246 -36.08 -21.57 14.57
C ARG I 246 -36.23 -21.61 16.08
N ASP I 247 -37.39 -21.97 16.61
CA ASP I 247 -37.55 -22.32 18.02
C ASP I 247 -38.33 -23.62 18.14
N LYS I 248 -38.15 -24.49 17.17
CA LYS I 248 -38.91 -25.71 17.01
C LYS I 248 -38.40 -26.80 17.93
N GLY I 249 -38.87 -28.03 17.66
CA GLY I 249 -38.29 -29.23 18.19
C GLY I 249 -37.60 -30.02 17.09
N ALA I 250 -36.92 -31.07 17.50
CA ALA I 250 -36.07 -31.82 16.59
C ALA I 250 -36.88 -32.86 15.84
N PRO I 251 -36.37 -33.36 14.70
CA PRO I 251 -37.17 -34.26 13.89
C PRO I 251 -37.11 -35.71 14.29
N LEU I 252 -38.21 -36.38 13.98
CA LEU I 252 -38.40 -37.76 14.34
C LEU I 252 -37.40 -38.66 13.66
N ASN I 253 -36.87 -38.25 12.51
CA ASN I 253 -35.72 -38.94 11.95
C ASN I 253 -34.42 -38.56 12.65
N ASP I 254 -34.50 -37.78 13.74
CA ASP I 254 -33.39 -37.51 14.63
C ASP I 254 -33.73 -37.72 16.10
N VAL I 255 -34.98 -38.08 16.44
CA VAL I 255 -35.32 -38.35 17.84
C VAL I 255 -36.17 -39.60 18.03
N ALA I 256 -36.51 -40.30 16.95
CA ALA I 256 -37.36 -41.47 17.11
C ALA I 256 -36.68 -42.54 17.95
N PRO I 257 -37.44 -43.48 18.49
CA PRO I 257 -36.84 -44.74 18.96
C PRO I 257 -36.81 -45.85 17.93
N PHE I 258 -36.21 -46.96 18.34
CA PHE I 258 -36.14 -48.25 17.65
C PHE I 258 -35.86 -48.17 16.16
N GLY I 259 -35.08 -47.17 15.77
CA GLY I 259 -34.36 -47.19 14.51
C GLY I 259 -35.05 -47.00 13.19
N CYS I 260 -35.52 -45.78 12.92
CA CYS I 260 -36.37 -45.47 11.81
C CYS I 260 -35.77 -44.31 11.04
N SER I 261 -36.14 -44.25 9.77
CA SER I 261 -35.88 -43.10 8.90
C SER I 261 -37.19 -42.71 8.25
N ILE I 262 -37.22 -41.51 7.68
CA ILE I 262 -38.47 -40.82 7.37
C ILE I 262 -38.39 -40.21 5.98
N ALA I 263 -39.56 -39.98 5.37
CA ALA I 263 -39.64 -39.28 4.10
C ALA I 263 -40.96 -38.54 3.96
N LEU I 264 -40.92 -37.38 3.29
CA LEU I 264 -42.12 -36.71 2.78
C LEU I 264 -42.34 -37.24 1.37
N GLU I 265 -43.05 -38.31 1.32
CA GLU I 265 -43.16 -39.31 0.28
C GLU I 265 -44.39 -39.98 0.89
N PRO I 266 -44.78 -41.22 0.59
CA PRO I 266 -45.99 -41.76 1.23
C PRO I 266 -46.11 -41.72 2.76
N LEU I 267 -45.19 -41.06 3.49
CA LEU I 267 -45.21 -40.85 4.93
C LEU I 267 -44.81 -42.13 5.62
N ARG I 268 -43.87 -42.80 4.99
CA ARG I 268 -43.32 -44.00 5.56
C ARG I 268 -42.35 -43.65 6.65
N ALA I 269 -42.02 -44.66 7.44
CA ALA I 269 -40.95 -44.59 8.43
C ALA I 269 -40.07 -45.81 8.18
N GLU I 270 -39.06 -45.63 7.34
CA GLU I 270 -38.30 -46.78 6.84
C GLU I 270 -37.55 -47.49 7.95
N ASN I 271 -37.36 -48.79 7.73
CA ASN I 271 -36.24 -49.54 8.29
C ASN I 271 -36.31 -49.61 9.81
N CYS I 272 -37.52 -49.59 10.36
CA CYS I 272 -37.73 -49.63 11.80
C CYS I 272 -37.40 -51.02 12.31
N ALA I 273 -36.19 -51.19 12.81
CA ALA I 273 -35.71 -52.47 13.32
C ALA I 273 -36.25 -52.67 14.72
N VAL I 274 -37.31 -53.46 14.86
CA VAL I 274 -37.80 -53.80 16.18
C VAL I 274 -38.67 -55.04 16.12
N GLY I 275 -38.43 -55.96 17.03
CA GLY I 275 -39.23 -57.15 17.16
C GLY I 275 -39.01 -58.14 16.04
N SER I 276 -39.96 -59.06 15.92
CA SER I 276 -39.88 -60.18 15.01
C SER I 276 -41.09 -60.18 14.09
N ILE I 277 -40.98 -60.98 13.03
CA ILE I 277 -42.02 -61.09 12.02
C ILE I 277 -42.23 -62.58 11.73
N PRO I 278 -43.43 -63.14 11.96
CA PRO I 278 -43.66 -64.56 11.65
C PRO I 278 -43.86 -64.84 10.17
N ILE I 279 -42.78 -65.15 9.47
CA ILE I 279 -42.79 -65.22 8.02
C ILE I 279 -42.83 -66.67 7.59
N SER I 280 -43.57 -66.91 6.51
CA SER I 280 -43.85 -68.25 6.02
C SER I 280 -43.90 -68.21 4.51
N ILE I 281 -43.24 -69.17 3.86
CA ILE I 281 -43.09 -69.19 2.42
C ILE I 281 -43.57 -70.54 1.90
N ASP I 282 -44.15 -70.51 0.70
CA ASP I 282 -44.44 -71.70 -0.09
C ASP I 282 -43.51 -71.65 -1.29
N ILE I 283 -42.46 -72.45 -1.23
CA ILE I 283 -41.43 -72.55 -2.27
C ILE I 283 -42.03 -73.22 -3.49
N PRO I 284 -41.53 -72.98 -4.70
CA PRO I 284 -41.90 -73.88 -5.81
C PRO I 284 -41.19 -75.21 -5.66
N ASP I 285 -41.97 -76.28 -5.66
CA ASP I 285 -41.40 -77.62 -5.50
C ASP I 285 -40.43 -77.95 -6.63
N ALA I 286 -40.61 -77.33 -7.80
CA ALA I 286 -39.66 -77.52 -8.87
C ALA I 286 -38.27 -77.07 -8.48
N ALA I 287 -38.18 -76.01 -7.67
CA ALA I 287 -36.87 -75.52 -7.24
C ALA I 287 -36.17 -76.50 -6.32
N PHE I 288 -36.90 -77.38 -5.66
CA PHE I 288 -36.27 -78.39 -4.84
C PHE I 288 -35.43 -79.32 -5.69
N THR I 289 -34.34 -79.80 -5.09
CA THR I 289 -33.59 -80.93 -5.60
C THR I 289 -33.96 -82.14 -4.76
N ARG I 290 -34.19 -83.25 -5.43
CA ARG I 290 -34.50 -84.47 -4.69
C ARG I 290 -33.28 -84.91 -3.89
N ILE I 291 -33.56 -85.65 -2.82
CA ILE I 291 -32.53 -85.92 -1.83
C ILE I 291 -31.44 -86.83 -2.38
N SER I 292 -31.77 -87.67 -3.36
CA SER I 292 -30.85 -88.68 -3.85
C SER I 292 -29.84 -88.14 -4.86
N GLU I 293 -29.72 -86.83 -4.99
CA GLU I 293 -28.85 -86.20 -5.96
C GLU I 293 -27.82 -85.30 -5.34
N THR I 294 -28.05 -84.79 -4.15
CA THR I 294 -27.03 -84.05 -3.43
C THR I 294 -26.11 -85.02 -2.70
N PRO I 295 -24.82 -84.72 -2.59
CA PRO I 295 -23.94 -85.64 -1.85
C PRO I 295 -24.32 -85.71 -0.38
N THR I 296 -24.29 -86.93 0.16
CA THR I 296 -24.37 -87.13 1.59
C THR I 296 -22.99 -86.90 2.19
N VAL I 297 -22.94 -86.08 3.23
CA VAL I 297 -21.70 -85.46 3.69
C VAL I 297 -21.22 -86.03 5.03
N SER I 298 -21.99 -86.94 5.63
CA SER I 298 -21.70 -87.40 6.99
C SER I 298 -20.35 -88.10 7.09
N ASP I 299 -19.98 -88.48 8.30
CA ASP I 299 -18.62 -88.94 8.63
C ASP I 299 -17.61 -87.83 8.36
N LEU I 300 -18.00 -86.61 8.71
CA LEU I 300 -17.22 -85.40 8.51
C LEU I 300 -16.54 -84.99 9.81
N GLU I 301 -15.96 -83.79 9.81
CA GLU I 301 -15.52 -83.16 11.03
C GLU I 301 -15.50 -81.64 10.82
N CYS I 302 -15.84 -80.90 11.86
CA CYS I 302 -15.83 -79.44 11.83
C CYS I 302 -15.00 -78.91 12.98
N LYS I 303 -14.31 -77.80 12.72
CA LYS I 303 -13.60 -77.11 13.77
C LYS I 303 -13.35 -75.67 13.34
N ILE I 304 -13.49 -74.75 14.28
CA ILE I 304 -13.00 -73.40 14.07
C ILE I 304 -11.49 -73.45 13.87
N THR I 305 -10.98 -72.41 13.27
CA THR I 305 -9.54 -72.19 13.15
C THR I 305 -9.13 -70.82 13.62
N GLU I 306 -9.96 -69.80 13.37
CA GLU I 306 -9.74 -68.48 13.95
C GLU I 306 -11.13 -67.86 14.13
N CYS I 307 -11.73 -68.11 15.28
CA CYS I 307 -13.03 -67.56 15.56
C CYS I 307 -12.90 -66.16 16.11
N THR I 308 -13.62 -65.24 15.50
CA THR I 308 -13.61 -63.84 15.89
C THR I 308 -14.93 -63.54 16.59
N TYR I 309 -14.84 -63.14 17.85
CA TYR I 309 -15.98 -63.00 18.75
C TYR I 309 -16.68 -61.68 18.48
N ALA I 310 -17.33 -61.61 17.30
CA ALA I 310 -17.57 -60.31 16.69
C ALA I 310 -18.81 -60.31 15.80
N SER I 311 -18.97 -59.20 15.06
CA SER I 311 -20.12 -58.86 14.26
C SER I 311 -19.89 -59.17 12.79
N ASP I 312 -18.86 -58.56 12.21
CA ASP I 312 -18.45 -58.93 10.88
C ASP I 312 -18.12 -60.41 10.85
N PHE I 313 -18.26 -61.01 9.68
CA PHE I 313 -18.09 -62.45 9.59
C PHE I 313 -16.63 -62.81 9.76
N GLY I 314 -16.14 -62.70 10.99
CA GLY I 314 -14.75 -62.99 11.27
C GLY I 314 -14.55 -64.42 11.69
N GLY I 315 -15.61 -65.07 12.18
CA GLY I 315 -15.51 -66.46 12.56
C GLY I 315 -15.35 -67.35 11.36
N ILE I 316 -14.39 -68.27 11.42
CA ILE I 316 -14.14 -69.22 10.36
C ILE I 316 -14.02 -70.62 10.94
N ALA I 317 -14.21 -71.60 10.08
CA ALA I 317 -14.09 -72.99 10.51
C ALA I 317 -13.92 -73.87 9.29
N THR I 318 -12.82 -74.60 9.25
CA THR I 318 -12.70 -75.66 8.28
C THR I 318 -13.68 -76.78 8.63
N VAL I 319 -14.04 -77.54 7.62
CA VAL I 319 -14.92 -78.68 7.79
C VAL I 319 -14.35 -79.82 6.95
N ALA I 320 -14.01 -80.93 7.61
CA ALA I 320 -13.52 -82.10 6.91
C ALA I 320 -14.70 -82.78 6.23
N TYR I 321 -15.05 -82.26 5.06
CA TYR I 321 -16.19 -82.79 4.34
C TYR I 321 -15.92 -84.20 3.89
N LYS I 322 -16.90 -85.08 4.11
CA LYS I 322 -16.82 -86.49 3.78
C LYS I 322 -18.06 -86.79 2.92
N SER I 323 -17.93 -86.54 1.63
CA SER I 323 -19.07 -86.61 0.73
C SER I 323 -19.21 -88.00 0.13
N SER I 324 -20.31 -88.19 -0.58
CA SER I 324 -20.57 -89.39 -1.36
C SER I 324 -20.49 -89.09 -2.84
N LYS I 325 -21.30 -88.14 -3.31
CA LYS I 325 -21.16 -87.56 -4.63
C LYS I 325 -20.30 -86.31 -4.49
N ALA I 326 -20.25 -85.49 -5.53
CA ALA I 326 -19.57 -84.21 -5.48
C ALA I 326 -20.49 -83.15 -6.07
N GLY I 327 -20.59 -82.02 -5.39
CA GLY I 327 -21.45 -80.95 -5.85
C GLY I 327 -21.67 -79.93 -4.77
N ASN I 328 -22.81 -79.27 -4.83
CA ASN I 328 -23.16 -78.24 -3.88
C ASN I 328 -23.84 -78.86 -2.65
N CYS I 329 -23.86 -78.09 -1.59
CA CYS I 329 -24.37 -78.52 -0.31
C CYS I 329 -24.81 -77.28 0.46
N PRO I 330 -26.10 -76.96 0.53
CA PRO I 330 -26.50 -75.79 1.30
C PRO I 330 -26.23 -76.00 2.78
N ILE I 331 -25.95 -74.90 3.46
CA ILE I 331 -25.50 -74.92 4.86
C ILE I 331 -26.28 -73.90 5.66
N HIS I 332 -26.40 -74.17 6.96
CA HIS I 332 -27.03 -73.26 7.89
C HIS I 332 -26.79 -73.81 9.28
N SER I 333 -26.75 -72.89 10.25
CA SER I 333 -26.73 -73.22 11.66
C SER I 333 -28.15 -73.06 12.17
N PRO I 334 -28.91 -74.14 12.39
CA PRO I 334 -30.26 -73.97 12.92
C PRO I 334 -30.30 -73.24 14.23
N SER I 335 -29.24 -73.34 15.03
CA SER I 335 -29.10 -72.48 16.18
C SER I 335 -28.77 -71.08 15.72
N GLY I 336 -29.40 -70.09 16.36
CA GLY I 336 -29.15 -68.72 16.02
C GLY I 336 -27.86 -68.16 16.56
N VAL I 337 -27.05 -68.98 17.22
CA VAL I 337 -25.79 -68.51 17.77
C VAL I 337 -24.87 -68.01 16.66
N ALA I 338 -24.79 -68.78 15.59
CA ALA I 338 -23.86 -68.52 14.50
C ALA I 338 -24.62 -68.08 13.26
N VAL I 339 -24.16 -67.00 12.65
CA VAL I 339 -24.70 -66.49 11.41
C VAL I 339 -23.60 -66.63 10.37
N ILE I 340 -23.93 -67.21 9.23
CA ILE I 340 -22.97 -67.68 8.26
C ILE I 340 -23.10 -66.84 7.00
N LYS I 341 -21.95 -66.49 6.40
CA LYS I 341 -21.95 -65.73 5.17
C LYS I 341 -22.28 -66.60 3.98
N GLU I 342 -21.80 -67.84 3.98
CA GLU I 342 -22.03 -68.75 2.87
C GLU I 342 -23.35 -69.48 3.08
N ASN I 343 -24.22 -69.40 2.09
CA ASN I 343 -25.42 -70.23 2.05
C ASN I 343 -25.09 -71.63 1.57
N ASP I 344 -24.16 -71.73 0.62
CA ASP I 344 -23.90 -72.95 -0.11
C ASP I 344 -22.40 -73.13 -0.22
N VAL I 345 -21.97 -74.39 -0.15
CA VAL I 345 -20.57 -74.75 -0.31
C VAL I 345 -20.46 -75.81 -1.38
N THR I 346 -19.51 -75.64 -2.28
CA THR I 346 -19.21 -76.63 -3.30
C THR I 346 -18.36 -77.72 -2.69
N LEU I 347 -18.55 -78.94 -3.18
CA LEU I 347 -17.84 -80.09 -2.65
C LEU I 347 -17.34 -80.99 -3.77
N ALA I 348 -16.05 -81.31 -3.69
CA ALA I 348 -15.49 -82.43 -4.42
C ALA I 348 -15.75 -83.69 -3.60
N GLU I 349 -15.12 -84.78 -3.99
CA GLU I 349 -15.32 -86.03 -3.26
C GLU I 349 -14.58 -85.97 -1.93
N SER I 350 -15.28 -85.50 -0.90
CA SER I 350 -14.79 -85.54 0.47
C SER I 350 -13.52 -84.73 0.64
N GLY I 351 -13.64 -83.43 0.36
CA GLY I 351 -12.58 -82.48 0.57
C GLY I 351 -12.76 -81.71 1.87
N SER I 352 -12.37 -80.44 1.83
CA SER I 352 -12.52 -79.57 2.98
C SER I 352 -12.65 -78.14 2.49
N PHE I 353 -13.58 -77.39 3.08
CA PHE I 353 -13.83 -76.01 2.69
C PHE I 353 -14.23 -75.21 3.90
N THR I 354 -13.48 -74.15 4.17
CA THR I 354 -13.80 -73.25 5.25
C THR I 354 -14.94 -72.33 4.83
N PHE I 355 -15.73 -71.93 5.80
CA PHE I 355 -16.73 -70.88 5.63
C PHE I 355 -16.46 -69.79 6.64
N HIS I 356 -17.23 -68.71 6.52
CA HIS I 356 -17.14 -67.57 7.39
C HIS I 356 -18.41 -67.47 8.24
N PHE I 357 -18.29 -66.88 9.42
CA PHE I 357 -19.46 -66.69 10.26
C PHE I 357 -19.16 -65.66 11.33
N SER I 358 -20.13 -65.48 12.23
CA SER I 358 -20.02 -64.56 13.35
C SER I 358 -20.90 -65.08 14.48
N THR I 359 -20.44 -64.86 15.71
CA THR I 359 -21.10 -65.40 16.89
C THR I 359 -21.09 -64.34 17.99
N ALA I 360 -21.64 -64.72 19.14
CA ALA I 360 -21.68 -63.85 20.30
C ALA I 360 -21.32 -64.54 21.59
N ASN I 361 -21.13 -65.86 21.60
CA ASN I 361 -20.76 -66.60 22.79
C ASN I 361 -19.33 -67.09 22.67
N ILE I 362 -18.59 -66.93 23.76
CA ILE I 362 -17.15 -67.20 23.77
C ILE I 362 -16.88 -68.61 23.30
N HIS I 363 -17.74 -69.54 23.68
CA HIS I 363 -17.62 -70.94 23.32
C HIS I 363 -18.76 -71.26 22.35
N PRO I 364 -18.59 -70.98 21.06
CA PRO I 364 -19.70 -71.23 20.15
C PRO I 364 -19.93 -72.70 19.92
N ALA I 365 -20.95 -73.22 20.59
CA ALA I 365 -21.40 -74.60 20.40
C ALA I 365 -22.66 -74.59 19.55
N PHE I 366 -22.48 -74.33 18.27
CA PHE I 366 -23.57 -74.25 17.32
C PHE I 366 -23.53 -75.43 16.38
N LYS I 367 -24.71 -76.01 16.14
CA LYS I 367 -24.83 -77.04 15.13
C LYS I 367 -24.66 -76.42 13.75
N LEU I 368 -24.18 -77.23 12.82
CA LEU I 368 -24.10 -76.85 11.42
C LEU I 368 -24.68 -77.96 10.59
N GLN I 369 -25.68 -77.63 9.78
CA GLN I 369 -26.45 -78.60 9.02
C GLN I 369 -25.99 -78.51 7.57
N VAL I 370 -25.01 -79.35 7.22
CA VAL I 370 -24.45 -79.34 5.88
C VAL I 370 -25.28 -80.32 5.06
N CYS I 371 -26.39 -79.80 4.53
CA CYS I 371 -27.30 -80.52 3.63
C CYS I 371 -27.63 -81.91 4.16
N THR I 372 -28.33 -81.89 5.30
CA THR I 372 -28.71 -83.07 6.06
C THR I 372 -27.50 -83.79 6.63
N SER I 373 -26.70 -83.06 7.38
CA SER I 373 -25.70 -83.68 8.24
C SER I 373 -25.32 -82.65 9.30
N ALA I 374 -25.70 -82.92 10.53
CA ALA I 374 -25.46 -82.00 11.61
C ALA I 374 -24.03 -82.17 12.15
N VAL I 375 -23.52 -81.10 12.75
CA VAL I 375 -22.21 -81.16 13.39
C VAL I 375 -22.06 -79.97 14.32
N THR I 376 -21.46 -80.23 15.46
CA THR I 376 -21.09 -79.18 16.41
C THR I 376 -19.73 -78.63 16.00
N CYS I 377 -19.69 -77.34 15.73
CA CYS I 377 -18.44 -76.63 15.47
C CYS I 377 -17.98 -75.91 16.73
N LYS I 378 -17.79 -76.70 17.78
CA LYS I 378 -17.37 -76.17 19.08
C LYS I 378 -16.01 -75.49 18.96
N GLY I 379 -15.79 -74.50 19.82
CA GLY I 379 -14.47 -73.88 19.89
C GLY I 379 -14.43 -72.68 20.80
N ASP I 380 -13.57 -71.72 20.44
CA ASP I 380 -13.37 -70.52 21.24
C ASP I 380 -12.96 -69.38 20.34
N CYS I 381 -13.32 -68.16 20.75
CA CYS I 381 -13.25 -67.00 19.88
C CYS I 381 -12.46 -65.89 20.52
N LYS I 382 -12.12 -64.90 19.69
CA LYS I 382 -11.23 -63.80 20.07
C LYS I 382 -11.93 -62.45 19.88
N PRO I 383 -11.81 -61.51 20.81
CA PRO I 383 -12.40 -60.19 20.62
C PRO I 383 -11.63 -59.35 19.61
N PRO I 384 -12.32 -58.52 18.79
CA PRO I 384 -11.61 -57.55 17.94
C PRO I 384 -11.22 -56.24 18.58
N LYS I 385 -10.83 -55.29 17.71
CA LYS I 385 -10.17 -54.07 18.11
C LYS I 385 -10.74 -52.77 17.51
N ASP I 386 -11.62 -52.85 16.50
CA ASP I 386 -11.74 -51.80 15.47
C ASP I 386 -13.19 -51.39 15.19
N HIS I 387 -13.93 -51.02 16.23
CA HIS I 387 -15.40 -50.96 16.20
C HIS I 387 -16.01 -49.57 15.97
N ILE I 388 -15.82 -49.01 14.77
CA ILE I 388 -16.61 -47.82 14.40
C ILE I 388 -17.07 -47.79 12.93
N VAL I 389 -18.04 -48.62 12.55
CA VAL I 389 -18.54 -48.66 11.16
C VAL I 389 -19.95 -49.19 11.35
N ASP I 390 -20.79 -49.33 10.30
CA ASP I 390 -22.26 -49.44 10.33
C ASP I 390 -22.72 -50.70 11.08
N TYR I 391 -23.81 -51.39 10.72
CA TYR I 391 -24.45 -52.32 11.67
C TYR I 391 -24.15 -53.78 11.40
N PRO I 392 -24.34 -54.65 12.41
CA PRO I 392 -23.74 -55.98 12.38
C PRO I 392 -24.52 -57.01 11.58
N ALA I 393 -23.89 -58.18 11.45
CA ALA I 393 -24.48 -59.39 10.91
C ALA I 393 -24.75 -60.44 11.97
N GLN I 394 -24.42 -60.15 13.22
CA GLN I 394 -24.41 -61.11 14.31
C GLN I 394 -25.78 -61.20 14.96
N HIS I 395 -26.26 -60.07 15.47
CA HIS I 395 -27.62 -59.83 15.96
C HIS I 395 -28.21 -61.01 16.72
N THR I 396 -27.38 -61.63 17.56
CA THR I 396 -27.75 -62.87 18.23
C THR I 396 -27.31 -62.87 19.68
N GLU I 397 -27.19 -61.69 20.29
CA GLU I 397 -26.69 -61.60 21.64
C GLU I 397 -27.65 -62.25 22.62
N SER I 398 -27.10 -63.07 23.51
CA SER I 398 -27.88 -63.74 24.53
C SER I 398 -26.98 -63.96 25.72
N PHE I 399 -27.39 -64.84 26.63
CA PHE I 399 -26.58 -65.16 27.79
C PHE I 399 -25.36 -65.95 27.38
N THR I 400 -24.18 -65.47 27.77
CA THR I 400 -22.90 -66.05 27.38
C THR I 400 -21.92 -66.09 28.56
N PRO J 14 -46.65 2.70 -12.88
CA PRO J 14 -45.77 2.76 -11.70
C PRO J 14 -46.42 3.50 -10.55
N TYR J 15 -46.88 2.76 -9.55
CA TYR J 15 -47.62 3.39 -8.48
C TYR J 15 -46.67 4.22 -7.61
N ILE J 16 -47.22 5.24 -6.95
CA ILE J 16 -46.49 6.05 -6.00
C ILE J 16 -47.20 6.05 -4.66
N ALA J 17 -46.42 5.79 -3.59
CA ALA J 17 -46.95 5.68 -2.24
C ALA J 17 -45.99 6.39 -1.31
N ASP J 18 -46.23 6.22 0.00
CA ASP J 18 -45.55 6.98 1.04
C ASP J 18 -44.44 6.14 1.64
N CYS J 19 -43.22 6.41 1.21
CA CYS J 19 -42.06 5.74 1.78
C CYS J 19 -41.89 6.19 3.23
N PRO J 20 -41.47 5.31 4.15
CA PRO J 20 -41.49 5.68 5.57
C PRO J 20 -40.32 6.50 6.09
N ASN J 21 -39.12 6.28 5.58
CA ASN J 21 -37.94 7.00 6.03
C ASN J 21 -37.10 7.38 4.81
N CYS J 22 -37.75 8.07 3.89
CA CYS J 22 -37.27 8.35 2.55
C CYS J 22 -36.09 9.30 2.58
N GLY J 23 -34.96 8.80 3.06
CA GLY J 23 -33.76 9.61 3.20
C GLY J 23 -33.84 10.50 4.42
N HIS J 24 -34.66 11.54 4.34
CA HIS J 24 -34.93 12.37 5.50
C HIS J 24 -35.96 11.69 6.41
N SER J 25 -37.16 11.55 5.88
CA SER J 25 -38.34 11.18 6.63
C SER J 25 -39.37 10.66 5.62
N ARG J 26 -40.63 10.62 6.02
CA ARG J 26 -41.68 10.09 5.17
C ARG J 26 -41.91 10.97 3.96
N CYS J 27 -41.36 10.59 2.82
CA CYS J 27 -41.73 11.22 1.55
C CYS J 27 -42.83 10.41 0.89
N ASP J 28 -43.10 10.72 -0.37
CA ASP J 28 -43.92 9.89 -1.24
C ASP J 28 -43.04 9.47 -2.40
N SER J 29 -42.40 8.30 -2.27
CA SER J 29 -41.54 7.82 -3.35
C SER J 29 -42.33 6.92 -4.29
N PRO J 30 -42.05 6.94 -5.60
CA PRO J 30 -42.62 5.92 -6.48
C PRO J 30 -42.10 4.53 -6.19
N ILE J 31 -40.96 4.40 -5.51
CA ILE J 31 -40.36 3.11 -5.24
C ILE J 31 -40.68 2.70 -3.80
N ALA J 32 -41.80 3.21 -3.28
CA ALA J 32 -42.21 2.90 -1.93
C ALA J 32 -42.31 1.40 -1.72
N ILE J 33 -41.60 0.92 -0.72
CA ILE J 33 -41.39 -0.51 -0.52
C ILE J 33 -42.51 -1.07 0.33
N GLU J 34 -43.23 -2.02 -0.21
CA GLU J 34 -44.16 -2.85 0.53
C GLU J 34 -43.72 -4.30 0.34
N GLU J 35 -44.29 -5.20 1.15
CA GLU J 35 -44.15 -6.65 1.02
C GLU J 35 -42.70 -7.07 0.80
N VAL J 36 -41.90 -6.81 1.81
CA VAL J 36 -40.58 -7.39 1.88
C VAL J 36 -40.71 -8.83 2.31
N ARG J 37 -39.98 -9.72 1.66
CA ARG J 37 -40.09 -11.16 1.89
C ARG J 37 -38.71 -11.77 2.02
N GLY J 38 -38.18 -11.74 3.24
CA GLY J 38 -36.92 -12.38 3.55
C GLY J 38 -37.18 -13.77 4.08
N ASP J 39 -38.04 -14.49 3.36
CA ASP J 39 -38.60 -15.74 3.82
C ASP J 39 -37.96 -16.94 3.13
N ALA J 40 -37.22 -16.72 2.07
CA ALA J 40 -36.50 -17.80 1.39
C ALA J 40 -35.16 -18.01 2.09
N HIS J 41 -34.27 -18.75 1.44
CA HIS J 41 -33.01 -19.19 2.03
C HIS J 41 -31.77 -18.74 1.28
N ALA J 42 -31.88 -18.37 0.00
CA ALA J 42 -30.74 -18.32 -0.90
C ALA J 42 -30.07 -16.96 -0.91
N GLY J 43 -30.13 -16.21 0.19
CA GLY J 43 -29.64 -14.86 0.16
C GLY J 43 -30.52 -13.89 -0.59
N VAL J 44 -31.74 -14.29 -0.93
CA VAL J 44 -32.59 -13.56 -1.88
C VAL J 44 -33.77 -12.96 -1.13
N ILE J 45 -34.19 -11.79 -1.60
CA ILE J 45 -35.45 -11.19 -1.20
C ILE J 45 -36.20 -10.79 -2.45
N ARG J 46 -37.48 -11.11 -2.45
CA ARG J 46 -38.43 -10.56 -3.40
C ARG J 46 -39.07 -9.33 -2.78
N ILE J 47 -39.07 -8.23 -3.54
CA ILE J 47 -39.55 -6.94 -3.07
C ILE J 47 -40.57 -6.46 -4.08
N GLN J 48 -41.52 -5.64 -3.59
CA GLN J 48 -42.35 -4.83 -4.47
C GLN J 48 -42.08 -3.37 -4.21
N THR J 49 -41.58 -2.69 -5.23
CA THR J 49 -41.72 -1.26 -5.32
C THR J 49 -43.13 -0.94 -5.76
N SER J 50 -43.60 0.23 -5.38
CA SER J 50 -44.79 0.75 -6.04
C SER J 50 -44.50 1.18 -7.46
N ALA J 51 -43.22 1.35 -7.81
CA ALA J 51 -42.83 1.64 -9.17
C ALA J 51 -42.79 0.36 -10.00
N MET J 52 -43.24 0.50 -11.24
CA MET J 52 -43.31 -0.59 -12.21
C MET J 52 -42.19 -0.34 -13.21
N PHE J 53 -41.02 -0.88 -12.89
CA PHE J 53 -39.94 -0.94 -13.87
C PHE J 53 -40.16 -2.18 -14.74
N GLY J 54 -39.35 -2.31 -15.77
CA GLY J 54 -39.54 -3.37 -16.74
C GLY J 54 -39.47 -2.83 -18.15
N LEU J 55 -40.47 -3.17 -18.98
CA LEU J 55 -40.59 -2.49 -20.25
C LEU J 55 -40.87 -1.02 -20.01
N LYS J 56 -40.87 -0.25 -21.09
CA LYS J 56 -41.19 1.16 -21.00
C LYS J 56 -42.69 1.31 -20.81
N THR J 57 -43.19 2.53 -20.99
CA THR J 57 -44.63 2.74 -21.08
C THR J 57 -45.25 1.83 -22.12
N ASP J 58 -44.56 1.62 -23.24
CA ASP J 58 -45.19 0.97 -24.39
C ASP J 58 -44.82 -0.49 -24.61
N GLY J 59 -43.56 -0.79 -24.96
CA GLY J 59 -43.28 -2.14 -25.46
C GLY J 59 -41.90 -2.79 -25.40
N VAL J 60 -40.87 -2.19 -24.81
CA VAL J 60 -39.50 -2.62 -25.08
C VAL J 60 -38.67 -2.73 -23.81
N ASP J 61 -37.84 -3.79 -23.75
CA ASP J 61 -36.66 -3.82 -22.91
C ASP J 61 -36.91 -3.77 -21.41
N LEU J 62 -37.19 -4.94 -20.83
CA LEU J 62 -37.24 -5.16 -19.38
C LEU J 62 -36.25 -4.32 -18.60
N ALA J 63 -35.05 -4.15 -19.11
CA ALA J 63 -33.98 -3.46 -18.39
C ALA J 63 -34.09 -1.94 -18.44
N TYR J 64 -35.26 -1.39 -18.78
CA TYR J 64 -35.52 0.04 -18.63
C TYR J 64 -36.35 0.26 -17.38
N MET J 65 -36.73 1.51 -17.15
CA MET J 65 -37.04 1.99 -15.81
C MET J 65 -38.14 3.03 -15.91
N SER J 66 -39.35 2.66 -15.47
CA SER J 66 -40.51 3.55 -15.45
C SER J 66 -40.98 3.70 -14.01
N PHE J 67 -40.72 4.86 -13.41
CA PHE J 67 -41.37 5.30 -12.20
C PHE J 67 -42.27 6.48 -12.50
N MET J 68 -42.95 6.96 -11.48
CA MET J 68 -43.82 8.11 -11.59
C MET J 68 -43.08 9.35 -11.14
N ASN J 69 -43.03 10.35 -12.02
CA ASN J 69 -42.59 11.69 -11.69
C ASN J 69 -43.72 12.63 -12.09
N GLY J 70 -44.26 13.35 -11.13
CA GLY J 70 -45.48 14.09 -11.35
C GLY J 70 -46.69 13.17 -11.26
N LYS J 71 -47.73 13.52 -12.01
CA LYS J 71 -48.74 12.55 -12.39
C LYS J 71 -48.22 11.55 -13.41
N THR J 72 -47.04 11.79 -13.97
CA THR J 72 -46.57 11.14 -15.18
C THR J 72 -45.55 10.06 -14.86
N GLN J 73 -45.42 9.12 -15.79
CA GLN J 73 -44.36 8.14 -15.74
C GLN J 73 -43.02 8.78 -16.09
N LYS J 74 -41.96 7.98 -16.03
CA LYS J 74 -40.70 8.33 -16.68
C LYS J 74 -40.02 7.02 -17.07
N SER J 75 -40.32 6.55 -18.28
CA SER J 75 -39.88 5.23 -18.75
C SER J 75 -38.52 5.37 -19.42
N ILE J 76 -37.46 5.23 -18.62
CA ILE J 76 -36.09 5.47 -19.04
C ILE J 76 -35.20 4.36 -18.49
N LYS J 77 -33.89 4.52 -18.60
CA LYS J 77 -32.95 3.44 -18.29
C LYS J 77 -32.78 3.23 -16.78
N ILE J 78 -32.43 1.99 -16.42
CA ILE J 78 -32.34 1.49 -15.05
C ILE J 78 -31.02 1.85 -14.37
N ASP J 79 -30.24 2.74 -15.00
CA ASP J 79 -28.78 2.81 -14.89
C ASP J 79 -28.15 2.44 -13.55
N ASN J 80 -28.69 2.93 -12.44
CA ASN J 80 -27.99 2.87 -11.15
C ASN J 80 -28.94 2.47 -10.03
N LEU J 81 -29.67 1.38 -10.23
CA LEU J 81 -30.46 0.79 -9.15
C LEU J 81 -29.57 0.45 -7.96
N HIS J 82 -30.12 0.60 -6.76
CA HIS J 82 -29.49 0.06 -5.56
C HIS J 82 -30.55 -0.42 -4.59
N VAL J 83 -30.72 -1.72 -4.50
CA VAL J 83 -31.24 -2.35 -3.29
C VAL J 83 -30.09 -2.48 -2.32
N ARG J 84 -30.38 -2.32 -1.03
CA ARG J 84 -29.36 -2.62 -0.06
C ARG J 84 -29.99 -2.81 1.31
N THR J 85 -29.16 -3.35 2.20
CA THR J 85 -29.49 -3.72 3.56
C THR J 85 -28.26 -3.32 4.35
N SER J 86 -27.99 -3.99 5.46
CA SER J 86 -26.72 -3.89 6.17
C SER J 86 -25.52 -3.77 5.24
N ALA J 87 -25.54 -4.48 4.11
CA ALA J 87 -24.60 -4.27 3.02
C ALA J 87 -25.36 -4.02 1.74
N PRO J 88 -24.68 -3.57 0.68
CA PRO J 88 -25.32 -3.49 -0.62
C PRO J 88 -25.67 -4.87 -1.16
N CYS J 89 -26.91 -5.00 -1.60
CA CYS J 89 -27.42 -6.24 -2.13
C CYS J 89 -26.92 -6.43 -3.56
N SER J 90 -27.35 -7.54 -4.15
CA SER J 90 -27.16 -7.81 -5.57
C SER J 90 -28.52 -8.03 -6.18
N LEU J 91 -28.83 -7.24 -7.18
CA LEU J 91 -30.02 -7.46 -8.00
C LEU J 91 -29.99 -8.88 -8.57
N VAL J 92 -31.17 -9.47 -8.71
CA VAL J 92 -31.34 -10.74 -9.40
C VAL J 92 -32.15 -10.56 -10.68
N SER J 93 -33.33 -9.96 -10.57
CA SER J 93 -34.13 -9.66 -11.74
C SER J 93 -35.32 -8.82 -11.31
N HIS J 94 -35.83 -8.04 -12.25
CA HIS J 94 -37.05 -7.27 -12.05
C HIS J 94 -38.10 -7.70 -13.06
N HIS J 95 -39.36 -7.62 -12.64
CA HIS J 95 -40.48 -7.84 -13.54
C HIS J 95 -41.71 -7.16 -12.92
N GLY J 96 -42.25 -6.18 -13.63
CA GLY J 96 -43.46 -5.52 -13.15
C GLY J 96 -43.14 -4.52 -12.08
N TYR J 97 -43.92 -4.57 -11.00
CA TYR J 97 -43.64 -3.78 -9.81
C TYR J 97 -42.51 -4.35 -8.97
N TYR J 98 -41.99 -5.51 -9.34
CA TYR J 98 -41.39 -6.43 -8.41
C TYR J 98 -39.95 -6.70 -8.80
N ILE J 99 -39.09 -6.76 -7.80
CA ILE J 99 -37.67 -7.04 -8.00
C ILE J 99 -37.25 -8.16 -7.07
N LEU J 100 -36.38 -9.01 -7.59
CA LEU J 100 -35.67 -10.01 -6.80
C LEU J 100 -34.22 -9.60 -6.70
N ALA J 101 -33.66 -9.72 -5.50
CA ALA J 101 -32.30 -9.27 -5.25
C ALA J 101 -31.68 -10.14 -4.18
N GLN J 102 -30.41 -10.49 -4.39
CA GLN J 102 -29.67 -11.29 -3.42
C GLN J 102 -29.10 -10.34 -2.38
N CYS J 103 -29.60 -10.45 -1.16
CA CYS J 103 -29.20 -9.61 -0.04
C CYS J 103 -28.56 -10.43 1.07
N PRO J 104 -27.71 -9.82 1.89
CA PRO J 104 -27.36 -10.44 3.16
C PRO J 104 -28.43 -10.16 4.20
N PRO J 105 -28.27 -10.70 5.40
CA PRO J 105 -29.19 -10.33 6.48
C PRO J 105 -29.10 -8.85 6.79
N GLY J 106 -30.19 -8.34 7.34
CA GLY J 106 -30.25 -6.94 7.69
C GLY J 106 -31.48 -6.64 8.51
N ASP J 107 -31.31 -5.79 9.51
CA ASP J 107 -32.46 -5.36 10.30
C ASP J 107 -33.50 -4.65 9.46
N THR J 108 -33.06 -3.97 8.40
CA THR J 108 -33.92 -3.17 7.55
C THR J 108 -33.80 -3.64 6.10
N VAL J 109 -34.50 -2.92 5.23
CA VAL J 109 -34.29 -3.00 3.80
C VAL J 109 -34.32 -1.58 3.26
N THR J 110 -33.43 -1.31 2.31
CA THR J 110 -33.13 0.05 1.89
C THR J 110 -32.90 0.02 0.39
N VAL J 111 -33.79 0.65 -0.36
CA VAL J 111 -33.85 0.53 -1.80
C VAL J 111 -33.63 1.90 -2.43
N GLY J 112 -33.12 1.91 -3.65
CA GLY J 112 -33.00 3.18 -4.34
C GLY J 112 -32.24 3.13 -5.64
N PHE J 113 -32.73 3.84 -6.62
CA PHE J 113 -32.03 4.04 -7.88
C PHE J 113 -31.40 5.42 -7.87
N HIS J 114 -30.91 5.85 -9.03
CA HIS J 114 -30.43 7.22 -9.21
C HIS J 114 -30.96 7.69 -10.56
N ASP J 115 -31.96 8.58 -10.51
CA ASP J 115 -32.47 9.17 -11.74
C ASP J 115 -31.37 9.89 -12.50
N GLY J 116 -30.42 10.49 -11.78
CA GLY J 116 -29.34 11.25 -12.37
C GLY J 116 -29.20 12.65 -11.80
N PRO J 117 -30.30 13.37 -11.60
CA PRO J 117 -30.22 14.62 -10.84
C PRO J 117 -30.31 14.42 -9.34
N ASN J 118 -30.81 13.29 -8.88
CA ASN J 118 -31.10 13.11 -7.47
C ASN J 118 -30.95 11.65 -7.09
N ARG J 119 -30.67 11.42 -5.81
CA ARG J 119 -30.53 10.04 -5.32
C ARG J 119 -31.88 9.35 -5.33
N HIS J 120 -32.84 9.88 -4.58
CA HIS J 120 -34.24 9.51 -4.74
C HIS J 120 -34.47 8.03 -4.42
N THR J 121 -34.20 7.69 -3.16
CA THR J 121 -34.20 6.32 -2.66
C THR J 121 -35.43 6.10 -1.80
N CYS J 122 -35.58 4.86 -1.34
CA CYS J 122 -36.62 4.53 -0.37
C CYS J 122 -36.19 3.37 0.52
N THR J 123 -36.58 3.45 1.78
CA THR J 123 -36.05 2.58 2.81
C THR J 123 -37.19 2.15 3.72
N VAL J 124 -36.98 1.05 4.43
CA VAL J 124 -38.06 0.41 5.17
C VAL J 124 -37.47 -0.51 6.21
N ALA J 125 -38.25 -0.78 7.25
CA ALA J 125 -37.92 -1.80 8.23
C ALA J 125 -38.41 -3.16 7.76
N HIS J 126 -37.55 -4.17 7.94
CA HIS J 126 -37.98 -5.55 7.81
C HIS J 126 -36.91 -6.48 8.36
N LYS J 127 -37.30 -7.37 9.26
CA LYS J 127 -36.38 -8.35 9.80
C LYS J 127 -36.00 -9.34 8.71
N VAL J 128 -34.71 -9.40 8.40
CA VAL J 128 -34.18 -10.26 7.36
C VAL J 128 -33.16 -11.21 7.99
N GLU J 129 -33.18 -12.45 7.52
CA GLU J 129 -32.13 -13.41 7.81
C GLU J 129 -31.97 -14.31 6.61
N PHE J 130 -30.86 -15.04 6.59
CA PHE J 130 -30.67 -16.13 5.63
C PHE J 130 -30.01 -17.29 6.32
N ARG J 131 -30.84 -18.13 6.89
CA ARG J 131 -30.45 -19.50 7.14
C ARG J 131 -30.42 -20.24 5.82
N PRO J 132 -29.33 -20.93 5.49
CA PRO J 132 -29.42 -21.96 4.47
C PRO J 132 -30.10 -23.19 5.03
N VAL J 133 -30.73 -23.93 4.14
CA VAL J 133 -31.32 -25.19 4.55
C VAL J 133 -30.21 -26.17 4.85
N GLY J 134 -30.25 -26.75 6.03
CA GLY J 134 -29.23 -27.64 6.50
C GLY J 134 -29.03 -27.42 7.98
N ARG J 135 -28.41 -28.40 8.62
CA ARG J 135 -28.11 -28.29 10.03
C ARG J 135 -26.93 -27.36 10.31
N GLU J 136 -26.33 -26.77 9.28
CA GLU J 136 -25.35 -25.71 9.45
C GLU J 136 -26.04 -24.36 9.41
N LYS J 137 -25.76 -23.54 10.40
CA LYS J 137 -26.31 -22.19 10.48
C LYS J 137 -25.26 -21.20 9.99
N TYR J 138 -25.07 -21.19 8.67
CA TYR J 138 -24.18 -20.21 8.08
C TYR J 138 -24.79 -18.81 8.19
N ARG J 139 -24.05 -17.84 7.67
CA ARG J 139 -24.53 -16.50 7.41
C ARG J 139 -24.58 -16.18 5.93
N HIS J 140 -24.19 -17.12 5.07
CA HIS J 140 -23.94 -16.79 3.67
C HIS J 140 -23.75 -18.06 2.86
N PRO J 141 -24.14 -18.12 1.59
CA PRO J 141 -23.97 -19.35 0.82
C PRO J 141 -22.53 -19.53 0.38
N PRO J 142 -21.97 -20.73 0.49
CA PRO J 142 -20.60 -20.95 0.04
C PRO J 142 -20.54 -21.26 -1.46
N GLU J 143 -19.33 -21.56 -1.92
CA GLU J 143 -19.08 -21.98 -3.29
C GLU J 143 -19.28 -23.46 -3.50
N HIS J 144 -19.20 -24.26 -2.43
CA HIS J 144 -19.18 -25.70 -2.53
C HIS J 144 -20.13 -26.27 -1.48
N GLY J 145 -20.07 -27.58 -1.29
CA GLY J 145 -20.97 -28.27 -0.39
C GLY J 145 -22.05 -29.00 -1.15
N VAL J 146 -22.84 -29.73 -0.38
CA VAL J 146 -23.90 -30.55 -0.94
C VAL J 146 -25.05 -29.66 -1.39
N GLU J 147 -25.81 -30.14 -2.38
CA GLU J 147 -27.06 -29.52 -2.77
C GLU J 147 -28.21 -30.24 -2.10
N LEU J 148 -29.22 -29.49 -1.68
CA LEU J 148 -30.35 -30.04 -0.98
C LEU J 148 -31.50 -29.04 -1.07
N PRO J 149 -32.73 -29.49 -0.81
CA PRO J 149 -33.90 -28.75 -1.29
C PRO J 149 -34.21 -27.47 -0.56
N CYS J 150 -33.65 -26.36 -1.03
CA CYS J 150 -33.95 -25.06 -0.45
C CYS J 150 -35.21 -24.47 -1.05
N ASN J 151 -35.65 -23.37 -0.45
CA ASN J 151 -36.73 -22.54 -0.94
C ASN J 151 -36.14 -21.24 -1.44
N ARG J 152 -36.63 -20.78 -2.60
CA ARG J 152 -35.92 -19.77 -3.35
C ARG J 152 -36.85 -19.29 -4.46
N TYR J 153 -36.59 -18.07 -4.92
CA TYR J 153 -37.36 -17.46 -5.99
C TYR J 153 -36.62 -17.57 -7.32
N THR J 154 -37.38 -17.48 -8.39
CA THR J 154 -36.87 -17.74 -9.72
C THR J 154 -36.16 -16.51 -10.26
N HIS J 155 -35.41 -16.73 -11.35
CA HIS J 155 -34.91 -15.63 -12.13
C HIS J 155 -35.96 -15.06 -13.06
N LYS J 156 -36.98 -15.84 -13.40
CA LYS J 156 -37.71 -15.65 -14.63
C LYS J 156 -39.02 -14.91 -14.42
N ARG J 157 -39.70 -14.68 -15.54
CA ARG J 157 -40.95 -13.95 -15.63
C ARG J 157 -42.11 -14.80 -16.11
N ALA J 158 -41.84 -15.83 -16.92
CA ALA J 158 -42.88 -16.65 -17.53
C ALA J 158 -43.52 -17.47 -16.41
N ASP J 159 -44.39 -16.80 -15.67
CA ASP J 159 -44.76 -17.22 -14.32
C ASP J 159 -46.22 -16.89 -14.07
N GLN J 160 -46.94 -17.89 -13.58
CA GLN J 160 -48.37 -17.77 -13.32
C GLN J 160 -48.78 -18.43 -12.02
N GLY J 161 -47.83 -19.02 -11.27
CA GLY J 161 -48.16 -19.85 -10.12
C GLY J 161 -49.04 -19.16 -9.09
N HIS J 162 -49.01 -17.83 -9.04
CA HIS J 162 -49.96 -17.06 -8.27
C HIS J 162 -50.25 -15.77 -9.00
N TYR J 163 -51.30 -15.09 -8.54
CA TYR J 163 -51.62 -13.77 -9.05
C TYR J 163 -52.26 -12.98 -7.92
N VAL J 164 -51.87 -11.74 -7.83
CA VAL J 164 -52.41 -10.82 -6.84
C VAL J 164 -53.41 -9.90 -7.52
N GLU J 165 -54.44 -9.51 -6.78
CA GLU J 165 -55.39 -8.54 -7.27
C GLU J 165 -54.68 -7.23 -7.56
N MET J 166 -54.93 -6.68 -8.75
CA MET J 166 -54.44 -5.34 -9.08
C MET J 166 -55.53 -4.59 -9.82
N HIS J 167 -56.45 -3.99 -9.06
CA HIS J 167 -57.49 -3.15 -9.61
C HIS J 167 -57.03 -1.70 -9.56
N GLN J 168 -57.98 -0.78 -9.75
CA GLN J 168 -57.66 0.56 -10.18
C GLN J 168 -56.90 1.32 -9.10
N PRO J 169 -56.37 2.48 -9.43
CA PRO J 169 -56.05 3.45 -8.40
C PRO J 169 -57.28 4.24 -8.00
N GLY J 170 -57.28 4.68 -6.76
CA GLY J 170 -58.12 5.78 -6.38
C GLY J 170 -57.58 7.05 -6.98
N LEU J 171 -58.19 8.16 -6.59
CA LEU J 171 -57.69 9.45 -7.01
C LEU J 171 -56.31 9.69 -6.39
N VAL J 172 -55.71 10.80 -6.78
CA VAL J 172 -54.49 11.29 -6.14
C VAL J 172 -54.57 12.81 -6.10
N ALA J 173 -53.82 13.39 -5.18
CA ALA J 173 -53.73 14.83 -5.08
C ALA J 173 -52.81 15.36 -6.17
N ASP J 174 -53.14 16.54 -6.70
CA ASP J 174 -52.18 17.26 -7.52
C ASP J 174 -52.58 18.74 -7.48
N HIS J 175 -51.97 19.48 -6.57
CA HIS J 175 -52.26 20.90 -6.44
C HIS J 175 -51.48 21.76 -7.43
N SER J 176 -50.64 21.15 -8.25
CA SER J 176 -50.14 21.85 -9.42
C SER J 176 -51.29 22.23 -10.35
N LEU J 177 -52.38 21.45 -10.32
CA LEU J 177 -53.56 21.79 -11.09
C LEU J 177 -54.13 23.13 -10.65
N LEU J 178 -54.39 23.28 -9.36
CA LEU J 178 -55.18 24.40 -8.85
C LEU J 178 -54.34 25.67 -8.92
N SER J 179 -54.26 26.21 -10.13
CA SER J 179 -53.66 27.51 -10.36
C SER J 179 -54.68 28.58 -10.00
N ILE J 180 -54.43 29.82 -10.41
CA ILE J 180 -55.31 30.95 -10.13
C ILE J 180 -55.70 31.60 -11.45
N HIS J 181 -57.00 31.87 -11.63
CA HIS J 181 -57.53 32.62 -12.77
C HIS J 181 -57.56 34.11 -12.47
N SER J 182 -56.44 34.62 -11.97
CA SER J 182 -56.17 36.03 -11.67
C SER J 182 -57.00 36.62 -10.53
N ALA J 183 -58.10 35.99 -10.14
CA ALA J 183 -58.70 36.16 -8.83
C ALA J 183 -59.29 34.87 -8.25
N LYS J 184 -59.55 33.86 -9.08
CA LYS J 184 -60.23 32.65 -8.68
C LYS J 184 -59.27 31.49 -8.83
N VAL J 185 -59.50 30.44 -8.05
CA VAL J 185 -58.62 29.27 -8.13
C VAL J 185 -59.03 28.43 -9.32
N LYS J 186 -58.03 28.06 -10.12
CA LYS J 186 -58.20 27.54 -11.47
C LYS J 186 -57.66 26.13 -11.51
N ILE J 187 -58.52 25.18 -11.73
CA ILE J 187 -58.14 23.79 -11.94
C ILE J 187 -57.92 23.57 -13.43
N THR J 188 -57.07 22.60 -13.75
CA THR J 188 -56.88 22.16 -15.13
C THR J 188 -56.98 20.63 -15.16
N VAL J 189 -56.61 20.03 -16.30
CA VAL J 189 -56.70 18.59 -16.46
C VAL J 189 -55.45 18.06 -17.14
N PRO J 190 -55.05 16.80 -16.86
CA PRO J 190 -53.89 16.24 -17.54
C PRO J 190 -54.04 16.14 -19.06
N SER J 191 -55.01 15.35 -19.50
CA SER J 191 -55.21 15.04 -20.91
C SER J 191 -56.68 14.91 -21.22
N GLY J 192 -57.52 15.60 -20.46
CA GLY J 192 -58.93 15.28 -20.38
C GLY J 192 -59.27 14.29 -19.29
N ALA J 193 -58.35 14.02 -18.37
CA ALA J 193 -58.63 13.10 -17.29
C ALA J 193 -59.73 13.67 -16.39
N GLN J 194 -60.17 12.85 -15.46
CA GLN J 194 -61.37 13.11 -14.68
C GLN J 194 -60.97 13.71 -13.34
N VAL J 195 -61.22 15.02 -13.18
CA VAL J 195 -60.77 15.78 -12.02
C VAL J 195 -61.97 16.04 -11.13
N LYS J 196 -61.88 15.61 -9.89
CA LYS J 196 -63.01 15.52 -8.96
C LYS J 196 -62.91 16.73 -8.02
N TYR J 197 -63.84 17.67 -8.13
CA TYR J 197 -63.60 19.03 -7.70
C TYR J 197 -64.80 19.71 -7.01
N TYR J 198 -64.49 20.51 -5.99
CA TYR J 198 -65.34 21.46 -5.24
C TYR J 198 -64.39 22.07 -4.22
N CYS J 199 -64.86 23.09 -3.52
CA CYS J 199 -64.07 23.74 -2.47
C CYS J 199 -64.92 23.79 -1.22
N LYS J 200 -64.33 24.25 -0.11
CA LYS J 200 -65.10 24.36 1.12
C LYS J 200 -66.32 25.25 0.92
N CYS J 201 -66.18 26.29 0.12
CA CYS J 201 -67.30 27.14 -0.22
C CYS J 201 -68.24 26.34 -1.11
N PRO J 202 -69.42 26.88 -1.43
CA PRO J 202 -70.28 26.25 -2.47
C PRO J 202 -69.97 26.68 -3.90
N ASP J 203 -69.49 25.74 -4.71
CA ASP J 203 -69.27 25.87 -6.15
C ASP J 203 -69.51 24.48 -6.77
N VAL J 204 -68.93 24.21 -7.96
CA VAL J 204 -69.11 22.93 -8.67
C VAL J 204 -68.80 21.77 -7.74
N ARG J 205 -69.72 20.81 -7.62
CA ARG J 205 -69.67 19.84 -6.52
C ARG J 205 -69.12 18.46 -6.87
N GLU J 206 -69.22 17.99 -8.12
CA GLU J 206 -68.55 16.74 -8.46
C GLU J 206 -67.18 17.00 -9.08
N GLY J 207 -67.19 17.54 -10.29
CA GLY J 207 -66.00 17.69 -11.09
C GLY J 207 -65.82 16.45 -11.94
N ILE J 208 -66.34 16.47 -13.15
CA ILE J 208 -65.97 15.52 -14.18
C ILE J 208 -65.86 16.35 -15.45
N THR J 209 -64.69 16.90 -15.71
CA THR J 209 -64.61 18.10 -16.53
C THR J 209 -63.28 18.20 -17.24
N SER J 210 -63.22 19.14 -18.18
CA SER J 210 -61.98 19.74 -18.64
C SER J 210 -61.57 20.80 -17.62
N SER J 211 -60.64 21.67 -17.99
CA SER J 211 -60.19 22.72 -17.09
C SER J 211 -61.34 23.64 -16.68
N ASP J 212 -61.73 23.55 -15.41
CA ASP J 212 -62.72 24.44 -14.83
C ASP J 212 -62.04 25.62 -14.13
N HIS J 213 -62.85 26.60 -13.83
CA HIS J 213 -62.53 27.65 -12.88
C HIS J 213 -63.27 27.37 -11.58
N THR J 214 -63.24 28.32 -10.66
CA THR J 214 -63.95 28.22 -9.40
C THR J 214 -64.59 29.57 -9.12
N THR J 215 -65.91 29.64 -9.24
CA THR J 215 -66.60 30.90 -9.00
C THR J 215 -66.42 31.36 -7.55
N THR J 216 -66.64 30.44 -6.60
CA THR J 216 -66.83 30.85 -5.21
C THR J 216 -65.53 31.02 -4.44
N CYS J 217 -64.82 29.93 -4.17
CA CYS J 217 -63.62 30.02 -3.35
C CYS J 217 -62.48 30.62 -4.15
N THR J 218 -61.45 31.03 -3.41
CA THR J 218 -60.25 31.67 -3.96
C THR J 218 -58.98 30.95 -3.57
N ASP J 219 -58.92 30.43 -2.35
CA ASP J 219 -57.67 29.86 -1.84
C ASP J 219 -57.47 28.47 -2.42
N VAL J 220 -56.25 28.22 -2.86
CA VAL J 220 -55.86 26.89 -3.34
C VAL J 220 -56.01 25.85 -2.23
N LYS J 221 -55.88 26.27 -0.97
CA LYS J 221 -55.77 25.37 0.15
C LYS J 221 -57.12 24.91 0.70
N GLN J 222 -58.20 25.11 -0.05
CA GLN J 222 -59.52 24.72 0.41
C GLN J 222 -60.31 24.08 -0.72
N CYS J 223 -59.63 23.32 -1.58
CA CYS J 223 -60.24 22.79 -2.79
C CYS J 223 -59.77 21.37 -3.05
N ARG J 224 -60.49 20.70 -3.95
CA ARG J 224 -60.35 19.27 -4.22
C ARG J 224 -59.54 19.08 -5.51
N ALA J 225 -58.22 19.04 -5.37
CA ALA J 225 -57.34 18.73 -6.51
C ALA J 225 -57.21 17.23 -6.60
N TYR J 226 -58.01 16.61 -7.47
CA TYR J 226 -58.10 15.17 -7.57
C TYR J 226 -57.85 14.73 -9.01
N LEU J 227 -57.40 13.48 -9.15
CA LEU J 227 -57.11 12.88 -10.46
C LEU J 227 -57.68 11.47 -10.48
N ILE J 228 -58.93 11.34 -10.93
CA ILE J 228 -59.46 10.04 -11.30
C ILE J 228 -58.90 9.77 -12.69
N ASP J 229 -57.81 8.99 -12.74
CA ASP J 229 -57.05 8.74 -13.96
C ASP J 229 -56.90 7.24 -14.17
N ASN J 230 -58.03 6.54 -14.09
CA ASN J 230 -58.03 5.09 -14.07
C ASN J 230 -57.97 4.49 -15.46
N LYS J 231 -57.01 4.94 -16.27
CA LYS J 231 -56.71 4.29 -17.52
C LYS J 231 -55.72 3.16 -17.35
N LYS J 232 -55.03 3.10 -16.21
CA LYS J 232 -54.10 2.02 -15.89
C LYS J 232 -54.26 1.64 -14.43
N TRP J 233 -54.42 0.35 -14.19
CA TRP J 233 -54.62 -0.15 -12.83
C TRP J 233 -53.33 -0.04 -12.04
N VAL J 234 -53.37 -0.47 -10.78
CA VAL J 234 -52.24 -0.41 -9.87
C VAL J 234 -52.16 -1.67 -9.03
N TYR J 235 -51.07 -1.77 -8.29
CA TYR J 235 -51.01 -2.70 -7.18
C TYR J 235 -51.86 -2.17 -6.04
N ASN J 236 -52.45 -3.11 -5.30
CA ASN J 236 -53.38 -2.76 -4.23
C ASN J 236 -52.60 -2.60 -2.92
N SER J 237 -51.72 -1.61 -2.94
CA SER J 237 -50.91 -1.29 -1.78
C SER J 237 -51.81 -0.86 -0.63
N GLY J 238 -51.34 -1.15 0.59
CA GLY J 238 -51.96 -0.54 1.74
C GLY J 238 -51.81 0.97 1.73
N ARG J 239 -50.78 1.47 1.06
CA ARG J 239 -50.56 2.90 0.94
C ARG J 239 -51.22 3.49 -0.30
N LEU J 240 -52.31 2.89 -0.75
CA LEU J 240 -53.19 3.35 -1.79
C LEU J 240 -54.50 3.84 -1.20
N PRO J 241 -55.04 4.96 -1.67
CA PRO J 241 -56.45 5.25 -1.38
C PRO J 241 -57.35 4.51 -2.35
N ARG J 242 -58.42 3.93 -1.79
CA ARG J 242 -59.36 3.14 -2.57
C ARG J 242 -59.93 3.95 -3.72
N GLY J 243 -60.07 3.30 -4.86
CA GLY J 243 -60.95 3.81 -5.89
C GLY J 243 -62.37 3.45 -5.51
N GLU J 244 -63.09 4.45 -5.01
CA GLU J 244 -64.34 4.19 -4.29
C GLU J 244 -65.41 3.57 -5.17
N GLY J 245 -65.29 3.69 -6.48
CA GLY J 245 -66.39 3.32 -7.35
C GLY J 245 -66.66 1.82 -7.35
N ASP J 246 -65.61 1.02 -7.48
CA ASP J 246 -65.80 -0.37 -7.88
C ASP J 246 -64.50 -1.14 -7.68
N THR J 247 -64.65 -2.46 -7.55
CA THR J 247 -63.57 -3.41 -7.75
C THR J 247 -63.42 -3.68 -9.25
N PHE J 248 -62.71 -2.79 -9.94
CA PHE J 248 -62.41 -3.08 -11.33
C PHE J 248 -61.55 -4.34 -11.46
N LYS J 249 -61.50 -4.87 -12.68
CA LYS J 249 -60.69 -6.00 -13.06
C LYS J 249 -59.22 -5.61 -13.00
N GLY J 250 -58.35 -6.54 -13.38
CA GLY J 250 -56.91 -6.40 -13.28
C GLY J 250 -56.26 -7.43 -12.40
N LYS J 251 -56.76 -8.66 -12.41
CA LYS J 251 -56.04 -9.78 -11.82
C LYS J 251 -54.72 -9.96 -12.55
N LEU J 252 -53.62 -9.93 -11.81
CA LEU J 252 -52.29 -9.88 -12.39
C LEU J 252 -51.33 -10.76 -11.63
N HIS J 253 -50.52 -11.49 -12.38
CA HIS J 253 -49.67 -12.56 -11.85
C HIS J 253 -48.62 -12.02 -10.90
N VAL J 254 -47.87 -12.93 -10.31
CA VAL J 254 -46.60 -12.64 -9.67
C VAL J 254 -45.50 -13.35 -10.46
N PRO J 255 -44.41 -12.67 -10.82
CA PRO J 255 -43.29 -13.39 -11.43
C PRO J 255 -42.57 -14.33 -10.50
N PHE J 256 -42.11 -13.78 -9.38
CA PHE J 256 -41.11 -14.45 -8.55
C PHE J 256 -41.83 -15.36 -7.57
N VAL J 257 -42.20 -16.52 -8.08
CA VAL J 257 -42.84 -17.55 -7.29
C VAL J 257 -41.74 -18.16 -6.43
N PRO J 258 -42.02 -18.57 -5.19
CA PRO J 258 -41.05 -19.39 -4.48
C PRO J 258 -41.06 -20.81 -5.03
N VAL J 259 -39.87 -21.28 -5.42
CA VAL J 259 -39.71 -22.56 -6.09
C VAL J 259 -38.76 -23.44 -5.30
N LYS J 260 -38.78 -24.72 -5.63
CA LYS J 260 -38.00 -25.73 -4.94
C LYS J 260 -36.66 -25.91 -5.66
N ALA J 261 -35.91 -24.83 -5.67
CA ALA J 261 -34.54 -24.93 -6.13
C ALA J 261 -33.72 -25.72 -5.12
N LYS J 262 -32.72 -26.42 -5.62
CA LYS J 262 -31.69 -26.99 -4.77
C LYS J 262 -30.58 -25.97 -4.72
N CYS J 263 -30.55 -25.18 -3.65
CA CYS J 263 -29.45 -24.24 -3.49
C CYS J 263 -28.13 -24.99 -3.46
N ILE J 264 -27.15 -24.43 -4.13
CA ILE J 264 -25.78 -24.70 -3.75
C ILE J 264 -25.72 -24.39 -2.27
N ALA J 265 -25.23 -25.32 -1.46
CA ALA J 265 -25.60 -25.25 -0.05
C ALA J 265 -24.44 -25.68 0.83
N THR J 266 -24.77 -25.89 2.10
CA THR J 266 -23.80 -25.90 3.17
C THR J 266 -23.12 -27.24 3.26
N LEU J 267 -22.08 -27.27 4.08
CA LEU J 267 -21.36 -28.49 4.39
C LEU J 267 -20.40 -28.13 5.51
N ALA J 268 -20.36 -28.94 6.52
CA ALA J 268 -19.49 -28.70 7.66
C ALA J 268 -18.28 -29.62 7.60
N PRO J 269 -17.11 -29.16 8.05
CA PRO J 269 -15.90 -29.98 7.95
C PRO J 269 -16.05 -31.33 8.63
N GLU J 270 -15.37 -32.32 8.08
CA GLU J 270 -15.57 -33.67 8.53
C GLU J 270 -15.17 -33.82 9.99
N PRO J 271 -15.75 -34.78 10.71
CA PRO J 271 -15.37 -35.00 12.10
C PRO J 271 -14.08 -35.80 12.20
N LEU J 272 -13.54 -35.80 13.42
CA LEU J 272 -12.40 -36.64 13.78
C LEU J 272 -12.95 -37.77 14.62
N VAL J 273 -13.08 -38.94 14.01
CA VAL J 273 -13.60 -40.08 14.72
C VAL J 273 -12.50 -40.67 15.58
N GLU J 274 -12.84 -40.95 16.83
CA GLU J 274 -11.91 -41.52 17.78
C GLU J 274 -12.63 -42.64 18.52
N HIS J 275 -11.99 -43.79 18.60
CA HIS J 275 -12.58 -44.94 19.24
C HIS J 275 -12.37 -44.91 20.74
N LYS J 276 -13.39 -45.37 21.46
CA LYS J 276 -13.23 -45.86 22.82
C LYS J 276 -14.21 -47.01 23.01
N HIS J 277 -14.19 -47.58 24.21
CA HIS J 277 -15.02 -48.72 24.55
C HIS J 277 -16.49 -48.31 24.56
N ARG J 278 -17.21 -48.69 23.51
CA ARG J 278 -18.63 -48.37 23.37
C ARG J 278 -18.88 -46.89 23.51
N THR J 279 -17.92 -46.09 23.04
CA THR J 279 -17.97 -44.66 23.23
C THR J 279 -17.23 -43.99 22.09
N LEU J 280 -17.87 -43.01 21.47
CA LEU J 280 -17.26 -42.17 20.45
C LEU J 280 -16.80 -40.88 21.09
N ILE J 281 -15.51 -40.77 21.38
CA ILE J 281 -14.93 -39.45 21.47
C ILE J 281 -14.89 -38.87 20.08
N LEU J 282 -15.23 -37.61 19.97
CA LEU J 282 -15.22 -36.91 18.69
C LEU J 282 -14.67 -35.51 18.95
N HIS J 283 -13.38 -35.33 18.70
CA HIS J 283 -12.86 -33.98 18.58
C HIS J 283 -13.45 -33.36 17.33
N LEU J 284 -14.05 -32.18 17.48
CA LEU J 284 -14.87 -31.63 16.43
C LEU J 284 -14.62 -30.14 16.30
N HIS J 285 -14.73 -29.67 15.08
CA HIS J 285 -14.19 -28.37 14.73
C HIS J 285 -14.91 -27.84 13.50
N PRO J 286 -16.03 -27.15 13.68
CA PRO J 286 -16.81 -26.69 12.54
C PRO J 286 -16.36 -25.36 11.98
N ASP J 287 -17.01 -24.96 10.89
CA ASP J 287 -16.88 -23.64 10.30
C ASP J 287 -17.86 -22.67 10.90
N HIS J 288 -19.07 -23.14 11.14
CA HIS J 288 -20.19 -22.32 11.56
C HIS J 288 -21.02 -23.11 12.56
N PRO J 289 -22.01 -22.51 13.19
CA PRO J 289 -22.84 -23.28 14.14
C PRO J 289 -23.56 -24.41 13.42
N THR J 290 -23.26 -25.63 13.85
CA THR J 290 -23.75 -26.86 13.24
C THR J 290 -24.62 -27.59 14.24
N LEU J 291 -25.85 -27.90 13.84
CA LEU J 291 -26.72 -28.71 14.68
C LEU J 291 -26.33 -30.16 14.50
N LEU J 292 -25.67 -30.71 15.50
CA LEU J 292 -25.41 -32.13 15.55
C LEU J 292 -26.55 -32.83 16.27
N THR J 293 -26.81 -34.07 15.86
CA THR J 293 -27.78 -34.87 16.57
C THR J 293 -27.64 -36.33 16.20
N THR J 294 -28.18 -37.18 17.07
CA THR J 294 -27.99 -38.62 17.00
C THR J 294 -29.28 -39.35 17.35
N ARG J 295 -29.24 -40.67 17.23
CA ARG J 295 -30.39 -41.52 17.56
C ARG J 295 -29.87 -42.88 18.01
N SER J 296 -29.78 -43.08 19.32
CA SER J 296 -29.41 -44.41 19.79
C SER J 296 -30.53 -45.36 19.40
N LEU J 297 -30.22 -46.27 18.49
CA LEU J 297 -31.24 -47.02 17.77
C LEU J 297 -31.96 -48.04 18.61
N GLY J 298 -31.68 -48.17 19.89
CA GLY J 298 -32.56 -48.94 20.74
C GLY J 298 -33.96 -48.36 20.71
N SER J 299 -34.91 -49.17 21.15
CA SER J 299 -36.25 -48.63 21.36
C SER J 299 -36.23 -47.52 22.40
N ASP J 300 -35.22 -47.50 23.26
CA ASP J 300 -34.81 -46.28 23.93
C ASP J 300 -34.06 -45.42 22.92
N ALA J 301 -34.70 -44.35 22.47
CA ALA J 301 -34.09 -43.50 21.46
C ALA J 301 -32.86 -42.79 22.01
N ASN J 302 -33.02 -42.11 23.14
CA ASN J 302 -32.02 -41.26 23.77
C ASN J 302 -31.26 -40.38 22.75
N PRO J 303 -31.96 -39.50 22.06
CA PRO J 303 -31.29 -38.60 21.13
C PRO J 303 -30.64 -37.43 21.83
N THR J 304 -29.90 -36.66 21.05
CA THR J 304 -29.19 -35.48 21.51
C THR J 304 -29.24 -34.44 20.41
N ARG J 305 -29.28 -33.18 20.81
CA ARG J 305 -29.22 -32.05 19.89
C ARG J 305 -28.33 -31.00 20.52
N GLN J 306 -27.42 -30.44 19.73
CA GLN J 306 -26.72 -29.24 20.17
C GLN J 306 -26.10 -28.56 18.97
N TRP J 307 -26.45 -27.30 18.78
CA TRP J 307 -25.71 -26.47 17.85
C TRP J 307 -24.28 -26.34 18.32
N ILE J 308 -23.33 -26.62 17.44
CA ILE J 308 -21.92 -26.52 17.74
C ILE J 308 -21.33 -25.51 16.80
N GLU J 309 -20.86 -24.40 17.35
CA GLU J 309 -20.02 -23.45 16.65
C GLU J 309 -18.62 -23.39 17.22
N ARG J 310 -18.49 -23.57 18.51
CA ARG J 310 -17.19 -23.63 19.12
C ARG J 310 -16.65 -25.05 19.01
N PRO J 311 -15.41 -25.24 18.58
CA PRO J 311 -14.87 -26.60 18.48
C PRO J 311 -14.88 -27.29 19.83
N THR J 312 -15.31 -28.55 19.82
CA THR J 312 -15.60 -29.24 21.05
C THR J 312 -15.37 -30.72 20.88
N THR J 313 -14.62 -31.30 21.81
CA THR J 313 -14.55 -32.75 21.94
C THR J 313 -15.78 -33.21 22.71
N VAL J 314 -16.59 -34.05 22.07
CA VAL J 314 -17.85 -34.53 22.63
C VAL J 314 -17.75 -36.03 22.88
N ASN J 315 -18.83 -36.60 23.39
CA ASN J 315 -18.88 -38.01 23.70
C ASN J 315 -20.26 -38.54 23.45
N PHE J 316 -20.33 -39.83 23.15
CA PHE J 316 -21.59 -40.50 22.85
C PHE J 316 -21.49 -41.93 23.35
N THR J 317 -22.30 -42.26 24.35
CA THR J 317 -22.36 -43.63 24.83
C THR J 317 -23.08 -44.47 23.79
N VAL J 318 -22.33 -45.05 22.88
CA VAL J 318 -22.93 -45.94 21.89
C VAL J 318 -23.25 -47.25 22.58
N THR J 319 -24.34 -47.85 22.13
CA THR J 319 -24.85 -49.10 22.66
C THR J 319 -24.35 -50.25 21.82
N GLY J 320 -24.91 -51.43 22.08
CA GLY J 320 -24.49 -52.60 21.34
C GLY J 320 -24.98 -52.59 19.90
N GLU J 321 -26.23 -52.19 19.70
CA GLU J 321 -26.86 -52.38 18.39
C GLU J 321 -26.47 -51.30 17.40
N GLY J 322 -26.27 -50.07 17.85
CA GLY J 322 -25.76 -49.05 16.97
C GLY J 322 -26.20 -47.66 17.37
N LEU J 323 -25.53 -46.67 16.77
CA LEU J 323 -25.87 -45.27 16.86
C LEU J 323 -25.70 -44.66 15.49
N GLU J 324 -26.34 -43.53 15.25
CA GLU J 324 -26.11 -42.75 14.04
C GLU J 324 -25.78 -41.31 14.41
N TYR J 325 -25.18 -40.63 13.45
CA TYR J 325 -24.40 -39.43 13.69
C TYR J 325 -24.50 -38.50 12.50
N THR J 326 -24.83 -37.24 12.76
CA THR J 326 -25.28 -36.30 11.71
C THR J 326 -24.51 -34.99 11.79
N TRP J 327 -23.32 -34.98 11.18
CA TRP J 327 -22.46 -33.80 11.22
C TRP J 327 -23.01 -32.75 10.27
N GLY J 328 -24.02 -32.05 10.74
CA GLY J 328 -24.61 -31.08 9.86
C GLY J 328 -25.32 -31.79 8.72
N ASN J 329 -25.57 -31.04 7.65
CA ASN J 329 -26.20 -31.64 6.48
C ASN J 329 -25.28 -32.59 5.73
N HIS J 330 -24.04 -32.75 6.18
CA HIS J 330 -23.28 -33.92 5.80
C HIS J 330 -24.11 -35.17 6.09
N PRO J 331 -24.03 -36.22 5.29
CA PRO J 331 -24.99 -37.32 5.42
C PRO J 331 -24.87 -38.00 6.78
N PRO J 332 -25.90 -38.73 7.19
CA PRO J 332 -25.86 -39.39 8.49
C PRO J 332 -24.92 -40.59 8.46
N LYS J 333 -24.07 -40.67 9.47
CA LYS J 333 -23.21 -41.82 9.66
C LYS J 333 -23.90 -42.84 10.54
N ARG J 334 -23.25 -43.99 10.72
CA ARG J 334 -23.77 -45.07 11.52
C ARG J 334 -22.56 -45.81 12.07
N VAL J 335 -22.74 -46.51 13.19
CA VAL J 335 -21.60 -47.09 13.89
C VAL J 335 -21.98 -48.38 14.63
N TRP J 336 -21.21 -49.46 14.38
CA TRP J 336 -21.25 -50.65 15.23
C TRP J 336 -20.29 -50.39 16.37
N ALA J 337 -20.84 -50.36 17.58
CA ALA J 337 -20.06 -50.44 18.80
C ALA J 337 -20.55 -51.68 19.51
N GLN J 338 -19.95 -52.80 19.18
CA GLN J 338 -19.98 -53.93 20.07
C GLN J 338 -18.89 -53.70 21.10
N GLN K 1 -74.87 32.42 -35.78
CA GLN K 1 -74.45 31.23 -35.08
C GLN K 1 -74.81 31.45 -33.65
N ILE K 2 -73.93 31.97 -32.76
CA ILE K 2 -74.31 32.06 -31.35
C ILE K 2 -74.97 33.40 -31.12
N GLN K 3 -76.16 33.46 -30.54
CA GLN K 3 -76.83 34.71 -30.25
C GLN K 3 -77.29 34.54 -28.82
N LEU K 4 -77.02 35.47 -27.93
CA LEU K 4 -77.62 35.40 -26.63
C LEU K 4 -78.43 36.69 -26.72
N VAL K 5 -79.75 36.56 -26.63
CA VAL K 5 -80.62 37.72 -26.75
C VAL K 5 -81.25 37.86 -25.38
N GLN K 6 -81.27 39.08 -24.83
CA GLN K 6 -81.69 39.25 -23.45
C GLN K 6 -83.03 39.91 -23.38
N SER K 7 -83.71 39.89 -22.23
CA SER K 7 -84.94 40.63 -22.12
C SER K 7 -84.69 42.14 -22.23
N GLY K 8 -85.80 42.86 -22.40
CA GLY K 8 -85.75 44.30 -22.52
C GLY K 8 -85.57 44.93 -21.14
N ARG K 9 -85.36 46.23 -21.08
CA ARG K 9 -84.86 46.94 -19.90
C ARG K 9 -85.96 47.21 -18.86
N GLU K 10 -85.86 46.94 -17.57
CA GLU K 10 -86.96 47.33 -16.72
C GLU K 10 -86.74 48.44 -15.76
N VAL K 11 -87.92 48.94 -15.40
CA VAL K 11 -88.05 49.94 -14.36
C VAL K 11 -88.69 49.20 -13.20
N LYS K 12 -88.25 49.40 -11.95
CA LYS K 12 -88.82 48.75 -10.77
C LYS K 12 -88.59 49.67 -9.55
N ASN K 13 -89.56 49.89 -8.64
CA ASN K 13 -89.41 50.80 -7.49
C ASN K 13 -88.64 49.97 -6.46
N PRO K 14 -87.90 50.57 -5.52
CA PRO K 14 -87.14 49.83 -4.51
C PRO K 14 -88.00 48.80 -3.81
N GLY K 15 -87.34 47.68 -3.56
CA GLY K 15 -88.00 46.58 -2.87
C GLY K 15 -88.45 45.48 -3.79
N GLU K 16 -88.84 45.80 -5.03
CA GLU K 16 -89.26 44.78 -5.98
C GLU K 16 -88.27 43.68 -6.40
N THR K 17 -88.69 42.75 -7.25
CA THR K 17 -87.87 41.63 -7.74
C THR K 17 -87.85 41.71 -9.27
N VAL K 18 -86.80 41.24 -9.93
CA VAL K 18 -86.80 41.20 -11.37
C VAL K 18 -86.22 39.88 -11.86
N LYS K 19 -86.78 39.38 -12.96
CA LYS K 19 -86.25 38.19 -13.56
C LYS K 19 -85.87 38.61 -14.99
N ILE K 20 -84.56 38.59 -15.25
CA ILE K 20 -83.93 38.93 -16.52
C ILE K 20 -83.63 37.60 -17.23
N SER K 21 -84.15 37.38 -18.43
CA SER K 21 -83.87 36.19 -19.20
C SER K 21 -82.74 36.42 -20.19
N CYS K 22 -82.07 35.30 -20.52
CA CYS K 22 -80.99 35.18 -21.50
C CYS K 22 -81.28 33.92 -22.32
N LYS K 23 -81.73 34.06 -23.59
CA LYS K 23 -82.13 32.96 -24.46
C LYS K 23 -80.95 32.71 -25.36
N ALA K 24 -80.42 31.49 -25.36
CA ALA K 24 -79.20 31.16 -26.05
C ALA K 24 -79.44 30.54 -27.41
N SER K 25 -78.64 30.86 -28.41
CA SER K 25 -78.82 30.26 -29.71
C SER K 25 -77.46 29.90 -30.28
N GLY K 26 -77.41 28.84 -31.07
CA GLY K 26 -76.21 28.48 -31.78
C GLY K 26 -75.34 27.45 -31.11
N TYR K 27 -75.43 27.20 -29.81
CA TYR K 27 -74.57 26.19 -29.23
C TYR K 27 -75.34 25.12 -28.45
N THR K 28 -74.72 24.07 -27.93
CA THR K 28 -75.49 23.16 -27.13
C THR K 28 -75.33 23.61 -25.68
N PHE K 29 -76.41 24.25 -25.25
CA PHE K 29 -76.57 24.88 -23.94
C PHE K 29 -75.79 24.29 -22.77
N THR K 30 -75.93 22.98 -22.78
CA THR K 30 -75.39 22.02 -21.84
C THR K 30 -73.90 21.83 -21.70
N GLU K 31 -73.16 22.19 -22.73
CA GLU K 31 -71.73 22.01 -22.64
C GLU K 31 -71.05 23.34 -22.33
N TYR K 32 -71.79 24.44 -22.18
CA TYR K 32 -71.25 25.78 -21.92
C TYR K 32 -72.11 26.55 -20.91
N PRO K 33 -71.53 26.81 -19.77
CA PRO K 33 -72.26 27.46 -18.71
C PRO K 33 -72.29 28.96 -18.93
N MET K 34 -73.02 29.69 -18.06
CA MET K 34 -73.27 31.13 -18.17
C MET K 34 -72.77 32.02 -17.08
N LEU K 35 -72.10 33.06 -17.54
CA LEU K 35 -71.47 34.09 -16.75
C LEU K 35 -72.43 35.21 -16.61
N TRP K 36 -72.62 35.87 -15.48
CA TRP K 36 -73.51 37.00 -15.41
C TRP K 36 -72.66 38.14 -14.98
N VAL K 37 -72.61 39.24 -15.71
CA VAL K 37 -71.66 40.31 -15.46
C VAL K 37 -72.49 41.58 -15.22
N LYS K 38 -72.05 42.45 -14.31
CA LYS K 38 -72.77 43.70 -14.03
C LYS K 38 -71.89 44.83 -14.51
N GLN K 39 -72.32 45.73 -15.38
CA GLN K 39 -71.51 46.84 -15.78
C GLN K 39 -72.37 47.93 -15.24
N ALA K 40 -71.80 48.48 -14.20
CA ALA K 40 -72.46 49.54 -13.50
C ALA K 40 -72.13 50.83 -14.20
N PRO K 41 -73.11 51.67 -14.45
CA PRO K 41 -72.99 53.01 -15.03
C PRO K 41 -71.63 53.68 -15.07
N GLY K 42 -70.98 53.85 -13.92
CA GLY K 42 -69.66 54.41 -13.93
C GLY K 42 -68.63 53.28 -13.84
N LYS K 43 -68.69 52.63 -12.69
CA LYS K 43 -67.76 51.61 -12.27
C LYS K 43 -67.09 50.59 -13.20
N GLY K 44 -67.54 50.25 -14.42
CA GLY K 44 -66.87 49.21 -15.21
C GLY K 44 -67.47 47.79 -15.09
N PHE K 45 -66.71 46.74 -15.48
CA PHE K 45 -67.28 45.41 -15.54
C PHE K 45 -66.97 44.57 -14.29
N ARG K 46 -67.94 43.79 -13.81
CA ARG K 46 -67.78 42.93 -12.66
C ARG K 46 -68.41 41.53 -12.80
N TRP K 47 -67.69 40.42 -12.48
CA TRP K 47 -68.23 39.08 -12.59
C TRP K 47 -69.23 38.87 -11.46
N MET K 48 -70.48 38.50 -11.75
CA MET K 48 -71.46 38.21 -10.72
C MET K 48 -71.50 36.73 -10.33
N GLY K 49 -70.94 35.83 -11.15
CA GLY K 49 -70.94 34.40 -10.86
C GLY K 49 -71.05 33.60 -12.16
N LEU K 50 -71.30 32.31 -12.05
CA LEU K 50 -71.36 31.41 -13.18
C LEU K 50 -72.34 30.28 -12.80
N ILE K 51 -73.08 29.79 -13.79
CA ILE K 51 -74.00 28.69 -13.55
C ILE K 51 -73.64 27.55 -14.51
N TYR K 52 -73.52 26.39 -13.86
CA TYR K 52 -73.25 25.15 -14.54
C TYR K 52 -74.53 24.73 -15.25
N THR K 53 -74.72 25.07 -16.50
CA THR K 53 -75.92 24.70 -17.21
C THR K 53 -76.09 23.20 -17.41
N ASN K 54 -75.20 22.40 -16.85
CA ASN K 54 -75.32 20.97 -16.97
C ASN K 54 -76.00 20.44 -15.72
N THR K 55 -75.38 20.60 -14.54
CA THR K 55 -75.94 20.19 -13.23
C THR K 55 -77.06 21.13 -12.72
N GLY K 56 -76.86 22.40 -13.08
CA GLY K 56 -77.62 23.50 -12.54
C GLY K 56 -76.90 24.19 -11.35
N GLU K 57 -75.69 23.88 -10.79
CA GLU K 57 -75.16 24.64 -9.64
C GLU K 57 -74.61 26.00 -9.98
N PRO K 58 -75.06 27.05 -9.31
CA PRO K 58 -74.54 28.41 -9.37
C PRO K 58 -73.38 28.73 -8.47
N THR K 59 -72.49 29.60 -8.92
CA THR K 59 -71.44 30.14 -8.09
C THR K 59 -71.84 31.61 -8.01
N TYR K 60 -71.74 32.28 -6.88
CA TYR K 60 -72.03 33.69 -6.84
C TYR K 60 -70.74 34.37 -6.54
N ALA K 61 -70.53 35.56 -7.04
CA ALA K 61 -69.37 36.31 -6.56
C ALA K 61 -69.71 36.67 -5.11
N GLU K 62 -68.81 36.86 -4.15
CA GLU K 62 -69.22 37.20 -2.78
C GLU K 62 -70.08 38.46 -2.77
N GLU K 63 -69.76 39.46 -3.58
CA GLU K 63 -70.59 40.66 -3.69
C GLU K 63 -72.07 40.38 -4.02
N PHE K 64 -72.36 39.18 -4.55
CA PHE K 64 -73.67 38.85 -5.08
C PHE K 64 -74.40 37.68 -4.43
N LYS K 65 -73.75 37.07 -3.44
CA LYS K 65 -74.37 35.96 -2.71
C LYS K 65 -75.52 36.57 -1.89
N GLY K 66 -76.82 36.25 -2.06
CA GLY K 66 -77.83 36.82 -1.17
C GLY K 66 -79.08 37.20 -1.92
N ARG K 67 -79.14 38.43 -2.45
CA ARG K 67 -80.29 38.85 -3.23
C ARG K 67 -80.31 38.31 -4.63
N PHE K 68 -79.16 37.83 -5.10
CA PHE K 68 -79.06 37.28 -6.44
C PHE K 68 -79.17 35.76 -6.45
N VAL K 69 -79.98 35.36 -7.44
CA VAL K 69 -80.31 33.98 -7.74
C VAL K 69 -80.36 33.63 -9.23
N PHE K 70 -79.43 32.80 -9.71
CA PHE K 70 -79.34 32.30 -11.07
C PHE K 70 -80.20 31.07 -11.23
N SER K 71 -80.90 30.87 -12.33
CA SER K 71 -81.68 29.66 -12.57
C SER K 71 -81.75 29.46 -14.07
N LEU K 72 -82.33 28.38 -14.57
CA LEU K 72 -82.36 28.22 -16.01
C LEU K 72 -83.53 27.50 -16.56
N GLU K 73 -84.15 27.93 -17.64
CA GLU K 73 -85.18 27.13 -18.26
C GLU K 73 -84.37 26.36 -19.28
N ILE K 74 -83.67 25.36 -18.75
CA ILE K 74 -82.82 24.40 -19.47
C ILE K 74 -83.32 24.05 -20.86
N SER K 75 -84.61 23.73 -20.72
CA SER K 75 -85.46 23.18 -21.74
C SER K 75 -85.64 24.10 -22.95
N ALA K 76 -85.43 25.38 -22.69
CA ALA K 76 -85.65 26.41 -23.67
C ALA K 76 -84.36 27.16 -23.87
N SER K 77 -83.23 26.64 -23.35
CA SER K 77 -81.96 27.30 -23.48
C SER K 77 -82.00 28.72 -22.91
N THR K 78 -82.64 28.87 -21.76
CA THR K 78 -82.65 30.17 -21.13
C THR K 78 -81.94 30.13 -19.80
N ALA K 79 -81.17 31.15 -19.44
CA ALA K 79 -80.55 31.30 -18.12
C ALA K 79 -81.23 32.54 -17.61
N TYR K 80 -81.39 32.71 -16.29
CA TYR K 80 -82.09 33.88 -15.80
C TYR K 80 -81.43 34.45 -14.58
N LEU K 81 -81.51 35.76 -14.41
CA LEU K 81 -80.95 36.42 -13.28
C LEU K 81 -82.11 36.92 -12.50
N GLN K 82 -82.16 36.69 -11.19
CA GLN K 82 -83.21 37.26 -10.39
C GLN K 82 -82.57 37.97 -9.23
N ILE K 83 -82.98 39.22 -9.13
CA ILE K 83 -82.50 40.14 -8.12
C ILE K 83 -83.77 40.48 -7.36
N ASN K 84 -83.71 40.08 -6.11
CA ASN K 84 -84.82 40.25 -5.19
C ASN K 84 -84.51 41.41 -4.27
N ASN K 85 -85.59 42.04 -3.74
CA ASN K 85 -85.50 43.16 -2.80
C ASN K 85 -84.50 44.18 -3.33
N LEU K 86 -84.95 44.69 -4.48
CA LEU K 86 -84.13 45.56 -5.30
C LEU K 86 -83.69 46.76 -4.49
N THR K 87 -82.41 47.07 -4.60
CA THR K 87 -81.88 48.22 -3.92
C THR K 87 -81.69 49.22 -5.03
N ASN K 88 -81.81 50.46 -4.64
CA ASN K 88 -81.67 51.55 -5.60
C ASN K 88 -80.32 51.55 -6.32
N GLU K 89 -79.23 51.13 -5.66
CA GLU K 89 -77.93 51.11 -6.31
C GLU K 89 -77.65 49.90 -7.19
N ASP K 90 -78.72 49.20 -7.55
CA ASP K 90 -78.60 48.09 -8.49
C ASP K 90 -78.88 48.59 -9.89
N THR K 91 -79.04 49.91 -10.15
CA THR K 91 -79.29 50.33 -11.54
C THR K 91 -77.96 50.19 -12.24
N ALA K 92 -78.07 49.51 -13.37
CA ALA K 92 -76.90 49.11 -14.12
C ALA K 92 -77.45 48.22 -15.21
N THR K 93 -76.52 47.66 -15.99
CA THR K 93 -76.82 46.77 -17.11
C THR K 93 -76.22 45.41 -16.76
N TYR K 94 -76.91 44.33 -17.08
CA TYR K 94 -76.44 43.00 -16.73
C TYR K 94 -76.35 42.30 -18.06
N PHE K 95 -75.24 41.61 -18.24
CA PHE K 95 -74.98 40.92 -19.50
C PHE K 95 -74.98 39.44 -19.24
N CYS K 96 -75.58 38.49 -19.98
CA CYS K 96 -75.17 37.06 -19.89
C CYS K 96 -74.02 36.83 -20.90
N VAL K 97 -73.26 35.79 -20.65
CA VAL K 97 -72.01 35.57 -21.37
C VAL K 97 -71.71 34.06 -21.37
N ARG K 98 -71.06 33.59 -22.42
CA ARG K 98 -70.77 32.15 -22.53
C ARG K 98 -69.33 31.93 -22.08
N ASP K 99 -69.09 31.00 -21.16
CA ASP K 99 -67.74 30.72 -20.74
C ASP K 99 -67.19 29.61 -21.63
N TYR K 100 -66.14 29.90 -22.37
CA TYR K 100 -65.55 28.92 -23.28
C TYR K 100 -64.20 29.43 -23.72
N PHE K 101 -63.33 28.53 -24.17
CA PHE K 101 -62.00 28.98 -24.53
C PHE K 101 -61.25 29.69 -23.45
N ILE K 102 -61.27 29.14 -22.22
CA ILE K 102 -60.45 29.62 -21.09
C ILE K 102 -60.76 31.08 -20.77
N SER K 103 -61.99 31.49 -21.07
CA SER K 103 -62.44 32.87 -20.82
C SER K 103 -63.92 33.05 -21.15
N LEU K 104 -64.26 34.16 -21.80
CA LEU K 104 -65.65 34.35 -22.19
C LEU K 104 -65.53 34.66 -23.65
N ASP K 105 -66.36 34.02 -24.50
CA ASP K 105 -66.26 34.30 -25.96
C ASP K 105 -67.37 35.11 -26.54
N TYR K 106 -68.58 34.96 -26.05
CA TYR K 106 -69.70 35.75 -26.55
C TYR K 106 -70.37 36.44 -25.39
N TRP K 107 -70.76 37.69 -25.60
CA TRP K 107 -71.55 38.47 -24.63
C TRP K 107 -72.93 38.75 -25.22
N GLY K 108 -73.94 38.93 -24.36
CA GLY K 108 -75.30 39.23 -24.80
C GLY K 108 -75.44 40.72 -25.14
N GLN K 109 -76.74 41.17 -25.44
CA GLN K 109 -76.94 42.62 -25.58
C GLN K 109 -77.01 43.45 -24.30
N GLY K 110 -77.41 42.90 -23.16
CA GLY K 110 -77.52 43.67 -21.93
C GLY K 110 -78.98 43.91 -21.62
N THR K 111 -79.35 43.96 -20.35
CA THR K 111 -80.69 44.30 -19.91
C THR K 111 -80.34 45.30 -18.81
N THR K 112 -80.86 46.50 -18.97
CA THR K 112 -80.60 47.62 -18.09
C THR K 112 -81.72 47.81 -17.09
N LEU K 113 -81.45 47.94 -15.78
CA LEU K 113 -82.51 48.07 -14.83
C LEU K 113 -82.34 49.45 -14.28
N THR K 114 -83.50 50.10 -14.13
CA THR K 114 -83.53 51.38 -13.48
C THR K 114 -84.50 51.24 -12.32
N VAL K 115 -83.91 51.11 -11.14
CA VAL K 115 -84.61 51.04 -9.87
C VAL K 115 -85.06 52.44 -9.51
N SER K 116 -86.35 52.73 -9.51
CA SER K 116 -86.76 54.10 -9.26
C SER K 116 -88.24 54.20 -8.95
N SER K 117 -88.51 54.94 -7.89
CA SER K 117 -89.89 55.15 -7.44
C SER K 117 -90.64 56.09 -8.37
N ALA K 118 -91.85 55.70 -8.75
CA ALA K 118 -92.68 56.50 -9.64
C ALA K 118 -93.91 55.73 -10.11
N LYS K 119 -94.99 56.45 -10.39
CA LYS K 119 -96.23 55.83 -10.85
C LYS K 119 -96.10 55.36 -12.29
N THR K 120 -97.24 55.24 -12.97
CA THR K 120 -97.26 54.81 -14.36
C THR K 120 -97.96 55.82 -15.25
N THR K 121 -97.20 56.45 -16.14
CA THR K 121 -97.75 57.44 -17.05
C THR K 121 -97.57 56.99 -18.49
N ALA K 122 -98.67 56.93 -19.24
CA ALA K 122 -98.62 56.57 -20.64
C ALA K 122 -98.01 57.71 -21.46
N PRO K 123 -97.28 57.37 -22.54
CA PRO K 123 -96.67 58.40 -23.39
C PRO K 123 -97.66 59.05 -24.34
N SER K 124 -97.35 60.27 -24.75
CA SER K 124 -98.09 60.94 -25.81
C SER K 124 -97.21 60.89 -27.06
N VAL K 125 -97.76 60.34 -28.14
CA VAL K 125 -96.99 60.15 -29.37
C VAL K 125 -97.34 61.21 -30.41
N TYR K 126 -96.36 62.01 -30.78
CA TYR K 126 -96.57 63.14 -31.68
C TYR K 126 -95.78 62.99 -32.97
N PRO K 127 -96.46 63.20 -34.11
CA PRO K 127 -95.79 63.10 -35.41
C PRO K 127 -94.95 64.36 -35.66
N LEU K 128 -93.78 64.17 -36.26
CA LEU K 128 -92.93 65.30 -36.62
C LEU K 128 -92.76 65.35 -38.13
N ALA K 129 -93.53 66.25 -38.75
CA ALA K 129 -93.50 66.45 -40.19
C ALA K 129 -92.74 67.73 -40.49
N PRO K 130 -92.17 67.84 -41.70
CA PRO K 130 -91.35 69.00 -42.07
C PRO K 130 -92.12 70.31 -42.07
N VAL K 131 -91.38 71.41 -42.11
CA VAL K 131 -91.97 72.75 -42.10
C VAL K 131 -93.01 72.94 -43.20
N CYS K 132 -93.97 73.82 -42.93
CA CYS K 132 -95.13 74.01 -43.80
C CYS K 132 -94.78 74.36 -45.24
N GLY K 133 -93.58 74.91 -45.44
CA GLY K 133 -93.20 75.38 -46.76
C GLY K 133 -92.04 74.64 -47.39
N GLY K 134 -92.18 74.32 -48.68
CA GLY K 134 -91.10 73.76 -49.48
C GLY K 134 -90.59 72.39 -49.05
N THR K 135 -89.43 72.40 -48.39
CA THR K 135 -88.72 71.18 -48.02
C THR K 135 -88.39 70.33 -49.25
N THR K 136 -87.53 70.86 -50.13
CA THR K 136 -87.19 70.18 -51.37
C THR K 136 -85.70 69.81 -51.44
N GLY K 137 -85.40 68.54 -51.19
CA GLY K 137 -84.07 68.00 -51.36
C GLY K 137 -84.17 66.62 -52.00
N SER K 138 -83.04 65.94 -52.16
CA SER K 138 -83.04 64.59 -52.71
C SER K 138 -83.67 63.60 -51.72
N SER K 139 -83.63 63.95 -50.44
CA SER K 139 -84.26 63.12 -49.41
C SER K 139 -85.13 63.97 -48.48
N VAL K 140 -85.64 63.34 -47.42
CA VAL K 140 -86.52 63.99 -46.47
C VAL K 140 -86.47 63.27 -45.10
N THR K 141 -86.47 64.07 -44.05
CA THR K 141 -86.39 63.54 -42.69
C THR K 141 -87.69 63.77 -41.94
N LEU K 142 -88.31 62.67 -41.50
CA LEU K 142 -89.48 62.73 -40.65
C LEU K 142 -89.07 62.35 -39.23
N GLY K 143 -89.98 62.55 -38.28
CA GLY K 143 -89.69 62.23 -36.91
C GLY K 143 -90.90 61.80 -36.10
N CYS K 144 -90.65 61.35 -34.88
CA CYS K 144 -91.69 60.89 -33.97
C CYS K 144 -91.24 61.18 -32.55
N LEU K 145 -92.05 61.95 -31.83
CA LEU K 145 -91.72 62.37 -30.47
C LEU K 145 -92.61 61.66 -29.44
N VAL K 146 -91.97 60.80 -28.64
CA VAL K 146 -92.65 60.05 -27.59
C VAL K 146 -92.44 60.74 -26.24
N LYS K 147 -93.43 61.52 -25.81
CA LYS K 147 -93.23 62.45 -24.70
C LYS K 147 -93.97 62.05 -23.41
N GLY K 148 -93.29 62.20 -22.27
CA GLY K 148 -93.89 62.10 -20.96
C GLY K 148 -94.42 60.75 -20.52
N TYR K 149 -93.52 59.77 -20.40
CA TYR K 149 -93.93 58.46 -19.92
C TYR K 149 -93.10 57.95 -18.73
N PHE K 150 -93.63 56.95 -18.04
CA PHE K 150 -92.98 56.37 -16.88
C PHE K 150 -93.66 55.06 -16.51
N PRO K 151 -92.86 54.00 -16.27
CA PRO K 151 -91.40 54.03 -16.35
C PRO K 151 -90.90 53.56 -17.71
N GLU K 152 -89.60 53.31 -17.78
CA GLU K 152 -88.99 52.67 -18.94
C GLU K 152 -89.34 51.18 -18.97
N PRO K 153 -89.29 50.55 -20.15
CA PRO K 153 -88.91 51.11 -21.46
C PRO K 153 -90.08 51.36 -22.40
N VAL K 154 -89.81 52.08 -23.49
CA VAL K 154 -90.69 52.09 -24.65
C VAL K 154 -89.96 51.48 -25.83
N THR K 155 -90.69 50.82 -26.72
CA THR K 155 -90.11 50.40 -27.97
C THR K 155 -90.66 51.23 -29.13
N LEU K 156 -89.82 51.50 -30.12
CA LEU K 156 -90.23 52.28 -31.28
C LEU K 156 -89.73 51.66 -32.57
N THR K 157 -90.63 51.46 -33.53
CA THR K 157 -90.24 51.01 -34.86
C THR K 157 -90.84 51.91 -35.92
N TRP K 158 -90.39 51.75 -37.16
CA TRP K 158 -90.94 52.48 -38.28
C TRP K 158 -91.53 51.51 -39.31
N ASN K 159 -92.80 51.70 -39.64
CA ASN K 159 -93.53 50.79 -40.53
C ASN K 159 -93.44 49.33 -40.08
N SER K 160 -93.72 49.11 -38.80
CA SER K 160 -93.70 47.78 -38.20
C SER K 160 -92.32 47.12 -38.23
N GLY K 161 -91.29 47.93 -38.45
CA GLY K 161 -89.93 47.44 -38.45
C GLY K 161 -89.38 47.14 -39.84
N SER K 162 -90.21 47.26 -40.86
CA SER K 162 -89.76 47.01 -42.23
C SER K 162 -88.91 48.16 -42.75
N LEU K 163 -89.00 49.31 -42.08
CA LEU K 163 -88.17 50.47 -42.40
C LEU K 163 -87.19 50.72 -41.26
N SER K 164 -85.98 50.18 -41.39
CA SER K 164 -84.97 50.28 -40.35
C SER K 164 -83.76 51.07 -40.81
N SER K 165 -83.49 51.05 -42.11
CA SER K 165 -82.37 51.80 -42.66
C SER K 165 -82.66 53.29 -42.66
N GLY K 166 -81.70 54.08 -42.19
CA GLY K 166 -81.86 55.53 -42.16
C GLY K 166 -82.65 56.00 -40.96
N VAL K 167 -82.64 55.21 -39.90
CA VAL K 167 -83.37 55.53 -38.68
C VAL K 167 -82.40 55.89 -37.56
N HIS K 168 -82.71 56.95 -36.82
CA HIS K 168 -81.96 57.27 -35.61
C HIS K 168 -82.93 57.35 -34.44
N THR K 169 -82.87 56.38 -33.54
CA THR K 169 -83.67 56.42 -32.33
C THR K 169 -82.83 56.97 -31.20
N PHE K 170 -83.37 57.95 -30.47
CA PHE K 170 -82.61 58.67 -29.47
C PHE K 170 -82.96 58.21 -28.07
N PRO K 171 -81.94 57.83 -27.29
CA PRO K 171 -82.12 57.28 -25.94
C PRO K 171 -83.04 58.14 -25.09
N ALA K 172 -83.89 57.48 -24.31
CA ALA K 172 -84.86 58.16 -23.46
C ALA K 172 -84.15 58.96 -22.39
N LEU K 173 -84.68 60.14 -22.08
CA LEU K 173 -84.09 60.98 -21.06
C LEU K 173 -85.14 61.50 -20.10
N LEU K 174 -84.76 61.58 -18.84
CA LEU K 174 -85.67 61.95 -17.77
C LEU K 174 -85.73 63.46 -17.66
N GLN K 175 -86.94 64.00 -17.70
CA GLN K 175 -87.15 65.43 -17.62
C GLN K 175 -88.44 65.70 -16.86
N SER K 176 -88.32 66.35 -15.71
CA SER K 176 -89.47 66.65 -14.85
C SER K 176 -90.20 65.39 -14.40
N GLY K 177 -89.43 64.36 -14.06
CA GLY K 177 -89.99 63.14 -13.52
C GLY K 177 -90.55 62.18 -14.56
N LEU K 178 -90.45 62.54 -15.83
CA LEU K 178 -90.96 61.69 -16.90
C LEU K 178 -89.92 61.48 -17.99
N TYR K 179 -90.01 60.35 -18.68
CA TYR K 179 -89.10 60.06 -19.78
C TYR K 179 -89.63 60.63 -21.09
N THR K 180 -88.71 61.09 -21.92
CA THR K 180 -89.05 61.51 -23.27
C THR K 180 -88.04 60.90 -24.24
N LEU K 181 -88.56 60.42 -25.36
CA LEU K 181 -87.77 59.75 -26.38
C LEU K 181 -88.17 60.35 -27.73
N SER K 182 -87.32 60.17 -28.74
CA SER K 182 -87.67 60.62 -30.08
C SER K 182 -86.94 59.77 -31.10
N SER K 183 -87.42 59.81 -32.34
CA SER K 183 -86.75 59.10 -33.41
C SER K 183 -86.89 59.85 -34.72
N SER K 184 -85.89 59.74 -35.57
CA SER K 184 -85.98 60.30 -36.91
C SER K 184 -85.81 59.19 -37.92
N VAL K 185 -86.32 59.43 -39.12
CA VAL K 185 -86.12 58.51 -40.23
C VAL K 185 -85.94 59.33 -41.50
N THR K 186 -85.00 58.92 -42.34
CA THR K 186 -84.75 59.64 -43.58
C THR K 186 -84.97 58.76 -44.79
N VAL K 187 -85.82 59.21 -45.71
CA VAL K 187 -86.11 58.44 -46.91
C VAL K 187 -85.98 59.34 -48.14
N THR K 188 -85.95 58.75 -49.34
CA THR K 188 -85.90 59.56 -50.56
C THR K 188 -87.18 60.38 -50.68
N SER K 189 -87.08 61.53 -51.34
CA SER K 189 -88.21 62.45 -51.42
C SER K 189 -89.38 61.89 -52.22
N ASN K 190 -89.14 60.81 -52.95
CA ASN K 190 -90.18 60.16 -53.73
C ASN K 190 -91.03 59.22 -52.87
N THR K 191 -90.42 58.68 -51.83
CA THR K 191 -91.10 57.75 -50.92
C THR K 191 -92.22 58.45 -50.16
N TRP K 192 -91.90 59.59 -49.56
CA TRP K 192 -92.85 60.33 -48.74
C TRP K 192 -93.17 61.68 -49.38
N PRO K 193 -94.44 62.10 -49.33
CA PRO K 193 -95.57 61.43 -48.69
C PRO K 193 -96.33 60.48 -49.61
N SER K 194 -95.70 60.03 -50.70
CA SER K 194 -96.33 59.09 -51.62
C SER K 194 -96.72 57.82 -50.90
N GLN K 195 -95.73 57.18 -50.28
CA GLN K 195 -95.94 55.97 -49.51
C GLN K 195 -96.09 56.32 -48.03
N THR K 196 -96.94 55.56 -47.34
CA THR K 196 -97.21 55.80 -45.92
C THR K 196 -95.99 55.47 -45.06
N ILE K 197 -95.69 56.36 -44.13
CA ILE K 197 -94.66 56.12 -43.12
C ILE K 197 -95.25 56.25 -41.73
N THR K 198 -95.15 55.19 -40.94
CA THR K 198 -95.83 55.15 -39.65
C THR K 198 -94.88 54.84 -38.49
N CYS K 199 -95.01 55.63 -37.43
CA CYS K 199 -94.28 55.42 -36.18
C CYS K 199 -95.06 54.45 -35.29
N ASN K 200 -94.41 53.38 -34.84
CA ASN K 200 -95.04 52.41 -33.93
C ASN K 200 -94.41 52.44 -32.54
N VAL K 201 -95.21 52.75 -31.53
CA VAL K 201 -94.71 52.91 -30.18
C VAL K 201 -95.42 52.00 -29.18
N ALA K 202 -94.65 51.29 -28.36
CA ALA K 202 -95.25 50.50 -27.29
C ALA K 202 -94.67 50.87 -25.93
N HIS K 203 -95.55 50.99 -24.95
CA HIS K 203 -95.16 51.22 -23.56
C HIS K 203 -95.75 50.11 -22.68
N PRO K 204 -95.00 49.02 -22.49
CA PRO K 204 -95.47 47.81 -21.81
C PRO K 204 -96.06 48.07 -20.43
N ALA K 205 -95.42 48.95 -19.66
CA ALA K 205 -95.86 49.23 -18.30
C ALA K 205 -97.29 49.77 -18.21
N SER K 206 -97.76 50.42 -19.27
CA SER K 206 -99.12 50.97 -19.29
C SER K 206 -100.04 50.27 -20.28
N SER K 207 -99.51 49.24 -20.95
CA SER K 207 -100.24 48.54 -22.01
C SER K 207 -100.70 49.50 -23.11
N THR K 208 -99.84 50.46 -23.41
CA THR K 208 -100.11 51.46 -24.43
C THR K 208 -99.41 51.11 -25.74
N LYS K 209 -100.19 51.02 -26.82
CA LYS K 209 -99.64 50.90 -28.17
C LYS K 209 -100.22 51.99 -29.05
N VAL K 210 -99.34 52.77 -29.68
CA VAL K 210 -99.78 53.85 -30.56
C VAL K 210 -99.13 53.75 -31.94
N ASP K 211 -99.98 53.76 -32.97
CA ASP K 211 -99.51 53.86 -34.35
C ASP K 211 -99.83 55.24 -34.88
N LYS K 212 -98.80 56.01 -35.21
CA LYS K 212 -98.99 57.38 -35.69
C LYS K 212 -98.40 57.56 -37.08
N LYS K 213 -99.27 57.74 -38.06
CA LYS K 213 -98.84 58.00 -39.43
C LYS K 213 -98.41 59.46 -39.57
N ILE K 214 -97.25 59.67 -40.19
CA ILE K 214 -96.75 61.03 -40.39
C ILE K 214 -97.46 61.68 -41.57
N GLU K 215 -98.24 62.72 -41.28
CA GLU K 215 -99.02 63.41 -42.30
C GLU K 215 -98.40 64.76 -42.63
N SER K 216 -98.56 65.19 -43.87
CA SER K 216 -98.07 66.49 -44.31
C SER K 216 -98.85 67.60 -43.60
N ARG K 217 -98.18 68.72 -43.33
CA ARG K 217 -98.80 69.80 -42.56
C ARG K 217 -99.91 70.52 -43.33
N ARG K 218 -99.94 70.35 -44.65
CA ARG K 218 -101.01 70.90 -45.46
C ARG K 218 -101.28 70.04 -46.69
N GLN L 1 -60.75 40.07 -4.36
CA GLN L 1 -59.60 40.34 -3.45
C GLN L 1 -58.31 40.37 -4.26
N ALA L 2 -58.41 40.82 -5.49
CA ALA L 2 -57.34 41.02 -6.47
C ALA L 2 -57.79 42.20 -7.36
N VAL L 3 -56.86 43.00 -7.80
CA VAL L 3 -57.23 44.17 -8.62
C VAL L 3 -56.51 44.16 -9.94
N VAL L 4 -57.27 44.02 -11.02
CA VAL L 4 -56.71 44.03 -12.37
C VAL L 4 -56.62 45.49 -12.80
N THR L 5 -55.51 45.91 -13.32
CA THR L 5 -55.28 47.30 -13.78
C THR L 5 -54.94 47.39 -15.27
N GLN L 6 -55.56 48.35 -15.97
CA GLN L 6 -55.31 48.53 -17.40
C GLN L 6 -55.08 50.00 -17.73
N GLU L 7 -54.41 50.21 -18.85
CA GLU L 7 -54.18 51.63 -19.26
C GLU L 7 -55.56 52.22 -19.40
N SER L 8 -55.70 53.47 -19.14
CA SER L 8 -56.90 54.25 -19.15
C SER L 8 -57.38 54.59 -20.52
N ALA L 9 -56.48 55.08 -21.32
CA ALA L 9 -56.83 55.43 -22.71
C ALA L 9 -55.53 55.35 -23.49
N LEU L 10 -55.60 54.99 -24.74
CA LEU L 10 -54.51 54.89 -25.69
C LEU L 10 -55.08 55.39 -27.04
N THR L 11 -54.25 56.16 -27.71
CA THR L 11 -54.56 56.76 -28.98
C THR L 11 -53.55 56.24 -30.01
N THR L 12 -53.94 55.80 -31.16
CA THR L 12 -53.05 55.32 -32.21
C THR L 12 -53.64 55.79 -33.53
N SER L 13 -52.98 55.49 -34.60
CA SER L 13 -53.36 55.87 -35.96
C SER L 13 -53.57 54.58 -36.75
N PRO L 14 -54.40 54.64 -37.76
CA PRO L 14 -54.64 53.45 -38.59
C PRO L 14 -53.29 52.94 -39.04
N GLY L 15 -53.05 51.66 -39.13
CA GLY L 15 -51.79 51.09 -39.59
C GLY L 15 -50.77 50.86 -38.52
N GLU L 16 -50.92 51.44 -37.33
CA GLU L 16 -49.91 51.21 -36.28
C GLU L 16 -50.14 49.94 -35.49
N THR L 17 -49.12 49.58 -34.73
CA THR L 17 -49.13 48.45 -33.80
C THR L 17 -49.24 49.02 -32.39
N VAL L 18 -50.24 48.60 -31.65
CA VAL L 18 -50.45 49.13 -30.29
C VAL L 18 -50.62 47.98 -29.31
N THR L 19 -50.10 48.09 -28.08
CA THR L 19 -50.18 47.06 -27.08
C THR L 19 -50.94 47.50 -25.86
N LEU L 20 -51.91 46.72 -25.43
CA LEU L 20 -52.63 47.07 -24.22
C LEU L 20 -52.16 46.01 -23.21
N THR L 21 -52.11 46.46 -21.98
CA THR L 21 -51.66 45.51 -20.93
C THR L 21 -52.72 45.43 -19.84
N CYS L 22 -52.56 44.36 -19.11
CA CYS L 22 -53.40 43.91 -17.99
C CYS L 22 -52.54 43.44 -16.82
N ARG L 23 -52.49 44.22 -15.76
CA ARG L 23 -51.70 43.93 -14.57
C ARG L 23 -52.51 43.46 -13.38
N SER L 24 -51.97 42.46 -12.71
CA SER L 24 -52.64 41.93 -11.50
C SER L 24 -51.97 42.48 -10.26
N ASN L 25 -52.70 42.91 -9.27
CA ASN L 25 -52.18 43.45 -8.04
C ASN L 25 -51.53 42.39 -7.16
N ILE L 26 -51.82 41.13 -7.32
CA ILE L 26 -51.26 40.08 -6.49
C ILE L 26 -49.93 39.55 -6.95
N GLY L 27 -49.63 39.61 -8.21
CA GLY L 27 -48.33 39.09 -8.70
C GLY L 27 -48.30 39.08 -10.20
N ALA L 28 -47.33 38.42 -10.78
CA ALA L 28 -47.23 38.35 -12.24
C ALA L 28 -48.49 37.61 -12.72
N VAL L 29 -48.85 37.95 -13.96
CA VAL L 29 -50.01 37.25 -14.53
C VAL L 29 -49.42 35.97 -15.10
N THR L 30 -50.06 34.82 -14.97
CA THR L 30 -49.49 33.58 -15.57
C THR L 30 -50.56 32.86 -16.38
N SER L 31 -50.22 31.79 -17.04
CA SER L 31 -51.18 31.10 -17.89
C SER L 31 -52.33 30.52 -17.11
N SER L 32 -52.24 30.49 -15.80
CA SER L 32 -53.32 29.91 -14.99
C SER L 32 -54.35 30.93 -14.59
N ASN L 33 -54.17 32.13 -15.11
CA ASN L 33 -55.06 33.28 -14.93
C ASN L 33 -55.96 33.41 -16.17
N CYS L 34 -55.63 32.63 -17.18
CA CYS L 34 -56.41 32.53 -18.42
C CYS L 34 -56.89 33.87 -18.91
N ALA L 35 -56.00 34.80 -19.07
CA ALA L 35 -56.34 36.17 -19.50
C ALA L 35 -57.31 36.09 -20.68
N ASN L 36 -58.35 36.89 -20.57
CA ASN L 36 -59.44 37.05 -21.56
C ASN L 36 -59.38 38.55 -21.93
N TRP L 37 -59.73 38.89 -23.11
CA TRP L 37 -59.79 40.27 -23.61
C TRP L 37 -61.18 40.40 -24.23
N VAL L 38 -61.90 41.42 -23.89
CA VAL L 38 -63.27 41.62 -24.38
C VAL L 38 -63.37 43.01 -24.94
N GLN L 39 -64.14 43.22 -25.98
CA GLN L 39 -64.21 44.56 -26.58
C GLN L 39 -65.60 45.08 -26.44
N GLU L 40 -65.80 46.33 -26.12
CA GLU L 40 -67.09 46.93 -26.01
C GLU L 40 -67.20 48.04 -27.04
N LYS L 41 -68.05 47.90 -28.02
CA LYS L 41 -68.27 48.91 -29.08
C LYS L 41 -69.50 49.65 -28.57
N PRO L 42 -69.82 50.81 -29.08
CA PRO L 42 -71.00 51.57 -28.61
C PRO L 42 -72.27 50.80 -28.97
N ASP L 43 -73.13 50.92 -27.98
CA ASP L 43 -74.44 50.34 -27.87
C ASP L 43 -74.39 49.13 -26.92
N HIS L 44 -73.52 49.13 -25.94
CA HIS L 44 -73.48 47.94 -25.05
C HIS L 44 -73.30 46.67 -25.86
N PHE L 45 -72.40 46.70 -26.84
CA PHE L 45 -72.05 45.64 -27.77
C PHE L 45 -70.79 44.88 -27.36
N PHE L 46 -70.89 43.69 -26.80
CA PHE L 46 -69.72 42.95 -26.35
C PHE L 46 -69.46 41.75 -27.22
N THR L 47 -68.20 41.49 -27.47
CA THR L 47 -67.62 40.41 -28.20
C THR L 47 -66.35 39.93 -27.48
N GLY L 48 -66.05 38.68 -27.52
CA GLY L 48 -64.78 38.18 -26.90
C GLY L 48 -63.79 38.04 -28.07
N LEU L 49 -62.59 38.46 -27.81
CA LEU L 49 -61.44 38.51 -28.67
C LEU L 49 -60.49 37.34 -28.45
N ILE L 50 -59.87 37.25 -27.31
CA ILE L 50 -58.91 36.25 -26.83
C ILE L 50 -59.30 35.62 -25.51
N GLY L 51 -58.96 34.37 -25.32
CA GLY L 51 -59.27 33.64 -24.08
C GLY L 51 -58.12 32.72 -23.77
N ASP L 52 -57.96 32.41 -22.51
CA ASP L 52 -56.86 31.48 -22.14
C ASP L 52 -55.54 32.04 -22.68
N THR L 53 -55.34 33.30 -22.47
CA THR L 53 -54.19 34.09 -22.80
C THR L 53 -53.97 34.43 -24.26
N ASN L 54 -54.01 33.39 -25.09
CA ASN L 54 -53.76 33.55 -26.49
C ASN L 54 -54.67 32.82 -27.45
N ASN L 55 -55.86 32.48 -27.10
CA ASN L 55 -56.75 31.78 -28.03
C ASN L 55 -57.66 32.85 -28.61
N ARG L 56 -57.62 33.09 -29.88
CA ARG L 56 -58.48 34.10 -30.52
C ARG L 56 -59.87 33.55 -30.79
N ARG L 57 -60.90 34.19 -30.32
CA ARG L 57 -62.31 33.75 -30.51
C ARG L 57 -62.44 33.58 -31.99
N SER L 58 -63.40 32.86 -32.48
CA SER L 58 -63.53 32.62 -33.94
C SER L 58 -64.25 33.81 -34.53
N GLY L 59 -63.73 34.26 -35.63
CA GLY L 59 -64.22 35.41 -36.40
C GLY L 59 -63.71 36.77 -35.93
N VAL L 60 -62.62 36.81 -35.19
CA VAL L 60 -61.93 37.98 -34.67
C VAL L 60 -60.72 38.06 -35.60
N PRO L 61 -60.54 39.21 -36.19
CA PRO L 61 -59.44 39.40 -37.16
C PRO L 61 -58.13 39.00 -36.54
N ALA L 62 -57.17 38.55 -37.31
CA ALA L 62 -55.84 38.15 -36.91
C ALA L 62 -54.94 39.27 -36.45
N ARG L 63 -55.30 40.49 -36.66
CA ARG L 63 -54.50 41.66 -36.25
C ARG L 63 -54.47 41.64 -34.73
N PHE L 64 -55.34 40.85 -34.12
CA PHE L 64 -55.44 40.71 -32.67
C PHE L 64 -54.77 39.42 -32.17
N SER L 65 -53.86 39.65 -31.23
CA SER L 65 -53.15 38.48 -30.62
C SER L 65 -52.92 38.80 -29.15
N GLY L 66 -52.88 37.78 -28.31
CA GLY L 66 -52.70 38.00 -26.87
C GLY L 66 -51.41 37.29 -26.49
N SER L 67 -50.88 37.65 -25.33
CA SER L 67 -49.63 37.02 -24.88
C SER L 67 -49.34 37.51 -23.47
N LEU L 68 -48.25 37.02 -22.94
CA LEU L 68 -47.85 37.48 -21.59
C LEU L 68 -46.54 38.19 -21.91
N ILE L 69 -46.42 39.38 -21.46
CA ILE L 69 -45.19 40.16 -21.69
C ILE L 69 -44.71 40.57 -20.29
N GLY L 70 -43.57 40.05 -19.88
CA GLY L 70 -43.13 40.42 -18.51
C GLY L 70 -44.09 39.67 -17.57
N ASP L 71 -44.61 40.41 -16.61
CA ASP L 71 -45.52 39.81 -15.64
C ASP L 71 -46.96 40.23 -15.90
N LYS L 72 -47.24 40.53 -17.18
CA LYS L 72 -48.67 40.94 -17.41
C LYS L 72 -49.23 40.36 -18.66
N ALA L 73 -50.55 40.36 -18.81
CA ALA L 73 -51.17 39.80 -20.05
C ALA L 73 -51.19 40.95 -21.03
N ALA L 74 -50.97 40.76 -22.31
CA ALA L 74 -50.99 41.89 -23.28
C ALA L 74 -51.84 41.53 -24.50
N LEU L 75 -52.42 42.52 -25.13
CA LEU L 75 -53.26 42.34 -26.34
C LEU L 75 -52.53 43.16 -27.42
N THR L 76 -52.12 42.64 -28.54
CA THR L 76 -51.46 43.52 -29.52
C THR L 76 -52.38 43.61 -30.74
N ILE L 77 -52.59 44.79 -31.24
CA ILE L 77 -53.36 45.03 -32.44
C ILE L 77 -52.30 45.35 -33.49
N THR L 78 -52.09 44.47 -34.42
CA THR L 78 -51.07 44.70 -35.45
C THR L 78 -51.68 45.20 -36.75
N GLY L 79 -51.65 46.51 -36.90
CA GLY L 79 -52.21 47.16 -38.10
C GLY L 79 -53.54 47.71 -37.55
N ALA L 80 -53.49 48.46 -36.46
CA ALA L 80 -54.79 48.89 -35.91
C ALA L 80 -55.60 49.52 -37.02
N GLN L 81 -56.88 49.39 -36.97
CA GLN L 81 -57.87 49.93 -37.89
C GLN L 81 -58.84 50.86 -37.13
N THR L 82 -59.46 51.69 -37.90
CA THR L 82 -60.43 52.70 -37.44
C THR L 82 -61.55 52.04 -36.70
N GLU L 83 -61.85 50.84 -37.11
CA GLU L 83 -62.93 49.99 -36.57
C GLU L 83 -62.56 49.51 -35.20
N ASP L 84 -61.31 49.51 -34.82
CA ASP L 84 -60.85 49.01 -33.55
C ASP L 84 -61.04 50.06 -32.45
N GLU L 85 -61.63 51.17 -32.74
CA GLU L 85 -61.75 52.23 -31.70
C GLU L 85 -62.85 51.77 -30.77
N ALA L 86 -62.53 51.41 -29.54
CA ALA L 86 -63.51 50.92 -28.59
C ALA L 86 -62.89 50.78 -27.22
N ILE L 87 -63.64 50.16 -26.31
CA ILE L 87 -63.12 49.92 -24.95
C ILE L 87 -62.75 48.45 -24.85
N TYR L 88 -61.55 48.12 -24.44
CA TYR L 88 -61.03 46.77 -24.31
C TYR L 88 -60.89 46.46 -22.83
N PHE L 89 -61.47 45.39 -22.37
CA PHE L 89 -61.42 45.01 -20.96
C PHE L 89 -60.64 43.70 -20.84
N CYS L 90 -59.85 43.55 -19.79
CA CYS L 90 -59.15 42.25 -19.64
C CYS L 90 -59.84 41.63 -18.38
N ALA L 91 -59.77 40.33 -18.38
CA ALA L 91 -60.33 39.57 -17.25
C ALA L 91 -59.26 38.53 -16.91
N LEU L 92 -59.10 38.28 -15.65
CA LEU L 92 -58.15 37.35 -15.09
C LEU L 92 -58.86 36.37 -14.16
N TRP L 93 -58.47 35.11 -14.22
CA TRP L 93 -59.09 34.10 -13.34
C TRP L 93 -58.24 33.91 -12.09
N TYR L 94 -58.91 33.79 -10.96
CA TYR L 94 -58.20 33.60 -9.68
C TYR L 94 -58.70 32.43 -8.87
N ASN L 95 -58.51 31.26 -9.40
CA ASN L 95 -58.88 30.00 -8.76
C ASN L 95 -60.35 29.75 -8.49
N ASN L 96 -61.16 30.79 -8.30
CA ASN L 96 -62.60 30.61 -8.02
C ASN L 96 -63.52 31.69 -8.59
N LEU L 97 -62.95 32.82 -9.00
CA LEU L 97 -63.78 33.92 -9.55
C LEU L 97 -62.98 34.70 -10.58
N TRP L 98 -63.67 35.57 -11.31
CA TRP L 98 -63.12 36.42 -12.33
C TRP L 98 -63.08 37.86 -11.84
N VAL L 99 -62.02 38.53 -12.23
CA VAL L 99 -61.86 39.95 -11.91
C VAL L 99 -61.60 40.62 -13.26
N PHE L 100 -62.34 41.65 -13.52
CA PHE L 100 -62.29 42.41 -14.75
C PHE L 100 -61.45 43.64 -14.51
N GLY L 101 -60.76 44.11 -15.48
CA GLY L 101 -59.95 45.34 -15.41
C GLY L 101 -60.88 46.51 -15.67
N GLY L 102 -60.39 47.71 -15.52
CA GLY L 102 -61.20 48.93 -15.67
C GLY L 102 -61.52 49.28 -17.12
N GLY L 103 -60.82 48.65 -18.04
CA GLY L 103 -60.93 48.81 -19.47
C GLY L 103 -60.04 49.92 -19.97
N THR L 104 -59.57 49.82 -21.19
CA THR L 104 -58.73 50.82 -21.86
C THR L 104 -59.50 51.45 -23.03
N LYS L 105 -59.74 52.74 -23.04
CA LYS L 105 -60.44 53.35 -24.18
C LYS L 105 -59.40 53.51 -25.30
N LEU L 106 -59.49 52.87 -26.41
CA LEU L 106 -58.58 53.00 -27.52
C LEU L 106 -59.21 53.83 -28.63
N THR L 107 -58.44 54.81 -29.09
CA THR L 107 -58.85 55.71 -30.18
C THR L 107 -57.98 55.46 -31.40
N VAL L 108 -58.54 55.19 -32.57
CA VAL L 108 -57.74 54.95 -33.77
C VAL L 108 -58.06 55.96 -34.86
N LEU L 109 -57.01 56.58 -35.40
CA LEU L 109 -57.18 57.57 -36.45
C LEU L 109 -57.96 56.99 -37.63
N GLY L 110 -58.89 57.77 -38.16
CA GLY L 110 -59.71 57.34 -39.28
C GLY L 110 -61.03 58.06 -39.35
N GLN L 111 -61.98 57.47 -40.08
CA GLN L 111 -63.31 58.05 -40.22
C GLN L 111 -63.24 59.55 -40.49
N PRO L 112 -63.11 59.93 -41.82
CA PRO L 112 -63.03 61.38 -42.04
C PRO L 112 -64.21 62.12 -41.40
N LYS L 113 -63.97 63.31 -40.89
CA LYS L 113 -65.01 64.11 -40.25
C LYS L 113 -66.30 64.09 -41.08
N SER L 114 -67.42 64.33 -40.41
CA SER L 114 -68.74 64.34 -41.09
C SER L 114 -69.60 65.39 -40.44
N SER L 115 -70.22 66.28 -41.14
CA SER L 115 -71.03 67.37 -40.59
C SER L 115 -72.35 66.78 -40.12
N PRO L 116 -72.96 67.47 -39.19
CA PRO L 116 -74.26 67.01 -38.71
C PRO L 116 -75.35 67.31 -39.74
N SER L 117 -76.38 66.52 -39.60
CA SER L 117 -77.62 66.60 -40.35
C SER L 117 -78.63 67.01 -39.25
N VAL L 118 -79.02 68.24 -39.34
CA VAL L 118 -79.96 68.94 -38.47
C VAL L 118 -81.32 69.15 -39.14
N THR L 119 -82.36 68.93 -38.37
CA THR L 119 -83.75 69.08 -38.66
C THR L 119 -84.48 69.61 -37.42
N LEU L 120 -85.29 70.63 -37.67
CA LEU L 120 -86.10 71.24 -36.59
C LEU L 120 -87.56 71.00 -36.97
N PHE L 121 -88.32 70.48 -36.06
CA PHE L 121 -89.73 70.23 -36.30
C PHE L 121 -90.53 71.18 -35.40
N PRO L 122 -91.69 71.56 -35.87
CA PRO L 122 -92.62 72.44 -35.16
C PRO L 122 -93.44 71.55 -34.23
N PRO L 123 -94.07 72.20 -33.25
CA PRO L 123 -94.93 71.44 -32.32
C PRO L 123 -96.03 70.87 -33.22
N SER L 124 -96.38 69.63 -33.03
CA SER L 124 -97.48 69.13 -33.89
C SER L 124 -98.76 69.79 -33.34
N SER L 125 -99.84 69.67 -34.11
CA SER L 125 -101.10 70.31 -33.72
C SER L 125 -101.86 69.55 -32.66
N GLU L 126 -101.75 68.24 -32.60
CA GLU L 126 -102.42 67.40 -31.59
C GLU L 126 -101.88 67.74 -30.21
N GLU L 127 -100.65 68.21 -30.21
CA GLU L 127 -99.89 68.63 -29.05
C GLU L 127 -100.24 70.08 -28.71
N LEU L 128 -100.67 70.85 -29.70
CA LEU L 128 -101.04 72.26 -29.41
C LEU L 128 -102.46 72.30 -28.83
N GLU L 129 -103.03 71.11 -28.85
CA GLU L 129 -104.38 70.80 -28.36
C GLU L 129 -104.29 70.40 -26.90
N THR L 130 -103.08 70.36 -26.39
CA THR L 130 -102.76 70.00 -24.99
C THR L 130 -102.33 71.26 -24.24
N ASN L 131 -102.24 72.34 -25.01
CA ASN L 131 -101.81 73.64 -24.43
C ASN L 131 -100.29 73.60 -24.22
N LYS L 132 -99.64 72.79 -25.08
CA LYS L 132 -98.20 72.60 -25.10
C LYS L 132 -97.64 72.59 -26.52
N ALA L 133 -96.39 72.99 -26.61
CA ALA L 133 -95.61 73.08 -27.86
C ALA L 133 -94.14 72.74 -27.58
N THR L 134 -93.65 71.75 -28.32
CA THR L 134 -92.24 71.31 -28.18
C THR L 134 -91.62 71.24 -29.57
N LEU L 135 -90.59 72.04 -29.74
CA LEU L 135 -89.78 72.13 -30.95
C LEU L 135 -88.66 71.06 -30.74
N VAL L 136 -88.56 70.14 -31.65
CA VAL L 136 -87.53 69.08 -31.59
C VAL L 136 -86.45 69.37 -32.61
N CYS L 137 -85.23 69.41 -32.15
CA CYS L 137 -84.09 69.61 -33.07
C CYS L 137 -83.29 68.31 -33.04
N THR L 138 -83.25 67.64 -34.18
CA THR L 138 -82.52 66.37 -34.27
C THR L 138 -81.22 66.62 -35.02
N ILE L 139 -80.14 66.04 -34.55
CA ILE L 139 -78.80 66.18 -35.14
C ILE L 139 -78.19 64.79 -35.23
N THR L 140 -77.95 64.33 -36.42
CA THR L 140 -77.40 62.97 -36.63
C THR L 140 -76.21 62.96 -37.55
N ASP L 141 -75.51 61.86 -37.61
CA ASP L 141 -74.35 61.61 -38.43
C ASP L 141 -73.22 62.60 -38.29
N PHE L 142 -72.93 63.04 -37.08
CA PHE L 142 -71.79 63.99 -36.97
C PHE L 142 -70.63 63.27 -36.33
N TYR L 143 -69.44 63.66 -36.68
CA TYR L 143 -68.18 63.15 -36.20
C TYR L 143 -67.14 64.26 -36.46
N PRO L 144 -66.32 64.60 -35.53
CA PRO L 144 -66.18 64.10 -34.17
C PRO L 144 -67.49 64.19 -33.43
N GLY L 145 -67.66 63.39 -32.41
CA GLY L 145 -68.91 63.44 -31.66
C GLY L 145 -69.07 64.48 -30.62
N VAL L 146 -68.92 65.75 -30.93
CA VAL L 146 -69.07 66.84 -29.95
C VAL L 146 -69.80 67.99 -30.65
N VAL L 147 -70.87 68.52 -30.13
CA VAL L 147 -71.59 69.64 -30.68
C VAL L 147 -72.10 70.58 -29.53
N THR L 148 -72.45 71.72 -30.07
CA THR L 148 -73.02 72.83 -29.28
C THR L 148 -74.34 73.16 -29.94
N VAL L 149 -75.41 73.11 -29.15
CA VAL L 149 -76.74 73.41 -29.68
C VAL L 149 -77.25 74.66 -28.95
N ASP L 150 -77.63 75.65 -29.72
CA ASP L 150 -78.16 76.91 -29.16
C ASP L 150 -79.45 77.26 -29.92
N TRP L 151 -80.42 77.54 -29.10
CA TRP L 151 -81.77 77.91 -29.50
C TRP L 151 -81.94 79.42 -29.46
N LYS L 152 -82.70 79.94 -30.40
CA LYS L 152 -83.00 81.37 -30.47
C LYS L 152 -84.42 81.68 -30.95
N VAL L 153 -85.20 82.03 -29.93
CA VAL L 153 -86.59 82.41 -30.09
C VAL L 153 -86.54 83.93 -30.41
N ASP L 154 -87.19 84.22 -31.48
CA ASP L 154 -87.37 85.56 -32.01
C ASP L 154 -86.13 86.41 -32.07
N GLY L 155 -84.97 85.81 -32.22
CA GLY L 155 -83.72 86.60 -32.30
C GLY L 155 -82.95 86.54 -30.98
N THR L 156 -83.68 86.13 -29.95
CA THR L 156 -83.15 86.01 -28.61
C THR L 156 -82.90 84.60 -28.10
N PRO L 157 -81.62 84.44 -27.78
CA PRO L 157 -81.09 83.21 -27.23
C PRO L 157 -81.99 82.74 -26.09
N VAL L 158 -82.62 81.61 -26.37
CA VAL L 158 -83.48 81.07 -25.27
C VAL L 158 -82.39 80.58 -24.30
N THR L 159 -82.73 80.37 -23.05
CA THR L 159 -81.66 79.94 -22.10
C THR L 159 -82.24 79.02 -21.04
N GLN L 160 -83.56 78.98 -21.05
CA GLN L 160 -84.36 78.12 -20.14
C GLN L 160 -85.43 77.48 -21.04
N GLY L 161 -85.72 76.21 -20.82
CA GLY L 161 -86.71 75.50 -21.63
C GLY L 161 -86.13 74.39 -22.47
N MET L 162 -84.87 74.51 -22.80
CA MET L 162 -84.13 73.56 -23.60
C MET L 162 -83.46 72.49 -22.76
N GLU L 163 -83.32 71.34 -23.40
CA GLU L 163 -82.68 70.13 -22.96
C GLU L 163 -82.03 69.46 -24.18
N THR L 164 -80.77 69.18 -24.05
CA THR L 164 -80.00 68.54 -25.12
C THR L 164 -79.42 67.22 -24.61
N THR L 165 -79.68 66.13 -25.29
CA THR L 165 -79.18 64.83 -24.87
C THR L 165 -77.67 64.84 -25.07
N GLN L 166 -77.09 63.77 -24.64
CA GLN L 166 -75.63 63.58 -24.78
C GLN L 166 -75.42 62.82 -26.10
N PRO L 167 -74.37 63.17 -26.81
CA PRO L 167 -74.08 62.48 -28.07
C PRO L 167 -74.08 60.98 -27.78
N SER L 168 -74.78 60.23 -28.59
CA SER L 168 -74.90 58.76 -28.53
C SER L 168 -74.27 58.25 -29.83
N LYS L 169 -73.51 57.20 -29.79
CA LYS L 169 -72.85 56.59 -30.93
C LYS L 169 -73.78 55.79 -31.82
N GLN L 170 -73.83 56.14 -33.09
CA GLN L 170 -74.68 55.32 -33.98
C GLN L 170 -73.78 54.14 -34.41
N SER L 171 -74.40 53.26 -35.17
CA SER L 171 -73.79 52.01 -35.70
C SER L 171 -72.60 52.30 -36.59
N ASN L 172 -72.76 53.25 -37.51
CA ASN L 172 -71.65 53.61 -38.42
C ASN L 172 -70.53 54.25 -37.64
N ASN L 173 -70.69 54.50 -36.38
CA ASN L 173 -69.64 55.11 -35.52
C ASN L 173 -69.53 56.62 -35.54
N LYS L 174 -70.56 57.25 -35.99
CA LYS L 174 -70.81 58.69 -36.06
C LYS L 174 -71.69 58.99 -34.85
N TYR L 175 -72.14 60.17 -34.55
CA TYR L 175 -72.98 60.32 -33.34
C TYR L 175 -74.28 61.01 -33.74
N MET L 176 -75.15 61.08 -32.76
CA MET L 176 -76.43 61.72 -32.83
C MET L 176 -76.79 62.33 -31.47
N ALA L 177 -77.76 63.23 -31.53
CA ALA L 177 -78.24 63.93 -30.33
C ALA L 177 -79.44 64.74 -30.79
N SER L 178 -80.30 65.05 -29.90
CA SER L 178 -81.50 65.85 -30.15
C SER L 178 -81.60 66.82 -28.95
N SER L 179 -82.20 67.94 -29.20
CA SER L 179 -82.44 69.02 -28.25
C SER L 179 -83.93 69.37 -28.35
N TYR L 180 -84.50 69.63 -27.20
CA TYR L 180 -85.91 69.95 -27.06
C TYR L 180 -86.05 71.34 -26.44
N LEU L 181 -86.97 72.13 -26.92
CA LEU L 181 -87.33 73.46 -26.43
C LEU L 181 -88.86 73.34 -26.23
N THR L 182 -89.27 73.30 -25.00
CA THR L 182 -90.65 73.22 -24.62
C THR L 182 -91.18 74.61 -24.19
N LEU L 183 -92.21 75.00 -24.87
CA LEU L 183 -92.93 76.25 -24.66
C LEU L 183 -94.33 75.76 -24.20
N THR L 184 -95.21 76.72 -24.12
CA THR L 184 -96.61 76.46 -23.74
C THR L 184 -97.39 76.71 -25.04
N ALA L 185 -98.60 76.16 -25.06
CA ALA L 185 -99.39 76.36 -26.29
C ALA L 185 -99.18 77.84 -26.64
N ARG L 186 -99.33 78.65 -25.60
CA ARG L 186 -99.27 80.10 -25.56
C ARG L 186 -97.94 80.76 -25.84
N ALA L 187 -96.90 80.28 -25.18
CA ALA L 187 -95.57 80.89 -25.46
C ALA L 187 -95.40 80.73 -26.98
N TRP L 188 -95.85 79.57 -27.45
CA TRP L 188 -95.76 79.18 -28.86
C TRP L 188 -96.31 80.28 -29.78
N GLU L 189 -97.58 80.54 -29.58
CA GLU L 189 -98.34 81.51 -30.38
C GLU L 189 -97.85 82.94 -30.26
N ARG L 190 -97.11 83.21 -29.22
CA ARG L 190 -96.57 84.56 -28.95
C ARG L 190 -95.44 84.88 -29.91
N HIS L 191 -94.27 84.35 -29.61
CA HIS L 191 -93.06 84.59 -30.41
C HIS L 191 -93.32 84.07 -31.82
N SER L 192 -92.48 84.46 -32.75
CA SER L 192 -92.63 84.09 -34.16
C SER L 192 -91.49 83.41 -34.88
N SER L 193 -90.24 83.51 -34.47
CA SER L 193 -89.12 82.87 -35.15
C SER L 193 -88.32 81.98 -34.20
N TYR L 194 -88.30 80.70 -34.56
CA TYR L 194 -87.56 79.73 -33.74
C TYR L 194 -86.37 79.27 -34.55
N SER L 195 -85.28 78.96 -33.86
CA SER L 195 -84.10 78.54 -34.64
C SER L 195 -83.22 77.67 -33.77
N CYS L 196 -82.75 76.57 -34.34
CA CYS L 196 -81.85 75.63 -33.61
C CYS L 196 -80.50 75.72 -34.29
N GLN L 197 -79.50 76.17 -33.56
CA GLN L 197 -78.17 76.38 -34.12
C GLN L 197 -77.26 75.33 -33.56
N VAL L 198 -76.61 74.63 -34.47
CA VAL L 198 -75.70 73.57 -34.12
C VAL L 198 -74.29 73.89 -34.59
N THR L 199 -73.38 73.89 -33.66
CA THR L 199 -71.98 74.19 -33.98
C THR L 199 -71.15 72.91 -34.01
N HIS L 200 -70.54 72.59 -35.13
CA HIS L 200 -69.74 71.33 -35.16
C HIS L 200 -68.46 71.58 -35.91
N GLU L 201 -67.37 71.02 -35.42
CA GLU L 201 -66.03 71.19 -35.95
C GLU L 201 -65.97 72.43 -36.84
N GLY L 202 -66.16 73.55 -36.15
CA GLY L 202 -66.15 74.90 -36.52
C GLY L 202 -67.19 75.55 -37.38
N HIS L 203 -67.93 74.74 -38.11
CA HIS L 203 -68.99 75.31 -38.99
C HIS L 203 -70.25 75.34 -38.16
N THR L 204 -71.14 76.23 -38.54
CA THR L 204 -72.42 76.35 -37.86
C THR L 204 -73.51 76.05 -38.89
N VAL L 205 -74.56 75.48 -38.34
CA VAL L 205 -75.77 75.09 -39.05
C VAL L 205 -76.94 75.55 -38.18
N GLU L 206 -77.73 76.38 -38.81
CA GLU L 206 -78.92 77.01 -38.24
C GLU L 206 -80.12 76.54 -39.06
N LYS L 207 -81.08 75.99 -38.36
CA LYS L 207 -82.33 75.49 -38.95
C LYS L 207 -83.45 76.25 -38.23
N SER L 208 -84.12 77.09 -39.01
CA SER L 208 -85.21 77.92 -38.52
C SER L 208 -86.56 77.60 -39.16
N LEU L 209 -87.51 77.76 -38.25
CA LEU L 209 -88.92 77.51 -38.56
C LEU L 209 -89.58 78.89 -38.50
N SER L 210 -90.72 78.95 -39.13
CA SER L 210 -91.51 80.18 -39.18
C SER L 210 -93.01 79.81 -39.15
N ARG L 211 -93.50 80.16 -37.98
CA ARG L 211 -94.87 80.00 -37.52
C ARG L 211 -95.80 80.90 -38.31
N TYR M 1 -71.60 19.30 62.22
CA TYR M 1 -71.63 18.32 61.10
C TYR M 1 -70.29 18.23 60.37
N GLU M 2 -69.22 18.75 60.98
CA GLU M 2 -67.94 18.76 60.31
C GLU M 2 -67.44 17.33 60.22
N HIS M 3 -67.70 16.69 59.09
CA HIS M 3 -67.64 15.23 58.98
C HIS M 3 -66.21 14.75 58.92
N THR M 4 -65.61 14.58 60.09
CA THR M 4 -64.35 13.87 60.19
C THR M 4 -64.49 12.48 59.59
N ALA M 5 -63.42 11.99 58.97
CA ALA M 5 -63.42 10.65 58.42
C ALA M 5 -61.99 10.20 58.17
N VAL M 6 -61.57 9.14 58.85
CA VAL M 6 -60.39 8.43 58.42
C VAL M 6 -60.70 7.84 57.04
N MET M 7 -59.67 7.76 56.21
CA MET M 7 -59.90 7.52 54.79
C MET M 7 -58.68 6.88 54.13
N PRO M 8 -58.83 5.72 53.47
CA PRO M 8 -57.65 5.07 52.91
C PRO M 8 -57.05 5.85 51.77
N ASN M 9 -55.73 5.94 51.77
CA ASN M 9 -55.01 6.57 50.67
C ASN M 9 -54.98 5.58 49.51
N LYS M 10 -55.81 5.86 48.51
CA LYS M 10 -55.85 5.06 47.30
C LYS M 10 -56.57 5.89 46.26
N VAL M 11 -56.04 5.88 45.04
CA VAL M 11 -56.25 7.02 44.17
C VAL M 11 -57.59 6.95 43.46
N GLY M 12 -57.86 5.86 42.76
CA GLY M 12 -58.78 5.93 41.65
C GLY M 12 -60.15 5.39 41.96
N ILE M 13 -60.70 5.74 43.11
CA ILE M 13 -61.94 5.12 43.56
C ILE M 13 -62.61 6.03 44.59
N PRO M 14 -63.92 6.31 44.48
CA PRO M 14 -64.55 7.18 45.46
C PRO M 14 -64.78 6.46 46.78
N TYR M 15 -65.15 7.26 47.77
CA TYR M 15 -65.17 6.88 49.19
C TYR M 15 -66.46 7.34 49.83
N LYS M 16 -67.59 6.91 49.27
CA LYS M 16 -68.84 7.60 49.44
C LYS M 16 -69.37 7.56 50.86
N ALA M 17 -68.71 8.30 51.76
CA ALA M 17 -69.16 8.41 53.13
C ALA M 17 -70.53 9.09 53.22
N LEU M 18 -71.07 9.19 54.43
CA LEU M 18 -72.43 9.68 54.64
C LEU M 18 -72.43 10.68 55.79
N VAL M 19 -73.02 11.84 55.56
CA VAL M 19 -73.11 12.88 56.58
C VAL M 19 -74.30 12.58 57.46
N GLU M 20 -74.05 12.20 58.70
CA GLU M 20 -75.09 11.97 59.69
C GLU M 20 -75.23 13.19 60.61
N ARG M 21 -75.67 14.29 60.02
CA ARG M 21 -75.99 15.46 60.82
C ARG M 21 -77.27 15.21 61.59
N PRO M 22 -77.28 15.29 62.93
CA PRO M 22 -78.56 15.17 63.65
C PRO M 22 -79.43 16.39 63.37
N GLY M 23 -80.57 16.15 62.72
CA GLY M 23 -81.61 17.15 62.60
C GLY M 23 -82.14 17.33 61.19
N TYR M 24 -81.27 17.26 60.19
CA TYR M 24 -81.66 17.40 58.81
C TYR M 24 -81.30 16.12 58.06
N ALA M 25 -81.70 16.07 56.79
CA ALA M 25 -81.51 14.87 56.02
C ALA M 25 -80.02 14.61 55.81
N PRO M 26 -79.57 13.35 55.89
CA PRO M 26 -78.17 13.08 55.63
C PRO M 26 -77.85 13.30 54.16
N VAL M 27 -76.55 13.44 53.90
CA VAL M 27 -76.05 13.60 52.54
C VAL M 27 -74.84 12.70 52.36
N HIS M 28 -74.77 12.07 51.21
CA HIS M 28 -73.66 11.22 50.85
C HIS M 28 -72.45 12.05 50.46
N LEU M 29 -71.29 11.44 50.60
CA LEU M 29 -70.08 11.94 50.00
C LEU M 29 -69.79 11.16 48.72
N GLN M 30 -68.85 11.70 47.95
CA GLN M 30 -68.17 10.91 46.93
C GLN M 30 -66.77 11.49 46.84
N ILE M 31 -65.86 10.96 47.63
CA ILE M 31 -64.51 11.50 47.74
C ILE M 31 -63.58 10.57 46.99
N GLN M 32 -63.13 11.02 45.83
CA GLN M 32 -62.21 10.29 44.97
C GLN M 32 -60.89 11.05 44.95
N LEU M 33 -59.89 10.49 45.62
CA LEU M 33 -58.56 11.07 45.64
C LEU M 33 -57.88 10.81 44.30
N VAL M 34 -58.28 11.59 43.29
CA VAL M 34 -57.84 11.36 41.92
C VAL M 34 -56.33 11.37 41.77
N ASN M 35 -55.62 12.03 42.69
CA ASN M 35 -54.17 12.06 42.63
C ASN M 35 -53.59 12.17 44.03
N THR M 36 -52.35 11.71 44.16
CA THR M 36 -51.56 11.77 45.38
C THR M 36 -50.17 12.26 45.05
N ARG M 37 -50.08 13.37 44.32
CA ARG M 37 -48.77 13.86 43.93
C ARG M 37 -48.12 14.56 45.11
N ILE M 38 -46.82 14.35 45.27
CA ILE M 38 -46.15 14.46 46.56
C ILE M 38 -45.31 15.72 46.64
N ILE M 39 -44.29 15.84 45.81
CA ILE M 39 -43.45 17.03 45.73
C ILE M 39 -42.77 17.19 47.07
N PRO M 40 -41.79 16.35 47.37
CA PRO M 40 -41.01 16.54 48.58
C PRO M 40 -40.12 17.77 48.49
N SER M 41 -39.59 18.15 49.63
CA SER M 41 -38.59 19.20 49.69
C SER M 41 -37.27 18.66 49.19
N THR M 42 -36.62 19.41 48.31
CA THR M 42 -35.44 18.93 47.61
C THR M 42 -34.44 20.07 47.44
N ASN M 43 -33.29 19.72 46.86
CA ASN M 43 -32.24 20.68 46.57
C ASN M 43 -31.47 20.20 45.36
N LEU M 44 -31.33 21.06 44.37
CA LEU M 44 -30.46 20.75 43.24
C LEU M 44 -29.02 20.82 43.72
N GLU M 45 -28.35 19.67 43.77
CA GLU M 45 -27.01 19.59 44.32
C GLU M 45 -25.96 19.74 43.24
N TYR M 46 -26.11 19.00 42.15
CA TYR M 46 -25.26 19.19 41.00
C TYR M 46 -25.86 18.44 39.83
N ILE M 47 -25.85 19.08 38.69
CA ILE M 47 -26.06 18.36 37.45
C ILE M 47 -24.77 17.61 37.15
N THR M 48 -24.92 16.44 36.58
CA THR M 48 -23.82 15.80 35.88
C THR M 48 -24.27 15.45 34.48
N CYS M 49 -23.30 15.03 33.70
CA CYS M 49 -23.43 14.81 32.27
C CYS M 49 -22.10 14.24 31.84
N LYS M 50 -22.02 13.84 30.58
CA LYS M 50 -20.75 13.36 30.09
C LYS M 50 -19.88 14.55 29.71
N TYR M 51 -18.60 14.42 29.98
CA TYR M 51 -17.63 15.44 29.69
C TYR M 51 -17.57 15.72 28.20
N LYS M 52 -16.78 16.71 27.81
CA LYS M 52 -16.20 16.78 26.48
C LYS M 52 -14.80 17.32 26.62
N THR M 53 -13.82 16.50 26.27
CA THR M 53 -12.42 16.90 26.31
C THR M 53 -12.19 17.87 25.16
N LYS M 54 -12.66 19.09 25.35
CA LYS M 54 -12.55 20.13 24.32
C LYS M 54 -11.15 20.71 24.43
N VAL M 55 -10.22 19.99 23.81
CA VAL M 55 -8.79 20.25 23.87
C VAL M 55 -8.49 21.65 23.34
N PRO M 56 -7.83 22.53 24.10
CA PRO M 56 -7.21 23.69 23.48
C PRO M 56 -5.98 23.27 22.70
N SER M 57 -5.77 23.97 21.60
CA SER M 57 -4.82 23.54 20.61
C SER M 57 -3.40 23.64 21.14
N PRO M 58 -2.61 22.56 21.14
CA PRO M 58 -1.33 22.58 21.84
C PRO M 58 -0.34 23.56 21.25
N VAL M 59 0.58 23.98 22.09
CA VAL M 59 1.72 24.77 21.67
C VAL M 59 2.80 23.86 21.14
N VAL M 60 3.53 24.35 20.15
CA VAL M 60 4.69 23.67 19.60
C VAL M 60 5.79 24.70 19.45
N LYS M 61 6.66 24.78 20.45
CA LYS M 61 7.87 25.55 20.32
C LYS M 61 8.93 24.70 19.63
N CYS M 62 9.63 25.31 18.68
CA CYS M 62 10.44 24.53 17.76
C CYS M 62 11.82 24.21 18.31
N CYS M 63 12.41 25.08 19.11
CA CYS M 63 13.74 24.84 19.64
C CYS M 63 13.78 25.36 21.07
N GLY M 64 13.47 24.47 22.00
CA GLY M 64 13.54 24.74 23.43
C GLY M 64 12.19 24.59 24.09
N ALA M 65 12.21 24.74 25.41
CA ALA M 65 11.08 24.34 26.24
C ALA M 65 10.04 25.43 26.32
N THR M 66 8.82 25.01 26.61
CA THR M 66 7.69 25.90 26.91
C THR M 66 7.06 25.36 28.19
N GLN M 67 7.42 25.94 29.33
CA GLN M 67 6.84 25.52 30.59
C GLN M 67 5.34 25.81 30.60
N CYS M 68 4.57 24.84 31.03
CA CYS M 68 3.13 25.00 31.19
C CYS M 68 2.82 25.52 32.58
N THR M 69 1.64 26.15 32.69
CA THR M 69 1.10 26.58 33.97
C THR M 69 -0.26 25.95 34.17
N SER M 70 -0.67 25.87 35.43
CA SER M 70 -1.92 25.22 35.80
C SER M 70 -3.04 26.24 35.68
N LYS M 71 -3.59 26.35 34.48
CA LYS M 71 -4.69 27.27 34.25
C LYS M 71 -5.91 26.81 35.06
N PRO M 72 -6.81 27.72 35.40
CA PRO M 72 -7.92 27.37 36.29
C PRO M 72 -9.09 26.67 35.62
N HIS M 73 -8.93 26.17 34.40
CA HIS M 73 -10.01 25.45 33.77
C HIS M 73 -10.32 24.19 34.58
N PRO M 74 -11.55 23.68 34.53
CA PRO M 74 -11.87 22.47 35.29
C PRO M 74 -11.07 21.28 34.81
N ASP M 75 -10.32 20.68 35.74
CA ASP M 75 -9.46 19.55 35.44
C ASP M 75 -8.48 19.90 34.34
N TYR M 76 -7.84 21.05 34.49
CA TYR M 76 -6.94 21.53 33.46
C TYR M 76 -5.68 20.67 33.46
N GLN M 77 -5.70 19.62 32.65
CA GLN M 77 -4.55 18.77 32.50
C GLN M 77 -3.65 19.34 31.41
N CYS M 78 -2.39 19.56 31.76
CA CYS M 78 -1.41 20.08 30.83
C CYS M 78 -0.07 19.50 31.17
N GLN M 79 0.65 19.03 30.15
CA GLN M 79 1.95 18.43 30.33
C GLN M 79 2.82 18.80 29.15
N VAL M 80 3.97 19.41 29.45
CA VAL M 80 4.93 19.72 28.43
C VAL M 80 5.49 18.42 27.87
N PHE M 81 5.87 18.45 26.61
CA PHE M 81 6.52 17.31 25.98
C PHE M 81 7.59 17.80 25.02
N THR M 82 8.70 17.09 25.00
CA THR M 82 9.79 17.34 24.07
C THR M 82 9.95 16.12 23.16
N GLY M 83 10.99 16.15 22.36
CA GLY M 83 11.32 15.01 21.53
C GLY M 83 10.25 14.73 20.49
N VAL M 84 9.94 15.74 19.68
CA VAL M 84 9.00 15.60 18.59
C VAL M 84 9.65 16.11 17.31
N TYR M 85 8.89 16.05 16.23
CA TYR M 85 9.35 16.39 14.90
C TYR M 85 8.08 16.52 14.07
N PRO M 86 7.23 17.48 14.39
CA PRO M 86 5.81 17.39 14.06
C PRO M 86 5.48 17.52 12.58
N PHE M 87 5.16 16.39 11.94
CA PHE M 87 4.70 16.42 10.56
C PHE M 87 3.41 17.22 10.44
N MET M 88 3.48 18.37 9.79
CA MET M 88 2.32 19.23 9.59
C MET M 88 2.38 19.78 8.17
N TRP M 89 1.86 19.01 7.22
CA TRP M 89 1.54 19.46 5.86
C TRP M 89 2.76 19.70 4.97
N GLY M 90 3.96 19.71 5.52
CA GLY M 90 5.17 19.92 4.76
C GLY M 90 6.25 19.00 5.25
N GLY M 91 5.85 17.82 5.71
CA GLY M 91 6.71 17.08 6.59
C GLY M 91 6.73 17.82 7.92
N ALA M 92 7.81 17.62 8.67
CA ALA M 92 7.97 18.42 9.87
C ALA M 92 8.15 19.89 9.51
N TYR M 93 8.12 20.75 10.53
CA TYR M 93 8.34 22.16 10.29
C TYR M 93 9.33 22.77 11.26
N CYS M 94 9.43 22.24 12.46
CA CYS M 94 10.43 22.72 13.42
C CYS M 94 11.78 22.08 13.09
N PHE M 95 12.79 22.92 12.91
CA PHE M 95 14.05 22.47 12.32
C PHE M 95 14.94 21.73 13.31
N CYS M 96 14.78 21.96 14.61
CA CYS M 96 15.48 21.14 15.59
C CYS M 96 14.92 19.72 15.55
N ASP M 97 15.47 18.85 16.40
CA ASP M 97 15.09 17.44 16.42
C ASP M 97 14.82 16.88 17.81
N THR M 98 15.34 17.48 18.86
CA THR M 98 14.98 17.13 20.23
C THR M 98 14.49 18.34 21.00
N GLU M 99 15.02 19.51 20.69
CA GLU M 99 14.53 20.75 21.24
C GLU M 99 13.15 21.10 20.71
N ASN M 100 12.68 20.41 19.68
CA ASN M 100 11.28 20.47 19.29
C ASN M 100 10.41 20.14 20.49
N THR M 101 9.65 21.12 20.96
CA THR M 101 8.85 21.00 22.15
C THR M 101 7.38 21.08 21.78
N GLN M 102 6.57 20.33 22.51
CA GLN M 102 5.14 20.25 22.30
C GLN M 102 4.48 20.28 23.67
N MET M 103 3.62 21.28 23.89
CA MET M 103 2.93 21.44 25.16
C MET M 103 1.46 21.13 24.91
N SER M 104 1.02 19.99 25.42
CA SER M 104 -0.37 19.59 25.31
C SER M 104 -1.13 20.06 26.54
N GLU M 105 -2.33 20.57 26.30
CA GLU M 105 -3.21 21.02 27.37
C GLU M 105 -4.63 20.62 27.02
N ALA M 106 -5.34 20.14 28.03
CA ALA M 106 -6.73 19.73 27.85
C ALA M 106 -7.46 19.91 29.17
N TYR M 107 -8.64 20.51 29.09
CA TYR M 107 -9.51 20.65 30.24
C TYR M 107 -10.85 20.02 29.94
N VAL M 108 -11.57 19.76 30.99
CA VAL M 108 -12.88 19.16 30.92
C VAL M 108 -13.92 20.27 30.81
N GLU M 109 -14.96 20.02 30.04
CA GLU M 109 -16.04 20.98 29.88
C GLU M 109 -17.34 20.24 29.71
N ARG M 110 -18.41 20.87 30.18
CA ARG M 110 -19.75 20.37 29.98
C ARG M 110 -20.02 20.15 28.51
N SER M 111 -20.62 19.01 28.18
CA SER M 111 -21.09 18.79 26.84
C SER M 111 -22.19 19.78 26.50
N GLU M 112 -22.51 19.84 25.22
CA GLU M 112 -23.72 20.56 24.83
C GLU M 112 -24.94 19.79 25.29
N GLU M 113 -24.82 18.47 25.41
CA GLU M 113 -25.90 17.66 25.94
C GLU M 113 -26.11 17.88 27.43
N CYS M 114 -25.10 18.40 28.13
CA CYS M 114 -25.23 18.65 29.55
C CYS M 114 -26.40 19.57 29.84
N SER M 115 -26.69 20.49 28.94
CA SER M 115 -27.81 21.40 29.14
C SER M 115 -29.12 20.64 29.17
N ILE M 116 -29.22 19.56 28.40
CA ILE M 116 -30.49 18.98 28.03
C ILE M 116 -30.59 17.51 28.41
N ASP M 117 -29.55 16.74 28.15
CA ASP M 117 -29.48 15.32 28.48
C ASP M 117 -28.48 15.21 29.61
N HIS M 118 -29.00 15.14 30.84
CA HIS M 118 -28.14 15.28 31.99
C HIS M 118 -28.82 14.61 33.17
N ALA M 119 -28.05 13.82 33.90
CA ALA M 119 -28.52 13.36 35.18
C ALA M 119 -28.55 14.53 36.14
N LYS M 120 -29.19 14.32 37.29
CA LYS M 120 -29.44 15.43 38.18
C LYS M 120 -29.62 14.87 39.59
N ALA M 121 -28.69 15.21 40.48
CA ALA M 121 -28.75 14.72 41.84
C ALA M 121 -29.64 15.61 42.68
N TYR M 122 -30.00 15.10 43.85
CA TYR M 122 -30.81 15.85 44.79
C TYR M 122 -30.60 15.30 46.19
N LYS M 123 -30.60 16.19 47.16
CA LYS M 123 -30.84 15.82 48.55
C LYS M 123 -32.32 16.04 48.81
N VAL M 124 -33.04 14.96 49.11
CA VAL M 124 -34.49 14.95 49.11
C VAL M 124 -34.98 14.81 50.54
N HIS M 125 -35.73 15.79 50.97
CA HIS M 125 -36.46 15.79 52.22
C HIS M 125 -37.92 15.41 51.96
N THR M 126 -38.80 15.66 52.92
CA THR M 126 -40.13 15.06 52.87
C THR M 126 -41.19 15.91 52.16
N GLY M 127 -41.20 17.22 52.35
CA GLY M 127 -42.20 18.10 51.75
C GLY M 127 -43.64 17.74 52.11
N THR M 128 -44.56 17.97 51.15
CA THR M 128 -45.98 18.07 51.44
C THR M 128 -46.80 17.58 50.26
N VAL M 129 -47.69 16.60 50.48
CA VAL M 129 -48.36 15.90 49.39
C VAL M 129 -49.68 16.60 49.04
N GLN M 130 -50.15 16.36 47.81
CA GLN M 130 -51.25 17.10 47.18
C GLN M 130 -52.23 16.14 46.50
N ALA M 131 -53.30 16.69 45.92
CA ALA M 131 -54.35 15.90 45.27
C ALA M 131 -55.35 16.82 44.57
N MET M 132 -55.87 16.40 43.41
CA MET M 132 -56.93 17.14 42.70
C MET M 132 -58.31 16.59 43.05
N VAL M 133 -58.62 16.51 44.33
CA VAL M 133 -59.76 15.74 44.81
C VAL M 133 -61.03 16.15 44.10
N ASN M 134 -61.64 15.22 43.34
CA ASN M 134 -63.00 15.44 42.90
C ASN M 134 -63.92 15.04 44.03
N ILE M 135 -64.92 15.87 44.27
CA ILE M 135 -66.13 15.42 44.94
C ILE M 135 -67.29 15.86 44.06
N THR M 136 -68.02 14.88 43.54
CA THR M 136 -69.32 15.14 42.93
C THR M 136 -70.36 15.08 44.05
N TYR M 137 -70.34 16.13 44.87
CA TYR M 137 -70.98 16.08 46.18
C TYR M 137 -72.49 16.11 46.08
N GLY M 138 -73.13 15.29 46.94
CA GLY M 138 -74.52 15.46 47.33
C GLY M 138 -75.47 15.66 46.17
N SER M 139 -76.00 16.87 46.10
CA SER M 139 -76.63 17.40 44.90
C SER M 139 -75.80 18.47 44.23
N VAL M 140 -74.70 18.90 44.85
CA VAL M 140 -73.77 19.84 44.21
C VAL M 140 -73.25 19.22 42.92
N SER M 141 -72.86 17.96 42.98
CA SER M 141 -72.48 17.13 41.85
C SER M 141 -71.12 17.48 41.28
N TRP M 142 -70.41 18.46 41.82
CA TRP M 142 -69.10 18.77 41.25
C TRP M 142 -68.21 19.68 42.09
N ARG M 143 -66.96 19.27 42.26
CA ARG M 143 -65.84 20.15 42.51
C ARG M 143 -64.61 19.32 42.23
N SER M 144 -63.68 19.83 41.43
CA SER M 144 -62.42 19.14 41.18
C SER M 144 -61.30 20.11 41.54
N ALA M 145 -60.87 20.04 42.80
CA ALA M 145 -60.00 21.02 43.39
C ALA M 145 -58.67 20.41 43.82
N ASP M 146 -57.63 21.23 43.72
CA ASP M 146 -56.31 20.84 44.17
C ASP M 146 -56.16 21.22 45.63
N VAL M 147 -55.68 20.28 46.44
CA VAL M 147 -55.65 20.43 47.89
C VAL M 147 -54.27 20.05 48.40
N TYR M 148 -54.15 20.08 49.72
CA TYR M 148 -52.97 19.67 50.44
C TYR M 148 -53.33 18.52 51.39
N VAL M 149 -52.36 18.17 52.23
CA VAL M 149 -52.48 17.09 53.19
C VAL M 149 -52.35 17.57 54.61
N ASN M 150 -51.71 18.71 54.83
CA ASN M 150 -51.43 19.17 56.17
C ASN M 150 -52.74 19.52 56.88
N GLY M 151 -52.92 18.94 58.06
CA GLY M 151 -54.24 18.88 58.64
C GLY M 151 -54.78 20.15 59.25
N GLU M 152 -54.56 21.28 58.59
CA GLU M 152 -55.35 22.47 58.86
C GLU M 152 -55.63 23.27 57.59
N THR M 153 -55.28 22.77 56.42
CA THR M 153 -55.48 23.51 55.19
C THR M 153 -56.88 23.25 54.65
N PRO M 154 -57.73 24.26 54.52
CA PRO M 154 -58.92 24.12 53.69
C PRO M 154 -58.62 24.42 52.22
N ALA M 155 -59.61 24.13 51.39
CA ALA M 155 -59.59 24.58 50.00
C ALA M 155 -61.05 24.80 49.59
N LYS M 156 -61.48 26.05 49.72
CA LYS M 156 -62.85 26.43 49.41
C LYS M 156 -62.96 26.65 47.90
N ILE M 157 -62.95 25.54 47.18
CA ILE M 157 -63.17 25.51 45.74
C ILE M 157 -64.42 24.66 45.53
N GLY M 158 -65.44 25.27 44.94
CA GLY M 158 -66.78 24.71 44.94
C GLY M 158 -67.61 25.45 45.96
N ASP M 159 -68.11 24.74 46.96
CA ASP M 159 -68.74 25.35 48.11
C ASP M 159 -68.30 24.75 49.43
N ALA M 160 -67.69 23.57 49.42
CA ALA M 160 -67.35 22.88 50.65
C ALA M 160 -65.93 23.21 51.08
N LYS M 161 -65.75 23.24 52.39
CA LYS M 161 -64.45 23.45 53.01
C LYS M 161 -63.98 22.12 53.56
N LEU M 162 -62.77 21.72 53.18
CA LEU M 162 -62.29 20.36 53.41
C LEU M 162 -60.88 20.38 53.92
N ILE M 163 -60.64 19.63 54.99
CA ILE M 163 -59.33 19.54 55.62
C ILE M 163 -58.89 18.10 55.57
N ILE M 164 -57.65 17.91 55.16
CA ILE M 164 -57.11 16.62 54.78
C ILE M 164 -55.89 16.36 55.63
N GLY M 165 -55.71 15.09 55.98
CA GLY M 165 -54.49 14.63 56.59
C GLY M 165 -54.18 15.33 57.90
N PRO M 166 -52.93 15.28 58.36
CA PRO M 166 -51.76 14.65 57.74
C PRO M 166 -51.86 13.15 57.68
N LEU M 167 -51.43 12.57 56.58
CA LEU M 167 -51.47 11.13 56.44
C LEU M 167 -50.50 10.48 57.41
N SER M 168 -50.81 9.25 57.80
CA SER M 168 -49.97 8.49 58.71
C SER M 168 -48.85 7.76 58.00
N SER M 169 -48.93 7.62 56.67
CA SER M 169 -48.04 6.73 55.91
C SER M 169 -46.93 7.57 55.30
N ALA M 170 -45.95 7.90 56.11
CA ALA M 170 -44.93 8.86 55.73
C ALA M 170 -43.84 8.26 54.86
N TRP M 171 -44.07 7.12 54.22
CA TRP M 171 -43.06 6.55 53.33
C TRP M 171 -42.94 7.46 52.12
N SER M 172 -41.91 8.28 52.13
CA SER M 172 -41.51 8.95 50.91
C SER M 172 -40.81 7.93 50.05
N PRO M 173 -41.36 7.52 48.91
CA PRO M 173 -40.67 6.52 48.10
C PRO M 173 -39.31 7.00 47.62
N PHE M 174 -39.16 8.31 47.44
CA PHE M 174 -37.83 8.86 47.28
C PHE M 174 -36.99 8.55 48.50
N ASP M 175 -35.75 8.16 48.27
CA ASP M 175 -34.77 8.08 49.34
C ASP M 175 -34.26 9.49 49.65
N ASN M 176 -33.32 9.58 50.59
CA ASN M 176 -32.71 10.86 50.89
C ASN M 176 -31.97 11.41 49.68
N LYS M 177 -31.10 10.59 49.10
CA LYS M 177 -30.31 10.96 47.94
C LYS M 177 -30.94 10.36 46.69
N VAL M 178 -31.08 11.18 45.67
CA VAL M 178 -31.76 10.79 44.44
C VAL M 178 -31.00 11.34 43.26
N VAL M 179 -30.92 10.56 42.20
CA VAL M 179 -30.51 11.04 40.90
C VAL M 179 -31.73 11.01 40.00
N VAL M 180 -31.75 11.93 39.05
CA VAL M 180 -32.89 12.14 38.18
C VAL M 180 -32.38 12.30 36.77
N TYR M 181 -33.11 11.72 35.81
CA TYR M 181 -32.67 11.70 34.42
C TYR M 181 -33.89 11.74 33.51
N GLY M 182 -34.24 12.94 33.07
CA GLY M 182 -35.19 13.10 31.99
C GLY M 182 -36.60 12.77 32.43
N HIS M 183 -36.86 11.49 32.64
CA HIS M 183 -38.03 11.02 33.37
C HIS M 183 -37.76 9.88 34.32
N GLU M 184 -36.70 9.12 34.10
CA GLU M 184 -36.39 7.98 34.96
C GLU M 184 -35.65 8.48 36.19
N VAL M 185 -36.26 8.25 37.35
CA VAL M 185 -35.77 8.76 38.62
C VAL M 185 -35.14 7.62 39.38
N TYR M 186 -33.94 7.85 39.88
CA TYR M 186 -33.12 6.83 40.52
C TYR M 186 -32.80 7.27 41.93
N ASN M 187 -33.24 6.47 42.91
CA ASN M 187 -33.01 6.76 44.32
C ASN M 187 -31.59 6.34 44.71
N TYR M 188 -30.64 6.97 44.04
CA TYR M 188 -29.25 6.55 44.05
C TYR M 188 -28.44 7.35 45.05
N ASP M 189 -27.57 6.66 45.75
CA ASP M 189 -26.61 7.30 46.63
C ASP M 189 -25.51 7.89 45.75
N PHE M 190 -25.84 9.00 45.10
CA PHE M 190 -24.83 9.71 44.34
C PHE M 190 -23.70 10.11 45.28
N PRO M 191 -22.43 10.04 44.84
CA PRO M 191 -21.34 10.23 45.80
C PRO M 191 -21.40 11.59 46.47
N GLU M 192 -21.20 12.67 45.71
CA GLU M 192 -21.45 14.04 46.11
C GLU M 192 -20.97 14.94 45.00
N TYR M 193 -21.36 16.21 45.02
CA TYR M 193 -20.60 17.22 44.31
C TYR M 193 -19.15 17.21 44.80
N GLY M 194 -18.24 17.45 43.89
CA GLY M 194 -16.89 17.72 44.30
C GLY M 194 -16.00 16.50 44.51
N THR M 195 -16.52 15.29 44.36
CA THR M 195 -15.81 14.08 44.76
C THR M 195 -15.79 12.96 43.75
N GLY M 196 -16.74 12.89 42.83
CA GLY M 196 -17.03 11.66 42.12
C GLY M 196 -15.88 11.04 41.38
N LYS M 197 -15.58 9.79 41.70
CA LYS M 197 -14.44 9.12 41.11
C LYS M 197 -14.61 9.00 39.61
N ALA M 198 -13.51 9.17 38.89
CA ALA M 198 -13.55 9.14 37.44
C ALA M 198 -14.03 7.79 36.94
N GLY M 199 -14.88 7.84 35.93
CA GLY M 199 -15.55 6.65 35.44
C GLY M 199 -16.82 6.39 36.19
N SER M 200 -16.76 6.50 37.51
CA SER M 200 -17.96 6.35 38.31
C SER M 200 -18.91 7.51 38.02
N PHE M 201 -20.14 7.34 38.47
CA PHE M 201 -21.15 8.36 38.29
C PHE M 201 -20.69 9.68 38.89
N GLY M 202 -20.98 10.75 38.19
CA GLY M 202 -20.54 12.06 38.64
C GLY M 202 -19.07 12.29 38.47
N ASP M 203 -18.49 11.84 37.37
CA ASP M 203 -17.13 12.26 37.07
C ASP M 203 -17.09 13.74 36.78
N LEU M 204 -18.06 14.23 36.02
CA LEU M 204 -18.35 15.64 35.89
C LEU M 204 -19.41 15.98 36.90
N GLN M 205 -19.23 17.09 37.60
CA GLN M 205 -20.17 17.51 38.63
C GLN M 205 -20.23 19.03 38.56
N SER M 206 -21.24 19.52 37.86
CA SER M 206 -21.53 20.95 37.79
C SER M 206 -22.74 21.24 38.65
N ARG M 207 -22.66 22.33 39.39
CA ARG M 207 -23.76 22.76 40.24
C ARG M 207 -25.05 22.88 39.44
N THR M 208 -24.99 23.63 38.35
CA THR M 208 -26.09 23.70 37.40
C THR M 208 -25.49 23.73 36.01
N SER M 209 -26.33 24.02 35.03
CA SER M 209 -25.88 24.06 33.66
C SER M 209 -25.08 25.33 33.39
N THR M 210 -25.54 26.44 33.94
CA THR M 210 -24.85 27.71 33.78
C THR M 210 -23.49 27.71 34.48
N SER M 211 -23.36 26.93 35.55
CA SER M 211 -22.19 27.05 36.42
C SER M 211 -20.92 26.71 35.68
N ASN M 212 -20.09 27.73 35.44
CA ASN M 212 -18.83 27.52 34.74
C ASN M 212 -17.88 26.67 35.55
N ASP M 213 -17.92 26.80 36.87
CA ASP M 213 -17.11 25.95 37.72
C ASP M 213 -17.76 24.58 37.86
N LEU M 214 -16.95 23.58 38.14
CA LEU M 214 -17.45 22.23 38.32
C LEU M 214 -16.37 21.41 39.02
N TYR M 215 -16.61 20.10 39.09
CA TYR M 215 -15.62 19.14 39.55
C TYR M 215 -15.52 18.05 38.50
N ALA M 216 -14.35 17.92 37.90
CA ALA M 216 -14.10 16.96 36.84
C ALA M 216 -12.95 16.05 37.25
N ASN M 217 -13.26 15.04 38.04
CA ASN M 217 -12.35 13.91 38.21
C ASN M 217 -12.68 12.97 37.07
N THR M 218 -11.94 13.11 35.98
CA THR M 218 -12.01 12.20 34.85
C THR M 218 -10.75 11.38 34.67
N ASN M 219 -9.73 11.60 35.49
CA ASN M 219 -8.45 10.96 35.32
C ASN M 219 -7.88 11.26 33.95
N LEU M 220 -8.12 12.47 33.48
CA LEU M 220 -7.61 12.91 32.19
C LEU M 220 -6.10 12.98 32.26
N LYS M 221 -5.44 12.14 31.47
CA LYS M 221 -3.98 12.06 31.44
C LYS M 221 -3.53 12.18 30.00
N LEU M 222 -2.88 13.29 29.68
CA LEU M 222 -2.33 13.47 28.36
C LEU M 222 -1.09 12.61 28.19
N GLN M 223 -0.91 12.10 26.98
CA GLN M 223 0.29 11.38 26.60
C GLN M 223 0.92 12.08 25.41
N ARG M 224 2.19 11.79 25.18
CA ARG M 224 2.92 12.51 24.15
C ARG M 224 2.44 12.03 22.79
N PRO M 225 2.32 12.92 21.81
CA PRO M 225 1.96 12.47 20.48
C PRO M 225 3.09 11.66 19.87
N GLN M 226 2.72 10.80 18.94
CA GLN M 226 3.61 9.78 18.42
C GLN M 226 4.39 10.27 17.21
N ALA M 227 5.65 9.83 17.15
CA ALA M 227 6.48 9.83 15.94
C ALA M 227 6.47 11.16 15.20
N GLY M 228 6.57 12.25 15.95
CA GLY M 228 6.67 13.56 15.35
C GLY M 228 5.47 13.92 14.50
N ILE M 229 4.27 13.85 15.08
CA ILE M 229 3.06 14.29 14.41
C ILE M 229 2.23 15.11 15.40
N VAL M 230 1.55 16.11 14.86
CA VAL M 230 0.68 16.97 15.66
C VAL M 230 -0.60 16.21 15.98
N HIS M 231 -0.81 15.95 17.26
CA HIS M 231 -2.11 15.58 17.80
C HIS M 231 -1.97 15.57 19.30
N THR M 232 -3.06 15.20 19.98
CA THR M 232 -3.17 15.33 21.43
C THR M 232 -3.73 14.02 21.98
N PRO M 233 -2.87 13.11 22.38
CA PRO M 233 -3.37 11.96 23.14
C PRO M 233 -4.00 12.44 24.43
N PHE M 234 -5.31 12.30 24.53
CA PHE M 234 -6.01 12.47 25.79
C PHE M 234 -6.52 11.09 26.18
N THR M 235 -5.99 10.58 27.28
CA THR M 235 -6.37 9.28 27.80
C THR M 235 -7.27 9.53 28.99
N GLN M 236 -8.48 9.01 28.90
CA GLN M 236 -9.54 9.46 29.78
C GLN M 236 -10.57 8.36 29.90
N ALA M 237 -11.20 8.32 31.05
CA ALA M 237 -12.33 7.47 31.26
C ALA M 237 -13.53 8.05 30.53
N PRO M 238 -14.19 7.31 29.63
CA PRO M 238 -15.52 7.75 29.21
C PRO M 238 -16.42 7.87 30.41
N SER M 239 -17.43 8.71 30.30
CA SER M 239 -18.01 9.26 31.51
C SER M 239 -18.79 8.24 32.29
N GLY M 240 -18.89 8.51 33.59
CA GLY M 240 -19.89 7.92 34.44
C GLY M 240 -21.29 8.40 34.17
N PHE M 241 -21.46 9.29 33.20
CA PHE M 241 -22.75 9.54 32.57
C PHE M 241 -22.97 8.70 31.33
N GLU M 242 -21.89 8.20 30.72
CA GLU M 242 -22.04 7.27 29.61
C GLU M 242 -22.51 5.92 30.13
N ARG M 243 -21.72 5.26 30.96
CA ARG M 243 -22.32 4.34 31.90
C ARG M 243 -23.16 5.15 32.84
N TRP M 244 -24.09 4.49 33.51
CA TRP M 244 -25.28 5.05 34.16
C TRP M 244 -26.38 5.26 33.13
N LYS M 245 -26.11 5.01 31.85
CA LYS M 245 -27.15 4.92 30.83
C LYS M 245 -27.25 3.53 30.22
N ARG M 246 -26.26 2.65 30.45
CA ARG M 246 -26.37 1.28 29.98
C ARG M 246 -25.78 0.24 30.94
N ASP M 247 -25.31 0.65 32.12
CA ASP M 247 -25.01 -0.28 33.20
C ASP M 247 -25.62 0.27 34.50
N LYS M 248 -26.75 0.93 34.37
CA LYS M 248 -27.40 1.65 35.45
C LYS M 248 -28.19 0.70 36.34
N GLY M 249 -29.03 1.30 37.19
CA GLY M 249 -30.09 0.61 37.88
C GLY M 249 -31.45 1.03 37.34
N ALA M 250 -32.47 0.35 37.82
CA ALA M 250 -33.80 0.52 37.28
C ALA M 250 -34.51 1.70 37.93
N PRO M 251 -35.54 2.24 37.31
CA PRO M 251 -36.18 3.45 37.84
C PRO M 251 -37.22 3.21 38.90
N LEU M 252 -37.31 4.23 39.75
CA LEU M 252 -38.19 4.19 40.90
C LEU M 252 -39.64 4.09 40.48
N ASN M 253 -39.98 4.57 39.29
CA ASN M 253 -41.29 4.27 38.73
C ASN M 253 -41.38 2.85 38.17
N ASP M 254 -40.33 2.05 38.35
CA ASP M 254 -40.35 0.64 38.07
C ASP M 254 -39.83 -0.22 39.22
N VAL M 255 -39.37 0.38 40.34
CA VAL M 255 -38.92 -0.42 41.48
C VAL M 255 -39.43 0.09 42.82
N ALA M 256 -40.20 1.17 42.83
CA ALA M 256 -40.67 1.71 44.10
C ALA M 256 -41.56 0.71 44.82
N PRO M 257 -41.74 0.88 46.13
CA PRO M 257 -42.86 0.22 46.80
C PRO M 257 -44.13 1.06 46.87
N PHE M 258 -45.17 0.43 47.44
CA PHE M 258 -46.47 0.99 47.79
C PHE M 258 -47.07 1.93 46.74
N GLY M 259 -46.80 1.62 45.47
CA GLY M 259 -47.61 2.07 44.36
C GLY M 259 -47.59 3.50 43.90
N CYS M 260 -46.49 3.93 43.28
CA CYS M 260 -46.22 5.30 42.95
C CYS M 260 -45.87 5.40 41.48
N SER M 261 -46.09 6.58 40.93
CA SER M 261 -45.62 6.96 39.61
C SER M 261 -44.90 8.28 39.75
N ILE M 262 -44.12 8.64 38.72
CA ILE M 262 -43.08 9.65 38.84
C ILE M 262 -43.13 10.60 37.64
N ALA M 263 -42.59 11.80 37.83
CA ALA M 263 -42.44 12.75 36.73
C ALA M 263 -41.26 13.67 36.95
N LEU M 264 -40.59 14.05 35.86
CA LEU M 264 -39.65 15.19 35.85
C LEU M 264 -40.47 16.42 35.49
N GLU M 265 -40.99 17.01 36.51
CA GLU M 265 -42.10 17.94 36.59
C GLU M 265 -41.82 18.35 38.04
N PRO M 266 -42.72 18.92 38.84
CA PRO M 266 -42.33 19.28 40.20
C PRO M 266 -41.70 18.21 41.12
N LEU M 267 -41.36 17.01 40.61
CA LEU M 267 -40.67 15.93 41.30
C LEU M 267 -41.64 15.26 42.23
N ARG M 268 -42.86 15.15 41.75
CA ARG M 268 -43.88 14.46 42.48
C ARG M 268 -43.69 12.96 42.34
N ALA M 269 -44.37 12.23 43.21
CA ALA M 269 -44.49 10.79 43.10
C ALA M 269 -45.97 10.48 43.20
N GLU M 270 -46.63 10.42 42.05
CA GLU M 270 -48.08 10.38 42.03
C GLU M 270 -48.64 9.11 42.65
N ASN M 271 -49.84 9.24 43.21
CA ASN M 271 -50.77 8.13 43.34
C ASN M 271 -50.26 7.05 44.28
N CYS M 272 -49.46 7.44 45.26
CA CYS M 272 -48.87 6.51 46.22
C CYS M 272 -49.96 6.02 47.15
N ALA M 273 -50.50 4.86 46.86
CA ALA M 273 -51.58 4.26 47.64
C ALA M 273 -50.98 3.58 48.85
N VAL M 274 -51.04 4.24 49.99
CA VAL M 274 -50.60 3.61 51.23
C VAL M 274 -51.18 4.32 52.43
N GLY M 275 -51.71 3.55 53.36
CA GLY M 275 -52.21 4.08 54.60
C GLY M 275 -53.52 4.83 54.44
N SER M 276 -53.81 5.62 55.47
CA SER M 276 -55.07 6.33 55.58
C SER M 276 -54.81 7.82 55.75
N ILE M 277 -55.88 8.60 55.56
CA ILE M 277 -55.82 10.04 55.66
C ILE M 277 -57.00 10.51 56.50
N PRO M 278 -56.78 11.18 57.65
CA PRO M 278 -57.89 11.67 58.46
C PRO M 278 -58.56 12.92 57.91
N ILE M 279 -59.57 12.74 57.09
CA ILE M 279 -60.16 13.84 56.32
C ILE M 279 -61.43 14.30 56.97
N SER M 280 -61.65 15.61 56.93
CA SER M 280 -62.75 16.26 57.62
C SER M 280 -63.24 17.42 56.76
N ILE M 281 -64.56 17.53 56.61
CA ILE M 281 -65.15 18.51 55.72
C ILE M 281 -66.19 19.31 56.50
N ASP M 282 -66.29 20.60 56.14
CA ASP M 282 -67.38 21.46 56.57
C ASP M 282 -68.23 21.73 55.34
N ILE M 283 -69.37 21.04 55.25
CA ILE M 283 -70.30 21.14 54.15
C ILE M 283 -70.99 22.50 54.21
N PRO M 284 -71.48 23.06 53.11
CA PRO M 284 -72.40 24.19 53.22
C PRO M 284 -73.76 23.71 53.70
N ASP M 285 -74.23 24.31 54.80
CA ASP M 285 -75.51 23.92 55.37
C ASP M 285 -76.65 24.14 54.38
N ALA M 286 -76.49 25.08 53.44
CA ALA M 286 -77.50 25.27 52.41
C ALA M 286 -77.67 24.01 51.58
N ALA M 287 -76.59 23.27 51.34
CA ALA M 287 -76.68 22.06 50.55
C ALA M 287 -77.47 20.98 51.26
N PHE M 288 -77.58 21.04 52.57
CA PHE M 288 -78.41 20.07 53.28
C PHE M 288 -79.87 20.23 52.89
N THR M 289 -80.56 19.10 52.90
CA THR M 289 -82.01 19.06 52.87
C THR M 289 -82.48 18.77 54.28
N ARG M 290 -83.51 19.49 54.70
CA ARG M 290 -84.05 19.25 56.02
C ARG M 290 -84.71 17.88 56.05
N ILE M 291 -84.79 17.32 57.25
CA ILE M 291 -85.16 15.92 57.39
C ILE M 291 -86.61 15.68 57.01
N SER M 292 -87.47 16.69 57.15
CA SER M 292 -88.89 16.52 56.96
C SER M 292 -89.32 16.57 55.50
N GLU M 293 -88.37 16.47 54.56
CA GLU M 293 -88.65 16.58 53.15
C GLU M 293 -88.22 15.37 52.36
N THR M 294 -87.28 14.59 52.87
CA THR M 294 -86.93 13.33 52.25
C THR M 294 -87.90 12.25 52.73
N PRO M 295 -88.25 11.28 51.88
CA PRO M 295 -89.15 10.22 52.35
C PRO M 295 -88.49 9.38 53.44
N THR M 296 -89.29 9.05 54.45
CA THR M 296 -88.90 8.05 55.43
C THR M 296 -89.17 6.67 54.85
N VAL M 297 -88.17 5.79 54.91
CA VAL M 297 -88.12 4.60 54.10
C VAL M 297 -88.33 3.33 54.92
N SER M 298 -88.46 3.45 56.24
CA SER M 298 -88.50 2.28 57.12
C SER M 298 -89.67 1.36 56.83
N ASP M 299 -89.73 0.24 57.54
CA ASP M 299 -90.64 -0.87 57.23
C ASP M 299 -90.35 -1.42 55.84
N LEU M 300 -89.06 -1.52 55.52
CA LEU M 300 -88.56 -1.97 54.24
C LEU M 300 -88.09 -3.42 54.34
N GLU M 301 -87.43 -3.90 53.30
CA GLU M 301 -86.70 -5.15 53.35
C GLU M 301 -85.59 -5.11 52.31
N CYS M 302 -84.45 -5.72 52.65
CA CYS M 302 -83.30 -5.81 51.75
C CYS M 302 -82.88 -7.26 51.60
N LYS M 303 -82.44 -7.61 50.40
CA LYS M 303 -81.85 -8.91 50.18
C LYS M 303 -80.99 -8.86 48.92
N ILE M 304 -79.85 -9.54 48.98
CA ILE M 304 -79.10 -9.81 47.78
C ILE M 304 -79.94 -10.64 46.84
N THR M 305 -79.57 -10.62 45.58
CA THR M 305 -80.14 -11.49 44.57
C THR M 305 -79.09 -12.23 43.78
N GLU M 306 -77.96 -11.57 43.49
CA GLU M 306 -76.81 -12.23 42.90
C GLU M 306 -75.58 -11.50 43.41
N CYS M 307 -75.08 -11.94 44.56
CA CYS M 307 -73.89 -11.32 45.12
C CYS M 307 -72.65 -11.93 44.52
N THR M 308 -71.78 -11.06 44.02
CA THR M 308 -70.54 -11.46 43.40
C THR M 308 -69.40 -11.13 44.36
N TYR M 309 -68.68 -12.16 44.78
CA TYR M 309 -67.69 -12.09 45.85
C TYR M 309 -66.39 -11.51 45.29
N ALA M 310 -66.43 -10.22 44.96
CA ALA M 310 -65.50 -9.70 43.97
C ALA M 310 -65.20 -8.22 44.16
N SER M 311 -64.52 -7.64 43.17
CA SER M 311 -63.96 -6.30 43.17
C SER M 311 -64.86 -5.34 42.40
N ASP M 312 -65.07 -5.63 41.12
CA ASP M 312 -66.05 -4.88 40.36
C ASP M 312 -67.39 -4.97 41.05
N PHE M 313 -68.22 -3.97 40.83
CA PHE M 313 -69.48 -3.90 41.55
C PHE M 313 -70.42 -4.97 41.04
N GLY M 314 -70.14 -6.22 41.39
CA GLY M 314 -70.94 -7.33 40.93
C GLY M 314 -72.04 -7.67 41.91
N GLY M 315 -71.85 -7.28 43.17
CA GLY M 315 -72.87 -7.53 44.17
C GLY M 315 -74.09 -6.67 43.94
N ILE M 316 -75.27 -7.29 43.98
CA ILE M 316 -76.53 -6.59 43.81
C ILE M 316 -77.49 -7.00 44.91
N ALA M 317 -78.49 -6.16 45.12
CA ALA M 317 -79.49 -6.46 46.14
C ALA M 317 -80.72 -5.60 45.89
N THR M 318 -81.85 -6.24 45.68
CA THR M 318 -83.10 -5.52 45.70
C THR M 318 -83.38 -5.05 47.12
N VAL M 319 -84.18 -3.99 47.22
CA VAL M 319 -84.59 -3.46 48.50
C VAL M 319 -86.07 -3.14 48.38
N ALA M 320 -86.89 -3.76 49.22
CA ALA M 320 -88.31 -3.48 49.26
C ALA M 320 -88.52 -2.14 49.95
N TYR M 321 -88.34 -1.07 49.18
CA TYR M 321 -88.46 0.27 49.73
C TYR M 321 -89.89 0.51 50.18
N LYS M 322 -90.02 1.06 51.38
CA LYS M 322 -91.30 1.38 52.00
C LYS M 322 -91.24 2.84 52.40
N SER M 323 -91.56 3.72 51.45
CA SER M 323 -91.39 5.14 51.63
C SER M 323 -92.64 5.78 52.20
N SER M 324 -92.50 7.06 52.54
CA SER M 324 -93.60 7.90 52.97
C SER M 324 -93.93 8.93 51.90
N LYS M 325 -92.96 9.74 51.54
CA LYS M 325 -93.03 10.59 50.36
C LYS M 325 -92.41 9.81 49.20
N ALA M 326 -92.14 10.50 48.09
CA ALA M 326 -91.44 9.93 46.96
C ALA M 326 -90.36 10.89 46.52
N GLY M 327 -89.17 10.36 46.29
CA GLY M 327 -88.06 11.20 45.87
C GLY M 327 -86.75 10.45 45.98
N ASN M 328 -85.69 11.22 46.20
CA ASN M 328 -84.36 10.66 46.32
C ASN M 328 -84.08 10.24 47.76
N CYS M 329 -83.08 9.41 47.90
CA CYS M 329 -82.71 8.83 49.19
C CYS M 329 -81.24 8.45 49.11
N PRO M 330 -80.33 9.23 49.69
CA PRO M 330 -78.93 8.82 49.66
C PRO M 330 -78.70 7.58 50.47
N ILE M 331 -77.72 6.79 50.03
CA ILE M 331 -77.46 5.47 50.57
C ILE M 331 -75.99 5.30 50.86
N HIS M 332 -75.68 4.44 51.81
CA HIS M 332 -74.32 4.08 52.16
C HIS M 332 -74.36 2.93 53.13
N SER M 333 -73.31 2.13 53.09
CA SER M 333 -73.08 1.09 54.08
C SER M 333 -72.07 1.63 55.08
N PRO M 334 -72.49 2.04 56.28
CA PRO M 334 -71.50 2.54 57.25
C PRO M 334 -70.43 1.52 57.56
N SER M 335 -70.75 0.24 57.48
CA SER M 335 -69.72 -0.78 57.53
C SER M 335 -68.93 -0.75 56.24
N GLY M 336 -67.62 -0.89 56.36
CA GLY M 336 -66.76 -0.90 55.20
C GLY M 336 -66.75 -2.20 54.43
N VAL M 337 -67.57 -3.16 54.85
CA VAL M 337 -67.62 -4.45 54.17
C VAL M 337 -68.07 -4.26 52.73
N ALA M 338 -69.10 -3.46 52.52
CA ALA M 338 -69.73 -3.29 51.23
C ALA M 338 -69.45 -1.89 50.71
N VAL M 339 -69.04 -1.83 49.45
CA VAL M 339 -68.81 -0.57 48.74
C VAL M 339 -69.82 -0.52 47.62
N ILE M 340 -70.52 0.59 47.52
CA ILE M 340 -71.72 0.70 46.69
C ILE M 340 -71.45 1.67 45.56
N LYS M 341 -71.95 1.33 44.38
CA LYS M 341 -71.77 2.18 43.21
C LYS M 341 -72.73 3.36 43.25
N GLU M 342 -73.95 3.14 43.73
CA GLU M 342 -74.96 4.18 43.79
C GLU M 342 -74.82 4.95 45.09
N ASN M 343 -74.68 6.26 44.97
CA ASN M 343 -74.77 7.14 46.13
C ASN M 343 -76.22 7.39 46.50
N ASP M 344 -77.08 7.49 45.51
CA ASP M 344 -78.44 7.95 45.67
C ASP M 344 -79.36 7.05 44.87
N VAL M 345 -80.55 6.81 45.42
CA VAL M 345 -81.57 6.02 44.76
C VAL M 345 -82.86 6.83 44.73
N THR M 346 -83.51 6.85 43.58
CA THR M 346 -84.80 7.49 43.44
C THR M 346 -85.88 6.55 43.96
N LEU M 347 -86.93 7.13 44.51
CA LEU M 347 -88.01 6.36 45.11
C LEU M 347 -89.36 6.92 44.73
N ALA M 348 -90.23 6.04 44.24
CA ALA M 348 -91.65 6.30 44.19
C ALA M 348 -92.23 5.96 45.55
N GLU M 349 -93.55 5.89 45.64
CA GLU M 349 -94.19 5.59 46.91
C GLU M 349 -94.02 4.11 47.20
N SER M 350 -92.94 3.77 47.89
CA SER M 350 -92.71 2.42 48.42
C SER M 350 -92.63 1.39 47.30
N GLY M 351 -91.65 1.58 46.44
CA GLY M 351 -91.32 0.65 45.38
C GLY M 351 -90.17 -0.25 45.75
N SER M 352 -89.36 -0.58 44.75
CA SER M 352 -88.18 -1.41 44.95
C SER M 352 -87.16 -1.05 43.90
N PHE M 353 -85.90 -0.95 44.30
CA PHE M 353 -84.82 -0.58 43.39
C PHE M 353 -83.55 -1.26 43.82
N THR M 354 -82.99 -2.05 42.92
CA THR M 354 -81.71 -2.71 43.16
C THR M 354 -80.58 -1.71 43.00
N PHE M 355 -79.52 -1.94 43.77
CA PHE M 355 -78.27 -1.23 43.61
C PHE M 355 -77.16 -2.24 43.37
N HIS M 356 -75.98 -1.72 43.09
CA HIS M 356 -74.79 -2.52 42.84
C HIS M 356 -73.80 -2.31 43.98
N PHE M 357 -72.97 -3.32 44.23
CA PHE M 357 -71.94 -3.18 45.25
C PHE M 357 -70.88 -4.25 45.06
N SER M 358 -69.94 -4.29 46.01
CA SER M 358 -68.87 -5.27 46.04
C SER M 358 -68.45 -5.49 47.47
N THR M 359 -68.07 -6.73 47.79
CA THR M 359 -67.74 -7.13 49.14
C THR M 359 -66.53 -8.03 49.12
N ALA M 360 -66.15 -8.49 50.30
CA ALA M 360 -65.02 -9.40 50.47
C ALA M 360 -65.29 -10.54 51.41
N ASN M 361 -66.42 -10.58 52.09
CA ASN M 361 -66.76 -11.66 53.00
C ASN M 361 -67.90 -12.49 52.41
N ILE M 362 -67.75 -13.81 52.52
CA ILE M 362 -68.66 -14.73 51.86
C ILE M 362 -70.09 -14.47 52.30
N HIS M 363 -70.27 -14.11 53.56
CA HIS M 363 -71.57 -13.81 54.13
C HIS M 363 -71.62 -12.32 54.41
N PRO M 364 -71.94 -11.49 53.43
CA PRO M 364 -71.92 -10.05 53.69
C PRO M 364 -73.06 -9.61 54.57
N ALA M 365 -72.73 -9.40 55.84
CA ALA M 365 -73.67 -8.86 56.82
C ALA M 365 -73.34 -7.39 57.05
N PHE M 366 -73.70 -6.58 56.06
CA PHE M 366 -73.44 -5.16 56.10
C PHE M 366 -74.73 -4.39 56.27
N LYS M 367 -74.70 -3.40 57.14
CA LYS M 367 -75.82 -2.49 57.25
C LYS M 367 -75.90 -1.61 56.02
N LEU M 368 -77.11 -1.18 55.70
CA LEU M 368 -77.34 -0.21 54.64
C LEU M 368 -78.24 0.87 55.17
N GLN M 369 -77.78 2.11 55.07
CA GLN M 369 -78.44 3.25 55.67
C GLN M 369 -79.11 4.02 54.54
N VAL M 370 -80.38 3.71 54.30
CA VAL M 370 -81.13 4.33 53.20
C VAL M 370 -81.80 5.57 53.81
N CYS M 371 -81.03 6.66 53.83
CA CYS M 371 -81.46 7.98 54.26
C CYS M 371 -82.23 7.90 55.59
N THR M 372 -81.47 7.52 56.61
CA THR M 372 -81.95 7.30 57.97
C THR M 372 -82.91 6.13 58.03
N SER M 373 -82.45 4.97 57.57
CA SER M 373 -83.13 3.72 57.85
C SER M 373 -82.12 2.61 57.62
N ALA M 374 -81.71 1.96 58.70
CA ALA M 374 -80.71 0.92 58.61
C ALA M 374 -81.35 -0.40 58.21
N VAL M 375 -80.54 -1.27 57.61
CA VAL M 375 -81.00 -2.61 57.28
C VAL M 375 -79.79 -3.49 57.00
N THR M 376 -79.89 -4.73 57.46
CA THR M 376 -78.90 -5.76 57.16
C THR M 376 -79.26 -6.40 55.83
N CYS M 377 -78.35 -6.32 54.87
CA CYS M 377 -78.50 -7.00 53.58
C CYS M 377 -77.69 -8.30 53.60
N LYS M 378 -78.04 -9.15 54.56
CA LYS M 378 -77.38 -10.43 54.73
C LYS M 378 -77.53 -11.29 53.49
N GLY M 379 -76.55 -12.16 53.25
CA GLY M 379 -76.68 -13.12 52.18
C GLY M 379 -75.41 -13.92 51.94
N ASP M 380 -75.20 -14.30 50.68
CA ASP M 380 -74.07 -15.12 50.30
C ASP M 380 -73.68 -14.80 48.86
N CYS M 381 -72.39 -14.95 48.57
CA CYS M 381 -71.80 -14.43 47.35
C CYS M 381 -71.07 -15.52 46.59
N LYS M 382 -70.74 -15.21 45.33
CA LYS M 382 -70.18 -16.16 44.39
C LYS M 382 -68.83 -15.65 43.86
N PRO M 383 -67.81 -16.50 43.75
CA PRO M 383 -66.54 -16.05 43.19
C PRO M 383 -66.60 -15.89 41.68
N PRO M 384 -65.89 -14.89 41.11
CA PRO M 384 -65.79 -14.78 39.64
C PRO M 384 -64.69 -15.61 39.00
N LYS M 385 -64.44 -15.30 37.71
CA LYS M 385 -63.65 -16.13 36.82
C LYS M 385 -62.55 -15.39 36.04
N ASP M 386 -62.54 -14.06 36.02
CA ASP M 386 -62.02 -13.28 34.87
C ASP M 386 -61.08 -12.15 35.30
N HIS M 387 -60.05 -12.46 36.07
CA HIS M 387 -59.29 -11.47 36.85
C HIS M 387 -57.98 -11.00 36.22
N ILE M 388 -58.04 -10.27 35.11
CA ILE M 388 -56.84 -9.55 34.63
C ILE M 388 -57.11 -8.16 34.06
N VAL M 389 -57.44 -7.16 34.88
CA VAL M 389 -57.72 -5.80 34.41
C VAL M 389 -57.37 -4.97 35.63
N ASP M 390 -57.46 -3.61 35.60
CA ASP M 390 -56.82 -2.66 36.51
C ASP M 390 -57.33 -2.81 37.96
N TYR M 391 -57.47 -1.77 38.78
CA TYR M 391 -57.56 -1.99 40.23
C TYR M 391 -58.96 -1.88 40.80
N PRO M 392 -59.20 -2.43 42.00
CA PRO M 392 -60.57 -2.73 42.43
C PRO M 392 -61.30 -1.53 43.04
N ALA M 393 -62.58 -1.77 43.32
CA ALA M 393 -63.44 -0.88 44.08
C ALA M 393 -63.77 -1.41 45.46
N GLN M 394 -63.26 -2.58 45.80
CA GLN M 394 -63.63 -3.33 47.00
C GLN M 394 -62.80 -2.89 48.18
N HIS M 395 -61.48 -3.05 48.07
CA HIS M 395 -60.46 -2.52 48.96
C HIS M 395 -60.83 -2.62 50.44
N THR M 396 -61.44 -3.74 50.81
CA THR M 396 -62.00 -3.91 52.15
C THR M 396 -61.69 -5.28 52.72
N GLU M 397 -60.60 -5.89 52.28
CA GLU M 397 -60.30 -7.25 52.70
C GLU M 397 -60.00 -7.29 54.18
N SER M 398 -60.60 -8.25 54.86
CA SER M 398 -60.39 -8.44 56.29
C SER M 398 -60.58 -9.92 56.59
N PHE M 399 -60.77 -10.25 57.86
CA PHE M 399 -61.00 -11.63 58.25
C PHE M 399 -62.37 -12.08 57.80
N THR M 400 -62.41 -13.19 57.06
CA THR M 400 -63.65 -13.70 56.47
C THR M 400 -63.74 -15.22 56.60
N PRO N 14 -11.65 26.93 5.91
CA PRO N 14 -11.62 25.47 6.04
C PRO N 14 -10.31 24.98 6.61
N TYR N 15 -10.31 24.59 7.88
CA TYR N 15 -9.06 24.23 8.51
C TYR N 15 -8.56 22.90 7.96
N ILE N 16 -7.24 22.71 8.04
CA ILE N 16 -6.62 21.44 7.68
C ILE N 16 -5.78 20.91 8.83
N ALA N 17 -6.00 19.64 9.16
CA ALA N 17 -5.35 18.98 10.28
C ALA N 17 -4.92 17.60 9.84
N ASP N 18 -4.48 16.80 10.81
CA ASP N 18 -3.83 15.52 10.55
C ASP N 18 -4.82 14.38 10.77
N CYS N 19 -5.37 13.88 9.68
CA CYS N 19 -6.25 12.74 9.75
C CYS N 19 -5.46 11.50 10.20
N PRO N 20 -6.05 10.61 11.00
CA PRO N 20 -5.24 9.54 11.60
C PRO N 20 -4.97 8.31 10.73
N ASN N 21 -5.92 7.92 9.90
CA ASN N 21 -5.75 6.74 9.05
C ASN N 21 -6.30 7.07 7.65
N CYS N 22 -5.76 8.14 7.09
CA CYS N 22 -6.26 8.80 5.90
C CYS N 22 -6.07 7.92 4.67
N GLY N 23 -6.84 6.84 4.60
CA GLY N 23 -6.73 5.90 3.51
C GLY N 23 -5.56 4.97 3.72
N HIS N 24 -4.35 5.50 3.50
CA HIS N 24 -3.14 4.75 3.82
C HIS N 24 -2.86 4.81 5.32
N SER N 25 -2.57 6.01 5.79
CA SER N 25 -2.02 6.26 7.11
C SER N 25 -2.29 7.72 7.43
N ARG N 26 -1.56 8.26 8.39
CA ARG N 26 -1.78 9.63 8.83
C ARG N 26 -1.39 10.63 7.75
N CYS N 27 -2.38 11.14 7.02
CA CYS N 27 -2.15 12.28 6.13
C CYS N 27 -2.47 13.56 6.87
N ASP N 28 -2.56 14.66 6.14
CA ASP N 28 -3.13 15.92 6.60
C ASP N 28 -4.31 16.22 5.70
N SER N 29 -5.50 15.79 6.11
CA SER N 29 -6.69 16.06 5.30
C SER N 29 -7.35 17.35 5.76
N PRO N 30 -7.94 18.13 4.85
CA PRO N 30 -8.79 19.24 5.29
C PRO N 30 -10.04 18.79 6.00
N ILE N 31 -10.46 17.54 5.82
CA ILE N 31 -11.69 17.04 6.41
C ILE N 31 -11.34 16.21 7.64
N ALA N 32 -10.20 16.53 8.26
CA ALA N 32 -9.76 15.81 9.44
C ALA N 32 -10.83 15.84 10.53
N ILE N 33 -11.21 14.65 10.97
CA ILE N 33 -12.38 14.47 11.82
C ILE N 33 -11.97 14.61 13.27
N GLU N 34 -12.57 15.57 13.95
CA GLU N 34 -12.52 15.70 15.40
C GLU N 34 -13.95 15.66 15.90
N GLU N 35 -14.09 15.49 17.22
CA GLU N 35 -15.37 15.61 17.95
C GLU N 35 -16.48 14.84 17.25
N VAL N 36 -16.32 13.55 17.21
CA VAL N 36 -17.39 12.65 16.85
C VAL N 36 -18.32 12.53 18.04
N ARG N 37 -19.62 12.60 17.79
CA ARG N 37 -20.63 12.61 18.85
C ARG N 37 -21.75 11.64 18.51
N GLY N 38 -21.55 10.38 18.87
CA GLY N 38 -22.57 9.36 18.72
C GLY N 38 -23.35 9.24 20.00
N ASP N 39 -23.75 10.39 20.52
CA ASP N 39 -24.32 10.52 21.84
C ASP N 39 -25.83 10.70 21.82
N ALA N 40 -26.41 10.98 20.66
CA ALA N 40 -27.85 11.09 20.51
C ALA N 40 -28.42 9.70 20.28
N HIS N 41 -29.68 9.64 19.85
CA HIS N 41 -30.43 8.41 19.74
C HIS N 41 -30.96 8.10 18.34
N ALA N 42 -31.06 9.11 17.47
CA ALA N 42 -31.90 9.01 16.28
C ALA N 42 -31.15 8.48 15.07
N GLY N 43 -30.14 7.65 15.27
CA GLY N 43 -29.31 7.25 14.16
C GLY N 43 -28.37 8.31 13.66
N VAL N 44 -28.22 9.41 14.40
CA VAL N 44 -27.56 10.62 13.92
C VAL N 44 -26.24 10.81 14.64
N ILE N 45 -25.27 11.33 13.91
CA ILE N 45 -24.03 11.83 14.50
C ILE N 45 -23.79 13.24 13.98
N ARG N 46 -23.41 14.11 14.89
CA ARG N 46 -22.87 15.41 14.56
C ARG N 46 -21.34 15.27 14.53
N ILE N 47 -20.74 15.75 13.45
CA ILE N 47 -19.31 15.63 13.21
C ILE N 47 -18.77 17.02 12.92
N GLN N 48 -17.50 17.23 13.24
CA GLN N 48 -16.75 18.37 12.74
C GLN N 48 -15.63 17.89 11.85
N THR N 49 -15.69 18.27 10.59
CA THR N 49 -14.52 18.32 9.75
C THR N 49 -13.74 19.56 10.11
N SER N 50 -12.43 19.50 9.88
CA SER N 50 -11.67 20.74 9.87
C SER N 50 -11.98 21.58 8.65
N ALA N 51 -12.60 20.97 7.63
CA ALA N 51 -13.04 21.71 6.47
C ALA N 51 -14.37 22.40 6.74
N MET N 52 -14.50 23.61 6.22
CA MET N 52 -15.66 24.46 6.36
C MET N 52 -16.37 24.44 5.02
N PHE N 53 -17.27 23.48 4.85
CA PHE N 53 -18.19 23.50 3.73
C PHE N 53 -19.37 24.37 4.11
N GLY N 54 -20.25 24.62 3.15
CA GLY N 54 -21.35 25.54 3.34
C GLY N 54 -21.45 26.51 2.19
N LEU N 55 -21.53 27.80 2.49
CA LEU N 55 -21.39 28.79 1.44
C LEU N 55 -19.99 28.69 0.85
N LYS N 56 -19.76 29.44 -0.22
CA LYS N 56 -18.45 29.47 -0.84
C LYS N 56 -17.52 30.32 0.02
N THR N 57 -16.37 30.69 -0.53
CA THR N 57 -15.54 31.69 0.11
C THR N 57 -16.33 32.95 0.42
N ASP N 58 -17.24 33.35 -0.47
CA ASP N 58 -17.84 34.67 -0.37
C ASP N 58 -19.27 34.69 0.17
N GLY N 59 -20.25 34.14 -0.55
CA GLY N 59 -21.64 34.41 -0.19
C GLY N 59 -22.81 33.52 -0.55
N VAL N 60 -22.62 32.34 -1.17
CA VAL N 60 -23.74 31.67 -1.83
C VAL N 60 -23.78 30.18 -1.52
N ASP N 61 -25.00 29.67 -1.33
CA ASP N 61 -25.32 28.26 -1.49
C ASP N 61 -24.60 27.31 -0.54
N LEU N 62 -25.20 27.15 0.65
CA LEU N 62 -24.83 26.12 1.63
C LEU N 62 -24.36 24.81 1.00
N ALA N 63 -25.01 24.39 -0.08
CA ALA N 63 -24.73 23.09 -0.69
C ALA N 63 -23.47 23.09 -1.56
N TYR N 64 -22.59 24.07 -1.43
CA TYR N 64 -21.28 24.03 -2.05
C TYR N 64 -20.25 23.63 -1.00
N MET N 65 -18.99 23.62 -1.41
CA MET N 65 -17.97 22.80 -0.76
C MET N 65 -16.64 23.51 -0.82
N SER N 66 -16.19 24.02 0.33
CA SER N 66 -14.90 24.70 0.46
C SER N 66 -14.03 23.95 1.45
N PHE N 67 -13.03 23.23 0.94
CA PHE N 67 -11.93 22.73 1.75
C PHE N 67 -10.65 23.47 1.37
N MET N 68 -9.58 23.12 2.04
CA MET N 68 -8.27 23.69 1.78
C MET N 68 -7.49 22.77 0.85
N ASN N 69 -7.02 23.32 -0.26
CA ASN N 69 -6.06 22.68 -1.14
C ASN N 69 -4.91 23.66 -1.29
N GLY N 70 -3.72 23.25 -0.85
CA GLY N 70 -2.61 24.17 -0.75
C GLY N 70 -2.73 24.97 0.54
N LYS N 71 -2.20 26.19 0.51
CA LYS N 71 -2.62 27.22 1.45
C LYS N 71 -4.03 27.70 1.18
N THR N 72 -4.62 27.33 0.04
CA THR N 72 -5.80 27.97 -0.51
C THR N 72 -7.04 27.13 -0.26
N GLN N 73 -8.18 27.80 -0.30
CA GLN N 73 -9.47 27.13 -0.27
C GLN N 73 -9.74 26.47 -1.61
N LYS N 74 -10.88 25.78 -1.69
CA LYS N 74 -11.44 25.40 -2.99
C LYS N 74 -12.95 25.33 -2.82
N SER N 75 -13.62 26.46 -3.04
CA SER N 75 -15.04 26.62 -2.77
C SER N 75 -15.84 26.21 -3.99
N ILE N 76 -16.18 24.93 -4.05
CA ILE N 76 -16.81 24.32 -5.21
C ILE N 76 -17.94 23.39 -4.74
N LYS N 77 -18.49 22.59 -5.64
CA LYS N 77 -19.69 21.82 -5.35
C LYS N 77 -19.42 20.60 -4.48
N ILE N 78 -20.45 20.19 -3.72
CA ILE N 78 -20.39 19.15 -2.70
C ILE N 78 -20.52 17.75 -3.29
N ASP N 79 -20.41 17.63 -4.61
CA ASP N 79 -21.04 16.58 -5.42
C ASP N 79 -21.16 15.19 -4.79
N ASN N 80 -20.11 14.67 -4.16
CA ASN N 80 -20.04 13.25 -3.79
C ASN N 80 -19.49 13.08 -2.38
N LEU N 81 -20.07 13.80 -1.42
CA LEU N 81 -19.76 13.56 -0.03
C LEU N 81 -20.06 12.11 0.35
N HIS N 82 -19.24 11.56 1.24
CA HIS N 82 -19.54 10.29 1.89
C HIS N 82 -19.06 10.32 3.33
N VAL N 83 -19.99 10.45 4.26
CA VAL N 83 -19.79 9.94 5.61
C VAL N 83 -20.12 8.47 5.59
N ARG N 84 -19.39 7.69 6.38
CA ARG N 84 -19.78 6.31 6.54
C ARG N 84 -19.15 5.72 7.78
N THR N 85 -19.66 4.55 8.14
CA THR N 85 -19.30 3.78 9.32
C THR N 85 -19.30 2.35 8.82
N SER N 86 -19.58 1.39 9.70
CA SER N 86 -19.87 0.02 9.32
C SER N 86 -20.69 -0.10 8.04
N ALA N 87 -21.64 0.80 7.84
CA ALA N 87 -22.33 0.98 6.57
C ALA N 87 -22.23 2.42 6.12
N PRO N 88 -22.58 2.71 4.88
CA PRO N 88 -22.66 4.12 4.46
C PRO N 88 -23.77 4.85 5.18
N CYS N 89 -23.42 6.01 5.70
CA CYS N 89 -24.36 6.83 6.44
C CYS N 89 -25.26 7.58 5.48
N SER N 90 -26.15 8.39 6.05
CA SER N 90 -26.96 9.33 5.31
C SER N 90 -26.68 10.71 5.87
N LEU N 91 -26.26 11.62 4.99
CA LEU N 91 -26.15 13.02 5.34
C LEU N 91 -27.49 13.53 5.85
N VAL N 92 -27.44 14.46 6.80
CA VAL N 92 -28.61 15.19 7.27
C VAL N 92 -28.53 16.66 6.90
N SER N 93 -27.43 17.31 7.27
CA SER N 93 -27.21 18.70 6.89
C SER N 93 -25.81 19.10 7.30
N HIS N 94 -25.27 20.07 6.59
CA HIS N 94 -24.00 20.69 6.91
C HIS N 94 -24.18 22.17 7.20
N HIS N 95 -23.35 22.68 8.11
CA HIS N 95 -23.29 24.11 8.37
C HIS N 95 -21.94 24.42 9.00
N GLY N 96 -21.14 25.22 8.33
CA GLY N 96 -19.87 25.63 8.88
C GLY N 96 -18.83 24.53 8.71
N TYR N 97 -18.10 24.26 9.78
CA TYR N 97 -17.18 23.12 9.83
C TYR N 97 -17.90 21.80 10.01
N TYR N 98 -19.21 21.82 10.20
CA TYR N 98 -19.91 20.79 10.93
C TYR N 98 -20.96 20.15 10.05
N ILE N 99 -21.08 18.82 10.17
CA ILE N 99 -22.06 18.06 9.42
C ILE N 99 -22.83 17.18 10.38
N LEU N 100 -24.13 17.04 10.11
CA LEU N 100 -24.98 16.06 10.75
C LEU N 100 -25.32 14.99 9.74
N ALA N 101 -25.26 13.74 10.17
CA ALA N 101 -25.49 12.62 9.27
C ALA N 101 -26.10 11.48 10.04
N GLN N 102 -27.08 10.82 9.42
CA GLN N 102 -27.72 9.67 10.03
C GLN N 102 -26.89 8.44 9.72
N CYS N 103 -26.29 7.87 10.76
CA CYS N 103 -25.43 6.71 10.66
C CYS N 103 -26.00 5.52 11.42
N PRO N 104 -25.62 4.30 11.03
CA PRO N 104 -25.83 3.17 11.92
C PRO N 104 -24.72 3.08 12.94
N PRO N 105 -24.79 2.12 13.85
CA PRO N 105 -23.68 1.89 14.76
C PRO N 105 -22.43 1.50 13.99
N GLY N 106 -21.29 1.77 14.61
CA GLY N 106 -20.02 1.44 14.02
C GLY N 106 -18.88 1.64 14.98
N ASP N 107 -17.93 0.71 14.95
CA ASP N 107 -16.75 0.85 15.79
C ASP N 107 -15.98 2.12 15.47
N THR N 108 -16.03 2.56 14.21
CA THR N 108 -15.29 3.71 13.74
C THR N 108 -16.23 4.74 13.13
N VAL N 109 -15.63 5.79 12.61
CA VAL N 109 -16.30 6.74 11.73
C VAL N 109 -15.36 7.05 10.60
N THR N 110 -15.90 7.15 9.40
CA THR N 110 -15.12 7.16 8.16
C THR N 110 -15.79 8.12 7.20
N VAL N 111 -15.12 9.23 6.91
CA VAL N 111 -15.70 10.35 6.20
C VAL N 111 -14.93 10.57 4.90
N GLY N 112 -15.62 11.13 3.92
CA GLY N 112 -14.91 11.49 2.70
C GLY N 112 -15.79 11.95 1.57
N PHE N 113 -15.32 12.96 0.86
CA PHE N 113 -15.95 13.41 -0.37
C PHE N 113 -15.17 12.89 -1.56
N HIS N 114 -15.48 13.38 -2.74
CA HIS N 114 -14.69 13.11 -3.93
C HIS N 114 -14.54 14.42 -4.67
N ASP N 115 -13.33 14.98 -4.62
CA ASP N 115 -13.04 16.20 -5.37
C ASP N 115 -13.28 15.98 -6.86
N GLY N 116 -13.00 14.78 -7.36
CA GLY N 116 -13.15 14.44 -8.75
C GLY N 116 -11.90 13.81 -9.36
N PRO N 117 -10.71 14.35 -9.05
CA PRO N 117 -9.49 13.64 -9.42
C PRO N 117 -9.07 12.59 -8.40
N ASN N 118 -9.56 12.66 -7.17
CA ASN N 118 -9.06 11.81 -6.10
C ASN N 118 -10.16 11.55 -5.10
N ARG N 119 -10.02 10.42 -4.40
CA ARG N 119 -11.01 10.06 -3.38
C ARG N 119 -10.90 11.01 -2.21
N HIS N 120 -9.75 11.05 -1.55
CA HIS N 120 -9.41 12.13 -0.63
C HIS N 120 -10.36 12.16 0.57
N THR N 121 -10.32 11.07 1.33
CA THR N 121 -11.22 10.79 2.43
C THR N 121 -10.50 10.98 3.76
N CYS N 122 -11.24 10.83 4.85
CA CYS N 122 -10.65 10.81 6.18
C CYS N 122 -11.47 9.97 7.13
N THR N 123 -10.77 9.28 8.01
CA THR N 123 -11.34 8.22 8.81
C THR N 123 -10.81 8.33 10.23
N VAL N 124 -11.53 7.75 11.17
CA VAL N 124 -11.25 7.96 12.58
C VAL N 124 -11.90 6.85 13.40
N ALA N 125 -11.37 6.62 14.59
CA ALA N 125 -11.99 5.75 15.56
C ALA N 125 -13.01 6.52 16.39
N HIS N 126 -14.16 5.90 16.61
CA HIS N 126 -15.09 6.37 17.62
C HIS N 126 -16.16 5.32 17.88
N LYS N 127 -16.35 4.99 19.14
CA LYS N 127 -17.39 4.04 19.53
C LYS N 127 -18.75 4.67 19.28
N VAL N 128 -19.54 4.05 18.41
CA VAL N 128 -20.87 4.54 18.05
C VAL N 128 -21.89 3.48 18.39
N GLU N 129 -23.04 3.93 18.88
CA GLU N 129 -24.21 3.08 19.03
C GLU N 129 -25.43 3.93 18.81
N PHE N 130 -26.57 3.27 18.60
CA PHE N 130 -27.86 3.94 18.60
C PHE N 130 -28.87 3.07 19.32
N ARG N 131 -28.94 3.26 20.61
CA ARG N 131 -30.11 2.92 21.36
C ARG N 131 -31.19 3.94 21.05
N PRO N 132 -32.39 3.51 20.65
CA PRO N 132 -33.53 4.42 20.75
C PRO N 132 -33.98 4.53 22.18
N VAL N 133 -34.58 5.68 22.50
CA VAL N 133 -35.14 5.85 23.81
C VAL N 133 -36.36 4.97 23.94
N GLY N 134 -36.37 4.16 24.98
CA GLY N 134 -37.43 3.19 25.20
C GLY N 134 -36.82 1.95 25.79
N ARG N 135 -37.67 1.13 26.38
CA ARG N 135 -37.23 -0.12 26.94
C ARG N 135 -36.97 -1.19 25.87
N GLU N 136 -37.16 -0.85 24.60
CA GLU N 136 -36.74 -1.72 23.50
C GLU N 136 -35.34 -1.33 23.06
N LYS N 137 -34.46 -2.31 22.96
CA LYS N 137 -33.10 -2.10 22.51
C LYS N 137 -32.99 -2.51 21.04
N TYR N 138 -33.55 -1.67 20.19
CA TYR N 138 -33.42 -1.88 18.76
C TYR N 138 -31.97 -1.66 18.33
N ARG N 139 -31.75 -1.84 17.03
CA ARG N 139 -30.53 -1.43 16.36
C ARG N 139 -30.78 -0.31 15.36
N HIS N 140 -32.02 0.14 15.21
CA HIS N 140 -32.38 0.99 14.09
C HIS N 140 -33.78 1.57 14.29
N PRO N 141 -34.09 2.78 13.82
CA PRO N 141 -35.43 3.33 14.04
C PRO N 141 -36.43 2.71 13.08
N PRO N 142 -37.62 2.34 13.55
CA PRO N 142 -38.63 1.79 12.64
C PRO N 142 -39.44 2.89 11.94
N GLU N 143 -40.43 2.45 11.19
CA GLU N 143 -41.37 3.34 10.53
C GLU N 143 -42.53 3.74 11.42
N HIS N 144 -42.82 2.95 12.44
CA HIS N 144 -44.02 3.12 13.25
C HIS N 144 -43.64 3.01 14.71
N GLY N 145 -44.63 2.93 15.57
CA GLY N 145 -44.43 2.90 17.01
C GLY N 145 -44.75 4.24 17.63
N VAL N 146 -44.66 4.25 18.96
CA VAL N 146 -45.00 5.42 19.73
C VAL N 146 -43.88 6.46 19.59
N GLU N 147 -44.24 7.73 19.75
CA GLU N 147 -43.29 8.81 19.87
C GLU N 147 -43.06 9.13 21.33
N LEU N 148 -41.82 9.41 21.68
CA LEU N 148 -41.45 9.70 23.06
C LEU N 148 -40.13 10.44 23.06
N PRO N 149 -39.78 11.09 24.17
CA PRO N 149 -38.80 12.18 24.12
C PRO N 149 -37.36 11.74 23.93
N CYS N 150 -36.92 11.64 22.69
CA CYS N 150 -35.53 11.31 22.41
C CYS N 150 -34.66 12.55 22.42
N ASN N 151 -33.35 12.30 22.35
CA ASN N 151 -32.34 13.33 22.17
C ASN N 151 -31.77 13.22 20.78
N ARG N 152 -31.59 14.36 20.13
CA ARG N 152 -31.39 14.39 18.70
C ARG N 152 -30.95 15.78 18.31
N TYR N 153 -30.27 15.87 17.17
CA TYR N 153 -29.79 17.14 16.64
C TYR N 153 -30.72 17.65 15.54
N THR N 154 -30.64 18.94 15.32
CA THR N 154 -31.58 19.60 14.42
C THR N 154 -31.15 19.46 12.98
N HIS N 155 -32.07 19.78 12.08
CA HIS N 155 -31.72 19.95 10.69
C HIS N 155 -31.09 21.29 10.41
N LYS N 156 -31.32 22.27 11.27
CA LYS N 156 -31.26 23.66 10.87
C LYS N 156 -29.95 24.33 11.30
N ARG N 157 -29.84 25.60 10.91
CA ARG N 157 -28.67 26.44 11.12
C ARG N 157 -28.96 27.63 12.02
N ALA N 158 -30.20 28.12 12.04
CA ALA N 158 -30.56 29.34 12.78
C ALA N 158 -30.49 28.98 14.26
N ASP N 159 -29.27 28.96 14.77
CA ASP N 159 -28.95 28.23 15.99
C ASP N 159 -27.88 28.99 16.76
N GLN N 160 -28.15 29.18 18.04
CA GLN N 160 -27.26 29.91 18.92
C GLN N 160 -27.12 29.26 20.29
N GLY N 161 -27.79 28.12 20.53
CA GLY N 161 -27.87 27.55 21.86
C GLY N 161 -26.53 27.32 22.53
N HIS N 162 -25.47 27.15 21.74
CA HIS N 162 -24.13 27.15 22.25
C HIS N 162 -23.21 27.80 21.24
N TYR N 163 -21.99 28.10 21.67
CA TYR N 163 -20.96 28.59 20.78
C TYR N 163 -19.63 28.11 21.30
N VAL N 164 -18.78 27.70 20.38
CA VAL N 164 -17.44 27.25 20.70
C VAL N 164 -16.47 28.35 20.33
N GLU N 165 -15.38 28.45 21.09
CA GLU N 165 -14.32 29.37 20.77
C GLU N 165 -13.73 29.03 19.42
N MET N 166 -13.60 30.03 18.56
CA MET N 166 -12.89 29.86 17.29
C MET N 166 -12.01 31.08 17.04
N HIS N 167 -10.82 31.07 17.62
CA HIS N 167 -9.84 32.12 17.40
C HIS N 167 -8.89 31.66 16.29
N GLN N 168 -7.76 32.36 16.17
CA GLN N 168 -7.00 32.37 14.95
C GLN N 168 -6.40 31.01 14.67
N PRO N 169 -5.84 30.83 13.48
CA PRO N 169 -4.85 29.76 13.30
C PRO N 169 -3.49 30.23 13.75
N GLY N 170 -2.69 29.27 14.19
CA GLY N 170 -1.28 29.47 14.22
C GLY N 170 -0.74 29.45 12.80
N LEU N 171 0.58 29.48 12.71
CA LEU N 171 1.21 29.37 11.41
C LEU N 171 0.94 27.98 10.83
N VAL N 172 1.41 27.78 9.60
CA VAL N 172 1.42 26.47 8.98
C VAL N 172 2.68 26.38 8.13
N ALA N 173 3.11 25.14 7.89
CA ALA N 173 4.25 24.90 7.02
C ALA N 173 3.84 25.07 5.57
N ASP N 174 4.74 25.60 4.75
CA ASP N 174 4.55 25.52 3.30
C ASP N 174 5.94 25.64 2.66
N HIS N 175 6.55 24.51 2.38
CA HIS N 175 7.87 24.49 1.77
C HIS N 175 7.82 24.65 0.27
N SER N 176 6.63 24.75 -0.31
CA SER N 176 6.53 25.25 -1.67
C SER N 176 7.07 26.67 -1.78
N LEU N 177 6.98 27.43 -0.69
CA LEU N 177 7.57 28.76 -0.64
C LEU N 177 9.06 28.71 -0.88
N LEU N 178 9.77 27.90 -0.09
CA LEU N 178 11.22 27.96 -0.03
C LEU N 178 11.80 27.37 -1.32
N SER N 179 11.77 28.18 -2.36
CA SER N 179 12.42 27.85 -3.62
C SER N 179 13.91 28.18 -3.48
N ILE N 180 14.62 28.23 -4.60
CA ILE N 180 16.05 28.51 -4.62
C ILE N 180 16.28 29.72 -5.54
N HIS N 181 17.07 30.69 -5.06
CA HIS N 181 17.52 31.83 -5.85
C HIS N 181 18.83 31.52 -6.56
N SER N 182 18.87 30.37 -7.22
CA SER N 182 19.96 29.86 -8.06
C SER N 182 21.24 29.51 -7.29
N ALA N 183 21.41 30.02 -6.07
CA ALA N 183 22.32 29.42 -5.09
C ALA N 183 21.78 29.47 -3.67
N LYS N 184 20.82 30.32 -3.37
CA LYS N 184 20.33 30.58 -2.04
C LYS N 184 18.88 30.14 -1.96
N VAL N 185 18.43 29.78 -0.77
CA VAL N 185 17.06 29.35 -0.61
C VAL N 185 16.15 30.58 -0.54
N LYS N 186 15.09 30.52 -1.33
CA LYS N 186 14.27 31.68 -1.69
C LYS N 186 12.87 31.46 -1.17
N ILE N 187 12.47 32.28 -0.24
CA ILE N 187 11.10 32.28 0.26
C ILE N 187 10.28 33.26 -0.56
N THR N 188 8.97 33.00 -0.65
CA THR N 188 8.04 33.94 -1.26
C THR N 188 6.86 34.15 -0.32
N VAL N 189 5.80 34.79 -0.80
CA VAL N 189 4.63 35.08 0.03
C VAL N 189 3.37 34.79 -0.75
N PRO N 190 2.27 34.41 -0.05
CA PRO N 190 1.00 34.20 -0.77
C PRO N 190 0.46 35.43 -1.48
N SER N 191 0.15 36.46 -0.70
CA SER N 191 -0.51 37.66 -1.19
C SER N 191 0.01 38.89 -0.45
N GLY N 192 1.23 38.82 0.04
CA GLY N 192 1.69 39.73 1.07
C GLY N 192 1.46 39.22 2.47
N ALA N 193 1.12 37.93 2.63
CA ALA N 193 0.92 37.38 3.95
C ALA N 193 2.24 37.40 4.73
N GLN N 194 2.13 37.05 6.00
CA GLN N 194 3.21 37.25 6.97
C GLN N 194 3.95 35.94 7.13
N VAL N 195 5.17 35.89 6.59
CA VAL N 195 5.97 34.67 6.52
C VAL N 195 7.09 34.80 7.56
N LYS N 196 7.14 33.83 8.46
CA LYS N 196 7.96 33.89 9.67
C LYS N 196 9.19 33.04 9.42
N TYR N 197 10.37 33.68 9.32
CA TYR N 197 11.50 33.09 8.60
C TYR N 197 12.86 33.32 9.26
N TYR N 198 13.72 32.30 9.18
CA TYR N 198 15.15 32.23 9.53
C TYR N 198 15.54 30.80 9.20
N CYS N 199 16.84 30.50 9.24
CA CYS N 199 17.32 29.16 8.99
C CYS N 199 18.23 28.78 10.15
N LYS N 200 18.70 27.54 10.16
CA LYS N 200 19.60 27.12 11.23
C LYS N 200 20.84 28.01 11.28
N CYS N 201 21.32 28.44 10.11
CA CYS N 201 22.42 29.37 10.05
C CYS N 201 21.92 30.72 10.55
N PRO N 202 22.82 31.70 10.72
CA PRO N 202 22.37 33.08 11.00
C PRO N 202 22.05 33.92 9.77
N ASP N 203 20.77 34.26 9.60
CA ASP N 203 20.26 35.18 8.59
C ASP N 203 19.04 35.91 9.20
N VAL N 204 18.13 36.43 8.37
CA VAL N 204 16.94 37.17 8.84
C VAL N 204 16.19 36.36 9.89
N ARG N 205 15.93 36.96 11.05
CA ARG N 205 15.52 36.18 12.23
C ARG N 205 14.04 36.18 12.55
N GLU N 206 13.26 37.20 12.18
CA GLU N 206 11.81 37.11 12.37
C GLU N 206 11.13 36.64 11.09
N GLY N 207 11.13 37.51 10.08
CA GLY N 207 10.38 37.30 8.86
C GLY N 207 9.02 37.91 9.05
N ILE N 208 8.85 39.16 8.63
CA ILE N 208 7.53 39.76 8.41
C ILE N 208 7.70 40.57 7.14
N THR N 209 7.48 39.93 5.98
CA THR N 209 8.10 40.42 4.76
C THR N 209 7.27 40.04 3.54
N SER N 210 7.66 40.63 2.42
CA SER N 210 7.36 40.12 1.10
C SER N 210 8.36 39.01 0.80
N SER N 211 8.48 38.61 -0.45
CA SER N 211 9.40 37.55 -0.84
C SER N 211 10.84 37.93 -0.51
N ASP N 212 11.42 37.26 0.49
CA ASP N 212 12.82 37.42 0.84
C ASP N 212 13.67 36.36 0.15
N HIS N 213 14.97 36.60 0.18
CA HIS N 213 15.98 35.60 -0.10
C HIS N 213 16.58 35.14 1.23
N THR N 214 17.65 34.37 1.14
CA THR N 214 18.38 33.91 2.33
C THR N 214 19.86 34.03 2.04
N THR N 215 20.52 34.98 2.68
CA THR N 215 21.94 35.17 2.44
C THR N 215 22.73 33.94 2.88
N THR N 216 22.44 33.43 4.08
CA THR N 216 23.37 32.51 4.74
C THR N 216 23.15 31.04 4.33
N CYS N 217 22.02 30.46 4.74
CA CYS N 217 21.79 29.05 4.48
C CYS N 217 21.43 28.84 3.01
N THR N 218 21.50 27.58 2.60
CA THR N 218 21.24 27.14 1.23
C THR N 218 20.18 26.07 1.16
N ASP N 219 20.17 25.15 2.12
CA ASP N 219 19.29 24.00 2.05
C ASP N 219 17.88 24.39 2.44
N VAL N 220 16.91 23.92 1.65
CA VAL N 220 15.51 24.12 1.96
C VAL N 220 15.15 23.48 3.29
N LYS N 221 15.86 22.42 3.68
CA LYS N 221 15.49 21.58 4.80
C LYS N 221 15.99 22.10 6.14
N GLN N 222 16.41 23.36 6.21
CA GLN N 222 16.90 23.92 7.47
C GLN N 222 16.38 25.34 7.65
N CYS N 223 15.14 25.58 7.24
CA CYS N 223 14.59 26.93 7.22
C CYS N 223 13.13 26.92 7.65
N ARG N 224 12.63 28.12 7.96
CA ARG N 224 11.33 28.32 8.58
C ARG N 224 10.33 28.77 7.52
N ALA N 225 9.69 27.80 6.87
CA ALA N 225 8.61 28.07 5.92
C ALA N 225 7.32 28.17 6.70
N TYR N 226 6.91 29.39 7.03
CA TYR N 226 5.76 29.64 7.89
C TYR N 226 4.79 30.58 7.20
N LEU N 227 3.52 30.48 7.62
CA LEU N 227 2.44 31.30 7.07
C LEU N 227 1.58 31.80 8.23
N ILE N 228 1.93 32.97 8.76
CA ILE N 228 1.02 33.69 9.63
C ILE N 228 0.03 34.37 8.70
N ASP N 229 -1.14 33.76 8.52
CA ASP N 229 -2.14 34.18 7.55
C ASP N 229 -3.48 34.35 8.26
N ASN N 230 -3.46 35.08 9.35
CA ASN N 230 -4.60 35.17 10.24
C ASN N 230 -5.60 36.23 9.78
N LYS N 231 -6.00 36.17 8.51
CA LYS N 231 -7.12 36.94 8.02
C LYS N 231 -8.45 36.22 8.24
N LYS N 232 -8.43 34.93 8.53
CA LYS N 232 -9.62 34.17 8.82
C LYS N 232 -9.33 33.20 9.97
N TRP N 233 -10.18 33.23 10.98
CA TRP N 233 -10.00 32.39 12.16
C TRP N 233 -10.26 30.93 11.80
N VAL N 234 -10.13 30.06 12.81
CA VAL N 234 -10.32 28.62 12.63
C VAL N 234 -11.06 28.03 13.82
N TYR N 235 -11.42 26.77 13.68
CA TYR N 235 -11.79 25.97 14.84
C TYR N 235 -10.55 25.65 15.65
N ASN N 236 -10.73 25.56 16.95
CA ASN N 236 -9.62 25.35 17.87
C ASN N 236 -9.41 23.85 18.07
N SER N 237 -9.07 23.21 16.96
CA SER N 237 -8.78 21.78 16.97
C SER N 237 -7.60 21.48 17.87
N GLY N 238 -7.62 20.30 18.47
CA GLY N 238 -6.42 19.80 19.10
C GLY N 238 -5.29 19.59 18.10
N ARG N 239 -5.64 19.37 16.83
CA ARG N 239 -4.64 19.21 15.79
C ARG N 239 -4.30 20.53 15.11
N LEU N 240 -4.41 21.63 15.84
CA LEU N 240 -3.99 22.95 15.47
C LEU N 240 -2.74 23.35 16.24
N PRO N 241 -1.75 23.97 15.62
CA PRO N 241 -0.73 24.67 16.40
C PRO N 241 -1.22 26.04 16.82
N ARG N 242 -0.96 26.38 18.08
CA ARG N 242 -1.40 27.64 18.65
C ARG N 242 -0.89 28.82 17.84
N GLY N 243 -1.74 29.81 17.66
CA GLY N 243 -1.27 31.13 17.27
C GLY N 243 -0.74 31.80 18.51
N GLU N 244 0.60 31.84 18.60
CA GLU N 244 1.26 32.14 19.86
C GLU N 244 0.98 33.55 20.36
N GLY N 245 0.54 34.45 19.47
CA GLY N 245 0.47 35.84 19.84
C GLY N 245 -0.59 36.14 20.88
N ASP N 246 -1.78 35.59 20.69
CA ASP N 246 -2.94 36.11 21.41
C ASP N 246 -4.12 35.17 21.26
N THR N 247 -5.04 35.28 22.20
CA THR N 247 -6.40 34.77 22.05
C THR N 247 -7.22 35.81 21.28
N PHE N 248 -7.11 35.79 19.95
CA PHE N 248 -7.99 36.65 19.17
C PHE N 248 -9.45 36.27 19.38
N LYS N 249 -10.33 37.19 18.98
CA LYS N 249 -11.77 37.01 18.98
C LYS N 249 -12.16 35.96 17.95
N GLY N 250 -13.46 35.74 17.80
CA GLY N 250 -14.02 34.71 16.96
C GLY N 250 -14.84 33.68 17.71
N LYS N 251 -15.57 34.13 18.72
CA LYS N 251 -16.61 33.29 19.32
C LYS N 251 -17.66 32.97 18.26
N LEU N 252 -17.92 31.69 18.05
CA LEU N 252 -18.73 31.24 16.93
C LEU N 252 -19.63 30.09 17.35
N HIS N 253 -20.88 30.18 16.91
CA HIS N 253 -21.95 29.30 17.36
C HIS N 253 -21.70 27.85 16.98
N VAL N 254 -22.59 26.98 17.44
CA VAL N 254 -22.75 25.64 16.91
C VAL N 254 -24.13 25.56 16.26
N PRO N 255 -24.25 25.05 15.04
CA PRO N 255 -25.59 24.81 14.47
C PRO N 255 -26.35 23.71 15.17
N PHE N 256 -25.74 22.54 15.21
CA PHE N 256 -26.46 21.30 15.51
C PHE N 256 -26.49 21.12 17.02
N VAL N 257 -27.42 21.83 17.63
CA VAL N 257 -27.64 21.73 19.07
C VAL N 257 -28.36 20.42 19.29
N PRO N 258 -28.12 19.72 20.40
CA PRO N 258 -28.98 18.59 20.75
C PRO N 258 -30.31 19.11 21.29
N VAL N 259 -31.40 18.66 20.68
CA VAL N 259 -32.73 19.14 20.98
C VAL N 259 -33.62 17.99 21.42
N LYS N 260 -34.75 18.35 22.01
CA LYS N 260 -35.69 17.39 22.56
C LYS N 260 -36.75 17.05 21.52
N ALA N 261 -36.26 16.48 20.42
CA ALA N 261 -37.17 15.91 19.45
C ALA N 261 -37.83 14.68 20.04
N LYS N 262 -39.06 14.44 19.60
CA LYS N 262 -39.72 13.17 19.84
C LYS N 262 -39.43 12.32 18.63
N CYS N 263 -38.45 11.45 18.74
CA CYS N 263 -38.17 10.54 17.65
C CYS N 263 -39.39 9.69 17.37
N ILE N 264 -39.67 9.49 16.09
CA ILE N 264 -40.43 8.33 15.69
C ILE N 264 -39.68 7.16 16.31
N ALA N 265 -40.37 6.30 17.05
CA ALA N 265 -39.63 5.49 18.00
C ALA N 265 -40.23 4.10 18.12
N THR N 266 -39.78 3.38 19.14
CA THR N 266 -39.87 1.95 19.20
C THR N 266 -41.25 1.53 19.68
N LEU N 267 -41.50 0.23 19.56
CA LEU N 267 -42.71 -0.39 20.07
C LEU N 267 -42.49 -1.89 19.93
N ALA N 268 -42.78 -2.61 20.96
CA ALA N 268 -42.61 -4.04 20.98
C ALA N 268 -43.96 -4.73 20.80
N PRO N 269 -44.02 -5.89 20.12
CA PRO N 269 -45.29 -6.55 19.87
C PRO N 269 -46.04 -6.86 21.15
N GLU N 270 -47.36 -6.83 21.05
CA GLU N 270 -48.20 -6.92 22.23
C GLU N 270 -47.98 -8.27 22.92
N PRO N 271 -48.21 -8.34 24.23
CA PRO N 271 -48.08 -9.62 24.92
C PRO N 271 -49.30 -10.49 24.74
N LEU N 272 -49.14 -11.76 25.11
CA LEU N 272 -50.23 -12.72 25.17
C LEU N 272 -50.57 -12.89 26.64
N VAL N 273 -51.65 -12.27 27.07
CA VAL N 273 -52.05 -12.37 28.46
C VAL N 273 -52.74 -13.69 28.67
N GLU N 274 -52.37 -14.38 29.74
CA GLU N 274 -52.93 -15.66 30.10
C GLU N 274 -53.20 -15.65 31.58
N HIS N 275 -54.41 -16.04 31.95
CA HIS N 275 -54.81 -16.06 33.34
C HIS N 275 -54.34 -17.31 34.06
N LYS N 276 -53.96 -17.14 35.32
CA LYS N 276 -53.94 -18.21 36.29
C LYS N 276 -54.31 -17.63 37.64
N HIS N 277 -54.35 -18.49 38.64
CA HIS N 277 -54.73 -18.11 40.00
C HIS N 277 -53.68 -17.18 40.59
N ARG N 278 -54.00 -15.88 40.63
CA ARG N 278 -53.10 -14.86 41.18
C ARG N 278 -51.74 -14.90 40.49
N THR N 279 -51.75 -15.24 39.20
CA THR N 279 -50.52 -15.47 38.48
C THR N 279 -50.76 -15.16 37.01
N LEU N 280 -49.88 -14.34 36.44
CA LEU N 280 -49.88 -14.05 35.02
C LEU N 280 -48.84 -14.94 34.35
N ILE N 281 -49.29 -16.01 33.70
CA ILE N 281 -48.48 -16.56 32.63
C ILE N 281 -48.54 -15.59 31.48
N LEU N 282 -47.40 -15.38 30.85
CA LEU N 282 -47.32 -14.50 29.70
C LEU N 282 -46.38 -15.15 28.71
N HIS N 283 -46.96 -15.84 27.72
CA HIS N 283 -46.18 -16.19 26.55
C HIS N 283 -45.84 -14.92 25.81
N LEU N 284 -44.56 -14.71 25.53
CA LEU N 284 -44.08 -13.42 25.07
C LEU N 284 -43.08 -13.61 23.96
N HIS N 285 -43.07 -12.67 23.04
CA HIS N 285 -42.44 -12.85 21.76
C HIS N 285 -42.09 -11.50 21.15
N PRO N 286 -40.94 -10.95 21.47
CA PRO N 286 -40.60 -9.61 20.99
C PRO N 286 -39.96 -9.59 19.62
N ASP N 287 -39.71 -8.38 19.14
CA ASP N 287 -38.94 -8.12 17.94
C ASP N 287 -37.46 -8.00 18.25
N HIS N 288 -37.16 -7.34 19.35
CA HIS N 288 -35.81 -6.96 19.73
C HIS N 288 -35.68 -7.10 21.24
N PRO N 289 -34.49 -6.96 21.80
CA PRO N 289 -34.36 -7.05 23.26
C PRO N 289 -35.17 -5.96 23.95
N THR N 290 -36.13 -6.39 24.75
CA THR N 290 -37.08 -5.52 25.41
C THR N 290 -36.89 -5.63 26.92
N LEU N 291 -36.68 -4.50 27.57
CA LEU N 291 -36.59 -4.48 29.03
C LEU N 291 -38.00 -4.50 29.58
N LEU N 292 -38.40 -5.64 30.10
CA LEU N 292 -39.64 -5.74 30.85
C LEU N 292 -39.39 -5.47 32.31
N THR N 293 -40.39 -4.90 32.97
CA THR N 293 -40.29 -4.74 34.40
C THR N 293 -41.66 -4.44 34.99
N THR N 294 -41.76 -4.67 36.30
CA THR N 294 -43.03 -4.64 37.02
C THR N 294 -42.84 -3.99 38.38
N ARG N 295 -43.96 -3.82 39.09
CA ARG N 295 -43.95 -3.24 40.43
C ARG N 295 -45.13 -3.83 41.21
N SER N 296 -44.87 -4.84 42.02
CA SER N 296 -45.94 -5.34 42.87
C SER N 296 -46.29 -4.25 43.87
N LEU N 297 -47.49 -3.70 43.71
CA LEU N 297 -47.85 -2.43 44.34
C LEU N 297 -48.02 -2.50 45.83
N GLY N 298 -47.79 -3.64 46.47
CA GLY N 298 -47.67 -3.62 47.91
C GLY N 298 -46.53 -2.72 48.33
N SER N 299 -46.55 -2.35 49.61
CA SER N 299 -45.40 -1.66 50.16
C SER N 299 -44.15 -2.53 50.07
N ASP N 300 -44.33 -3.84 49.98
CA ASP N 300 -43.32 -4.70 49.39
C ASP N 300 -43.36 -4.51 47.89
N ALA N 301 -42.35 -3.84 47.34
CA ALA N 301 -42.33 -3.55 45.92
C ALA N 301 -42.18 -4.83 45.10
N ASN N 302 -41.15 -5.61 45.43
CA ASN N 302 -40.74 -6.82 44.70
C ASN N 302 -40.78 -6.62 43.17
N PRO N 303 -39.97 -5.71 42.64
CA PRO N 303 -39.92 -5.52 41.20
C PRO N 303 -39.05 -6.56 40.52
N THR N 304 -39.10 -6.53 39.20
CA THR N 304 -38.33 -7.43 38.35
C THR N 304 -37.88 -6.66 37.13
N ARG N 305 -36.70 -7.01 36.64
CA ARG N 305 -36.17 -6.47 35.39
C ARG N 305 -35.55 -7.59 34.61
N GLN N 306 -35.82 -7.65 33.32
CA GLN N 306 -35.05 -8.53 32.45
C GLN N 306 -35.25 -8.11 31.01
N TRP N 307 -34.14 -7.82 30.34
CA TRP N 307 -34.17 -7.68 28.90
C TRP N 307 -34.60 -8.99 28.28
N ILE N 308 -35.60 -8.94 27.41
CA ILE N 308 -36.10 -10.11 26.72
C ILE N 308 -35.92 -9.87 25.24
N GLU N 309 -35.08 -10.68 24.63
CA GLU N 309 -34.98 -10.79 23.18
C GLU N 309 -35.41 -12.14 22.68
N ARG N 310 -35.17 -13.17 23.44
CA ARG N 310 -35.62 -14.49 23.09
C ARG N 310 -37.06 -14.66 23.57
N PRO N 311 -37.98 -15.15 22.74
CA PRO N 311 -39.35 -15.33 23.20
C PRO N 311 -39.42 -16.27 24.37
N THR N 312 -40.21 -15.90 25.37
CA THR N 312 -40.17 -16.57 26.65
C THR N 312 -41.54 -16.48 27.30
N THR N 313 -42.04 -17.63 27.75
CA THR N 313 -43.17 -17.65 28.66
C THR N 313 -42.67 -17.38 30.07
N VAL N 314 -43.17 -16.31 30.66
CA VAL N 314 -42.73 -15.86 31.98
C VAL N 314 -43.88 -16.00 32.97
N ASN N 315 -43.62 -15.62 34.22
CA ASN N 315 -44.62 -15.72 35.26
C ASN N 315 -44.45 -14.56 36.23
N PHE N 316 -45.56 -14.21 36.87
CA PHE N 316 -45.58 -13.10 37.82
C PHE N 316 -46.58 -13.43 38.91
N THR N 317 -46.09 -13.62 40.12
CA THR N 317 -46.98 -13.83 41.25
C THR N 317 -47.66 -12.52 41.58
N VAL N 318 -48.81 -12.29 40.99
CA VAL N 318 -49.58 -11.09 41.30
C VAL N 318 -50.23 -11.28 42.67
N THR N 319 -50.33 -10.19 43.39
CA THR N 319 -50.88 -10.16 44.72
C THR N 319 -52.35 -9.77 44.66
N GLY N 320 -52.93 -9.50 45.83
CA GLY N 320 -54.33 -9.14 45.88
C GLY N 320 -54.58 -7.75 45.34
N GLU N 321 -53.72 -6.80 45.70
CA GLU N 321 -54.04 -5.40 45.43
C GLU N 321 -53.72 -4.99 44.00
N GLY N 322 -52.67 -5.55 43.40
CA GLY N 322 -52.43 -5.32 42.00
C GLY N 322 -50.96 -5.42 41.64
N LEU N 323 -50.73 -5.50 40.33
CA LEU N 323 -49.40 -5.43 39.73
C LEU N 323 -49.50 -4.57 38.49
N GLU N 324 -48.36 -4.05 38.04
CA GLU N 324 -48.29 -3.37 36.76
C GLU N 324 -47.18 -3.96 35.92
N TYR N 325 -47.27 -3.70 34.62
CA TYR N 325 -46.61 -4.50 33.60
C TYR N 325 -46.24 -3.59 32.43
N THR N 326 -44.98 -3.66 32.00
CA THR N 326 -44.39 -2.66 31.10
C THR N 326 -43.71 -3.33 29.92
N TRP N 327 -44.49 -3.66 28.90
CA TRP N 327 -43.96 -4.34 27.72
C TRP N 327 -43.19 -3.36 26.86
N GLY N 328 -41.97 -3.08 27.28
CA GLY N 328 -41.23 -2.12 26.53
C GLY N 328 -41.85 -0.74 26.73
N ASN N 329 -41.51 0.17 25.81
CA ASN N 329 -42.10 1.51 25.87
C ASN N 329 -43.57 1.52 25.50
N HIS N 330 -44.15 0.38 25.15
CA HIS N 330 -45.59 0.25 25.20
C HIS N 330 -46.07 0.66 26.59
N PRO N 331 -47.23 1.29 26.72
CA PRO N 331 -47.59 1.90 28.00
C PRO N 331 -47.71 0.87 29.11
N PRO N 332 -47.63 1.30 30.36
CA PRO N 332 -47.72 0.35 31.47
C PRO N 332 -49.14 -0.16 31.64
N LYS N 333 -49.26 -1.46 31.78
CA LYS N 333 -50.54 -2.10 32.09
C LYS N 333 -50.69 -2.22 33.60
N ARG N 334 -51.85 -2.69 34.01
CA ARG N 334 -52.19 -2.87 35.41
C ARG N 334 -53.15 -4.03 35.48
N VAL N 335 -53.23 -4.69 36.64
CA VAL N 335 -54.01 -5.93 36.74
C VAL N 335 -54.59 -6.14 38.14
N TRP N 336 -55.90 -6.37 38.21
CA TRP N 336 -56.54 -6.89 39.42
C TRP N 336 -56.38 -8.40 39.37
N ALA N 337 -55.66 -8.93 40.34
CA ALA N 337 -55.68 -10.35 40.64
C ALA N 337 -56.16 -10.47 42.06
N GLN N 338 -57.46 -10.53 42.21
CA GLN N 338 -58.04 -11.09 43.40
C GLN N 338 -58.02 -12.59 43.24
N GLN O 1 23.91 57.43 -9.84
CA GLN O 1 22.98 56.73 -8.99
C GLN O 1 23.82 55.88 -8.09
N ILE O 2 24.11 54.59 -8.38
CA ILE O 2 24.85 53.78 -7.40
C ILE O 2 26.33 53.94 -7.67
N GLN O 3 27.15 54.29 -6.70
CA GLN O 3 28.58 54.41 -6.90
C GLN O 3 29.16 53.66 -5.70
N LEU O 4 30.08 52.75 -5.89
CA LEU O 4 30.76 52.18 -4.76
C LEU O 4 32.16 52.67 -5.11
N VAL O 5 32.73 53.49 -4.24
CA VAL O 5 34.05 54.05 -4.50
C VAL O 5 34.93 53.44 -3.43
N GLN O 6 36.10 52.93 -3.82
CA GLN O 6 36.92 52.17 -2.89
C GLN O 6 38.13 52.96 -2.47
N SER O 7 38.84 52.56 -1.41
CA SER O 7 40.07 53.22 -1.09
C SER O 7 41.13 53.01 -2.18
N GLY O 8 42.19 53.81 -2.07
CA GLY O 8 43.27 53.73 -3.01
C GLY O 8 44.17 52.53 -2.69
N ARG O 9 45.13 52.23 -3.54
CA ARG O 9 45.86 50.96 -3.57
C ARG O 9 46.97 50.89 -2.51
N GLU O 10 47.14 49.89 -1.65
CA GLU O 10 48.27 49.97 -0.77
C GLU O 10 49.39 49.01 -0.99
N VAL O 11 50.49 49.46 -0.42
CA VAL O 11 51.70 48.69 -0.32
C VAL O 11 51.82 48.31 1.14
N LYS O 12 52.19 47.08 1.50
CA LYS O 12 52.35 46.64 2.89
C LYS O 12 53.39 45.50 2.91
N ASN O 13 54.35 45.44 3.85
CA ASN O 13 55.40 44.41 3.90
C ASN O 13 54.71 43.20 4.54
N PRO O 14 55.15 41.97 4.31
CA PRO O 14 54.53 40.79 4.88
C PRO O 14 54.35 40.91 6.38
N GLY O 15 53.22 40.39 6.82
CA GLY O 15 52.89 40.41 8.24
C GLY O 15 51.91 41.49 8.61
N GLU O 16 51.93 42.64 7.93
CA GLU O 16 51.00 43.72 8.23
C GLU O 16 49.49 43.47 8.06
N THR O 17 48.64 44.46 8.36
CA THR O 17 47.19 44.38 8.27
C THR O 17 46.73 45.50 7.33
N VAL O 18 45.61 45.34 6.64
CA VAL O 18 45.09 46.40 5.82
C VAL O 18 43.57 46.50 5.99
N LYS O 19 43.07 47.74 5.97
CA LYS O 19 41.64 47.94 6.02
C LYS O 19 41.32 48.72 4.73
N ILE O 20 40.57 48.04 3.85
CA ILE O 20 40.10 48.53 2.57
C ILE O 20 38.64 48.97 2.76
N SER O 21 38.32 50.23 2.50
CA SER O 21 36.98 50.74 2.59
C SER O 21 36.27 50.70 1.26
N CYS O 22 34.92 50.59 1.34
CA CYS O 22 33.97 50.63 0.23
C CYS O 22 32.82 51.54 0.66
N LYS O 23 32.72 52.75 0.10
CA LYS O 23 31.74 53.78 0.48
C LYS O 23 30.64 53.68 -0.57
N ALA O 24 29.42 53.43 -0.14
CA ALA O 24 28.31 53.16 -1.04
C ALA O 24 27.48 54.39 -1.33
N SER O 25 27.00 54.59 -2.54
CA SER O 25 26.17 55.72 -2.84
C SER O 25 25.01 55.28 -3.72
N GLY O 26 23.86 55.92 -3.58
CA GLY O 26 22.75 55.68 -4.47
C GLY O 26 21.73 54.70 -3.96
N TYR O 27 22.01 53.82 -3.02
CA TYR O 27 20.98 52.90 -2.57
C TYR O 27 20.76 52.92 -1.07
N THR O 28 19.79 52.22 -0.51
CA THR O 28 19.70 52.21 0.93
C THR O 28 20.48 50.99 1.41
N PHE O 29 21.68 51.32 1.90
CA PHE O 29 22.71 50.40 2.38
C PHE O 29 22.24 49.07 2.96
N THR O 30 21.24 49.29 3.80
CA THR O 30 20.55 48.32 4.61
C THR O 30 19.71 47.24 3.95
N GLU O 31 19.28 47.49 2.72
CA GLU O 31 18.48 46.48 2.06
C GLU O 31 19.31 45.69 1.07
N TYR O 32 20.61 45.97 0.93
CA TYR O 32 21.51 45.29 0.00
C TYR O 32 22.89 45.07 0.61
N PRO O 33 23.21 43.80 0.78
CA PRO O 33 24.46 43.44 1.42
C PRO O 33 25.59 43.49 0.43
N MET O 34 26.84 43.27 0.92
CA MET O 34 28.07 43.38 0.15
C MET O 34 28.92 42.16 -0.03
N LEU O 35 29.26 41.96 -1.29
CA LEU O 35 30.06 40.87 -1.79
C LEU O 35 31.47 41.30 -1.84
N TRP O 36 32.49 40.53 -1.46
CA TRP O 36 33.86 40.98 -1.58
C TRP O 36 34.50 39.99 -2.49
N VAL O 37 35.10 40.41 -3.58
CA VAL O 37 35.60 39.49 -4.61
C VAL O 37 37.10 39.76 -4.74
N LYS O 38 37.89 38.71 -4.99
CA LYS O 38 39.35 38.86 -5.14
C LYS O 38 39.66 38.54 -6.58
N GLN O 39 40.31 39.39 -7.37
CA GLN O 39 40.66 39.05 -8.72
C GLN O 39 42.14 39.13 -8.56
N ALA O 40 42.66 37.94 -8.60
CA ALA O 40 44.07 37.76 -8.44
C ALA O 40 44.70 37.93 -9.80
N PRO O 41 45.78 38.70 -9.87
CA PRO O 41 46.61 38.94 -11.07
C PRO O 41 46.46 38.01 -12.26
N GLY O 42 46.67 36.71 -12.07
CA GLY O 42 46.48 35.78 -13.15
C GLY O 42 45.10 35.14 -13.02
N LYS O 43 44.99 34.38 -11.95
CA LYS O 43 43.86 33.54 -11.63
C LYS O 43 42.39 33.88 -11.94
N GLY O 44 41.93 35.11 -12.20
CA GLY O 44 40.51 35.36 -12.42
C GLY O 44 39.68 35.78 -11.18
N PHE O 45 38.34 35.65 -11.20
CA PHE O 45 37.52 36.19 -10.14
C PHE O 45 37.13 35.14 -9.11
N ARG O 46 37.14 35.49 -7.81
CA ARG O 46 36.76 34.61 -6.73
C ARG O 46 35.89 35.25 -5.63
N TRP O 47 34.76 34.63 -5.21
CA TRP O 47 33.91 35.19 -4.18
C TRP O 47 34.61 35.03 -2.83
N MET O 48 34.83 36.11 -2.07
CA MET O 48 35.43 36.02 -0.76
C MET O 48 34.38 35.89 0.36
N GLY O 49 33.10 36.21 0.10
CA GLY O 49 32.05 36.11 1.10
C GLY O 49 31.03 37.22 0.89
N LEU O 50 30.15 37.42 1.86
CA LEU O 50 29.07 38.38 1.78
C LEU O 50 28.77 38.85 3.21
N ILE O 51 28.40 40.12 3.35
CA ILE O 51 28.05 40.65 4.66
C ILE O 51 26.63 41.22 4.58
N TYR O 52 25.85 40.76 5.56
CA TYR O 52 24.50 41.19 5.75
C TYR O 52 24.53 42.61 6.31
N THR O 53 24.47 43.63 5.50
CA THR O 53 24.52 44.99 5.98
C THR O 53 23.34 45.38 6.86
N ASN O 54 22.45 44.45 7.13
CA ASN O 54 21.32 44.74 7.98
C ASN O 54 21.65 44.30 9.40
N THR O 55 21.88 43.00 9.63
CA THR O 55 22.26 42.43 10.93
C THR O 55 23.73 42.72 11.32
N GLY O 56 24.54 42.74 10.25
CA GLY O 56 25.98 42.75 10.35
C GLY O 56 26.58 41.34 10.22
N GLU O 57 25.94 40.14 10.04
CA GLU O 57 26.68 38.86 9.95
C GLU O 57 27.39 38.63 8.64
N PRO O 58 28.69 38.34 8.67
CA PRO O 58 29.49 37.92 7.54
C PRO O 58 29.50 36.45 7.21
N THR O 59 29.61 36.13 5.93
CA THR O 59 29.82 34.76 5.50
C THR O 59 31.22 34.85 4.90
N TYR O 60 32.09 33.87 5.11
CA TYR O 60 33.38 33.92 4.46
C TYR O 60 33.40 32.77 3.50
N ALA O 61 34.09 32.90 2.40
CA ALA O 61 34.28 31.71 1.58
C ALA O 61 35.24 30.82 2.39
N GLU O 62 35.28 29.49 2.33
CA GLU O 62 36.21 28.72 3.15
C GLU O 62 37.65 29.17 2.90
N GLU O 63 38.03 29.48 1.66
CA GLU O 63 39.36 29.99 1.36
C GLU O 63 39.74 31.25 2.17
N PHE O 64 38.74 31.95 2.75
CA PHE O 64 38.92 33.24 3.37
C PHE O 64 38.57 33.34 4.85
N LYS O 65 38.08 32.22 5.42
CA LYS O 65 37.75 32.19 6.84
C LYS O 65 39.09 32.29 7.60
N GLY O 66 39.40 33.30 8.43
CA GLY O 66 40.65 33.27 9.17
C GLY O 66 41.32 34.62 9.24
N ARG O 67 42.16 34.94 8.24
CA ARG O 67 42.79 36.25 8.19
C ARG O 67 41.88 37.36 7.73
N PHE O 68 40.78 36.99 7.09
CA PHE O 68 39.84 37.95 6.57
C PHE O 68 38.67 38.17 7.52
N VAL O 69 38.40 39.48 7.64
CA VAL O 69 37.35 40.05 8.48
C VAL O 69 36.59 41.22 7.86
N PHE O 70 35.30 41.03 7.53
CA PHE O 70 34.39 42.03 7.00
C PHE O 70 33.77 42.82 8.11
N SER O 71 33.58 44.12 7.99
CA SER O 71 32.90 44.91 9.01
C SER O 71 32.27 46.10 8.30
N LEU O 72 31.51 46.96 8.98
CA LEU O 72 30.92 48.05 8.26
C LEU O 72 30.71 49.31 9.04
N GLU O 73 30.99 50.49 8.52
CA GLU O 73 30.64 51.69 9.20
C GLU O 73 29.28 51.98 8.61
N ILE O 74 28.32 51.22 9.12
CA ILE O 74 26.89 51.28 8.79
C ILE O 74 26.37 52.68 8.48
N SER O 75 26.79 53.43 9.47
CA SER O 75 26.41 54.82 9.69
C SER O 75 26.83 55.75 8.56
N ALA O 76 27.85 55.31 7.83
CA ALA O 76 28.46 56.10 6.79
C ALA O 76 28.35 55.32 5.49
N SER O 77 27.57 54.23 5.47
CA SER O 77 27.43 53.43 4.28
C SER O 77 28.78 52.91 3.79
N THR O 78 29.61 52.47 4.73
CA THR O 78 30.88 51.89 4.34
C THR O 78 30.96 50.43 4.72
N ALA O 79 31.52 49.56 3.89
CA ALA O 79 31.78 48.16 4.21
C ALA O 79 33.28 48.12 4.16
N TYR O 80 33.94 47.23 4.91
CA TYR O 80 35.40 47.22 4.90
C TYR O 80 35.95 45.83 4.89
N LEU O 81 37.10 45.64 4.26
CA LEU O 81 37.74 44.37 4.21
C LEU O 81 38.98 44.51 5.03
N GLN O 82 39.25 43.59 5.94
CA GLN O 82 40.49 43.65 6.66
C GLN O 82 41.14 42.30 6.55
N ILE O 83 42.40 42.38 6.12
CA ILE O 83 43.25 41.24 5.89
C ILE O 83 44.39 41.48 6.84
N ASN O 84 44.46 40.55 7.77
CA ASN O 84 45.46 40.59 8.82
C ASN O 84 46.55 39.58 8.49
N ASN O 85 47.77 39.85 9.03
CA ASN O 85 48.94 39.01 8.87
C ASN O 85 49.09 38.65 7.40
N LEU O 86 49.34 39.75 6.69
CA LEU O 86 49.36 39.75 5.24
C LEU O 86 50.38 38.74 4.75
N THR O 87 49.96 37.96 3.79
CA THR O 87 50.86 36.99 3.19
C THR O 87 51.20 37.60 1.86
N ASN O 88 52.38 37.28 1.42
CA ASN O 88 52.88 37.81 0.15
C ASN O 88 51.96 37.46 -1.03
N GLU O 89 51.31 36.27 -1.03
CA GLU O 89 50.45 35.89 -2.13
C GLU O 89 49.04 36.47 -2.07
N ASP O 90 48.88 37.51 -1.27
CA ASP O 90 47.61 38.23 -1.23
C ASP O 90 47.66 39.41 -2.16
N THR O 91 48.72 39.60 -3.01
CA THR O 91 48.70 40.75 -3.90
C THR O 91 47.71 40.40 -4.99
N ALA O 92 46.83 41.37 -5.17
CA ALA O 92 45.68 41.21 -6.02
C ALA O 92 44.86 42.45 -5.82
N THR O 93 43.69 42.46 -6.47
CA THR O 93 42.74 43.57 -6.42
C THR O 93 41.46 43.04 -5.77
N TYR O 94 40.83 43.83 -4.92
CA TYR O 94 39.66 43.37 -4.21
C TYR O 94 38.60 44.35 -4.60
N PHE O 95 37.44 43.82 -4.94
CA PHE O 95 36.34 44.64 -5.41
C PHE O 95 35.23 44.58 -4.39
N CYS O 96 34.50 45.61 -3.91
CA CYS O 96 33.20 45.41 -3.26
C CYS O 96 32.10 45.41 -4.36
N VAL O 97 30.97 44.81 -4.04
CA VAL O 97 29.94 44.52 -5.01
C VAL O 97 28.59 44.48 -4.30
N ARG O 98 27.53 44.85 -5.00
CA ARG O 98 26.20 44.87 -4.38
C ARG O 98 25.46 43.61 -4.81
N ASP O 99 24.91 42.84 -3.87
CA ASP O 99 24.16 41.67 -4.23
C ASP O 99 22.72 42.06 -4.40
N TYR O 100 22.19 41.88 -5.60
CA TYR O 100 20.79 42.26 -5.88
C TYR O 100 20.40 41.64 -7.20
N PHE O 101 19.10 41.49 -7.42
CA PHE O 101 18.68 40.83 -8.65
C PHE O 101 19.26 39.46 -8.87
N ILE O 102 19.24 38.61 -7.83
CA ILE O 102 19.62 37.19 -7.93
C ILE O 102 21.05 37.03 -8.42
N SER O 103 21.87 38.03 -8.13
CA SER O 103 23.30 38.02 -8.56
C SER O 103 24.05 39.23 -8.01
N LEU O 104 24.88 39.84 -8.83
CA LEU O 104 25.58 41.03 -8.39
C LEU O 104 25.27 42.02 -9.48
N ASP O 105 24.87 43.26 -9.11
CA ASP O 105 24.55 44.25 -10.19
C ASP O 105 25.56 45.36 -10.36
N TYR O 106 26.19 45.79 -9.30
CA TYR O 106 27.19 46.84 -9.43
C TYR O 106 28.48 46.36 -8.77
N TRP O 107 29.60 46.67 -9.40
CA TRP O 107 30.94 46.40 -8.87
C TRP O 107 31.64 47.72 -8.59
N GLY O 108 32.57 47.74 -7.63
CA GLY O 108 33.33 48.95 -7.28
C GLY O 108 34.48 49.16 -8.27
N GLN O 109 35.38 50.21 -7.98
CA GLN O 109 36.59 50.32 -8.79
C GLN O 109 37.73 49.34 -8.50
N GLY O 110 37.86 48.81 -7.30
CA GLY O 110 38.95 47.90 -6.97
C GLY O 110 39.96 48.61 -6.10
N THR O 111 40.62 47.91 -5.20
CA THR O 111 41.70 48.43 -4.39
C THR O 111 42.70 47.30 -4.54
N THR O 112 43.87 47.67 -5.04
CA THR O 112 44.94 46.73 -5.35
C THR O 112 45.97 46.71 -4.25
N LEU O 113 46.39 45.55 -3.73
CA LEU O 113 47.35 45.53 -2.64
C LEU O 113 48.56 44.89 -3.24
N THR O 114 49.69 45.50 -2.88
CA THR O 114 50.96 44.91 -3.24
C THR O 114 51.71 44.71 -1.94
N VAL O 115 51.71 43.46 -1.51
CA VAL O 115 52.45 42.98 -0.34
C VAL O 115 53.90 42.89 -0.70
N SER O 116 54.77 43.72 -0.15
CA SER O 116 56.14 43.69 -0.58
C SER O 116 57.06 44.42 0.39
N SER O 117 58.16 43.75 0.72
CA SER O 117 59.15 44.31 1.64
C SER O 117 59.94 45.42 0.98
N ALA O 118 60.11 46.54 1.68
CA ALA O 118 60.85 47.68 1.17
C ALA O 118 60.66 48.90 2.05
N LYS O 119 61.68 49.77 2.07
CA LYS O 119 61.62 50.98 2.88
C LYS O 119 60.69 52.02 2.26
N THR O 120 60.93 53.29 2.58
CA THR O 120 60.11 54.37 2.05
C THR O 120 60.97 55.41 1.33
N THR O 121 60.80 55.52 0.02
CA THR O 121 61.56 56.47 -0.78
C THR O 121 60.61 57.45 -1.45
N ALA O 122 60.85 58.74 -1.21
CA ALA O 122 60.05 59.79 -1.84
C ALA O 122 60.40 59.90 -3.33
N PRO O 123 59.41 60.23 -4.16
CA PRO O 123 59.65 60.38 -5.60
C PRO O 123 60.34 61.69 -5.97
N SER O 124 61.02 61.67 -7.11
CA SER O 124 61.55 62.90 -7.69
C SER O 124 60.66 63.24 -8.87
N VAL O 125 60.12 64.46 -8.86
CA VAL O 125 59.18 64.88 -9.89
C VAL O 125 59.85 65.79 -10.92
N TYR O 126 59.88 65.34 -12.16
CA TYR O 126 60.59 66.05 -13.23
C TYR O 126 59.64 66.52 -14.33
N PRO O 127 59.75 67.80 -14.73
CA PRO O 127 58.91 68.32 -15.80
C PRO O 127 59.41 67.84 -17.15
N LEU O 128 58.50 67.52 -18.06
CA LEU O 128 58.86 67.13 -19.41
C LEU O 128 58.32 68.14 -20.41
N ALA O 129 59.21 69.03 -20.86
CA ALA O 129 58.85 70.06 -21.81
C ALA O 129 59.41 69.66 -23.18
N PRO O 130 58.82 70.18 -24.27
CA PRO O 130 59.22 69.80 -25.62
C PRO O 130 60.65 70.20 -25.95
N VAL O 131 61.16 69.65 -27.04
CA VAL O 131 62.53 69.90 -27.49
C VAL O 131 62.82 71.39 -27.65
N CYS O 132 64.08 71.76 -27.46
CA CYS O 132 64.51 73.15 -27.42
C CYS O 132 64.12 73.95 -28.66
N GLY O 133 63.92 73.28 -29.77
CA GLY O 133 63.65 73.96 -31.03
C GLY O 133 62.28 73.72 -31.63
N GLY O 134 61.65 74.81 -32.08
CA GLY O 134 60.41 74.74 -32.82
C GLY O 134 59.21 74.20 -32.07
N THR O 135 58.86 72.94 -32.35
CA THR O 135 57.66 72.30 -31.83
C THR O 135 56.40 73.07 -32.22
N THR O 136 56.12 73.11 -33.52
CA THR O 136 54.97 73.85 -34.04
C THR O 136 53.92 72.96 -34.70
N GLY O 137 52.85 72.68 -33.98
CA GLY O 137 51.70 71.98 -34.51
C GLY O 137 50.43 72.64 -34.02
N SER O 138 49.27 72.07 -34.36
CA SER O 138 48.00 72.60 -33.87
C SER O 138 47.86 72.37 -32.36
N SER O 139 48.55 71.35 -31.85
CA SER O 139 48.55 71.08 -30.42
C SER O 139 49.96 70.89 -29.89
N VAL O 140 50.06 70.50 -28.62
CA VAL O 140 51.33 70.31 -27.94
C VAL O 140 51.21 69.34 -26.77
N THR O 141 52.20 68.48 -26.62
CA THR O 141 52.20 67.46 -25.59
C THR O 141 53.28 67.74 -24.54
N LEU O 142 52.84 67.92 -23.30
CA LEU O 142 53.76 68.06 -22.18
C LEU O 142 53.73 66.78 -21.37
N GLY O 143 54.65 66.65 -20.42
CA GLY O 143 54.73 65.46 -19.60
C GLY O 143 55.25 65.70 -18.20
N CYS O 144 55.18 64.67 -17.38
CA CYS O 144 55.62 64.73 -16.00
C CYS O 144 56.12 63.35 -15.61
N LEU O 145 57.38 63.28 -15.18
CA LEU O 145 58.01 62.02 -14.82
C LEU O 145 58.22 61.89 -13.31
N VAL O 146 57.49 60.95 -12.71
CA VAL O 146 57.58 60.69 -11.28
C VAL O 146 58.49 59.49 -11.03
N LYS O 147 59.75 59.74 -10.68
CA LYS O 147 60.78 58.70 -10.69
C LYS O 147 61.26 58.28 -9.30
N GLY O 148 61.42 56.96 -9.13
CA GLY O 148 62.09 56.40 -7.96
C GLY O 148 61.40 56.54 -6.61
N TYR O 149 60.23 55.95 -6.48
CA TYR O 149 59.53 55.98 -5.20
C TYR O 149 59.13 54.59 -4.69
N PHE O 150 58.82 54.51 -3.40
CA PHE O 150 58.43 53.27 -2.76
C PHE O 150 57.83 53.56 -1.39
N PRO O 151 56.68 52.95 -1.08
CA PRO O 151 55.95 52.04 -1.98
C PRO O 151 54.87 52.75 -2.77
N GLU O 152 54.01 51.97 -3.40
CA GLU O 152 52.80 52.48 -4.03
C GLU O 152 51.77 52.86 -2.98
N PRO O 153 50.83 53.76 -3.32
CA PRO O 153 50.65 54.43 -4.61
C PRO O 153 51.11 55.89 -4.64
N VAL O 154 51.18 56.46 -5.84
CA VAL O 154 51.22 57.90 -6.02
C VAL O 154 49.98 58.35 -6.76
N THR O 155 49.51 59.55 -6.47
CA THR O 155 48.44 60.14 -7.28
C THR O 155 49.00 61.29 -8.11
N LEU O 156 48.47 61.45 -9.32
CA LEU O 156 48.90 62.52 -10.20
C LEU O 156 47.72 63.19 -10.87
N THR O 157 47.68 64.52 -10.80
CA THR O 157 46.67 65.29 -11.51
C THR O 157 47.33 66.41 -12.32
N TRP O 158 46.55 67.04 -13.19
CA TRP O 158 47.03 68.18 -13.96
C TRP O 158 46.18 69.41 -13.64
N ASN O 159 46.84 70.49 -13.22
CA ASN O 159 46.17 71.71 -12.79
C ASN O 159 45.10 71.44 -11.73
N SER O 160 45.50 70.70 -10.69
CA SER O 160 44.62 70.36 -9.57
C SER O 160 43.41 69.52 -10.00
N GLY O 161 43.49 68.93 -11.19
CA GLY O 161 42.42 68.07 -11.66
C GLY O 161 41.44 68.76 -12.60
N SER O 162 41.60 70.07 -12.79
CA SER O 162 40.72 70.81 -13.68
C SER O 162 41.05 70.53 -15.15
N LEU O 163 42.24 70.00 -15.39
CA LEU O 163 42.66 69.58 -16.72
C LEU O 163 42.77 68.06 -16.76
N SER O 164 41.71 67.40 -17.20
CA SER O 164 41.65 65.94 -17.24
C SER O 164 41.54 65.41 -18.67
N SER O 165 40.94 66.20 -19.55
CA SER O 165 40.80 65.80 -20.94
C SER O 165 42.15 65.86 -21.66
N GLY O 166 42.48 64.82 -22.39
CA GLY O 166 43.73 64.76 -23.14
C GLY O 166 44.91 64.37 -22.28
N VAL O 167 44.62 63.63 -21.21
CA VAL O 167 45.65 63.18 -20.27
C VAL O 167 45.85 61.68 -20.39
N HIS O 168 47.10 61.23 -20.41
CA HIS O 168 47.41 59.81 -20.34
C HIS O 168 48.34 59.57 -19.16
N THR O 169 47.83 58.95 -18.10
CA THR O 169 48.68 58.58 -16.98
C THR O 169 49.10 57.13 -17.12
N PHE O 170 50.39 56.87 -16.98
CA PHE O 170 50.94 55.55 -17.26
C PHE O 170 51.21 54.79 -15.97
N PRO O 171 50.68 53.56 -15.89
CA PRO O 171 50.78 52.72 -14.69
C PRO O 171 52.21 52.62 -14.17
N ALA O 172 52.36 52.68 -12.86
CA ALA O 172 53.66 52.61 -12.21
C ALA O 172 54.32 51.28 -12.47
N LEU O 173 55.64 51.31 -12.68
CA LEU O 173 56.37 50.07 -12.93
C LEU O 173 57.63 50.02 -12.08
N LEU O 174 57.94 48.82 -11.62
CA LEU O 174 59.05 48.60 -10.71
C LEU O 174 60.33 48.42 -11.49
N GLN O 175 61.33 49.21 -11.15
CA GLN O 175 62.62 49.16 -11.82
C GLN O 175 63.72 49.42 -10.81
N SER O 176 64.59 48.44 -10.60
CA SER O 176 65.67 48.53 -9.63
C SER O 176 65.15 48.79 -8.21
N GLY O 177 64.07 48.12 -7.86
CA GLY O 177 63.55 48.19 -6.51
C GLY O 177 62.70 49.42 -6.23
N LEU O 178 62.51 50.27 -7.22
CA LEU O 178 61.71 51.48 -7.04
C LEU O 178 60.67 51.60 -8.15
N TYR O 179 59.56 52.29 -7.83
CA TYR O 179 58.51 52.53 -8.81
C TYR O 179 58.79 53.81 -9.58
N THR O 180 58.43 53.77 -10.86
CA THR O 180 58.47 54.97 -11.69
C THR O 180 57.16 55.06 -12.46
N LEU O 181 56.64 56.28 -12.54
CA LEU O 181 55.37 56.58 -13.18
C LEU O 181 55.59 57.79 -14.08
N SER O 182 54.70 58.00 -15.03
CA SER O 182 54.77 59.19 -15.87
C SER O 182 53.38 59.54 -16.38
N SER O 183 53.22 60.78 -16.84
CA SER O 183 51.96 61.19 -17.42
C SER O 183 52.19 62.19 -18.53
N SER O 184 51.31 62.17 -19.53
CA SER O 184 51.36 63.17 -20.58
C SER O 184 50.04 63.91 -20.62
N VAL O 185 50.08 65.12 -21.14
CA VAL O 185 48.87 65.90 -21.36
C VAL O 185 49.00 66.64 -22.67
N THR O 186 47.93 66.68 -23.45
CA THR O 186 47.97 67.37 -24.74
C THR O 186 46.95 68.50 -24.78
N VAL O 187 47.41 69.70 -25.11
CA VAL O 187 46.52 70.86 -25.18
C VAL O 187 46.77 71.62 -26.49
N THR O 188 45.88 72.53 -26.85
CA THR O 188 46.08 73.33 -28.05
C THR O 188 47.34 74.19 -27.88
N SER O 189 47.99 74.52 -28.99
CA SER O 189 49.25 75.25 -28.94
C SER O 189 49.10 76.68 -28.40
N ASN O 190 47.86 77.15 -28.32
CA ASN O 190 47.58 78.48 -27.80
C ASN O 190 47.54 78.48 -26.27
N THR O 191 47.15 77.35 -25.70
CA THR O 191 47.05 77.21 -24.25
C THR O 191 48.42 77.32 -23.57
N TRP O 192 49.38 76.57 -24.09
CA TRP O 192 50.72 76.52 -23.51
C TRP O 192 51.74 77.09 -24.50
N PRO O 193 52.72 77.87 -23.99
CA PRO O 193 52.95 78.19 -22.58
C PRO O 193 52.24 79.47 -22.13
N SER O 194 51.20 79.90 -22.84
CA SER O 194 50.43 81.08 -22.46
C SER O 194 49.84 80.91 -21.08
N GLN O 195 49.07 79.85 -20.91
CA GLN O 195 48.46 79.53 -19.63
C GLN O 195 49.31 78.50 -18.90
N THR O 196 49.35 78.61 -17.58
CA THR O 196 50.15 77.72 -16.75
C THR O 196 49.59 76.29 -16.75
N ILE O 197 50.48 75.31 -16.91
CA ILE O 197 50.11 73.92 -16.77
C ILE O 197 51.00 73.26 -15.71
N THR O 198 50.36 72.70 -14.70
CA THR O 198 51.09 72.19 -13.54
C THR O 198 50.78 70.73 -13.23
N CYS O 199 51.84 69.95 -13.00
CA CYS O 199 51.73 68.57 -12.57
C CYS O 199 51.64 68.50 -11.05
N ASN O 200 50.62 67.83 -10.53
CA ASN O 200 50.45 67.67 -9.09
C ASN O 200 50.63 66.21 -8.65
N VAL O 201 51.63 65.97 -7.80
CA VAL O 201 51.97 64.60 -7.41
C VAL O 201 51.93 64.41 -5.89
N ALA O 202 51.26 63.36 -5.44
CA ALA O 202 51.27 63.03 -4.02
C ALA O 202 51.74 61.60 -3.78
N HIS O 203 52.61 61.45 -2.78
CA HIS O 203 53.08 60.14 -2.35
C HIS O 203 52.78 59.98 -0.84
N PRO O 204 51.60 59.42 -0.52
CA PRO O 204 51.09 59.34 0.84
C PRO O 204 52.04 58.67 1.82
N ALA O 205 52.71 57.61 1.39
CA ALA O 205 53.61 56.86 2.25
C ALA O 205 54.77 57.70 2.81
N SER O 206 55.17 58.74 2.07
CA SER O 206 56.26 59.60 2.52
C SER O 206 55.80 61.01 2.87
N SER O 207 54.50 61.25 2.80
CA SER O 207 53.92 62.59 3.01
C SER O 207 54.55 63.62 2.08
N THR O 208 54.80 63.20 0.85
CA THR O 208 55.39 64.05 -0.18
C THR O 208 54.32 64.59 -1.12
N LYS O 209 54.26 65.91 -1.25
CA LYS O 209 53.44 66.56 -2.26
C LYS O 209 54.30 67.50 -3.09
N VAL O 210 54.28 67.33 -4.40
CA VAL O 210 55.06 68.17 -5.30
C VAL O 210 54.21 68.78 -6.40
N ASP O 211 54.27 70.10 -6.52
CA ASP O 211 53.65 70.81 -7.63
C ASP O 211 54.74 71.30 -8.57
N LYS O 212 54.75 70.79 -9.80
CA LYS O 212 55.77 71.15 -10.77
C LYS O 212 55.17 71.78 -12.02
N LYS O 213 55.39 73.08 -12.19
CA LYS O 213 54.93 73.78 -13.38
C LYS O 213 55.84 73.47 -14.56
N ILE O 214 55.24 73.14 -15.71
CA ILE O 214 56.02 72.84 -16.90
C ILE O 214 56.49 74.13 -17.55
N GLU O 215 57.81 74.33 -17.56
CA GLU O 215 58.38 75.55 -18.11
C GLU O 215 59.06 75.26 -19.45
N SER O 216 59.06 76.26 -20.33
CA SER O 216 59.72 76.14 -21.62
C SER O 216 61.24 76.04 -21.42
N ARG O 217 61.90 75.29 -22.30
CA ARG O 217 63.33 75.05 -22.14
C ARG O 217 64.20 76.28 -22.39
N ARG O 218 63.61 77.30 -23.02
CA ARG O 218 64.31 78.57 -23.20
C ARG O 218 63.33 79.74 -23.25
N GLN P 1 33.86 24.03 -4.26
CA GLN P 1 33.81 22.57 -4.56
C GLN P 1 32.93 22.32 -5.77
N ALA P 2 32.93 23.27 -6.69
CA ALA P 2 32.24 23.25 -7.98
C ALA P 2 33.10 24.12 -8.93
N VAL P 3 33.14 23.75 -10.18
CA VAL P 3 33.98 24.49 -11.13
C VAL P 3 33.18 25.02 -12.30
N VAL P 4 33.06 26.33 -12.40
CA VAL P 4 32.34 26.96 -13.51
C VAL P 4 33.33 27.09 -14.65
N THR P 5 32.95 26.70 -15.84
CA THR P 5 33.79 26.78 -17.05
C THR P 5 33.19 27.65 -18.14
N GLN P 6 34.02 28.49 -18.77
CA GLN P 6 33.56 29.37 -19.84
C GLN P 6 34.52 29.35 -21.03
N GLU P 7 33.99 29.71 -22.17
CA GLU P 7 34.88 29.73 -23.38
C GLU P 7 35.97 30.71 -23.02
N SER P 8 37.13 30.48 -23.53
CA SER P 8 38.34 31.22 -23.31
C SER P 8 38.39 32.53 -24.03
N ALA P 9 38.06 32.48 -25.29
CA ALA P 9 38.05 33.73 -26.08
C ALA P 9 37.09 33.44 -27.24
N LEU P 10 36.40 34.46 -27.70
CA LEU P 10 35.46 34.44 -28.80
C LEU P 10 35.69 35.78 -29.56
N THR P 11 35.68 35.66 -30.86
CA THR P 11 35.88 36.76 -31.77
C THR P 11 34.63 36.90 -32.64
N THR P 12 34.06 38.05 -32.82
CA THR P 12 32.89 38.29 -33.64
C THR P 12 33.10 39.62 -34.35
N SER P 13 32.17 40.00 -35.16
CA SER P 13 32.21 41.23 -35.96
C SER P 13 31.01 42.07 -35.53
N PRO P 14 31.11 43.38 -35.67
CA PRO P 14 29.99 44.25 -35.32
C PRO P 14 28.77 43.73 -36.05
N GLY P 15 27.59 43.75 -35.47
CA GLY P 15 26.37 43.32 -36.12
C GLY P 15 26.05 41.86 -35.95
N GLU P 16 27.00 41.02 -35.52
CA GLU P 16 26.66 39.61 -35.36
C GLU P 16 26.03 39.27 -34.02
N THR P 17 25.50 38.05 -33.95
CA THR P 17 24.91 37.47 -32.75
C THR P 17 25.90 36.45 -32.20
N VAL P 18 26.32 36.61 -30.97
CA VAL P 18 27.28 35.69 -30.38
C VAL P 18 26.79 35.17 -29.04
N THR P 19 27.04 33.90 -28.69
CA THR P 19 26.59 33.30 -27.46
C THR P 19 27.73 32.86 -26.59
N LEU P 20 27.73 33.25 -25.34
CA LEU P 20 28.77 32.79 -24.43
C LEU P 20 28.03 31.83 -23.49
N THR P 21 28.78 30.83 -23.08
CA THR P 21 28.15 29.85 -22.16
C THR P 21 28.97 29.74 -20.90
N CYS P 22 28.30 29.19 -19.93
CA CYS P 22 28.72 28.95 -18.56
C CYS P 22 28.33 27.55 -18.09
N ARG P 23 29.28 26.66 -17.96
CA ARG P 23 29.06 25.29 -17.56
C ARG P 23 29.48 24.97 -16.14
N SER P 24 28.66 24.20 -15.47
CA SER P 24 28.96 23.80 -14.07
C SER P 24 29.50 22.39 -14.07
N ASN P 25 30.53 22.10 -13.33
CA ASN P 25 31.14 20.78 -13.24
C ASN P 25 30.26 19.80 -12.48
N ILE P 26 29.34 20.22 -11.66
CA ILE P 26 28.50 19.32 -10.88
C ILE P 26 27.27 18.83 -11.60
N GLY P 27 26.74 19.57 -12.53
CA GLY P 27 25.53 19.11 -13.24
C GLY P 27 24.98 20.21 -14.12
N ALA P 28 23.79 20.05 -14.61
CA ALA P 28 23.18 21.08 -15.47
C ALA P 28 23.05 22.34 -14.60
N VAL P 29 23.08 23.47 -15.30
CA VAL P 29 22.89 24.72 -14.56
C VAL P 29 21.38 24.87 -14.46
N THR P 30 20.80 25.29 -13.36
CA THR P 30 19.33 25.47 -13.29
C THR P 30 19.00 26.84 -12.74
N SER P 31 17.75 27.19 -12.68
CA SER P 31 17.37 28.53 -12.21
C SER P 31 17.73 28.76 -10.77
N SER P 32 18.11 27.74 -10.06
CA SER P 32 18.43 27.90 -8.63
C SER P 32 19.90 28.19 -8.42
N ASN P 33 20.60 28.36 -9.53
CA ASN P 33 22.01 28.71 -9.61
C ASN P 33 22.14 30.22 -9.87
N CYS P 34 21.02 30.82 -10.18
CA CYS P 34 20.89 32.27 -10.40
C CYS P 34 22.03 32.83 -11.18
N ALA P 35 22.30 32.28 -12.33
CA ALA P 35 23.41 32.71 -13.19
C ALA P 35 23.43 34.23 -13.28
N ASN P 36 24.61 34.77 -13.09
CA ASN P 36 24.94 36.21 -13.15
C ASN P 36 25.99 36.32 -14.27
N TRP P 37 26.03 37.40 -14.95
CA TRP P 37 27.01 37.68 -16.02
C TRP P 37 27.58 39.06 -15.66
N VAL P 38 28.85 39.19 -15.66
CA VAL P 38 29.52 40.45 -15.27
C VAL P 38 30.49 40.80 -16.37
N GLN P 39 30.69 42.07 -16.64
CA GLN P 39 31.60 42.46 -17.73
C GLN P 39 32.75 43.22 -17.18
N GLU P 40 33.94 43.00 -17.61
CA GLU P 40 35.10 43.73 -17.17
C GLU P 40 35.70 44.47 -18.36
N LYS P 41 35.67 45.78 -18.34
CA LYS P 41 36.23 46.61 -19.43
C LYS P 41 37.60 46.99 -18.88
N PRO P 42 38.50 47.48 -19.67
CA PRO P 42 39.85 47.84 -19.17
C PRO P 42 39.73 49.01 -18.20
N ASP P 43 40.59 48.83 -17.22
CA ASP P 43 40.79 49.68 -16.06
C ASP P 43 40.11 49.05 -14.84
N HIS P 44 40.04 47.74 -14.77
CA HIS P 44 39.35 47.17 -13.58
C HIS P 44 37.97 47.76 -13.40
N PHE P 45 37.23 47.89 -14.49
CA PHE P 45 35.88 48.44 -14.60
C PHE P 45 34.81 47.36 -14.63
N PHE P 46 34.09 47.11 -13.56
CA PHE P 46 33.07 46.07 -13.53
C PHE P 46 31.69 46.66 -13.48
N THR P 47 30.77 46.03 -14.18
CA THR P 47 29.38 46.29 -14.30
C THR P 47 28.61 44.95 -14.32
N GLY P 48 27.44 44.88 -13.77
CA GLY P 48 26.64 43.63 -13.85
C GLY P 48 25.65 43.85 -15.00
N LEU P 49 25.48 42.83 -15.79
CA LEU P 49 24.67 42.70 -16.96
C LEU P 49 23.34 42.01 -16.68
N ILE P 50 23.35 40.75 -16.32
CA ILE P 50 22.24 39.85 -16.00
C ILE P 50 22.38 39.20 -14.65
N GLY P 51 21.27 38.93 -14.00
CA GLY P 51 21.26 38.27 -12.68
C GLY P 51 20.05 37.36 -12.62
N ASP P 52 20.17 36.34 -11.81
CA ASP P 52 19.01 35.43 -11.66
C ASP P 52 18.62 34.91 -13.04
N THR P 53 19.62 34.50 -13.79
CA THR P 53 19.58 33.92 -15.09
C THR P 53 19.24 34.82 -16.26
N ASN P 54 18.14 35.55 -16.10
CA ASN P 54 17.67 36.41 -17.15
C ASN P 54 17.20 37.79 -16.75
N ASN P 55 17.62 38.36 -15.68
CA ASN P 55 17.19 39.71 -15.29
C ASN P 55 18.30 40.65 -15.73
N ARG P 56 18.04 41.54 -16.63
CA ARG P 56 19.06 42.50 -17.11
C ARG P 56 19.19 43.66 -16.15
N ARG P 57 20.38 43.96 -15.67
CA ARG P 57 20.64 45.07 -14.72
C ARG P 57 20.07 46.27 -15.41
N SER P 58 19.79 47.32 -14.71
CA SER P 58 19.15 48.52 -15.35
C SER P 58 20.27 49.32 -15.96
N GLY P 59 20.00 49.77 -17.17
CA GLY P 59 20.91 50.55 -18.01
C GLY P 59 21.91 49.76 -18.82
N VAL P 60 21.66 48.49 -19.05
CA VAL P 60 22.45 47.53 -19.81
C VAL P 60 21.60 47.41 -21.09
N PRO P 61 22.24 47.64 -22.21
CA PRO P 61 21.53 47.60 -23.51
C PRO P 61 20.77 46.31 -23.66
N ALA P 62 19.68 46.30 -24.38
CA ALA P 62 18.84 45.15 -24.68
C ALA P 62 19.46 44.11 -25.58
N ARG P 63 20.56 44.39 -26.22
CA ARG P 63 21.24 43.47 -27.11
C ARG P 63 21.73 42.31 -26.25
N PHE P 64 21.72 42.51 -24.94
CA PHE P 64 22.15 41.51 -23.96
C PHE P 64 20.96 40.80 -23.30
N SER P 65 21.02 39.48 -23.40
CA SER P 65 19.94 38.65 -22.76
C SER P 65 20.58 37.39 -22.23
N GLY P 66 20.04 36.82 -21.19
CA GLY P 66 20.60 35.61 -20.58
C GLY P 66 19.53 34.54 -20.68
N SER P 67 19.96 33.30 -20.53
CA SER P 67 18.99 32.17 -20.60
C SER P 67 19.73 30.90 -20.25
N LEU P 68 18.98 29.83 -20.28
CA LEU P 68 19.61 28.52 -19.99
C LEU P 68 19.43 27.82 -21.33
N ILE P 69 20.49 27.30 -21.85
CA ILE P 69 20.44 26.59 -23.14
C ILE P 69 21.01 25.19 -22.84
N GLY P 70 20.18 24.18 -22.94
CA GLY P 70 20.71 22.84 -22.63
C GLY P 70 20.91 22.84 -21.11
N ASP P 71 22.08 22.41 -20.69
CA ASP P 71 22.38 22.35 -19.25
C ASP P 71 23.33 23.46 -18.84
N LYS P 72 23.27 24.56 -19.59
CA LYS P 72 24.22 25.65 -19.15
C LYS P 72 23.61 27.00 -19.21
N ALA P 73 24.19 27.98 -18.55
CA ALA P 73 23.63 29.36 -18.59
C ALA P 73 24.23 30.02 -19.82
N ALA P 74 23.53 30.83 -20.57
CA ALA P 74 24.12 31.47 -21.77
C ALA P 74 23.84 32.96 -21.77
N LEU P 75 24.70 33.73 -22.40
CA LEU P 75 24.55 35.21 -22.52
C LEU P 75 24.48 35.46 -24.04
N THR P 76 23.49 36.06 -24.60
CA THR P 76 23.55 36.28 -26.06
C THR P 76 23.64 37.78 -26.28
N ILE P 77 24.52 38.19 -27.15
CA ILE P 77 24.70 39.57 -27.54
C ILE P 77 24.07 39.62 -28.94
N THR P 78 22.94 40.25 -29.09
CA THR P 78 22.28 40.32 -30.39
C THR P 78 22.54 41.64 -31.09
N GLY P 79 23.52 41.63 -31.96
CA GLY P 79 23.92 42.83 -32.71
C GLY P 79 25.19 43.25 -31.97
N ALA P 80 26.14 42.35 -31.81
CA ALA P 80 27.31 42.76 -31.01
C ALA P 80 27.83 44.06 -31.56
N GLN P 81 28.38 44.89 -30.73
CA GLN P 81 28.98 46.19 -31.01
C GLN P 81 30.45 46.18 -30.57
N THR P 82 31.17 47.08 -31.15
CA THR P 82 32.60 47.30 -30.92
C THR P 82 32.87 47.54 -29.48
N GLU P 83 31.91 48.15 -28.83
CA GLU P 83 31.95 48.54 -27.42
C GLU P 83 31.83 47.33 -26.55
N ASP P 84 31.36 46.22 -27.05
CA ASP P 84 31.17 45.01 -26.27
C ASP P 84 32.47 44.23 -26.15
N GLU P 85 33.56 44.73 -26.64
CA GLU P 85 34.82 43.94 -26.59
C GLU P 85 35.31 44.03 -25.16
N ALA P 86 35.28 42.94 -24.43
CA ALA P 86 35.68 42.92 -23.03
C ALA P 86 35.73 41.50 -22.52
N ILE P 87 35.92 41.38 -21.20
CA ILE P 87 35.92 40.04 -20.58
C ILE P 87 34.60 39.85 -19.86
N TYR P 88 33.89 38.79 -20.12
CA TYR P 88 32.59 38.46 -19.54
C TYR P 88 32.78 37.29 -18.58
N PHE P 89 32.35 37.42 -17.36
CA PHE P 89 32.50 36.38 -16.34
C PHE P 89 31.11 35.89 -15.95
N CYS P 90 30.96 34.60 -15.71
CA CYS P 90 29.63 34.14 -15.25
C CYS P 90 29.89 33.72 -13.77
N ALA P 91 28.82 33.78 -13.04
CA ALA P 91 28.86 33.38 -11.62
C ALA P 91 27.62 32.51 -11.44
N LEU P 92 27.78 31.48 -10.65
CA LEU P 92 26.74 30.51 -10.32
C LEU P 92 26.62 30.38 -8.81
N TRP P 93 25.41 30.29 -8.32
CA TRP P 93 25.19 30.13 -6.86
C TRP P 93 25.05 28.66 -6.52
N TYR P 94 25.66 28.26 -5.42
CA TYR P 94 25.60 26.87 -4.98
C TYR P 94 25.18 26.68 -3.54
N ASN P 95 23.96 27.07 -3.26
CA ASN P 95 23.35 26.94 -1.93
C ASN P 95 23.95 27.74 -0.81
N ASN P 96 25.24 28.04 -0.85
CA ASN P 96 25.91 28.81 0.25
C ASN P 96 27.03 29.75 -0.20
N LEU P 97 27.52 29.57 -1.42
CA LEU P 97 28.62 30.44 -1.91
C LEU P 97 28.51 30.60 -3.42
N TRP P 98 29.30 31.53 -3.96
CA TRP P 98 29.36 31.85 -5.36
C TRP P 98 30.67 31.33 -5.95
N VAL P 99 30.56 30.86 -7.17
CA VAL P 99 31.72 30.39 -7.92
C VAL P 99 31.68 31.16 -9.23
N PHE P 100 32.77 31.75 -9.56
CA PHE P 100 32.96 32.57 -10.75
C PHE P 100 33.61 31.72 -11.81
N GLY P 101 33.33 31.95 -13.04
CA GLY P 101 33.94 31.24 -14.19
C GLY P 101 35.24 31.96 -14.50
N GLY P 102 36.02 31.42 -15.40
CA GLY P 102 37.34 31.96 -15.74
C GLY P 102 37.29 33.22 -16.59
N GLY P 103 36.14 33.50 -17.15
CA GLY P 103 35.83 34.61 -18.01
C GLY P 103 36.13 34.30 -19.45
N THR P 104 35.39 34.90 -20.36
CA THR P 104 35.55 34.76 -21.81
C THR P 104 36.04 36.09 -22.41
N LYS P 105 37.19 36.14 -23.05
CA LYS P 105 37.63 37.39 -23.68
C LYS P 105 36.88 37.52 -24.99
N LEU P 106 36.04 38.47 -25.21
CA LEU P 106 35.31 38.67 -26.44
C LEU P 106 35.92 39.85 -27.22
N THR P 107 36.17 39.59 -28.49
CA THR P 107 36.72 40.59 -29.41
C THR P 107 35.68 40.94 -30.46
N VAL P 108 35.34 42.21 -30.66
CA VAL P 108 34.34 42.58 -31.66
C VAL P 108 34.94 43.53 -32.71
N LEU P 109 34.75 43.18 -33.98
CA LEU P 109 35.27 43.99 -35.07
C LEU P 109 34.78 45.43 -34.97
N GLY P 110 35.69 46.37 -35.20
CA GLY P 110 35.36 47.79 -35.13
C GLY P 110 36.56 48.65 -34.83
N GLN P 111 36.31 49.87 -34.38
CA GLN P 111 37.37 50.81 -34.05
C GLN P 111 38.45 50.82 -35.12
N PRO P 112 38.23 51.69 -36.19
CA PRO P 112 39.29 51.68 -37.20
C PRO P 112 40.67 51.93 -36.60
N LYS P 113 41.69 51.28 -37.15
CA LYS P 113 43.05 51.42 -36.65
C LYS P 113 43.39 52.90 -36.39
N SER P 114 44.35 53.13 -35.51
CA SER P 114 44.78 54.50 -35.16
C SER P 114 46.26 54.49 -34.91
N SER P 115 47.05 55.35 -35.48
CA SER P 115 48.50 55.38 -35.34
C SER P 115 48.84 55.96 -33.99
N PRO P 116 50.00 55.61 -33.51
CA PRO P 116 50.43 56.15 -32.23
C PRO P 116 50.85 57.61 -32.37
N SER P 117 50.75 58.27 -31.24
CA SER P 117 51.18 59.63 -31.02
C SER P 117 52.37 59.46 -30.04
N VAL P 118 53.52 59.68 -30.60
CA VAL P 118 54.84 59.58 -29.98
C VAL P 118 55.45 60.96 -29.72
N THR P 119 56.04 61.09 -28.55
CA THR P 119 56.74 62.22 -28.01
C THR P 119 57.94 61.73 -27.20
N LEU P 120 59.07 62.37 -27.48
CA LEU P 120 60.32 62.05 -26.77
C LEU P 120 60.72 63.33 -26.02
N PHE P 121 60.98 63.20 -24.75
CA PHE P 121 61.37 64.34 -23.93
C PHE P 121 62.86 64.11 -23.53
N PRO P 122 63.55 65.20 -23.37
CA PRO P 122 64.95 65.21 -22.94
C PRO P 122 64.96 65.14 -21.41
N PRO P 123 66.12 64.78 -20.87
CA PRO P 123 66.25 64.71 -19.40
C PRO P 123 66.02 66.16 -18.97
N SER P 124 65.26 66.36 -17.93
CA SER P 124 65.10 67.77 -17.50
C SER P 124 66.44 68.16 -16.85
N SER P 125 66.61 69.45 -16.61
CA SER P 125 67.87 69.95 -16.04
C SER P 125 67.99 69.73 -14.55
N GLU P 126 66.90 69.73 -13.82
CA GLU P 126 66.91 69.49 -12.36
C GLU P 126 67.38 68.08 -12.07
N GLU P 127 67.15 67.21 -13.04
CA GLU P 127 67.51 65.82 -13.06
C GLU P 127 68.97 65.67 -13.51
N LEU P 128 69.46 66.62 -14.30
CA LEU P 128 70.88 66.54 -14.75
C LEU P 128 71.79 67.03 -13.63
N GLU P 129 71.12 67.53 -12.62
CA GLU P 129 71.68 68.09 -11.40
C GLU P 129 71.82 66.98 -10.35
N THR P 130 71.36 65.81 -10.73
CA THR P 130 71.40 64.59 -9.89
C THR P 130 72.46 63.63 -10.45
N ASN P 131 73.02 64.04 -11.58
CA ASN P 131 74.06 63.22 -12.26
C ASN P 131 73.35 62.06 -12.98
N LYS P 132 72.09 62.34 -13.35
CA LYS P 132 71.23 61.41 -14.08
C LYS P 132 70.46 62.10 -15.21
N ALA P 133 70.14 61.30 -16.21
CA ALA P 133 69.40 61.70 -17.42
C ALA P 133 68.51 60.56 -17.89
N THR P 134 67.23 60.86 -18.02
CA THR P 134 66.23 59.88 -18.47
C THR P 134 65.40 60.50 -19.58
N LEU P 135 65.48 59.86 -20.75
CA LEU P 135 64.75 60.22 -21.95
C LEU P 135 63.43 59.43 -21.84
N VAL P 136 62.32 60.11 -21.87
CA VAL P 136 60.99 59.48 -21.80
C VAL P 136 60.34 59.49 -23.18
N CYS P 137 59.94 58.34 -23.62
CA CYS P 137 59.24 58.25 -24.92
C CYS P 137 57.80 57.81 -24.59
N THR P 138 56.86 58.69 -24.87
CA THR P 138 55.44 58.38 -24.60
C THR P 138 54.76 58.06 -25.92
N ILE P 139 53.93 57.04 -25.92
CA ILE P 139 53.18 56.59 -27.09
C ILE P 139 51.74 56.37 -26.67
N THR P 140 50.84 57.13 -27.23
CA THR P 140 49.42 57.05 -26.87
C THR P 140 48.53 56.94 -28.07
N ASP P 141 47.27 56.62 -27.84
CA ASP P 141 46.22 56.49 -28.83
C ASP P 141 46.51 55.54 -29.97
N PHE P 142 47.13 54.42 -29.71
CA PHE P 142 47.38 53.49 -30.84
C PHE P 142 46.46 52.31 -30.71
N TYR P 143 46.07 51.75 -31.82
CA TYR P 143 45.21 50.59 -31.96
C TYR P 143 45.50 50.01 -33.35
N PRO P 144 45.69 48.73 -33.48
CA PRO P 144 45.69 47.68 -32.48
C PRO P 144 46.65 47.99 -31.37
N GLY P 145 46.43 47.41 -30.20
CA GLY P 145 47.33 47.68 -29.10
C GLY P 145 48.61 46.93 -29.03
N VAL P 146 49.46 46.93 -30.03
CA VAL P 146 50.73 46.22 -30.02
C VAL P 146 51.78 47.12 -30.69
N VAL P 147 52.90 47.39 -30.09
CA VAL P 147 53.97 48.19 -30.66
C VAL P 147 55.36 47.58 -30.27
N THR P 148 56.27 48.11 -31.04
CA THR P 148 57.70 47.80 -30.91
C THR P 148 58.39 49.15 -30.75
N VAL P 149 59.14 49.27 -29.65
CA VAL P 149 59.86 50.52 -29.38
C VAL P 149 61.35 50.21 -29.40
N ASP P 150 62.07 50.93 -30.21
CA ASP P 150 63.53 50.77 -30.33
C ASP P 150 64.18 52.15 -30.25
N TRP P 151 65.16 52.16 -29.39
CA TRP P 151 65.98 53.32 -29.07
C TRP P 151 67.29 53.29 -29.83
N LYS P 152 67.77 54.43 -30.24
CA LYS P 152 69.03 54.56 -30.96
C LYS P 152 69.81 55.83 -30.62
N VAL P 153 70.83 55.55 -29.78
CA VAL P 153 71.76 56.56 -29.31
C VAL P 153 72.84 56.63 -30.41
N ASP P 154 73.03 57.83 -30.83
CA ASP P 154 74.03 58.24 -31.83
C ASP P 154 74.08 57.37 -33.07
N GLY P 155 72.97 56.78 -33.46
CA GLY P 155 72.97 55.94 -34.68
C GLY P 155 72.99 54.46 -34.32
N THR P 156 73.37 54.20 -33.08
CA THR P 156 73.48 52.87 -32.53
C THR P 156 72.39 52.45 -31.55
N PRO P 157 71.74 51.38 -32.00
CA PRO P 157 70.68 50.72 -31.26
C PRO P 157 71.13 50.50 -29.82
N VAL P 158 70.44 51.24 -28.95
CA VAL P 158 70.79 51.03 -27.51
C VAL P 158 70.19 49.63 -27.28
N THR P 159 70.63 48.96 -26.25
CA THR P 159 70.08 47.57 -26.05
C THR P 159 69.98 47.24 -24.58
N GLN P 160 70.58 48.13 -23.81
CA GLN P 160 70.60 48.08 -22.33
C GLN P 160 70.30 49.50 -21.86
N GLY P 161 69.50 49.64 -20.83
CA GLY P 161 69.14 50.97 -20.30
C GLY P 161 67.67 51.31 -20.46
N MET P 162 67.05 50.69 -21.45
CA MET P 162 65.65 50.90 -21.76
C MET P 162 64.74 49.92 -21.04
N GLU P 163 63.54 50.40 -20.81
CA GLU P 163 62.39 49.75 -20.21
C GLU P 163 61.13 50.29 -20.88
N THR P 164 60.32 49.38 -21.35
CA THR P 164 59.07 49.72 -22.03
C THR P 164 57.91 49.08 -21.30
N THR P 165 56.93 49.86 -20.88
CA THR P 165 55.77 49.31 -20.18
C THR P 165 54.98 48.47 -21.15
N GLN P 166 53.98 47.86 -20.60
CA GLN P 166 53.07 47.01 -21.41
C GLN P 166 51.91 47.92 -21.83
N PRO P 167 51.44 47.71 -23.04
CA PRO P 167 50.31 48.51 -23.53
C PRO P 167 49.20 48.44 -22.48
N SER P 168 48.67 49.57 -22.11
CA SER P 168 47.56 49.74 -21.14
C SER P 168 46.40 50.33 -21.96
N LYS P 169 45.20 49.89 -21.74
CA LYS P 169 44.01 50.35 -22.42
C LYS P 169 43.51 51.70 -21.92
N GLN P 170 43.38 52.65 -22.84
CA GLN P 170 42.84 53.94 -22.39
C GLN P 170 41.30 53.78 -22.44
N SER P 171 40.64 54.82 -22.01
CA SER P 171 39.17 54.93 -21.94
C SER P 171 38.51 54.78 -23.29
N ASN P 172 39.04 55.48 -24.30
CA ASN P 172 38.48 55.39 -25.65
C ASN P 172 38.71 54.00 -26.23
N ASN P 173 39.42 53.15 -25.54
CA ASN P 173 39.68 51.77 -26.01
C ASN P 173 40.85 51.57 -26.97
N LYS P 174 41.70 52.54 -27.01
CA LYS P 174 42.96 52.63 -27.75
C LYS P 174 44.04 52.28 -26.75
N TYR P 175 45.31 52.25 -27.01
CA TYR P 175 46.24 51.91 -25.92
C TYR P 175 47.30 52.99 -25.82
N MET P 176 48.11 52.83 -24.80
CA MET P 176 49.24 53.69 -24.48
C MET P 176 50.37 52.86 -23.86
N ALA P 177 51.53 53.48 -23.88
CA ALA P 177 52.75 52.83 -23.32
C ALA P 177 53.82 53.91 -23.38
N SER P 178 54.80 53.77 -22.56
CA SER P 178 55.93 54.70 -22.50
C SER P 178 57.18 53.78 -22.32
N SER P 179 58.28 54.27 -22.78
CA SER P 179 59.59 53.63 -22.73
C SER P 179 60.56 54.66 -22.15
N TYR P 180 61.44 54.16 -21.32
CA TYR P 180 62.45 54.96 -20.62
C TYR P 180 63.83 54.46 -21.00
N LEU P 181 64.75 55.36 -21.23
CA LEU P 181 66.15 55.13 -21.53
C LEU P 181 66.89 56.00 -20.46
N THR P 182 67.47 55.36 -19.50
CA THR P 182 68.21 56.00 -18.45
C THR P 182 69.72 55.91 -18.73
N LEU P 183 70.30 57.05 -18.76
CA LEU P 183 71.73 57.27 -18.95
C LEU P 183 72.18 57.90 -17.61
N THR P 184 73.41 58.34 -17.64
CA THR P 184 74.02 59.01 -16.47
C THR P 184 74.15 60.47 -16.92
N ALA P 185 74.30 61.33 -15.93
CA ALA P 185 74.43 62.76 -16.29
C ALA P 185 75.40 62.75 -17.49
N ARG P 186 76.47 62.00 -17.28
CA ARG P 186 77.61 61.81 -18.14
C ARG P 186 77.41 61.07 -19.45
N ALA P 187 76.74 59.93 -19.38
CA ALA P 187 76.48 59.20 -20.65
C ALA P 187 75.76 60.24 -21.53
N TRP P 188 74.89 61.00 -20.86
CA TRP P 188 74.06 62.01 -21.49
C TRP P 188 74.88 62.96 -22.37
N GLU P 189 75.79 63.64 -21.69
CA GLU P 189 76.67 64.65 -22.28
C GLU P 189 77.62 64.11 -23.34
N ARG P 190 77.82 62.82 -23.31
CA ARG P 190 78.74 62.15 -24.25
C ARG P 190 78.12 62.09 -25.64
N HIS P 191 77.23 61.12 -25.81
CA HIS P 191 76.56 60.89 -27.11
C HIS P 191 75.78 62.16 -27.46
N SER P 192 75.37 62.27 -28.70
CA SER P 192 74.67 63.45 -29.21
C SER P 192 73.32 63.28 -29.88
N SER P 193 72.93 62.14 -30.40
CA SER P 193 71.63 61.96 -31.05
C SER P 193 70.86 60.81 -30.44
N TYR P 194 69.70 61.17 -29.91
CA TYR P 194 68.83 60.15 -29.28
C TYR P 194 67.59 60.01 -30.16
N SER P 195 67.06 58.81 -30.19
CA SER P 195 65.87 58.64 -31.07
C SER P 195 65.04 57.48 -30.56
N CYS P 196 63.75 57.68 -30.50
CA CYS P 196 62.80 56.64 -30.04
C CYS P 196 61.97 56.24 -31.25
N GLN P 197 62.10 54.99 -31.66
CA GLN P 197 61.44 54.51 -32.88
C GLN P 197 60.33 53.58 -32.44
N VAL P 198 59.15 53.89 -32.93
CA VAL P 198 57.96 53.11 -32.61
C VAL P 198 57.38 52.51 -33.88
N THR P 199 57.24 51.21 -33.86
CA THR P 199 56.69 50.49 -35.01
C THR P 199 55.25 50.08 -34.75
N HIS P 200 54.30 50.54 -35.55
CA HIS P 200 52.90 50.13 -35.29
C HIS P 200 52.23 49.82 -36.59
N GLU P 201 51.41 48.80 -36.60
CA GLU P 201 50.71 48.27 -37.77
C GLU P 201 51.37 48.79 -39.04
N GLY P 202 52.60 48.30 -39.19
CA GLY P 202 53.56 48.45 -40.21
C GLY P 202 54.29 49.72 -40.49
N HIS P 203 53.76 50.83 -40.02
CA HIS P 203 54.43 52.14 -40.26
C HIS P 203 55.35 52.36 -39.09
N THR P 204 56.36 53.15 -39.31
CA THR P 204 57.33 53.48 -38.26
C THR P 204 57.28 54.99 -38.07
N VAL P 205 57.50 55.34 -36.82
CA VAL P 205 57.54 56.70 -36.31
C VAL P 205 58.78 56.80 -35.41
N GLU P 206 59.62 57.70 -35.82
CA GLU P 206 60.90 58.01 -35.18
C GLU P 206 60.82 59.46 -34.70
N LYS P 207 61.09 59.62 -33.42
CA LYS P 207 61.11 60.93 -32.76
C LYS P 207 62.50 61.08 -32.16
N SER P 208 63.24 62.03 -32.72
CA SER P 208 64.60 62.32 -32.31
C SER P 208 64.79 63.71 -31.72
N LEU P 209 65.68 63.65 -30.76
CA LEU P 209 66.07 64.84 -29.98
C LEU P 209 67.52 65.10 -30.38
N SER P 210 67.91 66.34 -30.14
CA SER P 210 69.28 66.79 -30.44
C SER P 210 69.70 67.78 -29.36
N ARG P 211 70.63 67.21 -28.61
CA ARG P 211 71.33 67.79 -27.47
C ARG P 211 72.24 68.92 -27.92
#